data_2M4F
#
_entry.id   2M4F
#
_entity_poly.entity_id   1
_entity_poly.type   'polypeptide(L)'
_entity_poly.pdbx_seq_one_letter_code
;KIHTSYDEQSSGESKVKKIEFSKFTVKIKNKDKSGNWTDLGDLVVRKEENGIDTGLNAGGHSATFFSLEEEVVNNFVKVM
TEGGSFKTSLYYGYKEEQSVINGIQNKEIITKIEKIDGTEYITFSGDKIKNSGDKVAEYAISLEELKKNLK
;
_entity_poly.pdbx_strand_id   A
#
# COMPACT_ATOMS: atom_id res chain seq x y z
N LYS A 1 30.32 -36.86 27.98
CA LYS A 1 29.59 -35.57 27.81
C LYS A 1 29.90 -34.96 26.43
N ILE A 2 29.01 -34.11 25.94
CA ILE A 2 29.15 -33.35 24.68
C ILE A 2 28.65 -31.91 24.85
N HIS A 3 29.26 -30.96 24.14
CA HIS A 3 28.84 -29.56 24.06
C HIS A 3 29.16 -29.00 22.68
N THR A 4 28.18 -28.34 22.05
CA THR A 4 28.30 -27.72 20.72
C THR A 4 27.37 -26.50 20.61
N SER A 5 27.73 -25.55 19.74
CA SER A 5 26.95 -24.33 19.48
C SER A 5 27.24 -23.77 18.08
N TYR A 6 26.34 -22.95 17.55
CA TYR A 6 26.43 -22.29 16.25
C TYR A 6 25.69 -20.94 16.26
N ASP A 7 26.16 -19.99 15.46
CA ASP A 7 25.50 -18.70 15.22
C ASP A 7 26.01 -18.05 13.93
N GLU A 8 25.10 -17.49 13.12
CA GLU A 8 25.41 -16.78 11.86
C GLU A 8 24.54 -15.52 11.72
N GLN A 9 25.07 -14.52 11.01
CA GLN A 9 24.39 -13.26 10.70
C GLN A 9 24.89 -12.69 9.36
N SER A 10 23.99 -12.06 8.60
CA SER A 10 24.28 -11.42 7.31
C SER A 10 23.33 -10.24 7.06
N SER A 11 23.75 -9.28 6.23
CA SER A 11 22.98 -8.09 5.84
C SER A 11 23.47 -7.53 4.49
N GLY A 12 22.68 -6.65 3.89
CA GLY A 12 23.01 -5.90 2.68
C GLY A 12 22.01 -4.77 2.39
N GLU A 13 22.43 -3.80 1.59
CA GLU A 13 21.67 -2.60 1.25
C GLU A 13 22.05 -2.10 -0.16
N SER A 14 21.06 -1.85 -1.01
CA SER A 14 21.24 -1.28 -2.35
C SER A 14 19.94 -0.62 -2.86
N LYS A 15 20.08 0.28 -3.84
CA LYS A 15 19.01 1.12 -4.41
C LYS A 15 18.76 0.80 -5.90
N VAL A 16 19.02 -0.45 -6.28
CA VAL A 16 18.96 -0.99 -7.65
C VAL A 16 17.66 -1.78 -7.86
N LYS A 17 16.63 -1.06 -8.35
CA LYS A 17 15.28 -1.57 -8.65
C LYS A 17 14.73 -0.95 -9.95
N LYS A 18 13.66 -1.55 -10.46
CA LYS A 18 12.90 -1.12 -11.65
C LYS A 18 12.48 0.36 -11.60
N ILE A 19 12.36 0.99 -12.77
CA ILE A 19 12.13 2.44 -12.93
C ILE A 19 10.78 2.88 -12.32
N GLU A 20 10.72 4.14 -11.85
CA GLU A 20 9.51 4.80 -11.35
C GLU A 20 8.30 4.74 -12.30
N PHE A 21 8.54 4.53 -13.60
CA PHE A 21 7.52 4.38 -14.64
C PHE A 21 6.86 2.98 -14.69
N SER A 22 7.31 2.06 -13.83
CA SER A 22 6.88 0.66 -13.77
C SER A 22 6.39 0.26 -12.38
N LYS A 23 7.15 0.60 -11.33
CA LYS A 23 6.76 0.52 -9.93
C LYS A 23 7.55 1.49 -9.06
N PHE A 24 7.10 1.72 -7.83
CA PHE A 24 7.82 2.49 -6.81
C PHE A 24 7.59 1.90 -5.42
N THR A 25 8.38 2.32 -4.43
CA THR A 25 8.30 1.78 -3.07
C THR A 25 8.34 2.90 -2.03
N VAL A 26 7.47 2.83 -1.01
CA VAL A 26 7.32 3.82 0.07
C VAL A 26 7.28 3.14 1.44
N LYS A 27 7.50 3.90 2.52
CA LYS A 27 7.46 3.42 3.91
C LYS A 27 6.06 2.92 4.32
N ILE A 28 6.00 2.10 5.36
CA ILE A 28 4.74 1.61 5.97
C ILE A 28 4.99 1.27 7.44
N LYS A 29 4.05 1.67 8.28
CA LYS A 29 4.01 1.45 9.74
C LYS A 29 2.63 0.89 10.11
N ASN A 30 2.53 0.19 11.24
CA ASN A 30 1.29 -0.40 11.75
C ASN A 30 1.04 -0.03 13.21
N LYS A 31 -0.22 -0.13 13.68
CA LYS A 31 -0.56 0.07 15.09
C LYS A 31 -0.35 -1.23 15.89
N ASP A 32 0.56 -1.21 16.85
CA ASP A 32 0.79 -2.34 17.77
C ASP A 32 -0.37 -2.51 18.80
N LYS A 33 -0.26 -3.52 19.68
CA LYS A 33 -1.16 -3.75 20.82
C LYS A 33 -1.27 -2.54 21.77
N SER A 34 -0.22 -1.71 21.82
CA SER A 34 -0.16 -0.45 22.58
C SER A 34 -0.86 0.73 21.90
N GLY A 35 -1.46 0.55 20.72
CA GLY A 35 -2.15 1.61 19.96
C GLY A 35 -1.24 2.77 19.54
N ASN A 36 0.03 2.46 19.24
CA ASN A 36 1.05 3.40 18.76
C ASN A 36 1.62 2.90 17.41
N TRP A 37 1.91 3.84 16.51
CA TRP A 37 2.51 3.56 15.21
C TRP A 37 3.95 3.03 15.37
N THR A 38 4.25 1.89 14.77
CA THR A 38 5.55 1.22 14.81
C THR A 38 5.92 0.69 13.41
N ASP A 39 7.20 0.78 13.06
CA ASP A 39 7.69 0.41 11.73
C ASP A 39 7.36 -1.05 11.35
N LEU A 40 6.99 -1.26 10.09
CA LEU A 40 6.63 -2.59 9.55
C LEU A 40 7.57 -3.01 8.41
N GLY A 41 7.79 -2.11 7.43
CA GLY A 41 8.66 -2.39 6.29
C GLY A 41 8.53 -1.35 5.18
N ASP A 42 8.13 -1.80 3.99
CA ASP A 42 7.99 -1.00 2.77
C ASP A 42 6.79 -1.51 1.94
N LEU A 43 6.27 -0.67 1.04
CA LEU A 43 5.12 -0.95 0.19
C LEU A 43 5.49 -0.77 -1.29
N VAL A 44 5.67 -1.86 -2.00
CA VAL A 44 5.94 -1.90 -3.45
C VAL A 44 4.63 -1.69 -4.22
N VAL A 45 4.39 -0.46 -4.69
CA VAL A 45 3.26 -0.07 -5.55
C VAL A 45 3.60 -0.34 -7.02
N ARG A 46 3.06 -1.43 -7.58
CA ARG A 46 3.17 -1.81 -9.00
C ARG A 46 2.04 -1.18 -9.82
N LYS A 47 2.42 -0.39 -10.83
CA LYS A 47 1.51 0.31 -11.76
C LYS A 47 1.18 -0.59 -12.96
N GLU A 48 0.17 -1.44 -12.79
CA GLU A 48 -0.39 -2.30 -13.83
C GLU A 48 -1.27 -1.52 -14.84
N GLU A 49 -1.73 -2.17 -15.91
CA GLU A 49 -2.69 -1.61 -16.88
C GLU A 49 -4.14 -1.56 -16.35
N ASN A 50 -4.52 -2.54 -15.52
CA ASN A 50 -5.90 -2.76 -15.03
C ASN A 50 -6.00 -2.44 -13.54
N GLY A 51 -5.58 -1.23 -13.16
CA GLY A 51 -5.59 -0.75 -11.78
C GLY A 51 -4.19 -0.62 -11.16
N ILE A 52 -4.16 -0.59 -9.83
CA ILE A 52 -2.90 -0.56 -9.04
C ILE A 52 -2.87 -1.74 -8.08
N ASP A 53 -1.69 -2.33 -7.89
CA ASP A 53 -1.45 -3.50 -7.04
C ASP A 53 -0.26 -3.22 -6.12
N THR A 54 -0.44 -3.41 -4.81
CA THR A 54 0.58 -3.06 -3.80
C THR A 54 1.00 -4.26 -2.98
N GLY A 55 2.25 -4.30 -2.52
CA GLY A 55 2.78 -5.42 -1.76
C GLY A 55 3.74 -4.99 -0.66
N LEU A 56 3.42 -5.42 0.57
CA LEU A 56 4.21 -5.23 1.77
C LEU A 56 5.52 -6.03 1.66
N ASN A 57 6.63 -5.42 2.05
CA ASN A 57 7.98 -5.96 1.98
C ASN A 57 8.77 -5.65 3.27
N ALA A 58 8.60 -6.48 4.29
CA ALA A 58 9.24 -6.36 5.61
C ALA A 58 10.61 -7.05 5.67
N GLY A 59 11.29 -6.94 6.83
CA GLY A 59 12.61 -7.51 7.12
C GLY A 59 12.62 -9.04 7.33
N GLY A 60 12.08 -9.79 6.37
CA GLY A 60 12.02 -11.26 6.39
C GLY A 60 10.73 -11.87 5.77
N HIS A 61 9.79 -11.03 5.31
CA HIS A 61 8.50 -11.47 4.76
C HIS A 61 7.97 -10.49 3.69
N SER A 62 7.18 -10.99 2.72
CA SER A 62 6.44 -10.15 1.77
C SER A 62 5.16 -10.81 1.25
N ALA A 63 4.13 -9.98 0.98
CA ALA A 63 2.82 -10.38 0.45
C ALA A 63 2.06 -9.18 -0.14
N THR A 64 1.04 -9.43 -0.98
CA THR A 64 0.10 -8.39 -1.44
C THR A 64 -0.56 -7.69 -0.24
N PHE A 65 -0.59 -6.36 -0.25
CA PHE A 65 -1.16 -5.54 0.83
C PHE A 65 -2.57 -5.08 0.45
N PHE A 66 -2.75 -4.49 -0.73
CA PHE A 66 -4.07 -4.18 -1.31
C PHE A 66 -4.00 -3.89 -2.81
N SER A 67 -5.13 -4.01 -3.50
CA SER A 67 -5.26 -3.77 -4.94
C SER A 67 -6.62 -3.20 -5.33
N LEU A 68 -6.61 -2.38 -6.37
CA LEU A 68 -7.75 -1.59 -6.84
C LEU A 68 -7.89 -1.63 -8.36
N GLU A 69 -9.09 -1.36 -8.84
CA GLU A 69 -9.43 -1.48 -10.27
C GLU A 69 -8.92 -0.27 -11.09
N GLU A 70 -8.93 -0.40 -12.42
CA GLU A 70 -8.55 0.70 -13.33
C GLU A 70 -9.39 1.98 -13.11
N GLU A 71 -10.67 1.81 -12.76
CA GLU A 71 -11.60 2.89 -12.41
C GLU A 71 -11.25 3.59 -11.07
N VAL A 72 -10.26 3.09 -10.32
CA VAL A 72 -9.87 3.62 -9.01
C VAL A 72 -8.43 4.17 -9.02
N VAL A 73 -7.66 4.03 -10.11
CA VAL A 73 -6.25 4.47 -10.23
C VAL A 73 -6.06 5.92 -9.76
N ASN A 74 -6.69 6.88 -10.46
CA ASN A 74 -6.59 8.31 -10.10
C ASN A 74 -7.33 8.62 -8.78
N ASN A 75 -8.38 7.86 -8.46
CA ASN A 75 -9.20 7.99 -7.26
C ASN A 75 -8.35 7.72 -6.00
N PHE A 76 -7.64 6.59 -5.97
CA PHE A 76 -6.76 6.18 -4.88
C PHE A 76 -5.66 7.21 -4.66
N VAL A 77 -5.06 7.67 -5.76
CA VAL A 77 -4.00 8.69 -5.74
C VAL A 77 -4.52 9.98 -5.10
N LYS A 78 -5.76 10.38 -5.39
CA LYS A 78 -6.43 11.53 -4.77
C LYS A 78 -6.54 11.38 -3.25
N VAL A 79 -7.08 10.26 -2.77
CA VAL A 79 -7.27 10.03 -1.32
C VAL A 79 -5.95 9.75 -0.59
N MET A 80 -4.86 9.52 -1.33
CA MET A 80 -3.53 9.24 -0.77
C MET A 80 -2.59 10.46 -0.85
N THR A 81 -3.05 11.59 -1.38
CA THR A 81 -2.36 12.89 -1.32
C THR A 81 -3.21 13.99 -0.67
N GLU A 82 -4.52 13.75 -0.50
CA GLU A 82 -5.48 14.71 0.09
C GLU A 82 -6.48 14.09 1.09
N GLY A 83 -6.62 12.76 1.11
CA GLY A 83 -7.58 12.01 1.93
C GLY A 83 -8.96 11.86 1.29
N GLY A 84 -9.69 10.83 1.71
CA GLY A 84 -10.99 10.43 1.14
C GLY A 84 -11.32 8.95 1.32
N SER A 85 -12.37 8.51 0.63
CA SER A 85 -13.02 7.20 0.83
C SER A 85 -13.56 6.60 -0.48
N PHE A 86 -12.81 5.64 -1.04
CA PHE A 86 -13.13 4.89 -2.27
C PHE A 86 -12.97 3.38 -2.02
N LYS A 87 -13.80 2.56 -2.69
CA LYS A 87 -13.73 1.09 -2.58
C LYS A 87 -12.54 0.53 -3.37
N THR A 88 -12.10 -0.66 -2.99
CA THR A 88 -10.97 -1.39 -3.60
C THR A 88 -11.42 -2.75 -4.14
N SER A 89 -10.80 -3.22 -5.23
CA SER A 89 -11.11 -4.51 -5.85
C SER A 89 -10.86 -5.67 -4.88
N LEU A 90 -9.73 -5.60 -4.17
CA LEU A 90 -9.29 -6.59 -3.20
C LEU A 90 -8.44 -5.96 -2.08
N TYR A 91 -8.62 -6.45 -0.86
CA TYR A 91 -7.82 -6.08 0.31
C TYR A 91 -7.40 -7.33 1.09
N TYR A 92 -6.12 -7.68 0.98
CA TYR A 92 -5.50 -8.80 1.69
C TYR A 92 -4.92 -8.39 3.06
N GLY A 93 -4.14 -7.29 3.10
CA GLY A 93 -3.35 -6.87 4.26
C GLY A 93 -2.08 -7.71 4.52
N TYR A 94 -1.27 -7.31 5.50
CA TYR A 94 -0.14 -8.09 6.03
C TYR A 94 -0.59 -9.46 6.60
N LYS A 95 0.36 -10.39 6.80
CA LYS A 95 0.10 -11.70 7.42
C LYS A 95 -0.35 -11.58 8.89
N GLU A 96 -0.88 -12.67 9.46
CA GLU A 96 -1.41 -12.77 10.84
C GLU A 96 -2.76 -12.04 11.01
N GLU A 97 -3.62 -12.08 9.99
CA GLU A 97 -4.90 -11.35 9.90
C GLU A 97 -6.06 -12.25 9.43
N GLN A 98 -7.28 -11.70 9.43
CA GLN A 98 -8.51 -12.43 9.03
C GLN A 98 -8.76 -12.32 7.51
N SER A 99 -8.46 -11.18 6.88
CA SER A 99 -8.58 -11.01 5.42
C SER A 99 -7.50 -11.76 4.62
N VAL A 100 -6.23 -11.72 5.06
CA VAL A 100 -5.06 -12.22 4.30
C VAL A 100 -5.15 -13.70 3.89
N ILE A 101 -5.98 -14.46 4.61
CA ILE A 101 -6.32 -15.86 4.34
C ILE A 101 -6.83 -16.07 2.89
N ASN A 102 -7.63 -15.13 2.36
CA ASN A 102 -8.24 -15.22 1.01
C ASN A 102 -8.37 -13.86 0.29
N GLY A 103 -8.70 -12.79 1.02
CA GLY A 103 -8.94 -11.43 0.54
C GLY A 103 -10.40 -10.99 0.70
N ILE A 104 -10.64 -9.67 0.77
CA ILE A 104 -11.99 -9.06 0.82
C ILE A 104 -12.25 -8.32 -0.50
N GLN A 105 -13.22 -8.78 -1.28
CA GLN A 105 -13.67 -8.08 -2.48
C GLN A 105 -14.50 -6.83 -2.14
N ASN A 106 -14.41 -5.80 -2.99
CA ASN A 106 -15.14 -4.53 -2.90
C ASN A 106 -14.91 -3.75 -1.58
N LYS A 107 -13.79 -4.01 -0.88
CA LYS A 107 -13.51 -3.51 0.48
C LYS A 107 -13.40 -1.98 0.51
N GLU A 108 -14.17 -1.34 1.38
CA GLU A 108 -14.20 0.12 1.57
C GLU A 108 -12.97 0.61 2.35
N ILE A 109 -12.19 1.50 1.74
CA ILE A 109 -10.96 2.07 2.32
C ILE A 109 -11.15 3.57 2.57
N ILE A 110 -11.19 3.94 3.85
CA ILE A 110 -11.35 5.32 4.32
C ILE A 110 -10.02 5.81 4.84
N THR A 111 -9.37 6.65 4.04
CA THR A 111 -8.07 7.27 4.36
C THR A 111 -8.24 8.61 5.10
N LYS A 112 -7.22 9.02 5.84
CA LYS A 112 -7.14 10.32 6.55
C LYS A 112 -5.70 10.78 6.73
N ILE A 113 -5.43 12.07 6.53
CA ILE A 113 -4.10 12.66 6.78
C ILE A 113 -3.92 12.91 8.29
N GLU A 114 -2.77 12.52 8.83
CA GLU A 114 -2.33 12.81 10.20
C GLU A 114 -0.79 12.87 10.28
N LYS A 115 -0.22 13.86 10.98
CA LYS A 115 1.20 13.89 11.34
C LYS A 115 1.51 12.90 12.46
N ILE A 116 2.78 12.50 12.56
CA ILE A 116 3.28 11.56 13.59
C ILE A 116 4.54 12.11 14.25
N ASP A 117 5.53 12.53 13.46
CA ASP A 117 6.84 12.99 13.96
C ASP A 117 7.43 14.13 13.11
N GLY A 118 6.57 14.95 12.49
CA GLY A 118 6.94 16.09 11.63
C GLY A 118 6.74 15.83 10.13
N THR A 119 6.63 14.56 9.73
CA THR A 119 6.21 14.16 8.38
C THR A 119 4.70 13.94 8.38
N GLU A 120 4.01 14.37 7.32
CA GLU A 120 2.60 14.03 7.10
C GLU A 120 2.48 12.56 6.70
N TYR A 121 1.64 11.81 7.41
CA TYR A 121 1.28 10.43 7.12
C TYR A 121 -0.20 10.33 6.67
N ILE A 122 -0.56 9.17 6.14
CA ILE A 122 -1.93 8.78 5.79
C ILE A 122 -2.25 7.48 6.50
N THR A 123 -3.41 7.39 7.17
CA THR A 123 -3.87 6.17 7.85
C THR A 123 -5.19 5.71 7.26
N PHE A 124 -5.48 4.41 7.36
CA PHE A 124 -6.69 3.80 6.78
C PHE A 124 -7.14 2.56 7.55
N SER A 125 -8.45 2.37 7.64
CA SER A 125 -9.09 1.24 8.33
C SER A 125 -9.12 0.00 7.42
N GLY A 126 -8.34 -1.02 7.77
CA GLY A 126 -8.27 -2.30 7.07
C GLY A 126 -9.37 -3.29 7.50
N ASP A 127 -9.11 -4.58 7.33
CA ASP A 127 -9.94 -5.66 7.88
C ASP A 127 -10.01 -5.67 9.42
N LYS A 128 -10.91 -6.51 9.98
CA LYS A 128 -11.01 -6.73 11.43
C LYS A 128 -10.21 -7.98 11.84
N ILE A 129 -9.02 -7.77 12.41
CA ILE A 129 -8.16 -8.86 12.91
C ILE A 129 -8.80 -9.65 14.06
N LYS A 130 -8.26 -10.83 14.36
CA LYS A 130 -8.69 -11.67 15.50
C LYS A 130 -7.62 -11.82 16.60
N ASN A 131 -6.56 -11.00 16.54
CA ASN A 131 -5.43 -10.98 17.48
C ASN A 131 -5.35 -9.68 18.31
N SER A 132 -6.43 -8.87 18.32
CA SER A 132 -6.49 -7.59 19.06
C SER A 132 -7.78 -7.42 19.90
N GLY A 133 -8.96 -7.70 19.33
CA GLY A 133 -10.25 -7.65 20.06
C GLY A 133 -11.35 -6.87 19.34
N ASP A 134 -11.82 -7.36 18.19
CA ASP A 134 -12.79 -6.69 17.29
C ASP A 134 -12.34 -5.30 16.81
N LYS A 135 -11.03 -5.06 16.73
CA LYS A 135 -10.46 -3.82 16.20
C LYS A 135 -10.28 -3.96 14.69
N VAL A 136 -9.88 -2.87 14.04
CA VAL A 136 -9.46 -2.88 12.64
C VAL A 136 -7.94 -2.75 12.56
N ALA A 137 -7.31 -3.50 11.64
CA ALA A 137 -5.90 -3.30 11.33
C ALA A 137 -5.74 -1.90 10.73
N GLU A 138 -4.99 -1.04 11.42
CA GLU A 138 -4.69 0.33 10.99
C GLU A 138 -3.19 0.51 10.78
N TYR A 139 -2.89 1.39 9.83
CA TYR A 139 -1.56 1.60 9.28
C TYR A 139 -1.22 3.09 9.11
N ALA A 140 0.00 3.39 8.70
CA ALA A 140 0.44 4.74 8.38
C ALA A 140 1.48 4.69 7.25
N ILE A 141 1.29 5.50 6.20
CA ILE A 141 2.22 5.62 5.07
C ILE A 141 2.67 7.09 4.96
N SER A 142 3.95 7.35 4.69
CA SER A 142 4.48 8.69 4.47
C SER A 142 3.84 9.31 3.23
N LEU A 143 2.78 10.10 3.40
CA LEU A 143 2.09 10.85 2.34
C LEU A 143 3.06 11.72 1.54
N GLU A 144 4.11 12.21 2.18
CA GLU A 144 5.14 12.99 1.50
C GLU A 144 6.00 12.16 0.53
N GLU A 145 6.18 10.86 0.78
CA GLU A 145 6.89 9.93 -0.12
C GLU A 145 5.97 9.34 -1.20
N LEU A 146 4.67 9.24 -0.92
CA LEU A 146 3.63 8.90 -1.89
C LEU A 146 3.57 9.99 -2.97
N LYS A 147 3.43 11.27 -2.59
CA LYS A 147 3.42 12.43 -3.51
C LYS A 147 4.53 12.40 -4.56
N LYS A 148 5.74 11.96 -4.23
CA LYS A 148 6.89 11.82 -5.16
C LYS A 148 6.59 10.99 -6.41
N ASN A 149 5.65 10.04 -6.32
CA ASN A 149 5.25 9.12 -7.38
C ASN A 149 3.74 9.19 -7.72
N LEU A 150 2.98 10.04 -7.01
CA LEU A 150 1.53 10.22 -7.15
C LEU A 150 1.17 11.53 -7.89
N LYS A 151 2.04 12.54 -7.81
CA LYS A 151 1.95 13.81 -8.55
C LYS A 151 1.85 13.63 -10.07
N LYS A 1 30.37 -1.11 -20.58
CA LYS A 1 29.31 -0.13 -20.94
C LYS A 1 28.59 0.38 -19.67
N ILE A 2 28.71 1.68 -19.40
CA ILE A 2 28.00 2.40 -18.31
C ILE A 2 26.78 3.18 -18.87
N HIS A 3 25.95 3.74 -17.98
CA HIS A 3 24.73 4.50 -18.30
C HIS A 3 23.72 3.75 -19.20
N THR A 4 23.70 2.42 -19.10
CA THR A 4 22.79 1.52 -19.83
C THR A 4 21.54 1.18 -19.01
N SER A 5 20.45 0.84 -19.70
CA SER A 5 19.23 0.28 -19.13
C SER A 5 18.69 -0.84 -20.03
N TYR A 6 18.20 -1.92 -19.41
CA TYR A 6 17.68 -3.11 -20.07
C TYR A 6 16.52 -3.71 -19.27
N ASP A 7 15.58 -4.35 -19.95
CA ASP A 7 14.37 -4.95 -19.34
C ASP A 7 14.49 -6.49 -19.21
N GLU A 8 13.74 -7.07 -18.29
CA GLU A 8 13.69 -8.51 -18.03
C GLU A 8 12.24 -9.01 -17.83
N GLN A 9 12.02 -10.31 -18.06
CA GLN A 9 10.69 -10.95 -18.05
C GLN A 9 10.77 -12.43 -17.60
N SER A 10 10.75 -12.65 -16.28
CA SER A 10 10.81 -13.98 -15.65
C SER A 10 10.09 -14.02 -14.29
N SER A 11 10.19 -15.15 -13.57
CA SER A 11 9.52 -15.44 -12.29
C SER A 11 10.51 -16.02 -11.25
N GLY A 12 11.61 -15.29 -11.04
CA GLY A 12 12.72 -15.63 -10.14
C GLY A 12 13.31 -14.39 -9.46
N GLU A 13 14.64 -14.28 -9.44
CA GLU A 13 15.38 -13.12 -8.90
C GLU A 13 14.79 -11.77 -9.35
N SER A 14 14.65 -10.82 -8.42
CA SER A 14 14.10 -9.48 -8.65
C SER A 14 14.51 -8.49 -7.55
N LYS A 15 14.41 -7.19 -7.85
CA LYS A 15 14.73 -6.07 -6.95
C LYS A 15 13.62 -5.87 -5.91
N VAL A 16 13.98 -5.36 -4.73
CA VAL A 16 13.09 -5.29 -3.54
C VAL A 16 13.22 -3.94 -2.81
N LYS A 17 13.13 -2.85 -3.60
CA LYS A 17 13.21 -1.43 -3.18
C LYS A 17 12.53 -0.51 -4.22
N LYS A 18 12.63 0.81 -4.01
CA LYS A 18 12.20 1.85 -4.98
C LYS A 18 12.92 1.68 -6.32
N ILE A 19 12.19 1.39 -7.40
CA ILE A 19 12.74 1.22 -8.76
C ILE A 19 12.43 2.44 -9.64
N GLU A 20 13.27 2.70 -10.64
CA GLU A 20 13.06 3.75 -11.65
C GLU A 20 11.88 3.49 -12.62
N PHE A 21 11.34 2.27 -12.62
CA PHE A 21 10.24 1.81 -13.47
C PHE A 21 8.84 2.31 -13.00
N SER A 22 7.78 1.71 -13.53
CA SER A 22 6.37 2.05 -13.21
C SER A 22 6.01 1.75 -11.76
N LYS A 23 6.50 0.62 -11.23
CA LYS A 23 6.41 0.32 -9.79
C LYS A 23 7.24 1.32 -8.98
N PHE A 24 6.77 1.60 -7.79
CA PHE A 24 7.47 2.38 -6.77
C PHE A 24 7.36 1.71 -5.40
N THR A 25 8.02 2.26 -4.38
CA THR A 25 7.95 1.74 -3.02
C THR A 25 7.93 2.87 -1.99
N VAL A 26 7.20 2.69 -0.89
CA VAL A 26 7.08 3.69 0.19
C VAL A 26 7.10 3.05 1.58
N LYS A 27 7.57 3.82 2.58
CA LYS A 27 7.59 3.43 4.00
C LYS A 27 6.18 3.05 4.48
N ILE A 28 6.11 1.99 5.29
CA ILE A 28 4.87 1.49 5.89
C ILE A 28 5.12 1.12 7.34
N LYS A 29 4.18 1.52 8.19
CA LYS A 29 4.14 1.28 9.64
C LYS A 29 2.77 0.74 10.03
N ASN A 30 2.67 0.07 11.16
CA ASN A 30 1.42 -0.48 11.70
C ASN A 30 1.22 -0.09 13.18
N LYS A 31 -0.02 -0.19 13.68
CA LYS A 31 -0.32 0.07 15.09
C LYS A 31 -0.18 -1.21 15.93
N ASP A 32 0.66 -1.18 16.96
CA ASP A 32 0.84 -2.31 17.90
C ASP A 32 -0.27 -2.38 18.97
N LYS A 33 -0.16 -3.34 19.90
CA LYS A 33 -1.06 -3.54 21.05
C LYS A 33 -1.17 -2.34 21.99
N SER A 34 -0.15 -1.47 22.01
CA SER A 34 -0.14 -0.22 22.79
C SER A 34 -0.74 0.98 22.04
N GLY A 35 -1.27 0.78 20.82
CA GLY A 35 -1.81 1.83 19.96
C GLY A 35 -0.78 2.87 19.51
N ASN A 36 0.46 2.42 19.27
CA ASN A 36 1.59 3.23 18.80
C ASN A 36 2.01 2.80 17.39
N TRP A 37 2.41 3.75 16.55
CA TRP A 37 2.93 3.49 15.22
C TRP A 37 4.35 2.91 15.29
N THR A 38 4.51 1.70 14.76
CA THR A 38 5.76 0.93 14.76
C THR A 38 6.08 0.46 13.34
N ASP A 39 7.34 0.59 12.92
CA ASP A 39 7.77 0.27 11.55
C ASP A 39 7.47 -1.19 11.17
N LEU A 40 7.08 -1.40 9.90
CA LEU A 40 6.72 -2.72 9.37
C LEU A 40 7.67 -3.13 8.23
N GLY A 41 7.91 -2.24 7.27
CA GLY A 41 8.84 -2.48 6.15
C GLY A 41 8.72 -1.46 5.02
N ASP A 42 8.19 -1.91 3.88
CA ASP A 42 8.03 -1.14 2.64
C ASP A 42 6.80 -1.65 1.87
N LEU A 43 6.21 -0.82 1.00
CA LEU A 43 5.04 -1.14 0.20
C LEU A 43 5.36 -0.98 -1.29
N VAL A 44 5.61 -2.08 -2.01
CA VAL A 44 5.85 -2.05 -3.46
C VAL A 44 4.52 -1.85 -4.19
N VAL A 45 4.27 -0.62 -4.65
CA VAL A 45 3.11 -0.23 -5.45
C VAL A 45 3.44 -0.44 -6.94
N ARG A 46 3.06 -1.60 -7.49
CA ARG A 46 3.15 -1.92 -8.93
C ARG A 46 2.02 -1.23 -9.69
N LYS A 47 2.37 -0.23 -10.53
CA LYS A 47 1.44 0.35 -11.51
C LYS A 47 1.17 -0.68 -12.60
N GLU A 48 -0.11 -0.99 -12.80
CA GLU A 48 -0.60 -1.88 -13.86
C GLU A 48 -1.45 -1.11 -14.88
N GLU A 49 -1.80 -1.74 -16.01
CA GLU A 49 -2.69 -1.12 -17.02
C GLU A 49 -4.16 -1.09 -16.58
N ASN A 50 -4.58 -2.02 -15.70
CA ASN A 50 -5.97 -2.27 -15.33
C ASN A 50 -6.25 -1.98 -13.84
N GLY A 51 -5.56 -0.97 -13.29
CA GLY A 51 -5.60 -0.58 -11.89
C GLY A 51 -4.22 -0.48 -11.24
N ILE A 52 -4.19 -0.57 -9.91
CA ILE A 52 -2.94 -0.56 -9.11
C ILE A 52 -2.90 -1.76 -8.16
N ASP A 53 -1.72 -2.34 -7.96
CA ASP A 53 -1.52 -3.52 -7.11
C ASP A 53 -0.33 -3.29 -6.15
N THR A 54 -0.55 -3.45 -4.85
CA THR A 54 0.46 -3.17 -3.81
C THR A 54 0.86 -4.42 -3.05
N GLY A 55 2.13 -4.51 -2.64
CA GLY A 55 2.67 -5.66 -1.93
C GLY A 55 3.62 -5.23 -0.80
N LEU A 56 3.30 -5.68 0.41
CA LEU A 56 4.11 -5.46 1.61
C LEU A 56 5.42 -6.24 1.52
N ASN A 57 6.50 -5.58 1.93
CA ASN A 57 7.87 -6.07 1.97
C ASN A 57 8.49 -5.74 3.34
N ALA A 58 8.46 -6.69 4.27
CA ALA A 58 9.12 -6.58 5.57
C ALA A 58 10.48 -7.32 5.59
N GLY A 59 11.22 -7.21 6.71
CA GLY A 59 12.61 -7.71 6.84
C GLY A 59 12.78 -9.23 6.59
N GLY A 60 11.73 -10.02 6.84
CA GLY A 60 11.71 -11.48 6.62
C GLY A 60 10.34 -12.01 6.17
N HIS A 61 9.52 -11.15 5.54
CA HIS A 61 8.14 -11.49 5.13
C HIS A 61 7.66 -10.64 3.94
N SER A 62 6.78 -11.19 3.09
CA SER A 62 6.09 -10.42 2.04
C SER A 62 4.76 -11.06 1.60
N ALA A 63 3.81 -10.21 1.18
CA ALA A 63 2.49 -10.60 0.64
C ALA A 63 1.81 -9.41 -0.07
N THR A 64 0.78 -9.65 -0.88
CA THR A 64 -0.11 -8.60 -1.42
C THR A 64 -0.73 -7.83 -0.25
N PHE A 65 -0.69 -6.50 -0.29
CA PHE A 65 -1.26 -5.65 0.78
C PHE A 65 -2.66 -5.17 0.38
N PHE A 66 -2.83 -4.62 -0.82
CA PHE A 66 -4.14 -4.30 -1.40
C PHE A 66 -4.06 -3.96 -2.90
N SER A 67 -5.18 -4.08 -3.60
CA SER A 67 -5.28 -3.84 -5.04
C SER A 67 -6.64 -3.27 -5.44
N LEU A 68 -6.63 -2.47 -6.50
CA LEU A 68 -7.75 -1.66 -6.95
C LEU A 68 -7.82 -1.64 -8.48
N GLU A 69 -9.02 -1.38 -9.01
CA GLU A 69 -9.32 -1.48 -10.45
C GLU A 69 -8.90 -0.22 -11.21
N GLU A 70 -8.88 -0.27 -12.55
CA GLU A 70 -8.57 0.89 -13.39
C GLU A 70 -9.50 2.09 -13.10
N GLU A 71 -10.75 1.82 -12.72
CA GLU A 71 -11.74 2.81 -12.28
C GLU A 71 -11.38 3.52 -10.96
N VAL A 72 -10.31 3.11 -10.26
CA VAL A 72 -9.93 3.65 -8.95
C VAL A 72 -8.51 4.24 -8.96
N VAL A 73 -7.76 4.17 -10.08
CA VAL A 73 -6.37 4.68 -10.20
C VAL A 73 -6.24 6.13 -9.75
N ASN A 74 -6.90 7.05 -10.47
CA ASN A 74 -6.86 8.49 -10.16
C ASN A 74 -7.58 8.82 -8.84
N ASN A 75 -8.56 8.01 -8.45
CA ASN A 75 -9.29 8.10 -7.19
C ASN A 75 -8.32 7.87 -6.00
N PHE A 76 -7.61 6.75 -6.02
CA PHE A 76 -6.63 6.36 -5.00
C PHE A 76 -5.51 7.38 -4.89
N VAL A 77 -4.97 7.80 -6.04
CA VAL A 77 -3.89 8.81 -6.13
C VAL A 77 -4.29 10.09 -5.39
N LYS A 78 -5.58 10.46 -5.43
CA LYS A 78 -6.15 11.60 -4.72
C LYS A 78 -6.27 11.40 -3.21
N VAL A 79 -6.91 10.32 -2.74
CA VAL A 79 -7.10 10.08 -1.29
C VAL A 79 -5.77 9.76 -0.57
N MET A 80 -4.74 9.40 -1.32
CA MET A 80 -3.38 9.13 -0.84
C MET A 80 -2.53 10.41 -0.75
N THR A 81 -3.05 11.58 -1.18
CA THR A 81 -2.37 12.89 -1.09
C THR A 81 -3.25 14.00 -0.49
N GLU A 82 -4.58 13.80 -0.44
CA GLU A 82 -5.58 14.74 0.10
C GLU A 82 -6.55 14.09 1.11
N GLY A 83 -6.54 12.76 1.23
CA GLY A 83 -7.48 11.96 2.03
C GLY A 83 -8.85 11.80 1.39
N GLY A 84 -9.56 10.73 1.79
CA GLY A 84 -10.85 10.34 1.22
C GLY A 84 -11.18 8.87 1.40
N SER A 85 -12.24 8.42 0.74
CA SER A 85 -12.89 7.12 0.96
C SER A 85 -13.45 6.50 -0.33
N PHE A 86 -12.67 5.62 -0.97
CA PHE A 86 -13.01 4.91 -2.20
C PHE A 86 -12.85 3.40 -2.00
N LYS A 87 -13.76 2.60 -2.57
CA LYS A 87 -13.69 1.12 -2.50
C LYS A 87 -12.51 0.59 -3.31
N THR A 88 -12.05 -0.61 -2.96
CA THR A 88 -10.94 -1.32 -3.62
C THR A 88 -11.42 -2.67 -4.17
N SER A 89 -10.71 -3.20 -5.17
CA SER A 89 -11.07 -4.47 -5.81
C SER A 89 -10.82 -5.65 -4.88
N LEU A 90 -9.67 -5.64 -4.21
CA LEU A 90 -9.22 -6.66 -3.27
C LEU A 90 -8.36 -6.07 -2.15
N TYR A 91 -8.55 -6.56 -0.93
CA TYR A 91 -7.77 -6.17 0.23
C TYR A 91 -7.35 -7.41 1.04
N TYR A 92 -6.09 -7.81 0.92
CA TYR A 92 -5.49 -8.91 1.69
C TYR A 92 -4.85 -8.46 3.02
N GLY A 93 -4.09 -7.36 3.02
CA GLY A 93 -3.26 -6.93 4.15
C GLY A 93 -2.06 -7.86 4.45
N TYR A 94 -1.27 -7.51 5.47
CA TYR A 94 -0.22 -8.38 6.04
C TYR A 94 -0.81 -9.73 6.55
N LYS A 95 0.05 -10.76 6.71
CA LYS A 95 -0.34 -12.05 7.31
C LYS A 95 -0.84 -11.94 8.77
N GLU A 96 -1.30 -13.06 9.32
CA GLU A 96 -1.88 -13.16 10.68
C GLU A 96 -3.17 -12.35 10.85
N GLU A 97 -3.97 -12.26 9.78
CA GLU A 97 -5.13 -11.38 9.63
C GLU A 97 -6.32 -12.12 8.99
N GLN A 98 -7.55 -11.64 9.21
CA GLN A 98 -8.77 -12.31 8.72
C GLN A 98 -9.02 -12.10 7.21
N SER A 99 -8.35 -11.11 6.60
CA SER A 99 -8.44 -10.77 5.17
C SER A 99 -7.41 -11.47 4.29
N VAL A 100 -6.20 -11.73 4.77
CA VAL A 100 -5.07 -12.28 3.99
C VAL A 100 -5.30 -13.72 3.51
N ILE A 101 -6.28 -14.40 4.13
CA ILE A 101 -6.69 -15.78 3.84
C ILE A 101 -7.06 -15.98 2.35
N ASN A 102 -7.93 -15.12 1.81
CA ASN A 102 -8.41 -15.17 0.42
C ASN A 102 -8.66 -13.77 -0.19
N GLY A 103 -8.39 -12.69 0.55
CA GLY A 103 -8.72 -11.31 0.18
C GLY A 103 -10.18 -10.94 0.49
N ILE A 104 -10.50 -9.65 0.37
CA ILE A 104 -11.85 -9.09 0.54
C ILE A 104 -12.22 -8.28 -0.70
N GLN A 105 -13.15 -8.83 -1.50
CA GLN A 105 -13.74 -8.14 -2.64
C GLN A 105 -14.55 -6.91 -2.21
N ASN A 106 -14.46 -5.84 -3.00
CA ASN A 106 -15.18 -4.57 -2.83
C ASN A 106 -14.93 -3.87 -1.47
N LYS A 107 -13.80 -4.15 -0.79
CA LYS A 107 -13.45 -3.58 0.53
C LYS A 107 -13.47 -2.05 0.49
N GLU A 108 -14.28 -1.46 1.37
CA GLU A 108 -14.27 -0.02 1.65
C GLU A 108 -12.99 0.38 2.39
N ILE A 109 -12.31 1.41 1.90
CA ILE A 109 -11.07 1.93 2.48
C ILE A 109 -11.22 3.43 2.71
N ILE A 110 -11.11 3.86 3.97
CA ILE A 110 -11.28 5.25 4.42
C ILE A 110 -9.92 5.75 4.92
N THR A 111 -9.22 6.45 4.02
CA THR A 111 -7.95 7.10 4.34
C THR A 111 -8.16 8.42 5.11
N LYS A 112 -7.16 8.81 5.90
CA LYS A 112 -7.14 10.10 6.64
C LYS A 112 -5.70 10.60 6.83
N ILE A 113 -5.48 11.90 6.65
CA ILE A 113 -4.17 12.53 6.87
C ILE A 113 -3.98 12.82 8.36
N GLU A 114 -2.83 12.42 8.91
CA GLU A 114 -2.40 12.71 10.28
C GLU A 114 -0.91 13.11 10.31
N LYS A 115 -0.62 14.29 10.85
CA LYS A 115 0.75 14.76 11.12
C LYS A 115 1.32 14.03 12.34
N ILE A 116 2.26 13.11 12.10
CA ILE A 116 2.98 12.36 13.15
C ILE A 116 4.29 13.10 13.42
N ASP A 117 4.29 13.92 14.48
CA ASP A 117 5.40 14.80 14.91
C ASP A 117 5.87 15.84 13.87
N GLY A 118 5.07 16.11 12.82
CA GLY A 118 5.34 17.12 11.79
C GLY A 118 5.35 16.54 10.36
N THR A 119 5.77 15.29 10.21
CA THR A 119 5.66 14.52 8.95
C THR A 119 4.20 14.18 8.71
N GLU A 120 3.65 14.55 7.56
CA GLU A 120 2.29 14.13 7.18
C GLU A 120 2.30 12.65 6.77
N TYR A 121 1.55 11.84 7.51
CA TYR A 121 1.26 10.45 7.16
C TYR A 121 -0.21 10.31 6.72
N ILE A 122 -0.51 9.16 6.11
CA ILE A 122 -1.87 8.73 5.77
C ILE A 122 -2.15 7.41 6.50
N THR A 123 -3.30 7.29 7.14
CA THR A 123 -3.75 6.04 7.79
C THR A 123 -5.07 5.58 7.19
N PHE A 124 -5.36 4.28 7.28
CA PHE A 124 -6.59 3.69 6.75
C PHE A 124 -7.02 2.49 7.61
N SER A 125 -8.34 2.36 7.81
CA SER A 125 -8.94 1.24 8.54
C SER A 125 -9.04 0.01 7.62
N GLY A 126 -8.24 -1.01 7.91
CA GLY A 126 -8.25 -2.30 7.22
C GLY A 126 -9.35 -3.24 7.74
N ASP A 127 -9.21 -4.53 7.47
CA ASP A 127 -10.11 -5.55 8.05
C ASP A 127 -9.91 -5.73 9.57
N LYS A 128 -10.87 -6.36 10.23
CA LYS A 128 -10.81 -6.70 11.66
C LYS A 128 -9.90 -7.91 11.91
N ILE A 129 -8.73 -7.68 12.49
CA ILE A 129 -7.76 -8.72 12.85
C ILE A 129 -8.31 -9.72 13.89
N LYS A 130 -7.66 -10.87 14.01
CA LYS A 130 -7.97 -11.92 15.03
C LYS A 130 -7.00 -11.95 16.23
N ASN A 131 -6.01 -11.04 16.27
CA ASN A 131 -5.00 -10.94 17.33
C ASN A 131 -5.17 -9.70 18.25
N SER A 132 -6.33 -9.04 18.19
CA SER A 132 -6.68 -7.84 18.98
C SER A 132 -8.13 -7.85 19.47
N GLY A 133 -8.51 -6.84 20.26
CA GLY A 133 -9.82 -6.70 20.90
C GLY A 133 -10.93 -6.19 19.97
N ASP A 134 -11.24 -6.94 18.91
CA ASP A 134 -12.17 -6.57 17.82
C ASP A 134 -11.87 -5.19 17.20
N LYS A 135 -10.57 -4.89 17.02
CA LYS A 135 -10.10 -3.68 16.37
C LYS A 135 -10.03 -3.90 14.87
N VAL A 136 -9.57 -2.89 14.14
CA VAL A 136 -9.23 -2.96 12.72
C VAL A 136 -7.72 -2.79 12.53
N ALA A 137 -7.17 -3.47 11.52
CA ALA A 137 -5.77 -3.32 11.15
C ALA A 137 -5.54 -1.87 10.68
N GLU A 138 -4.73 -1.12 11.43
CA GLU A 138 -4.44 0.29 11.13
C GLU A 138 -2.96 0.46 10.83
N TYR A 139 -2.69 1.28 9.82
CA TYR A 139 -1.38 1.45 9.20
C TYR A 139 -1.06 2.94 8.98
N ALA A 140 0.17 3.26 8.62
CA ALA A 140 0.60 4.62 8.32
C ALA A 140 1.62 4.62 7.19
N ILE A 141 1.43 5.47 6.18
CA ILE A 141 2.36 5.65 5.05
C ILE A 141 2.75 7.12 4.95
N SER A 142 4.02 7.43 4.70
CA SER A 142 4.52 8.80 4.53
C SER A 142 3.88 9.43 3.30
N LEU A 143 2.78 10.18 3.50
CA LEU A 143 2.08 10.91 2.45
C LEU A 143 3.01 11.86 1.69
N GLU A 144 4.01 12.40 2.38
CA GLU A 144 5.01 13.26 1.72
C GLU A 144 5.91 12.49 0.75
N GLU A 145 6.17 11.20 0.99
CA GLU A 145 6.92 10.33 0.06
C GLU A 145 6.02 9.75 -1.03
N LEU A 146 4.74 9.50 -0.73
CA LEU A 146 3.74 9.07 -1.71
C LEU A 146 3.61 10.08 -2.85
N LYS A 147 3.47 11.38 -2.54
CA LYS A 147 3.39 12.48 -3.52
C LYS A 147 4.52 12.43 -4.57
N LYS A 148 5.75 12.12 -4.15
CA LYS A 148 6.96 12.08 -4.99
C LYS A 148 6.98 10.91 -6.00
N ASN A 149 6.15 9.90 -5.79
CA ASN A 149 6.10 8.65 -6.57
C ASN A 149 4.72 8.38 -7.21
N LEU A 150 3.71 9.22 -6.94
CA LEU A 150 2.33 9.07 -7.41
C LEU A 150 2.09 9.84 -8.72
N LYS A 151 2.92 10.86 -8.97
CA LYS A 151 2.82 11.81 -10.10
C LYS A 151 3.79 11.52 -11.24
N LYS A 1 35.62 30.81 -18.27
CA LYS A 1 34.54 30.01 -17.62
C LYS A 1 34.55 28.58 -18.15
N ILE A 2 34.57 27.57 -17.26
CA ILE A 2 34.43 26.14 -17.63
C ILE A 2 33.01 25.80 -18.15
N HIS A 3 32.86 24.62 -18.76
CA HIS A 3 31.58 24.10 -19.26
C HIS A 3 31.45 22.59 -19.00
N THR A 4 30.23 22.12 -18.73
CA THR A 4 29.91 20.70 -18.55
C THR A 4 30.06 19.91 -19.86
N SER A 5 31.05 19.02 -19.93
CA SER A 5 31.32 18.14 -21.07
C SER A 5 32.00 16.84 -20.60
N TYR A 6 31.35 15.70 -20.88
CA TYR A 6 31.76 14.35 -20.50
C TYR A 6 31.11 13.29 -21.40
N ASP A 7 31.65 12.06 -21.39
CA ASP A 7 31.11 10.90 -22.11
C ASP A 7 31.57 9.60 -21.41
N GLU A 8 30.65 8.64 -21.23
CA GLU A 8 30.88 7.40 -20.47
C GLU A 8 30.81 6.17 -21.40
N GLN A 9 31.98 5.67 -21.81
CA GLN A 9 32.11 4.60 -22.81
C GLN A 9 31.64 3.24 -22.26
N SER A 10 30.83 2.51 -23.05
CA SER A 10 30.21 1.23 -22.68
C SER A 10 31.14 0.04 -22.99
N SER A 11 32.16 -0.14 -22.16
CA SER A 11 33.15 -1.24 -22.26
C SER A 11 33.57 -1.72 -20.86
N GLY A 12 33.40 -3.03 -20.60
CA GLY A 12 33.73 -3.68 -19.33
C GLY A 12 32.51 -3.86 -18.42
N GLU A 13 32.47 -3.10 -17.32
CA GLU A 13 31.45 -3.20 -16.25
C GLU A 13 31.06 -1.79 -15.72
N SER A 14 30.72 -0.88 -16.63
CA SER A 14 30.24 0.48 -16.32
C SER A 14 28.84 0.48 -15.66
N LYS A 15 28.46 1.61 -15.05
CA LYS A 15 27.11 1.84 -14.49
C LYS A 15 26.04 1.85 -15.59
N VAL A 16 24.92 1.18 -15.33
CA VAL A 16 23.73 1.10 -16.19
C VAL A 16 22.48 1.09 -15.30
N LYS A 17 21.44 1.82 -15.72
CA LYS A 17 20.11 1.85 -15.09
C LYS A 17 19.00 1.43 -16.07
N LYS A 18 17.78 1.30 -15.55
CA LYS A 18 16.56 0.91 -16.27
C LYS A 18 15.37 1.75 -15.79
N ILE A 19 14.29 1.77 -16.58
CA ILE A 19 13.05 2.49 -16.24
C ILE A 19 12.38 1.86 -15.01
N GLU A 20 11.98 2.71 -14.05
CA GLU A 20 11.33 2.33 -12.78
C GLU A 20 10.11 3.24 -12.49
N PHE A 21 9.38 3.63 -13.54
CA PHE A 21 8.10 4.37 -13.42
C PHE A 21 6.87 3.45 -13.38
N SER A 22 7.06 2.16 -13.65
CA SER A 22 6.02 1.10 -13.63
C SER A 22 5.65 0.63 -12.21
N LYS A 23 6.54 0.83 -11.24
CA LYS A 23 6.32 0.56 -9.80
C LYS A 23 7.19 1.48 -8.94
N PHE A 24 6.81 1.68 -7.68
CA PHE A 24 7.58 2.44 -6.71
C PHE A 24 7.48 1.81 -5.31
N THR A 25 8.31 2.25 -4.36
CA THR A 25 8.30 1.73 -2.99
C THR A 25 8.37 2.87 -1.98
N VAL A 26 7.49 2.83 -0.97
CA VAL A 26 7.36 3.83 0.11
C VAL A 26 7.30 3.15 1.49
N LYS A 27 7.56 3.92 2.56
CA LYS A 27 7.51 3.43 3.96
C LYS A 27 6.10 2.95 4.34
N ILE A 28 6.01 2.12 5.38
CA ILE A 28 4.74 1.66 5.96
C ILE A 28 4.94 1.28 7.43
N LYS A 29 4.00 1.71 8.27
CA LYS A 29 3.95 1.46 9.72
C LYS A 29 2.57 0.90 10.07
N ASN A 30 2.47 0.25 11.22
CA ASN A 30 1.22 -0.32 11.75
C ASN A 30 1.00 0.08 13.22
N LYS A 31 -0.25 0.13 13.68
CA LYS A 31 -0.57 0.38 15.09
C LYS A 31 -0.42 -0.91 15.92
N ASP A 32 0.48 -0.90 16.90
CA ASP A 32 0.67 -2.01 17.84
C ASP A 32 -0.49 -2.16 18.85
N LYS A 33 -0.41 -3.13 19.76
CA LYS A 33 -1.37 -3.33 20.87
C LYS A 33 -1.55 -2.09 21.74
N SER A 34 -0.51 -1.28 21.86
CA SER A 34 -0.50 -0.05 22.67
C SER A 34 -1.14 1.15 21.96
N GLY A 35 -1.62 0.99 20.72
CA GLY A 35 -2.13 2.09 19.89
C GLY A 35 -1.05 3.08 19.45
N ASN A 36 0.19 2.60 19.30
CA ASN A 36 1.35 3.38 18.86
C ASN A 36 1.79 2.92 17.46
N TRP A 37 2.08 3.87 16.57
CA TRP A 37 2.60 3.61 15.24
C TRP A 37 4.04 3.08 15.31
N THR A 38 4.29 1.91 14.71
CA THR A 38 5.57 1.22 14.71
C THR A 38 5.89 0.66 13.33
N ASP A 39 7.15 0.80 12.91
CA ASP A 39 7.64 0.46 11.56
C ASP A 39 7.35 -1.01 11.20
N LEU A 40 6.78 -1.25 10.02
CA LEU A 40 6.45 -2.59 9.54
C LEU A 40 7.42 -3.05 8.43
N GLY A 41 7.67 -2.19 7.44
CA GLY A 41 8.58 -2.48 6.32
C GLY A 41 8.51 -1.44 5.21
N ASP A 42 8.07 -1.89 4.02
CA ASP A 42 7.96 -1.08 2.81
C ASP A 42 6.75 -1.55 1.97
N LEU A 43 6.23 -0.68 1.11
CA LEU A 43 5.06 -0.93 0.26
C LEU A 43 5.44 -0.76 -1.22
N VAL A 44 5.62 -1.87 -1.92
CA VAL A 44 5.89 -1.92 -3.37
C VAL A 44 4.57 -1.72 -4.12
N VAL A 45 4.27 -0.49 -4.53
CA VAL A 45 3.11 -0.10 -5.32
C VAL A 45 3.39 -0.38 -6.81
N ARG A 46 2.89 -1.49 -7.34
CA ARG A 46 3.02 -1.89 -8.77
C ARG A 46 1.75 -1.54 -9.56
N LYS A 47 1.92 -1.21 -10.84
CA LYS A 47 0.84 -1.07 -11.83
C LYS A 47 0.61 -2.40 -12.55
N GLU A 48 -0.65 -2.83 -12.55
CA GLU A 48 -1.14 -3.96 -13.36
C GLU A 48 -1.92 -3.47 -14.60
N GLU A 49 -2.39 -4.40 -15.45
CA GLU A 49 -3.19 -4.10 -16.65
C GLU A 49 -4.46 -3.30 -16.36
N ASN A 50 -5.11 -3.58 -15.22
CA ASN A 50 -6.39 -2.99 -14.82
C ASN A 50 -6.37 -2.53 -13.34
N GLY A 51 -5.56 -1.50 -13.04
CA GLY A 51 -5.52 -0.86 -11.74
C GLY A 51 -4.14 -0.83 -11.07
N ILE A 52 -4.14 -0.68 -9.74
CA ILE A 52 -2.92 -0.64 -8.91
C ILE A 52 -2.95 -1.78 -7.89
N ASP A 53 -1.80 -2.44 -7.70
CA ASP A 53 -1.63 -3.66 -6.92
C ASP A 53 -0.39 -3.52 -6.02
N THR A 54 -0.56 -3.28 -4.72
CA THR A 54 0.51 -2.99 -3.79
C THR A 54 0.94 -4.25 -3.00
N GLY A 55 2.18 -4.28 -2.49
CA GLY A 55 2.73 -5.43 -1.78
C GLY A 55 3.66 -5.01 -0.66
N LEU A 56 3.34 -5.46 0.56
CA LEU A 56 4.10 -5.26 1.77
C LEU A 56 5.40 -6.08 1.75
N ASN A 57 6.50 -5.49 2.20
CA ASN A 57 7.84 -6.08 2.23
C ASN A 57 8.50 -5.82 3.60
N ALA A 58 8.23 -6.69 4.58
CA ALA A 58 8.69 -6.59 5.97
C ALA A 58 9.88 -7.53 6.21
N GLY A 59 11.07 -7.09 5.82
CA GLY A 59 12.32 -7.83 5.98
C GLY A 59 12.36 -9.11 5.14
N GLY A 60 12.17 -10.26 5.79
CA GLY A 60 12.14 -11.60 5.18
C GLY A 60 10.73 -12.14 4.87
N HIS A 61 9.69 -11.30 5.01
CA HIS A 61 8.29 -11.68 4.78
C HIS A 61 7.57 -10.65 3.90
N SER A 62 6.90 -11.11 2.84
CA SER A 62 6.23 -10.22 1.86
C SER A 62 4.95 -10.83 1.28
N ALA A 63 3.93 -10.00 1.08
CA ALA A 63 2.60 -10.39 0.58
C ALA A 63 1.86 -9.19 -0.04
N THR A 64 0.85 -9.45 -0.88
CA THR A 64 -0.08 -8.42 -1.39
C THR A 64 -0.72 -7.65 -0.23
N PHE A 65 -0.64 -6.32 -0.23
CA PHE A 65 -1.21 -5.50 0.84
C PHE A 65 -2.61 -5.01 0.46
N PHE A 66 -2.79 -4.48 -0.76
CA PHE A 66 -4.11 -4.17 -1.32
C PHE A 66 -4.09 -3.96 -2.83
N SER A 67 -5.27 -3.91 -3.44
CA SER A 67 -5.42 -3.74 -4.90
C SER A 67 -6.75 -3.08 -5.26
N LEU A 68 -6.69 -2.19 -6.24
CA LEU A 68 -7.80 -1.38 -6.72
C LEU A 68 -7.92 -1.47 -8.24
N GLU A 69 -9.13 -1.20 -8.76
CA GLU A 69 -9.44 -1.35 -10.19
C GLU A 69 -8.89 -0.18 -11.04
N GLU A 70 -8.88 -0.34 -12.36
CA GLU A 70 -8.51 0.72 -13.32
C GLU A 70 -9.35 1.99 -13.13
N GLU A 71 -10.64 1.83 -12.78
CA GLU A 71 -11.56 2.93 -12.46
C GLU A 71 -11.25 3.64 -11.12
N VAL A 72 -10.24 3.19 -10.35
CA VAL A 72 -9.89 3.76 -9.04
C VAL A 72 -8.46 4.30 -9.02
N VAL A 73 -7.67 4.13 -10.10
CA VAL A 73 -6.25 4.57 -10.20
C VAL A 73 -6.08 6.03 -9.78
N ASN A 74 -6.67 6.99 -10.51
CA ASN A 74 -6.56 8.41 -10.20
C ASN A 74 -7.29 8.79 -8.90
N ASN A 75 -8.33 8.04 -8.53
CA ASN A 75 -9.10 8.19 -7.30
C ASN A 75 -8.20 7.97 -6.08
N PHE A 76 -7.47 6.85 -6.05
CA PHE A 76 -6.55 6.48 -4.98
C PHE A 76 -5.43 7.50 -4.83
N VAL A 77 -4.83 7.91 -5.95
CA VAL A 77 -3.76 8.93 -5.97
C VAL A 77 -4.22 10.24 -5.31
N LYS A 78 -5.50 10.59 -5.45
CA LYS A 78 -6.12 11.74 -4.79
C LYS A 78 -6.19 11.56 -3.27
N VAL A 79 -6.85 10.49 -2.77
CA VAL A 79 -7.07 10.30 -1.32
C VAL A 79 -5.76 9.96 -0.57
N MET A 80 -4.76 9.46 -1.27
CA MET A 80 -3.42 9.17 -0.77
C MET A 80 -2.56 10.45 -0.66
N THR A 81 -3.05 11.60 -1.14
CA THR A 81 -2.34 12.89 -1.09
C THR A 81 -3.18 14.06 -0.56
N GLU A 82 -4.51 13.88 -0.44
CA GLU A 82 -5.48 14.88 0.04
C GLU A 82 -6.53 14.30 1.01
N GLY A 83 -6.53 12.98 1.19
CA GLY A 83 -7.51 12.21 1.97
C GLY A 83 -8.87 12.04 1.27
N GLY A 84 -9.60 11.01 1.66
CA GLY A 84 -10.88 10.62 1.05
C GLY A 84 -11.20 9.14 1.22
N SER A 85 -12.25 8.68 0.54
CA SER A 85 -12.88 7.37 0.75
C SER A 85 -13.41 6.73 -0.54
N PHE A 86 -12.69 5.73 -1.06
CA PHE A 86 -12.97 5.00 -2.31
C PHE A 86 -12.82 3.49 -2.09
N LYS A 87 -13.67 2.67 -2.73
CA LYS A 87 -13.61 1.19 -2.64
C LYS A 87 -12.40 0.63 -3.40
N THR A 88 -12.05 -0.62 -3.09
CA THR A 88 -10.92 -1.37 -3.66
C THR A 88 -11.36 -2.75 -4.17
N SER A 89 -10.76 -3.20 -5.27
CA SER A 89 -11.05 -4.48 -5.94
C SER A 89 -10.85 -5.67 -5.02
N LEU A 90 -9.73 -5.66 -4.27
CA LEU A 90 -9.31 -6.71 -3.35
C LEU A 90 -8.38 -6.14 -2.26
N TYR A 91 -8.63 -6.52 -1.01
CA TYR A 91 -7.85 -6.12 0.17
C TYR A 91 -7.44 -7.34 1.00
N TYR A 92 -6.18 -7.77 0.86
CA TYR A 92 -5.59 -8.89 1.61
C TYR A 92 -4.91 -8.46 2.94
N GLY A 93 -4.16 -7.34 2.93
CA GLY A 93 -3.28 -6.88 4.00
C GLY A 93 -2.15 -7.86 4.40
N TYR A 94 -1.41 -7.54 5.46
CA TYR A 94 -0.34 -8.37 6.03
C TYR A 94 -0.81 -9.74 6.55
N LYS A 95 0.13 -10.66 6.83
CA LYS A 95 -0.14 -12.02 7.35
C LYS A 95 -0.92 -12.11 8.67
N GLU A 96 -0.88 -11.05 9.49
CA GLU A 96 -1.62 -10.95 10.76
C GLU A 96 -3.13 -10.75 10.58
N GLU A 97 -3.56 -10.22 9.43
CA GLU A 97 -4.96 -9.98 9.05
C GLU A 97 -5.76 -11.29 8.96
N GLN A 98 -7.05 -11.27 9.32
CA GLN A 98 -7.91 -12.45 9.10
C GLN A 98 -8.27 -12.67 7.62
N SER A 99 -8.38 -11.60 6.82
CA SER A 99 -8.82 -11.69 5.42
C SER A 99 -7.70 -11.99 4.41
N VAL A 100 -6.42 -12.01 4.82
CA VAL A 100 -5.27 -12.38 3.97
C VAL A 100 -5.40 -13.72 3.23
N ILE A 101 -6.24 -14.65 3.72
CA ILE A 101 -6.44 -16.00 3.16
C ILE A 101 -7.01 -15.93 1.72
N ASN A 102 -8.00 -15.06 1.47
CA ASN A 102 -8.73 -14.95 0.19
C ASN A 102 -8.93 -13.50 -0.30
N GLY A 103 -8.70 -12.50 0.55
CA GLY A 103 -9.00 -11.09 0.34
C GLY A 103 -10.48 -10.74 0.55
N ILE A 104 -10.79 -9.43 0.48
CA ILE A 104 -12.14 -8.86 0.56
C ILE A 104 -12.42 -8.11 -0.73
N GLN A 105 -13.40 -8.59 -1.51
CA GLN A 105 -13.84 -7.88 -2.72
C GLN A 105 -14.64 -6.62 -2.37
N ASN A 106 -14.48 -5.57 -3.18
CA ASN A 106 -15.17 -4.28 -3.06
C ASN A 106 -14.93 -3.56 -1.71
N LYS A 107 -13.81 -3.84 -1.01
CA LYS A 107 -13.52 -3.35 0.35
C LYS A 107 -13.41 -1.82 0.38
N GLU A 108 -14.23 -1.19 1.22
CA GLU A 108 -14.23 0.26 1.44
C GLU A 108 -13.01 0.71 2.25
N ILE A 109 -12.24 1.65 1.70
CA ILE A 109 -11.03 2.20 2.32
C ILE A 109 -11.22 3.69 2.53
N ILE A 110 -11.18 4.11 3.80
CA ILE A 110 -11.34 5.51 4.23
C ILE A 110 -9.99 5.99 4.75
N THR A 111 -9.31 6.79 3.93
CA THR A 111 -8.05 7.44 4.29
C THR A 111 -8.27 8.75 5.05
N LYS A 112 -7.30 9.12 5.87
CA LYS A 112 -7.28 10.39 6.65
C LYS A 112 -5.85 10.88 6.87
N ILE A 113 -5.62 12.18 6.69
CA ILE A 113 -4.31 12.82 6.95
C ILE A 113 -4.16 13.08 8.46
N GLU A 114 -3.03 12.69 9.02
CA GLU A 114 -2.63 12.93 10.42
C GLU A 114 -1.10 13.10 10.51
N LYS A 115 -0.63 14.00 11.37
CA LYS A 115 0.80 14.08 11.73
C LYS A 115 1.13 13.08 12.83
N ILE A 116 2.39 12.67 12.89
CA ILE A 116 2.91 11.72 13.91
C ILE A 116 4.13 12.30 14.63
N ASP A 117 5.09 12.86 13.88
CA ASP A 117 6.33 13.43 14.44
C ASP A 117 6.85 14.63 13.61
N GLY A 118 5.96 15.35 12.91
CA GLY A 118 6.31 16.50 12.07
C GLY A 118 6.14 16.25 10.56
N THR A 119 6.17 14.99 10.15
CA THR A 119 5.81 14.56 8.80
C THR A 119 4.30 14.31 8.74
N GLU A 120 3.66 14.68 7.63
CA GLU A 120 2.26 14.34 7.35
C GLU A 120 2.19 12.87 6.91
N TYR A 121 1.40 12.07 7.65
CA TYR A 121 1.09 10.68 7.34
C TYR A 121 -0.36 10.55 6.86
N ILE A 122 -0.66 9.40 6.26
CA ILE A 122 -2.00 8.98 5.87
C ILE A 122 -2.30 7.66 6.58
N THR A 123 -3.46 7.54 7.19
CA THR A 123 -3.90 6.29 7.84
C THR A 123 -5.19 5.80 7.19
N PHE A 124 -5.47 4.50 7.30
CA PHE A 124 -6.64 3.85 6.72
C PHE A 124 -7.06 2.62 7.52
N SER A 125 -8.37 2.43 7.66
CA SER A 125 -8.98 1.29 8.36
C SER A 125 -8.95 0.03 7.49
N GLY A 126 -8.20 -0.99 7.89
CA GLY A 126 -8.11 -2.27 7.20
C GLY A 126 -9.18 -3.28 7.65
N ASP A 127 -9.01 -4.55 7.27
CA ASP A 127 -9.82 -5.65 7.82
C ASP A 127 -9.52 -5.91 9.32
N LYS A 128 -10.32 -6.78 9.96
CA LYS A 128 -10.16 -7.12 11.38
C LYS A 128 -9.07 -8.18 11.59
N ILE A 129 -8.22 -7.98 12.61
CA ILE A 129 -7.25 -8.98 13.06
C ILE A 129 -7.81 -9.91 14.17
N LYS A 130 -7.13 -11.04 14.39
CA LYS A 130 -7.42 -11.99 15.48
C LYS A 130 -6.50 -11.86 16.70
N ASN A 131 -5.37 -11.15 16.55
CA ASN A 131 -4.33 -10.97 17.58
C ASN A 131 -4.51 -9.67 18.39
N SER A 132 -5.72 -9.11 18.44
CA SER A 132 -6.07 -7.89 19.20
C SER A 132 -7.49 -7.88 19.79
N GLY A 133 -8.49 -8.47 19.11
CA GLY A 133 -9.84 -8.69 19.67
C GLY A 133 -10.94 -7.88 18.96
N ASP A 134 -11.32 -8.29 17.74
CA ASP A 134 -12.31 -7.60 16.88
C ASP A 134 -11.93 -6.15 16.55
N LYS A 135 -10.63 -5.86 16.50
CA LYS A 135 -10.07 -4.55 16.15
C LYS A 135 -9.71 -4.57 14.67
N VAL A 136 -9.76 -3.41 14.02
CA VAL A 136 -9.27 -3.24 12.65
C VAL A 136 -7.79 -2.91 12.67
N ALA A 137 -7.02 -3.52 11.77
CA ALA A 137 -5.63 -3.15 11.56
C ALA A 137 -5.58 -1.77 10.89
N GLU A 138 -5.00 -0.80 11.59
CA GLU A 138 -4.72 0.52 11.04
C GLU A 138 -3.21 0.67 10.77
N TYR A 139 -2.90 1.46 9.75
CA TYR A 139 -1.55 1.65 9.23
C TYR A 139 -1.24 3.14 9.02
N ALA A 140 0.01 3.47 8.69
CA ALA A 140 0.43 4.84 8.40
C ALA A 140 1.48 4.85 7.29
N ILE A 141 1.32 5.73 6.29
CA ILE A 141 2.28 5.94 5.21
C ILE A 141 2.63 7.43 5.13
N SER A 142 3.91 7.78 4.91
CA SER A 142 4.35 9.16 4.74
C SER A 142 3.74 9.76 3.47
N LEU A 143 2.64 10.50 3.61
CA LEU A 143 1.97 11.23 2.53
C LEU A 143 2.93 12.18 1.78
N GLU A 144 3.93 12.69 2.49
CA GLU A 144 4.95 13.55 1.88
C GLU A 144 5.95 12.77 0.99
N GLU A 145 6.16 11.47 1.23
CA GLU A 145 6.97 10.59 0.37
C GLU A 145 6.13 9.92 -0.72
N LEU A 146 4.83 9.74 -0.49
CA LEU A 146 3.88 9.27 -1.50
C LEU A 146 3.82 10.24 -2.69
N LYS A 147 3.70 11.55 -2.42
CA LYS A 147 3.64 12.60 -3.46
C LYS A 147 4.81 12.55 -4.44
N LYS A 148 6.01 12.24 -3.94
CA LYS A 148 7.25 12.11 -4.75
C LYS A 148 7.26 10.92 -5.72
N ASN A 149 6.35 9.96 -5.56
CA ASN A 149 6.29 8.72 -6.33
C ASN A 149 4.91 8.48 -7.02
N LEU A 150 3.91 9.33 -6.73
CA LEU A 150 2.54 9.21 -7.22
C LEU A 150 2.29 9.99 -8.52
N LYS A 151 3.09 11.05 -8.73
CA LYS A 151 3.11 11.89 -9.93
C LYS A 151 3.53 11.13 -11.19
N LYS A 1 28.95 -22.33 -37.51
CA LYS A 1 27.46 -22.19 -37.35
C LYS A 1 26.95 -22.43 -35.90
N ILE A 2 27.77 -22.20 -34.87
CA ILE A 2 27.44 -22.41 -33.44
C ILE A 2 27.18 -21.07 -32.71
N HIS A 3 26.69 -21.16 -31.47
CA HIS A 3 26.40 -20.00 -30.62
C HIS A 3 27.04 -20.21 -29.24
N THR A 4 27.90 -19.27 -28.81
CA THR A 4 28.51 -19.27 -27.46
C THR A 4 27.44 -19.05 -26.36
N SER A 5 27.81 -19.38 -25.11
CA SER A 5 26.94 -19.35 -23.91
C SER A 5 25.53 -19.96 -24.10
N TYR A 6 25.41 -20.99 -24.94
CA TYR A 6 24.16 -21.70 -25.24
C TYR A 6 23.47 -22.27 -23.99
N ASP A 7 22.14 -22.35 -24.03
CA ASP A 7 21.33 -22.97 -22.97
C ASP A 7 21.63 -24.48 -22.83
N GLU A 8 21.89 -24.92 -21.60
CA GLU A 8 22.32 -26.28 -21.23
C GLU A 8 21.41 -26.90 -20.14
N GLN A 9 20.12 -26.56 -20.19
CA GLN A 9 19.09 -26.99 -19.23
C GLN A 9 19.33 -26.41 -17.82
N SER A 10 19.55 -25.09 -17.74
CA SER A 10 19.85 -24.34 -16.52
C SER A 10 19.20 -22.94 -16.52
N SER A 11 18.68 -22.50 -15.36
CA SER A 11 18.11 -21.17 -15.15
C SER A 11 19.21 -20.09 -15.01
N GLY A 12 19.26 -19.13 -15.94
CA GLY A 12 20.28 -18.06 -15.96
C GLY A 12 20.42 -17.37 -17.31
N GLU A 13 19.52 -16.43 -17.64
CA GLU A 13 19.60 -15.59 -18.84
C GLU A 13 20.77 -14.58 -18.81
N SER A 14 20.99 -13.85 -19.91
CA SER A 14 21.97 -12.74 -20.05
C SER A 14 21.74 -11.59 -19.05
N LYS A 15 22.73 -10.68 -18.94
CA LYS A 15 22.70 -9.48 -18.06
C LYS A 15 21.73 -8.41 -18.56
N VAL A 16 20.43 -8.66 -18.39
CA VAL A 16 19.29 -7.80 -18.72
C VAL A 16 18.08 -8.24 -17.89
N LYS A 17 17.22 -7.29 -17.53
CA LYS A 17 15.97 -7.49 -16.79
C LYS A 17 14.80 -6.76 -17.49
N LYS A 18 13.58 -7.12 -17.12
CA LYS A 18 12.33 -6.47 -17.60
C LYS A 18 12.20 -5.03 -17.03
N ILE A 19 11.39 -4.19 -17.68
CA ILE A 19 11.18 -2.79 -17.25
C ILE A 19 10.46 -2.70 -15.89
N GLU A 20 11.03 -1.94 -14.95
CA GLU A 20 10.52 -1.78 -13.58
C GLU A 20 10.13 -0.32 -13.26
N PHE A 21 10.03 0.55 -14.26
CA PHE A 21 9.65 1.97 -14.08
C PHE A 21 8.13 2.19 -13.88
N SER A 22 7.35 1.12 -14.07
CA SER A 22 5.89 1.05 -13.82
C SER A 22 5.54 0.67 -12.37
N LYS A 23 6.49 0.75 -11.44
CA LYS A 23 6.28 0.57 -9.99
C LYS A 23 7.19 1.49 -9.17
N PHE A 24 6.88 1.62 -7.89
CA PHE A 24 7.72 2.30 -6.90
C PHE A 24 7.63 1.58 -5.55
N THR A 25 8.50 1.94 -4.59
CA THR A 25 8.46 1.40 -3.23
C THR A 25 8.58 2.54 -2.21
N VAL A 26 7.66 2.57 -1.23
CA VAL A 26 7.64 3.55 -0.12
C VAL A 26 7.60 2.83 1.23
N LYS A 27 7.82 3.59 2.32
CA LYS A 27 7.74 3.10 3.71
C LYS A 27 6.32 2.63 4.04
N ILE A 28 6.18 1.88 5.14
CA ILE A 28 4.89 1.45 5.70
C ILE A 28 5.07 1.09 7.18
N LYS A 29 4.12 1.54 8.01
CA LYS A 29 4.04 1.30 9.45
C LYS A 29 2.68 0.74 9.82
N ASN A 30 2.57 0.15 11.01
CA ASN A 30 1.33 -0.38 11.59
C ASN A 30 1.15 0.09 13.03
N LYS A 31 -0.10 0.10 13.52
CA LYS A 31 -0.38 0.35 14.94
C LYS A 31 -0.11 -0.91 15.76
N ASP A 32 0.79 -0.81 16.73
CA ASP A 32 1.03 -1.85 17.74
C ASP A 32 -0.20 -2.10 18.64
N LYS A 33 -0.11 -3.11 19.51
CA LYS A 33 -1.12 -3.49 20.51
C LYS A 33 -1.51 -2.37 21.50
N SER A 34 -0.72 -1.31 21.57
CA SER A 34 -0.92 -0.16 22.48
C SER A 34 -1.20 1.15 21.73
N GLY A 35 -1.51 1.09 20.43
CA GLY A 35 -1.81 2.29 19.63
C GLY A 35 -0.57 3.12 19.25
N ASN A 36 0.62 2.50 19.28
CA ASN A 36 1.89 3.13 18.91
C ASN A 36 2.23 2.78 17.47
N TRP A 37 2.49 3.78 16.63
CA TRP A 37 2.94 3.57 15.25
C TRP A 37 4.36 2.96 15.23
N THR A 38 4.53 1.83 14.53
CA THR A 38 5.76 1.05 14.48
C THR A 38 6.01 0.52 13.06
N ASP A 39 7.27 0.63 12.61
CA ASP A 39 7.68 0.23 11.25
C ASP A 39 7.34 -1.23 10.93
N LEU A 40 6.73 -1.46 9.76
CA LEU A 40 6.30 -2.78 9.29
C LEU A 40 7.24 -3.33 8.22
N GLY A 41 7.56 -2.51 7.20
CA GLY A 41 8.43 -2.93 6.10
C GLY A 41 8.49 -1.91 4.94
N ASP A 42 8.07 -2.36 3.75
CA ASP A 42 8.02 -1.57 2.53
C ASP A 42 6.75 -1.89 1.72
N LEU A 43 6.25 -0.94 0.94
CA LEU A 43 5.06 -1.08 0.09
C LEU A 43 5.45 -0.92 -1.38
N VAL A 44 5.55 -2.03 -2.09
CA VAL A 44 5.80 -2.10 -3.53
C VAL A 44 4.50 -1.79 -4.29
N VAL A 45 4.33 -0.54 -4.73
CA VAL A 45 3.17 -0.07 -5.49
C VAL A 45 3.36 -0.35 -6.99
N ARG A 46 3.01 -1.57 -7.43
CA ARG A 46 2.95 -1.93 -8.87
C ARG A 46 1.72 -1.31 -9.52
N LYS A 47 1.94 -0.32 -10.40
CA LYS A 47 0.90 0.25 -11.29
C LYS A 47 0.67 -0.70 -12.47
N GLU A 48 -0.26 -1.63 -12.27
CA GLU A 48 -0.74 -2.56 -13.30
C GLU A 48 -1.55 -1.85 -14.41
N GLU A 49 -1.90 -2.58 -15.47
CA GLU A 49 -2.74 -2.08 -16.57
C GLU A 49 -4.18 -1.76 -16.13
N ASN A 50 -4.74 -2.60 -15.26
CA ASN A 50 -6.17 -2.61 -14.88
C ASN A 50 -6.39 -2.31 -13.38
N GLY A 51 -5.61 -1.35 -12.86
CA GLY A 51 -5.63 -0.91 -11.46
C GLY A 51 -4.24 -0.72 -10.84
N ILE A 52 -4.17 -0.71 -9.52
CA ILE A 52 -2.91 -0.75 -8.74
C ILE A 52 -2.91 -1.99 -7.83
N ASP A 53 -1.75 -2.62 -7.68
CA ASP A 53 -1.55 -3.87 -6.93
C ASP A 53 -0.35 -3.76 -5.98
N THR A 54 -0.60 -3.35 -4.74
CA THR A 54 0.45 -3.07 -3.75
C THR A 54 0.91 -4.34 -3.02
N GLY A 55 2.19 -4.38 -2.59
CA GLY A 55 2.76 -5.55 -1.92
C GLY A 55 3.71 -5.19 -0.77
N LEU A 56 3.37 -5.65 0.43
CA LEU A 56 4.11 -5.48 1.67
C LEU A 56 5.38 -6.35 1.64
N ASN A 57 6.48 -5.80 2.16
CA ASN A 57 7.80 -6.42 2.23
C ASN A 57 8.43 -6.23 3.63
N ALA A 58 7.98 -7.04 4.60
CA ALA A 58 8.43 -6.97 6.00
C ALA A 58 9.62 -7.90 6.24
N GLY A 59 10.83 -7.41 5.98
CA GLY A 59 12.08 -8.16 6.12
C GLY A 59 12.16 -9.37 5.17
N GLY A 60 11.86 -10.56 5.70
CA GLY A 60 11.81 -11.83 4.97
C GLY A 60 10.39 -12.40 4.76
N HIS A 61 9.35 -11.58 4.96
CA HIS A 61 7.95 -11.99 4.92
C HIS A 61 7.09 -11.03 4.05
N SER A 62 7.26 -11.11 2.74
CA SER A 62 6.50 -10.31 1.76
C SER A 62 5.17 -10.95 1.33
N ALA A 63 4.17 -10.12 1.00
CA ALA A 63 2.84 -10.54 0.52
C ALA A 63 2.04 -9.35 -0.07
N THR A 64 1.05 -9.63 -0.92
CA THR A 64 0.08 -8.63 -1.44
C THR A 64 -0.60 -7.89 -0.28
N PHE A 65 -0.53 -6.56 -0.25
CA PHE A 65 -1.12 -5.75 0.82
C PHE A 65 -2.55 -5.33 0.47
N PHE A 66 -2.75 -4.73 -0.71
CA PHE A 66 -4.08 -4.43 -1.26
C PHE A 66 -4.03 -4.10 -2.76
N SER A 67 -5.15 -4.36 -3.47
CA SER A 67 -5.28 -4.18 -4.91
C SER A 67 -6.63 -3.61 -5.31
N LEU A 68 -6.58 -2.54 -6.11
CA LEU A 68 -7.72 -1.71 -6.52
C LEU A 68 -7.91 -1.75 -8.04
N GLU A 69 -9.08 -1.31 -8.49
CA GLU A 69 -9.49 -1.35 -9.90
C GLU A 69 -8.89 -0.20 -10.72
N GLU A 70 -8.89 -0.32 -12.05
CA GLU A 70 -8.50 0.75 -12.98
C GLU A 70 -9.31 2.05 -12.78
N GLU A 71 -10.59 1.93 -12.39
CA GLU A 71 -11.44 3.08 -12.07
C GLU A 71 -11.04 3.80 -10.76
N VAL A 72 -10.10 3.24 -9.98
CA VAL A 72 -9.76 3.73 -8.63
C VAL A 72 -8.35 4.28 -8.56
N VAL A 73 -7.49 4.02 -9.56
CA VAL A 73 -6.11 4.54 -9.64
C VAL A 73 -6.07 6.04 -9.39
N ASN A 74 -6.84 6.81 -10.17
CA ASN A 74 -6.90 8.27 -10.06
C ASN A 74 -7.49 8.74 -8.71
N ASN A 75 -8.44 7.98 -8.15
CA ASN A 75 -9.05 8.28 -6.86
C ASN A 75 -8.05 8.05 -5.71
N PHE A 76 -7.29 6.96 -5.76
CA PHE A 76 -6.24 6.63 -4.80
C PHE A 76 -5.18 7.74 -4.77
N VAL A 77 -4.73 8.18 -5.95
CA VAL A 77 -3.77 9.29 -6.11
C VAL A 77 -4.26 10.56 -5.40
N LYS A 78 -5.58 10.82 -5.44
CA LYS A 78 -6.25 11.95 -4.76
C LYS A 78 -6.28 11.78 -3.24
N VAL A 79 -6.86 10.68 -2.74
CA VAL A 79 -7.06 10.44 -1.28
C VAL A 79 -5.75 10.15 -0.54
N MET A 80 -4.64 9.97 -1.26
CA MET A 80 -3.30 9.73 -0.74
C MET A 80 -2.49 11.05 -0.62
N THR A 81 -3.05 12.17 -1.10
CA THR A 81 -2.41 13.50 -1.02
C THR A 81 -3.34 14.58 -0.44
N GLU A 82 -4.66 14.29 -0.37
CA GLU A 82 -5.70 15.18 0.21
C GLU A 82 -6.67 14.46 1.19
N GLY A 83 -6.61 13.12 1.27
CA GLY A 83 -7.54 12.28 2.05
C GLY A 83 -8.91 12.09 1.39
N GLY A 84 -9.62 11.02 1.75
CA GLY A 84 -10.90 10.64 1.14
C GLY A 84 -11.26 9.17 1.34
N SER A 85 -12.06 8.61 0.44
CA SER A 85 -12.42 7.18 0.43
C SER A 85 -12.59 6.62 -1.00
N PHE A 86 -12.33 5.32 -1.14
CA PHE A 86 -12.51 4.51 -2.36
C PHE A 86 -12.88 3.04 -2.04
N LYS A 87 -13.03 2.20 -3.08
CA LYS A 87 -13.19 0.73 -2.95
C LYS A 87 -12.03 -0.03 -3.61
N THR A 88 -11.77 -1.26 -3.18
CA THR A 88 -10.68 -2.11 -3.72
C THR A 88 -11.20 -3.48 -4.18
N SER A 89 -10.83 -3.90 -5.40
CA SER A 89 -11.14 -5.23 -5.95
C SER A 89 -10.75 -6.38 -5.01
N LEU A 90 -9.61 -6.25 -4.31
CA LEU A 90 -9.14 -7.17 -3.27
C LEU A 90 -8.35 -6.46 -2.16
N TYR A 91 -8.55 -6.89 -0.92
CA TYR A 91 -7.84 -6.38 0.26
C TYR A 91 -7.42 -7.53 1.18
N TYR A 92 -6.18 -8.02 1.00
CA TYR A 92 -5.61 -9.11 1.82
C TYR A 92 -5.05 -8.61 3.17
N GLY A 93 -4.24 -7.56 3.16
CA GLY A 93 -3.43 -7.10 4.31
C GLY A 93 -2.18 -7.96 4.58
N TYR A 94 -1.38 -7.57 5.59
CA TYR A 94 -0.27 -8.37 6.12
C TYR A 94 -0.75 -9.70 6.75
N LYS A 95 0.16 -10.66 7.01
CA LYS A 95 -0.18 -11.99 7.56
C LYS A 95 -0.91 -11.95 8.92
N GLU A 96 -0.72 -10.90 9.71
CA GLU A 96 -1.37 -10.68 11.01
C GLU A 96 -2.85 -10.20 10.87
N GLU A 97 -3.63 -10.82 9.98
CA GLU A 97 -5.00 -10.46 9.59
C GLU A 97 -5.93 -11.68 9.52
N GLN A 98 -7.24 -11.43 9.45
CA GLN A 98 -8.26 -12.45 9.17
C GLN A 98 -8.51 -12.59 7.66
N SER A 99 -8.59 -11.47 6.92
CA SER A 99 -8.78 -11.48 5.45
C SER A 99 -7.67 -12.20 4.68
N VAL A 100 -6.40 -12.02 5.04
CA VAL A 100 -5.22 -12.47 4.26
C VAL A 100 -5.23 -13.94 3.79
N ILE A 101 -5.99 -14.79 4.50
CA ILE A 101 -6.25 -16.20 4.17
C ILE A 101 -6.98 -16.38 2.81
N ASN A 102 -7.88 -15.45 2.44
CA ASN A 102 -8.79 -15.56 1.29
C ASN A 102 -8.97 -14.23 0.51
N GLY A 103 -9.05 -13.10 1.21
CA GLY A 103 -9.28 -11.75 0.68
C GLY A 103 -10.72 -11.23 0.90
N ILE A 104 -10.90 -9.92 0.69
CA ILE A 104 -12.21 -9.22 0.71
C ILE A 104 -12.40 -8.50 -0.63
N GLN A 105 -13.46 -8.84 -1.35
CA GLN A 105 -13.82 -8.15 -2.59
C GLN A 105 -14.61 -6.87 -2.32
N ASN A 106 -14.39 -5.85 -3.16
CA ASN A 106 -15.05 -4.53 -3.16
C ASN A 106 -14.90 -3.76 -1.82
N LYS A 107 -13.85 -4.06 -1.04
CA LYS A 107 -13.63 -3.53 0.32
C LYS A 107 -13.52 -2.00 0.31
N GLU A 108 -14.33 -1.32 1.11
CA GLU A 108 -14.27 0.14 1.26
C GLU A 108 -13.08 0.56 2.13
N ILE A 109 -12.25 1.46 1.60
CA ILE A 109 -11.05 2.00 2.22
C ILE A 109 -11.19 3.52 2.36
N ILE A 110 -11.12 3.98 3.60
CA ILE A 110 -11.25 5.40 3.98
C ILE A 110 -9.92 5.87 4.56
N THR A 111 -9.19 6.66 3.77
CA THR A 111 -7.94 7.30 4.21
C THR A 111 -8.18 8.55 5.04
N LYS A 112 -7.16 8.98 5.80
CA LYS A 112 -7.14 10.26 6.54
C LYS A 112 -5.69 10.75 6.70
N ILE A 113 -5.49 12.06 6.60
CA ILE A 113 -4.18 12.69 6.87
C ILE A 113 -4.02 12.90 8.38
N GLU A 114 -2.88 12.51 8.92
CA GLU A 114 -2.48 12.72 10.32
C GLU A 114 -1.00 13.10 10.40
N LYS A 115 -0.70 14.28 10.95
CA LYS A 115 0.69 14.67 11.28
C LYS A 115 1.15 13.88 12.51
N ILE A 116 2.20 13.08 12.33
CA ILE A 116 2.86 12.31 13.39
C ILE A 116 4.18 13.04 13.72
N ASP A 117 4.14 13.84 14.78
CA ASP A 117 5.24 14.69 15.28
C ASP A 117 5.77 15.77 14.30
N GLY A 118 5.06 16.03 13.19
CA GLY A 118 5.40 17.06 12.19
C GLY A 118 5.39 16.54 10.75
N THR A 119 5.79 15.28 10.55
CA THR A 119 5.67 14.56 9.27
C THR A 119 4.21 14.22 9.01
N GLU A 120 3.68 14.60 7.85
CA GLU A 120 2.33 14.22 7.44
C GLU A 120 2.33 12.75 6.99
N TYR A 121 1.55 11.91 7.68
CA TYR A 121 1.26 10.53 7.30
C TYR A 121 -0.18 10.42 6.81
N ILE A 122 -0.47 9.29 6.16
CA ILE A 122 -1.81 8.86 5.79
C ILE A 122 -2.11 7.56 6.53
N THR A 123 -3.31 7.39 7.08
CA THR A 123 -3.77 6.12 7.67
C THR A 123 -5.07 5.68 7.03
N PHE A 124 -5.37 4.38 7.08
CA PHE A 124 -6.58 3.80 6.49
C PHE A 124 -7.04 2.57 7.29
N SER A 125 -8.35 2.47 7.54
CA SER A 125 -8.96 1.28 8.14
C SER A 125 -8.95 0.11 7.15
N GLY A 126 -8.42 -1.02 7.61
CA GLY A 126 -8.38 -2.30 6.89
C GLY A 126 -9.46 -3.27 7.39
N ASP A 127 -9.22 -4.57 7.24
CA ASP A 127 -10.05 -5.61 7.85
C ASP A 127 -9.87 -5.66 9.40
N LYS A 128 -10.74 -6.43 10.07
CA LYS A 128 -10.70 -6.67 11.52
C LYS A 128 -9.82 -7.88 11.86
N ILE A 129 -8.67 -7.64 12.52
CA ILE A 129 -7.75 -8.70 12.96
C ILE A 129 -8.34 -9.55 14.09
N LYS A 130 -7.77 -10.74 14.33
CA LYS A 130 -8.10 -11.60 15.50
C LYS A 130 -7.07 -11.49 16.64
N ASN A 131 -5.83 -11.08 16.33
CA ASN A 131 -4.74 -10.87 17.29
C ASN A 131 -4.95 -9.72 18.30
N SER A 132 -6.01 -8.91 18.12
CA SER A 132 -6.36 -7.76 19.00
C SER A 132 -7.79 -7.84 19.55
N GLY A 133 -8.74 -8.45 18.82
CA GLY A 133 -10.08 -8.80 19.30
C GLY A 133 -11.17 -8.54 18.26
N ASP A 134 -11.56 -7.26 18.12
CA ASP A 134 -12.57 -6.71 17.19
C ASP A 134 -12.12 -5.34 16.64
N LYS A 135 -10.81 -5.07 16.67
CA LYS A 135 -10.21 -3.82 16.19
C LYS A 135 -9.93 -3.94 14.69
N VAL A 136 -9.63 -2.82 14.05
CA VAL A 136 -9.24 -2.79 12.62
C VAL A 136 -7.73 -2.67 12.48
N ALA A 137 -7.14 -3.40 11.53
CA ALA A 137 -5.73 -3.25 11.18
C ALA A 137 -5.53 -1.85 10.58
N GLU A 138 -4.94 -0.93 11.35
CA GLU A 138 -4.60 0.41 10.89
C GLU A 138 -3.09 0.54 10.65
N TYR A 139 -2.77 1.33 9.63
CA TYR A 139 -1.44 1.48 9.05
C TYR A 139 -1.10 2.95 8.84
N ALA A 140 0.17 3.27 8.56
CA ALA A 140 0.58 4.64 8.29
C ALA A 140 1.65 4.67 7.21
N ILE A 141 1.51 5.60 6.25
CA ILE A 141 2.48 5.80 5.16
C ILE A 141 2.84 7.29 5.08
N SER A 142 4.12 7.63 4.85
CA SER A 142 4.58 9.01 4.68
C SER A 142 3.94 9.63 3.45
N LEU A 143 2.83 10.36 3.63
CA LEU A 143 2.14 11.10 2.57
C LEU A 143 3.10 12.04 1.83
N GLU A 144 4.09 12.58 2.54
CA GLU A 144 5.10 13.45 1.94
C GLU A 144 6.04 12.72 0.96
N GLU A 145 6.25 11.41 1.14
CA GLU A 145 7.01 10.56 0.19
C GLU A 145 6.10 10.00 -0.92
N LEU A 146 4.81 9.76 -0.62
CA LEU A 146 3.81 9.33 -1.60
C LEU A 146 3.61 10.39 -2.68
N LYS A 147 3.52 11.68 -2.31
CA LYS A 147 3.42 12.81 -3.25
C LYS A 147 4.51 12.78 -4.33
N LYS A 148 5.75 12.46 -3.97
CA LYS A 148 6.91 12.38 -4.89
C LYS A 148 6.84 11.25 -5.92
N ASN A 149 6.01 10.23 -5.65
CA ASN A 149 5.83 9.04 -6.49
C ASN A 149 4.45 9.00 -7.18
N LEU A 150 3.64 10.05 -6.97
CA LEU A 150 2.26 10.18 -7.48
C LEU A 150 2.09 11.28 -8.55
N LYS A 151 3.06 12.21 -8.63
CA LYS A 151 3.17 13.25 -9.67
C LYS A 151 3.19 12.69 -11.10
N LYS A 1 41.61 31.85 -8.79
CA LYS A 1 42.70 30.88 -9.10
C LYS A 1 42.21 29.56 -9.75
N ILE A 2 41.12 29.58 -10.54
CA ILE A 2 40.65 28.39 -11.30
C ILE A 2 41.62 27.99 -12.42
N HIS A 3 41.69 26.70 -12.74
CA HIS A 3 42.47 26.15 -13.85
C HIS A 3 41.85 24.85 -14.40
N THR A 4 42.25 24.46 -15.61
CA THR A 4 41.84 23.22 -16.30
C THR A 4 42.90 22.78 -17.32
N SER A 5 42.82 21.53 -17.77
CA SER A 5 43.77 20.87 -18.69
C SER A 5 43.00 20.25 -19.89
N TYR A 6 42.14 21.08 -20.50
CA TYR A 6 41.25 20.73 -21.62
C TYR A 6 40.14 19.73 -21.27
N ASP A 7 39.74 19.68 -19.99
CA ASP A 7 38.62 18.85 -19.47
C ASP A 7 37.25 19.55 -19.61
N GLU A 8 36.19 18.75 -19.78
CA GLU A 8 34.78 19.17 -19.83
C GLU A 8 33.86 18.01 -19.40
N GLN A 9 32.81 18.31 -18.62
CA GLN A 9 31.81 17.34 -18.15
C GLN A 9 30.50 17.45 -18.95
N SER A 10 30.52 16.97 -20.19
CA SER A 10 29.36 16.89 -21.10
C SER A 10 28.24 16.00 -20.54
N SER A 11 27.17 16.61 -20.01
CA SER A 11 25.97 15.96 -19.44
C SER A 11 25.00 15.42 -20.51
N GLY A 12 25.49 14.51 -21.35
CA GLY A 12 24.78 13.92 -22.49
C GLY A 12 23.82 12.78 -22.11
N GLU A 13 22.65 13.11 -21.55
CA GLU A 13 21.58 12.17 -21.18
C GLU A 13 20.42 12.14 -22.20
N SER A 14 19.67 11.03 -22.21
CA SER A 14 18.50 10.79 -23.08
C SER A 14 17.52 9.77 -22.46
N LYS A 15 16.41 9.47 -23.17
CA LYS A 15 15.30 8.61 -22.73
C LYS A 15 15.28 7.28 -23.52
N VAL A 16 16.42 6.57 -23.50
CA VAL A 16 16.68 5.33 -24.26
C VAL A 16 17.32 4.26 -23.35
N LYS A 17 16.61 3.94 -22.25
CA LYS A 17 16.94 2.90 -21.25
C LYS A 17 15.68 2.20 -20.72
N LYS A 18 15.88 1.12 -19.94
CA LYS A 18 14.84 0.37 -19.21
C LYS A 18 13.99 1.32 -18.34
N ILE A 19 12.68 1.07 -18.26
CA ILE A 19 11.74 1.87 -17.46
C ILE A 19 12.03 1.74 -15.95
N GLU A 20 11.99 2.87 -15.24
CA GLU A 20 12.21 2.95 -13.78
C GLU A 20 10.96 3.44 -13.01
N PHE A 21 9.94 3.98 -13.71
CA PHE A 21 8.68 4.47 -13.10
C PHE A 21 7.56 3.41 -13.04
N SER A 22 7.78 2.24 -13.64
CA SER A 22 6.83 1.11 -13.74
C SER A 22 6.35 0.62 -12.36
N LYS A 23 7.25 0.69 -11.37
CA LYS A 23 6.97 0.49 -9.94
C LYS A 23 7.84 1.40 -9.08
N PHE A 24 7.44 1.57 -7.82
CA PHE A 24 8.19 2.29 -6.79
C PHE A 24 7.97 1.65 -5.42
N THR A 25 8.81 1.99 -4.44
CA THR A 25 8.71 1.44 -3.08
C THR A 25 8.78 2.57 -2.05
N VAL A 26 7.77 2.63 -1.16
CA VAL A 26 7.68 3.60 -0.06
C VAL A 26 7.65 2.88 1.29
N LYS A 27 7.86 3.64 2.37
CA LYS A 27 7.85 3.14 3.75
C LYS A 27 6.44 2.70 4.17
N ILE A 28 6.34 1.90 5.23
CA ILE A 28 5.07 1.46 5.84
C ILE A 28 5.28 1.14 7.31
N LYS A 29 4.34 1.61 8.12
CA LYS A 29 4.29 1.45 9.57
C LYS A 29 2.93 0.87 9.98
N ASN A 30 2.87 0.31 11.19
CA ASN A 30 1.68 -0.27 11.78
C ASN A 30 1.49 0.24 13.22
N LYS A 31 0.25 0.24 13.72
CA LYS A 31 -0.01 0.47 15.13
C LYS A 31 0.33 -0.79 15.94
N ASP A 32 1.19 -0.64 16.94
CA ASP A 32 1.47 -1.67 17.93
C ASP A 32 0.25 -1.93 18.83
N LYS A 33 0.37 -2.93 19.72
CA LYS A 33 -0.62 -3.35 20.72
C LYS A 33 -0.99 -2.27 21.75
N SER A 34 -0.26 -1.16 21.78
CA SER A 34 -0.49 -0.02 22.69
C SER A 34 -0.85 1.28 21.93
N GLY A 35 -1.17 1.21 20.63
CA GLY A 35 -1.52 2.39 19.84
C GLY A 35 -0.33 3.28 19.44
N ASN A 36 0.89 2.73 19.48
CA ASN A 36 2.12 3.40 19.07
C ASN A 36 2.46 3.04 17.62
N TRP A 37 2.71 4.03 16.76
CA TRP A 37 3.19 3.77 15.40
C TRP A 37 4.61 3.20 15.41
N THR A 38 4.82 2.07 14.73
CA THR A 38 6.08 1.31 14.69
C THR A 38 6.35 0.82 13.26
N ASP A 39 7.61 0.73 12.84
CA ASP A 39 7.98 0.34 11.47
C ASP A 39 7.60 -1.12 11.17
N LEU A 40 7.04 -1.38 9.97
CA LEU A 40 6.61 -2.72 9.54
C LEU A 40 7.49 -3.28 8.41
N GLY A 41 7.77 -2.47 7.38
CA GLY A 41 8.50 -2.93 6.20
C GLY A 41 8.63 -1.90 5.09
N ASP A 42 8.34 -2.36 3.87
CA ASP A 42 8.27 -1.56 2.63
C ASP A 42 7.00 -1.88 1.84
N LEU A 43 6.51 -0.97 0.99
CA LEU A 43 5.34 -1.14 0.13
C LEU A 43 5.71 -0.92 -1.34
N VAL A 44 5.82 -2.01 -2.10
CA VAL A 44 6.11 -2.03 -3.54
C VAL A 44 4.82 -1.76 -4.32
N VAL A 45 4.61 -0.51 -4.74
CA VAL A 45 3.49 -0.10 -5.59
C VAL A 45 3.84 -0.37 -7.07
N ARG A 46 3.08 -1.23 -7.73
CA ARG A 46 3.23 -1.66 -9.13
C ARG A 46 2.04 -1.17 -9.97
N LYS A 47 2.33 -0.51 -11.09
CA LYS A 47 1.34 -0.06 -12.08
C LYS A 47 1.00 -1.20 -13.05
N GLU A 48 0.09 -2.08 -12.64
CA GLU A 48 -0.51 -3.11 -13.50
C GLU A 48 -1.39 -2.50 -14.63
N GLU A 49 -1.84 -3.33 -15.57
CA GLU A 49 -2.61 -2.91 -16.75
C GLU A 49 -4.03 -2.40 -16.41
N ASN A 50 -4.66 -2.94 -15.36
CA ASN A 50 -6.09 -2.75 -15.04
C ASN A 50 -6.30 -2.26 -13.59
N GLY A 51 -5.53 -1.25 -13.19
CA GLY A 51 -5.56 -0.65 -11.85
C GLY A 51 -4.19 -0.47 -11.21
N ILE A 52 -4.15 -0.43 -9.89
CA ILE A 52 -2.91 -0.37 -9.09
C ILE A 52 -2.87 -1.56 -8.11
N ASP A 53 -1.69 -2.17 -8.01
CA ASP A 53 -1.38 -3.24 -7.06
C ASP A 53 -0.26 -2.79 -6.13
N THR A 54 -0.34 -3.19 -4.86
CA THR A 54 0.65 -2.82 -3.85
C THR A 54 1.05 -4.05 -3.03
N GLY A 55 2.34 -4.17 -2.71
CA GLY A 55 2.90 -5.38 -2.13
C GLY A 55 3.83 -5.07 -0.97
N LEU A 56 3.36 -5.37 0.23
CA LEU A 56 4.10 -5.26 1.47
C LEU A 56 5.30 -6.22 1.46
N ASN A 57 6.40 -5.77 2.06
CA ASN A 57 7.66 -6.47 2.21
C ASN A 57 8.17 -6.31 3.67
N ALA A 58 7.47 -6.97 4.60
CA ALA A 58 7.76 -6.90 6.04
C ALA A 58 8.84 -7.91 6.46
N GLY A 59 10.10 -7.56 6.18
CA GLY A 59 11.29 -8.32 6.55
C GLY A 59 11.54 -9.55 5.67
N GLY A 60 10.83 -10.64 5.99
CA GLY A 60 10.88 -11.93 5.27
C GLY A 60 9.48 -12.52 5.03
N HIS A 61 8.45 -11.67 4.99
CA HIS A 61 7.04 -12.05 4.91
C HIS A 61 6.30 -11.17 3.88
N SER A 62 6.85 -11.04 2.67
CA SER A 62 6.25 -10.27 1.59
C SER A 62 4.92 -10.86 1.10
N ALA A 63 3.96 -9.97 0.78
CA ALA A 63 2.60 -10.30 0.33
C ALA A 63 1.90 -9.11 -0.33
N THR A 64 0.88 -9.35 -1.15
CA THR A 64 -0.01 -8.29 -1.67
C THR A 64 -0.67 -7.57 -0.47
N PHE A 65 -0.43 -6.26 -0.32
CA PHE A 65 -1.02 -5.48 0.77
C PHE A 65 -2.44 -5.05 0.38
N PHE A 66 -2.61 -4.49 -0.82
CA PHE A 66 -3.94 -4.21 -1.41
C PHE A 66 -3.87 -3.93 -2.92
N SER A 67 -5.02 -4.04 -3.60
CA SER A 67 -5.17 -3.75 -5.04
C SER A 67 -6.55 -3.18 -5.39
N LEU A 68 -6.56 -2.34 -6.42
CA LEU A 68 -7.74 -1.60 -6.88
C LEU A 68 -7.85 -1.65 -8.41
N GLU A 69 -9.06 -1.37 -8.92
CA GLU A 69 -9.37 -1.45 -10.36
C GLU A 69 -8.89 -0.22 -11.13
N GLU A 70 -8.86 -0.30 -12.47
CA GLU A 70 -8.56 0.83 -13.37
C GLU A 70 -9.46 2.05 -13.11
N GLU A 71 -10.72 1.81 -12.76
CA GLU A 71 -11.70 2.84 -12.38
C GLU A 71 -11.38 3.56 -11.05
N VAL A 72 -10.33 3.14 -10.32
CA VAL A 72 -9.97 3.67 -9.00
C VAL A 72 -8.55 4.27 -9.00
N VAL A 73 -7.79 4.18 -10.11
CA VAL A 73 -6.40 4.68 -10.23
C VAL A 73 -6.30 6.14 -9.78
N ASN A 74 -6.95 7.07 -10.50
CA ASN A 74 -6.91 8.50 -10.20
C ASN A 74 -7.65 8.86 -8.90
N ASN A 75 -8.61 8.03 -8.48
CA ASN A 75 -9.31 8.11 -7.21
C ASN A 75 -8.32 7.89 -6.04
N PHE A 76 -7.53 6.82 -6.10
CA PHE A 76 -6.52 6.47 -5.10
C PHE A 76 -5.46 7.55 -4.98
N VAL A 77 -5.00 8.08 -6.11
CA VAL A 77 -4.00 9.16 -6.16
C VAL A 77 -4.47 10.38 -5.35
N LYS A 78 -5.79 10.65 -5.36
CA LYS A 78 -6.43 11.72 -4.58
C LYS A 78 -6.45 11.44 -3.07
N VAL A 79 -6.97 10.29 -2.64
CA VAL A 79 -7.12 9.96 -1.21
C VAL A 79 -5.79 9.61 -0.52
N MET A 80 -4.70 9.50 -1.28
CA MET A 80 -3.35 9.24 -0.81
C MET A 80 -2.52 10.54 -0.68
N THR A 81 -3.08 11.70 -1.09
CA THR A 81 -2.43 13.02 -1.00
C THR A 81 -3.33 14.11 -0.41
N GLU A 82 -4.65 13.87 -0.36
CA GLU A 82 -5.68 14.76 0.21
C GLU A 82 -6.67 14.04 1.16
N GLY A 83 -6.65 12.71 1.19
CA GLY A 83 -7.54 11.87 2.01
C GLY A 83 -8.94 11.68 1.41
N GLY A 84 -9.61 10.59 1.78
CA GLY A 84 -10.94 10.24 1.24
C GLY A 84 -11.35 8.79 1.50
N SER A 85 -12.30 8.30 0.70
CA SER A 85 -13.01 7.04 0.96
C SER A 85 -13.55 6.37 -0.31
N PHE A 86 -12.73 5.53 -0.95
CA PHE A 86 -13.02 4.82 -2.20
C PHE A 86 -12.84 3.29 -2.01
N LYS A 87 -13.72 2.49 -2.63
CA LYS A 87 -13.66 1.01 -2.57
C LYS A 87 -12.45 0.47 -3.35
N THR A 88 -12.09 -0.78 -3.06
CA THR A 88 -10.96 -1.50 -3.66
C THR A 88 -11.38 -2.89 -4.17
N SER A 89 -10.74 -3.36 -5.25
CA SER A 89 -11.06 -4.65 -5.89
C SER A 89 -10.73 -5.83 -4.97
N LEU A 90 -9.60 -5.72 -4.27
CA LEU A 90 -9.10 -6.72 -3.32
C LEU A 90 -8.27 -6.06 -2.20
N TYR A 91 -8.49 -6.52 -0.97
CA TYR A 91 -7.76 -6.05 0.22
C TYR A 91 -7.40 -7.23 1.14
N TYR A 92 -6.14 -7.67 1.06
CA TYR A 92 -5.59 -8.78 1.88
C TYR A 92 -4.87 -8.32 3.17
N GLY A 93 -4.12 -7.20 3.13
CA GLY A 93 -3.25 -6.73 4.23
C GLY A 93 -2.10 -7.66 4.63
N TYR A 94 -1.44 -7.36 5.75
CA TYR A 94 -0.45 -8.25 6.40
C TYR A 94 -1.11 -9.48 7.06
N LYS A 95 -0.31 -10.51 7.43
CA LYS A 95 -0.77 -11.77 8.04
C LYS A 95 -1.65 -11.63 9.28
N GLU A 96 -1.49 -10.55 10.04
CA GLU A 96 -2.35 -10.22 11.20
C GLU A 96 -3.85 -10.18 10.84
N GLU A 97 -4.19 -9.70 9.63
CA GLU A 97 -5.58 -9.65 9.14
C GLU A 97 -6.17 -11.05 8.88
N GLN A 98 -7.39 -11.29 9.36
CA GLN A 98 -8.13 -12.54 9.18
C GLN A 98 -8.32 -12.92 7.70
N SER A 99 -8.51 -11.92 6.82
CA SER A 99 -8.78 -12.11 5.39
C SER A 99 -7.55 -12.11 4.47
N VAL A 100 -6.33 -12.29 5.01
CA VAL A 100 -5.06 -12.26 4.24
C VAL A 100 -4.92 -13.32 3.12
N ILE A 101 -5.74 -14.39 3.14
CA ILE A 101 -5.69 -15.47 2.13
C ILE A 101 -6.96 -15.48 1.26
N ASN A 102 -8.13 -15.40 1.89
CA ASN A 102 -9.42 -15.33 1.19
C ASN A 102 -9.64 -13.97 0.49
N GLY A 103 -8.92 -12.93 0.92
CA GLY A 103 -9.11 -11.53 0.53
C GLY A 103 -10.48 -10.97 0.91
N ILE A 104 -10.74 -9.73 0.48
CA ILE A 104 -12.03 -9.04 0.66
C ILE A 104 -12.31 -8.25 -0.62
N GLN A 105 -13.19 -8.79 -1.46
CA GLN A 105 -13.66 -8.08 -2.64
C GLN A 105 -14.54 -6.89 -2.27
N ASN A 106 -14.44 -5.81 -3.05
CA ASN A 106 -15.20 -4.56 -2.90
C ASN A 106 -14.96 -3.85 -1.54
N LYS A 107 -13.84 -4.15 -0.84
CA LYS A 107 -13.50 -3.58 0.46
C LYS A 107 -13.49 -2.04 0.42
N GLU A 108 -14.28 -1.43 1.30
CA GLU A 108 -14.26 0.00 1.55
C GLU A 108 -12.98 0.39 2.31
N ILE A 109 -12.24 1.37 1.79
CA ILE A 109 -11.00 1.89 2.38
C ILE A 109 -11.16 3.38 2.61
N ILE A 110 -11.07 3.78 3.89
CA ILE A 110 -11.23 5.15 4.36
C ILE A 110 -9.87 5.64 4.84
N THR A 111 -9.18 6.40 3.98
CA THR A 111 -7.91 7.03 4.34
C THR A 111 -8.14 8.33 5.12
N LYS A 112 -7.15 8.75 5.89
CA LYS A 112 -7.15 10.02 6.65
C LYS A 112 -5.72 10.55 6.84
N ILE A 113 -5.54 11.85 6.67
CA ILE A 113 -4.24 12.52 6.90
C ILE A 113 -4.08 12.76 8.41
N GLU A 114 -2.90 12.41 8.94
CA GLU A 114 -2.49 12.65 10.32
C GLU A 114 -1.02 13.09 10.37
N LYS A 115 -0.76 14.28 10.93
CA LYS A 115 0.61 14.72 11.25
C LYS A 115 1.13 13.98 12.48
N ILE A 116 2.17 13.18 12.27
CA ILE A 116 2.88 12.44 13.33
C ILE A 116 4.18 13.22 13.62
N ASP A 117 4.13 14.05 14.66
CA ASP A 117 5.21 14.95 15.13
C ASP A 117 5.69 16.01 14.11
N GLY A 118 4.95 16.24 13.02
CA GLY A 118 5.23 17.26 12.00
C GLY A 118 5.24 16.72 10.57
N THR A 119 5.66 15.46 10.40
CA THR A 119 5.57 14.71 9.12
C THR A 119 4.12 14.32 8.88
N GLU A 120 3.57 14.67 7.72
CA GLU A 120 2.22 14.26 7.32
C GLU A 120 2.24 12.79 6.89
N TYR A 121 1.51 11.94 7.60
CA TYR A 121 1.25 10.54 7.24
C TYR A 121 -0.20 10.37 6.78
N ILE A 122 -0.48 9.23 6.16
CA ILE A 122 -1.81 8.76 5.81
C ILE A 122 -2.07 7.45 6.56
N THR A 123 -3.26 7.26 7.11
CA THR A 123 -3.67 6.00 7.76
C THR A 123 -4.97 5.50 7.15
N PHE A 124 -5.23 4.20 7.24
CA PHE A 124 -6.40 3.54 6.66
C PHE A 124 -6.81 2.30 7.47
N SER A 125 -8.12 2.16 7.69
CA SER A 125 -8.72 1.04 8.42
C SER A 125 -8.80 -0.21 7.54
N GLY A 126 -8.13 -1.29 7.95
CA GLY A 126 -8.12 -2.58 7.27
C GLY A 126 -9.21 -3.53 7.76
N ASP A 127 -8.98 -4.83 7.57
CA ASP A 127 -9.81 -5.90 8.12
C ASP A 127 -9.74 -5.98 9.67
N LYS A 128 -10.73 -6.65 10.29
CA LYS A 128 -10.76 -6.93 11.73
C LYS A 128 -9.83 -8.09 12.07
N ILE A 129 -8.72 -7.82 12.77
CA ILE A 129 -7.80 -8.87 13.22
C ILE A 129 -8.43 -9.76 14.30
N LYS A 130 -7.91 -10.98 14.46
CA LYS A 130 -8.35 -11.94 15.49
C LYS A 130 -7.51 -11.91 16.77
N ASN A 131 -6.24 -11.52 16.66
CA ASN A 131 -5.27 -11.51 17.77
C ASN A 131 -5.48 -10.34 18.75
N SER A 132 -6.16 -9.27 18.32
CA SER A 132 -6.43 -8.08 19.16
C SER A 132 -7.81 -8.10 19.83
N GLY A 133 -8.86 -8.54 19.11
CA GLY A 133 -10.23 -8.66 19.65
C GLY A 133 -11.21 -7.64 19.08
N ASP A 134 -11.78 -7.91 17.90
CA ASP A 134 -12.74 -7.05 17.18
C ASP A 134 -12.19 -5.68 16.75
N LYS A 135 -10.86 -5.48 16.80
CA LYS A 135 -10.19 -4.25 16.37
C LYS A 135 -9.84 -4.37 14.89
N VAL A 136 -9.73 -3.24 14.21
CA VAL A 136 -9.25 -3.18 12.81
C VAL A 136 -7.74 -2.98 12.78
N ALA A 137 -7.07 -3.62 11.82
CA ALA A 137 -5.67 -3.31 11.53
C ALA A 137 -5.56 -1.86 11.05
N GLU A 138 -4.63 -1.08 11.63
CA GLU A 138 -4.32 0.27 11.18
C GLU A 138 -2.83 0.45 10.94
N TYR A 139 -2.54 1.24 9.91
CA TYR A 139 -1.21 1.44 9.31
C TYR A 139 -0.95 2.91 9.03
N ALA A 140 0.29 3.27 8.69
CA ALA A 140 0.66 4.64 8.37
C ALA A 140 1.72 4.65 7.25
N ILE A 141 1.55 5.53 6.27
CA ILE A 141 2.51 5.74 5.18
C ILE A 141 2.85 7.23 5.09
N SER A 142 4.10 7.57 4.83
CA SER A 142 4.56 8.95 4.61
C SER A 142 3.86 9.53 3.38
N LEU A 143 2.75 10.25 3.59
CA LEU A 143 2.04 10.96 2.52
C LEU A 143 2.97 11.91 1.76
N GLU A 144 3.96 12.48 2.45
CA GLU A 144 4.94 13.35 1.82
C GLU A 144 5.86 12.62 0.83
N GLU A 145 6.14 11.33 1.05
CA GLU A 145 6.89 10.48 0.11
C GLU A 145 6.00 9.91 -1.01
N LEU A 146 4.72 9.66 -0.70
CA LEU A 146 3.72 9.23 -1.68
C LEU A 146 3.54 10.26 -2.81
N LYS A 147 3.41 11.55 -2.47
CA LYS A 147 3.32 12.65 -3.46
C LYS A 147 4.44 12.60 -4.50
N LYS A 148 5.68 12.35 -4.08
CA LYS A 148 6.89 12.29 -4.93
C LYS A 148 6.89 11.16 -5.97
N ASN A 149 6.03 10.15 -5.77
CA ASN A 149 5.91 8.96 -6.61
C ASN A 149 4.52 8.83 -7.29
N LEU A 150 3.60 9.77 -7.01
CA LEU A 150 2.23 9.79 -7.53
C LEU A 150 2.00 10.81 -8.65
N LYS A 151 2.84 11.86 -8.69
CA LYS A 151 2.89 12.90 -9.73
C LYS A 151 3.03 12.35 -11.16
N LYS A 1 19.88 8.65 -33.74
CA LYS A 1 20.26 7.74 -32.61
C LYS A 1 19.02 7.44 -31.76
N ILE A 2 18.48 6.20 -31.86
CA ILE A 2 17.37 5.72 -31.02
C ILE A 2 17.78 5.55 -29.54
N HIS A 3 16.79 5.34 -28.67
CA HIS A 3 16.97 5.04 -27.25
C HIS A 3 16.29 3.72 -26.86
N THR A 4 16.78 3.07 -25.80
CA THR A 4 16.30 1.78 -25.29
C THR A 4 16.50 1.68 -23.77
N SER A 5 15.81 0.73 -23.12
CA SER A 5 15.85 0.48 -21.67
C SER A 5 16.11 -1.01 -21.38
N TYR A 6 16.31 -1.35 -20.10
CA TYR A 6 16.69 -2.69 -19.63
C TYR A 6 15.61 -3.27 -18.69
N ASP A 7 14.51 -3.72 -19.29
CA ASP A 7 13.32 -4.26 -18.62
C ASP A 7 13.55 -5.67 -18.02
N GLU A 8 14.36 -5.75 -16.96
CA GLU A 8 14.65 -6.98 -16.21
C GLU A 8 14.81 -6.68 -14.69
N GLN A 9 14.66 -7.70 -13.84
CA GLN A 9 14.84 -7.60 -12.39
C GLN A 9 16.27 -7.16 -12.01
N SER A 10 16.39 -6.16 -11.13
CA SER A 10 17.65 -5.58 -10.66
C SER A 10 17.53 -5.01 -9.23
N SER A 11 18.67 -4.85 -8.55
CA SER A 11 18.78 -4.19 -7.24
C SER A 11 18.93 -2.66 -7.37
N GLY A 12 18.61 -1.93 -6.29
CA GLY A 12 18.73 -0.47 -6.19
C GLY A 12 17.50 0.18 -5.55
N GLU A 13 16.72 0.91 -6.36
CA GLU A 13 15.49 1.64 -5.97
C GLU A 13 15.70 2.62 -4.79
N SER A 14 16.93 3.13 -4.63
CA SER A 14 17.38 3.97 -3.52
C SER A 14 17.18 5.48 -3.83
N LYS A 15 15.93 5.87 -4.04
CA LYS A 15 15.49 7.27 -4.25
C LYS A 15 14.11 7.54 -3.62
N VAL A 16 13.74 8.82 -3.59
CA VAL A 16 12.47 9.35 -3.03
C VAL A 16 11.72 10.17 -4.08
N LYS A 17 11.71 9.66 -5.32
CA LYS A 17 10.98 10.18 -6.49
C LYS A 17 10.55 9.05 -7.42
N LYS A 18 9.66 9.37 -8.36
CA LYS A 18 9.19 8.50 -9.46
C LYS A 18 10.32 7.61 -10.02
N ILE A 19 10.16 6.29 -9.90
CA ILE A 19 11.16 5.31 -10.40
C ILE A 19 11.11 5.27 -11.94
N GLU A 20 12.21 4.88 -12.57
CA GLU A 20 12.27 4.64 -14.03
C GLU A 20 11.40 3.45 -14.47
N PHE A 21 11.09 2.54 -13.54
CA PHE A 21 10.19 1.39 -13.71
C PHE A 21 8.71 1.78 -13.56
N SER A 22 7.83 0.82 -13.87
CA SER A 22 6.36 0.95 -13.71
C SER A 22 5.91 0.87 -12.25
N LYS A 23 6.68 0.18 -11.39
CA LYS A 23 6.45 0.09 -9.94
C LYS A 23 7.29 1.11 -9.18
N PHE A 24 6.88 1.37 -7.94
CA PHE A 24 7.63 2.14 -6.95
C PHE A 24 7.50 1.54 -5.55
N THR A 25 8.35 1.98 -4.62
CA THR A 25 8.33 1.48 -3.23
C THR A 25 8.43 2.63 -2.24
N VAL A 26 7.52 2.64 -1.25
CA VAL A 26 7.43 3.66 -0.18
C VAL A 26 7.40 3.00 1.20
N LYS A 27 7.61 3.79 2.26
CA LYS A 27 7.60 3.33 3.67
C LYS A 27 6.21 2.80 4.08
N ILE A 28 6.16 2.05 5.18
CA ILE A 28 4.92 1.58 5.81
C ILE A 28 5.17 1.21 7.28
N LYS A 29 4.24 1.61 8.13
CA LYS A 29 4.21 1.38 9.58
C LYS A 29 2.85 0.80 9.98
N ASN A 30 2.77 0.21 11.17
CA ASN A 30 1.54 -0.33 11.76
C ASN A 30 1.34 0.20 13.19
N LYS A 31 0.10 0.18 13.70
CA LYS A 31 -0.17 0.45 15.11
C LYS A 31 0.13 -0.79 15.95
N ASP A 32 1.06 -0.67 16.90
CA ASP A 32 1.35 -1.68 17.91
C ASP A 32 0.14 -1.94 18.84
N LYS A 33 0.27 -2.95 19.70
CA LYS A 33 -0.69 -3.32 20.77
C LYS A 33 -1.07 -2.19 21.73
N SER A 34 -0.28 -1.11 21.78
CA SER A 34 -0.50 0.04 22.66
C SER A 34 -0.88 1.33 21.90
N GLY A 35 -1.23 1.23 20.61
CA GLY A 35 -1.57 2.41 19.80
C GLY A 35 -0.37 3.27 19.39
N ASN A 36 0.83 2.68 19.40
CA ASN A 36 2.09 3.33 19.01
C ASN A 36 2.43 2.96 17.56
N TRP A 37 2.65 3.95 16.70
CA TRP A 37 3.10 3.71 15.32
C TRP A 37 4.52 3.14 15.30
N THR A 38 4.71 2.01 14.64
CA THR A 38 5.97 1.25 14.60
C THR A 38 6.23 0.68 13.20
N ASP A 39 7.49 0.72 12.75
CA ASP A 39 7.90 0.31 11.41
C ASP A 39 7.50 -1.14 11.07
N LEU A 40 6.96 -1.34 9.87
CA LEU A 40 6.56 -2.65 9.36
C LEU A 40 7.50 -3.12 8.24
N GLY A 41 7.77 -2.26 7.25
CA GLY A 41 8.68 -2.56 6.16
C GLY A 41 8.63 -1.55 5.02
N ASP A 42 8.15 -2.01 3.85
CA ASP A 42 8.03 -1.23 2.61
C ASP A 42 6.80 -1.68 1.82
N LEU A 43 6.28 -0.82 0.94
CA LEU A 43 5.09 -1.06 0.13
C LEU A 43 5.43 -0.91 -1.36
N VAL A 44 5.59 -2.04 -2.04
CA VAL A 44 5.84 -2.14 -3.49
C VAL A 44 4.54 -1.91 -4.26
N VAL A 45 4.30 -0.68 -4.70
CA VAL A 45 3.15 -0.27 -5.52
C VAL A 45 3.44 -0.53 -7.01
N ARG A 46 2.83 -1.58 -7.58
CA ARG A 46 2.89 -1.98 -8.99
C ARG A 46 1.71 -1.41 -9.79
N LYS A 47 2.02 -0.65 -10.85
CA LYS A 47 1.05 -0.13 -11.84
C LYS A 47 0.82 -1.15 -12.96
N GLU A 48 -0.26 -1.91 -12.85
CA GLU A 48 -0.69 -2.91 -13.85
C GLU A 48 -1.62 -2.29 -14.93
N GLU A 49 -2.03 -3.08 -15.93
CA GLU A 49 -2.98 -2.65 -16.97
C GLU A 49 -4.43 -2.47 -16.49
N ASN A 50 -4.77 -3.07 -15.35
CA ASN A 50 -6.09 -3.11 -14.74
C ASN A 50 -6.03 -2.73 -13.26
N GLY A 51 -5.83 -1.44 -13.00
CA GLY A 51 -5.72 -0.87 -11.65
C GLY A 51 -4.29 -0.89 -11.09
N ILE A 52 -4.18 -0.58 -9.80
CA ILE A 52 -2.91 -0.59 -9.05
C ILE A 52 -2.93 -1.72 -8.02
N ASP A 53 -1.81 -2.41 -7.84
CA ASP A 53 -1.64 -3.54 -6.93
C ASP A 53 -0.40 -3.32 -6.04
N THR A 54 -0.55 -3.48 -4.73
CA THR A 54 0.49 -3.14 -3.74
C THR A 54 0.90 -4.37 -2.94
N GLY A 55 2.16 -4.42 -2.52
CA GLY A 55 2.69 -5.55 -1.76
C GLY A 55 3.64 -5.13 -0.65
N LEU A 56 3.33 -5.56 0.57
CA LEU A 56 4.11 -5.36 1.77
C LEU A 56 5.41 -6.17 1.73
N ASN A 57 6.52 -5.57 2.16
CA ASN A 57 7.86 -6.13 2.13
C ASN A 57 8.59 -5.87 3.47
N ALA A 58 8.23 -6.63 4.51
CA ALA A 58 8.81 -6.58 5.85
C ALA A 58 10.08 -7.45 5.98
N GLY A 59 10.75 -7.38 7.13
CA GLY A 59 11.93 -8.19 7.49
C GLY A 59 11.62 -9.70 7.53
N GLY A 60 11.86 -10.40 6.41
CA GLY A 60 11.63 -11.83 6.26
C GLY A 60 10.19 -12.24 5.95
N HIS A 61 9.32 -11.30 5.55
CA HIS A 61 7.90 -11.55 5.28
C HIS A 61 7.35 -10.59 4.20
N SER A 62 6.76 -11.11 3.13
CA SER A 62 6.16 -10.29 2.06
C SER A 62 4.92 -10.94 1.43
N ALA A 63 3.92 -10.11 1.10
CA ALA A 63 2.63 -10.50 0.51
C ALA A 63 1.88 -9.28 -0.07
N THR A 64 0.87 -9.52 -0.91
CA THR A 64 -0.07 -8.48 -1.38
C THR A 64 -0.70 -7.74 -0.19
N PHE A 65 -0.69 -6.42 -0.19
CA PHE A 65 -1.28 -5.58 0.87
C PHE A 65 -2.68 -5.12 0.46
N PHE A 66 -2.83 -4.55 -0.74
CA PHE A 66 -4.14 -4.22 -1.34
C PHE A 66 -4.06 -3.94 -2.85
N SER A 67 -5.18 -4.08 -3.56
CA SER A 67 -5.28 -3.77 -5.00
C SER A 67 -6.61 -3.11 -5.35
N LEU A 68 -6.54 -2.03 -6.13
CA LEU A 68 -7.68 -1.23 -6.56
C LEU A 68 -7.98 -1.44 -8.06
N GLU A 69 -9.20 -1.10 -8.49
CA GLU A 69 -9.63 -1.29 -9.88
C GLU A 69 -9.05 -0.21 -10.82
N GLU A 70 -9.14 -0.45 -12.13
CA GLU A 70 -8.79 0.52 -13.18
C GLU A 70 -9.64 1.81 -13.10
N GLU A 71 -10.86 1.72 -12.56
CA GLU A 71 -11.72 2.88 -12.28
C GLU A 71 -11.27 3.72 -11.06
N VAL A 72 -10.23 3.28 -10.33
CA VAL A 72 -9.79 3.90 -9.06
C VAL A 72 -8.36 4.46 -9.19
N VAL A 73 -7.68 4.27 -10.34
CA VAL A 73 -6.27 4.69 -10.57
C VAL A 73 -5.95 6.16 -10.35
N ASN A 74 -6.91 7.06 -10.56
CA ASN A 74 -6.80 8.49 -10.23
C ASN A 74 -7.48 8.82 -8.89
N ASN A 75 -8.47 8.03 -8.49
CA ASN A 75 -9.25 8.20 -7.28
C ASN A 75 -8.44 7.88 -6.02
N PHE A 76 -7.75 6.73 -6.01
CA PHE A 76 -6.86 6.30 -4.93
C PHE A 76 -5.73 7.31 -4.72
N VAL A 77 -5.13 7.74 -5.83
CA VAL A 77 -4.03 8.73 -5.83
C VAL A 77 -4.46 10.01 -5.11
N LYS A 78 -5.72 10.43 -5.31
CA LYS A 78 -6.35 11.57 -4.62
C LYS A 78 -6.41 11.38 -3.10
N VAL A 79 -7.00 10.27 -2.63
CA VAL A 79 -7.12 10.01 -1.18
C VAL A 79 -5.78 9.68 -0.51
N MET A 80 -4.75 9.36 -1.30
CA MET A 80 -3.39 9.04 -0.87
C MET A 80 -2.49 10.29 -0.82
N THR A 81 -3.00 11.46 -1.26
CA THR A 81 -2.30 12.75 -1.17
C THR A 81 -3.13 13.86 -0.51
N GLU A 82 -4.45 13.68 -0.39
CA GLU A 82 -5.40 14.64 0.19
C GLU A 82 -6.41 14.02 1.20
N GLY A 83 -6.44 12.69 1.28
CA GLY A 83 -7.39 11.93 2.11
C GLY A 83 -8.78 11.79 1.50
N GLY A 84 -9.52 10.76 1.91
CA GLY A 84 -10.83 10.40 1.37
C GLY A 84 -11.16 8.91 1.52
N SER A 85 -12.25 8.50 0.88
CA SER A 85 -12.88 7.18 1.07
C SER A 85 -13.47 6.60 -0.22
N PHE A 86 -12.76 5.62 -0.79
CA PHE A 86 -13.10 4.91 -2.05
C PHE A 86 -12.94 3.39 -1.87
N LYS A 87 -13.64 2.59 -2.70
CA LYS A 87 -13.56 1.12 -2.66
C LYS A 87 -12.34 0.61 -3.44
N THR A 88 -11.99 -0.66 -3.22
CA THR A 88 -10.85 -1.35 -3.86
C THR A 88 -11.26 -2.72 -4.40
N SER A 89 -10.65 -3.15 -5.52
CA SER A 89 -10.91 -4.44 -6.18
C SER A 89 -10.75 -5.62 -5.23
N LEU A 90 -9.68 -5.59 -4.44
CA LEU A 90 -9.30 -6.61 -3.46
C LEU A 90 -8.47 -6.00 -2.32
N TYR A 91 -8.63 -6.53 -1.12
CA TYR A 91 -7.85 -6.15 0.06
C TYR A 91 -7.48 -7.39 0.88
N TYR A 92 -6.19 -7.72 0.89
CA TYR A 92 -5.62 -8.87 1.63
C TYR A 92 -4.99 -8.49 2.99
N GLY A 93 -4.29 -7.35 3.08
CA GLY A 93 -3.46 -6.96 4.23
C GLY A 93 -2.22 -7.85 4.48
N TYR A 94 -1.42 -7.50 5.50
CA TYR A 94 -0.32 -8.32 6.04
C TYR A 94 -0.80 -9.68 6.60
N LYS A 95 0.11 -10.61 6.95
CA LYS A 95 -0.24 -11.93 7.50
C LYS A 95 -1.07 -11.88 8.80
N GLU A 96 -0.94 -10.80 9.57
CA GLU A 96 -1.75 -10.54 10.78
C GLU A 96 -3.24 -10.23 10.47
N GLU A 97 -3.56 -9.82 9.23
CA GLU A 97 -4.94 -9.57 8.77
C GLU A 97 -5.77 -10.87 8.71
N GLN A 98 -7.05 -10.82 9.07
CA GLN A 98 -7.96 -11.99 8.98
C GLN A 98 -8.35 -12.36 7.53
N SER A 99 -8.27 -11.42 6.59
CA SER A 99 -8.66 -11.62 5.18
C SER A 99 -7.53 -12.14 4.28
N VAL A 100 -6.26 -12.12 4.72
CA VAL A 100 -5.06 -12.41 3.91
C VAL A 100 -5.08 -13.76 3.15
N ILE A 101 -5.86 -14.73 3.64
CA ILE A 101 -6.05 -16.05 3.06
C ILE A 101 -6.70 -15.99 1.66
N ASN A 102 -7.64 -15.07 1.45
CA ASN A 102 -8.52 -15.03 0.25
C ASN A 102 -8.93 -13.62 -0.25
N GLY A 103 -8.77 -12.58 0.58
CA GLY A 103 -9.07 -11.18 0.31
C GLY A 103 -10.56 -10.83 0.34
N ILE A 104 -10.85 -9.52 0.36
CA ILE A 104 -12.21 -8.94 0.37
C ILE A 104 -12.43 -8.18 -0.94
N GLN A 105 -13.35 -8.64 -1.78
CA GLN A 105 -13.75 -7.91 -2.97
C GLN A 105 -14.55 -6.65 -2.62
N ASN A 106 -14.35 -5.58 -3.40
CA ASN A 106 -15.02 -4.28 -3.25
C ASN A 106 -14.81 -3.63 -1.85
N LYS A 107 -13.70 -3.94 -1.16
CA LYS A 107 -13.41 -3.49 0.21
C LYS A 107 -13.33 -1.97 0.29
N GLU A 108 -14.12 -1.39 1.19
CA GLU A 108 -14.16 0.04 1.49
C GLU A 108 -12.91 0.49 2.27
N ILE A 109 -12.17 1.47 1.73
CA ILE A 109 -10.94 2.00 2.34
C ILE A 109 -11.12 3.50 2.62
N ILE A 110 -11.08 3.85 3.91
CA ILE A 110 -11.26 5.21 4.41
C ILE A 110 -9.92 5.71 4.95
N THR A 111 -9.22 6.46 4.10
CA THR A 111 -7.95 7.11 4.44
C THR A 111 -8.16 8.42 5.22
N LYS A 112 -7.16 8.85 5.99
CA LYS A 112 -7.14 10.14 6.70
C LYS A 112 -5.71 10.66 6.89
N ILE A 113 -5.49 11.96 6.72
CA ILE A 113 -4.18 12.60 6.98
C ILE A 113 -4.03 12.86 8.48
N GLU A 114 -2.87 12.52 9.03
CA GLU A 114 -2.46 12.82 10.40
C GLU A 114 -0.98 13.18 10.48
N LYS A 115 -0.66 14.36 11.02
CA LYS A 115 0.72 14.74 11.34
C LYS A 115 1.20 13.98 12.58
N ILE A 116 2.27 13.19 12.41
CA ILE A 116 2.93 12.42 13.47
C ILE A 116 4.27 13.12 13.74
N ASP A 117 4.31 13.90 14.83
CA ASP A 117 5.44 14.73 15.27
C ASP A 117 5.96 15.77 14.25
N GLY A 118 5.19 16.09 13.20
CA GLY A 118 5.55 17.10 12.18
C GLY A 118 5.54 16.55 10.74
N THR A 119 5.75 15.24 10.57
CA THR A 119 5.64 14.55 9.27
C THR A 119 4.18 14.22 9.00
N GLU A 120 3.63 14.62 7.85
CA GLU A 120 2.28 14.23 7.42
C GLU A 120 2.27 12.75 7.00
N TYR A 121 1.55 11.93 7.76
CA TYR A 121 1.25 10.53 7.42
C TYR A 121 -0.20 10.40 6.93
N ILE A 122 -0.50 9.24 6.36
CA ILE A 122 -1.85 8.80 5.98
C ILE A 122 -2.14 7.48 6.70
N THR A 123 -3.30 7.33 7.32
CA THR A 123 -3.74 6.06 7.92
C THR A 123 -5.04 5.61 7.28
N PHE A 124 -5.32 4.30 7.34
CA PHE A 124 -6.52 3.70 6.75
C PHE A 124 -6.95 2.45 7.52
N SER A 125 -8.27 2.30 7.68
CA SER A 125 -8.88 1.12 8.29
C SER A 125 -8.78 -0.10 7.36
N GLY A 126 -8.09 -1.15 7.82
CA GLY A 126 -8.02 -2.45 7.18
C GLY A 126 -9.22 -3.33 7.51
N ASP A 127 -9.03 -4.64 7.43
CA ASP A 127 -10.00 -5.63 7.93
C ASP A 127 -9.89 -5.80 9.47
N LYS A 128 -10.89 -6.46 10.09
CA LYS A 128 -10.89 -6.74 11.53
C LYS A 128 -10.01 -7.94 11.86
N ILE A 129 -8.84 -7.70 12.46
CA ILE A 129 -7.90 -8.76 12.86
C ILE A 129 -8.46 -9.62 14.02
N LYS A 130 -7.89 -10.82 14.21
CA LYS A 130 -8.19 -11.71 15.35
C LYS A 130 -7.11 -11.63 16.44
N ASN A 131 -5.88 -11.21 16.10
CA ASN A 131 -4.76 -11.05 17.03
C ASN A 131 -4.94 -9.91 18.07
N SER A 132 -6.00 -9.08 17.93
CA SER A 132 -6.33 -7.96 18.82
C SER A 132 -7.77 -7.98 19.38
N GLY A 133 -8.69 -8.77 18.79
CA GLY A 133 -10.05 -9.01 19.29
C GLY A 133 -11.13 -8.70 18.23
N ASP A 134 -11.56 -7.44 18.18
CA ASP A 134 -12.57 -6.87 17.26
C ASP A 134 -12.14 -5.47 16.78
N LYS A 135 -10.83 -5.20 16.79
CA LYS A 135 -10.24 -3.95 16.29
C LYS A 135 -10.04 -4.07 14.78
N VAL A 136 -9.70 -2.96 14.13
CA VAL A 136 -9.28 -2.95 12.72
C VAL A 136 -7.78 -2.78 12.62
N ALA A 137 -7.14 -3.48 11.68
CA ALA A 137 -5.73 -3.27 11.39
C ALA A 137 -5.54 -1.83 10.88
N GLU A 138 -4.81 -1.00 11.61
CA GLU A 138 -4.46 0.36 11.17
C GLU A 138 -2.95 0.48 10.92
N TYR A 139 -2.65 1.27 9.90
CA TYR A 139 -1.34 1.43 9.29
C TYR A 139 -1.04 2.91 9.06
N ALA A 140 0.20 3.26 8.74
CA ALA A 140 0.59 4.63 8.45
C ALA A 140 1.65 4.65 7.35
N ILE A 141 1.46 5.53 6.35
CA ILE A 141 2.42 5.75 5.28
C ILE A 141 2.79 7.23 5.23
N SER A 142 4.06 7.55 4.99
CA SER A 142 4.54 8.92 4.78
C SER A 142 3.86 9.50 3.54
N LEU A 143 2.75 10.21 3.72
CA LEU A 143 2.07 10.93 2.63
C LEU A 143 3.02 11.88 1.91
N GLU A 144 3.99 12.43 2.64
CA GLU A 144 5.00 13.31 2.05
C GLU A 144 5.91 12.59 1.03
N GLU A 145 6.10 11.27 1.17
CA GLU A 145 6.91 10.42 0.28
C GLU A 145 6.04 9.75 -0.81
N LEU A 146 4.77 9.47 -0.50
CA LEU A 146 3.77 9.03 -1.46
C LEU A 146 3.61 10.05 -2.60
N LYS A 147 3.44 11.35 -2.26
CA LYS A 147 3.31 12.45 -3.23
C LYS A 147 4.41 12.45 -4.30
N LYS A 148 5.64 12.10 -3.92
CA LYS A 148 6.84 12.08 -4.79
C LYS A 148 6.82 10.95 -5.84
N ASN A 149 5.99 9.93 -5.64
CA ASN A 149 5.87 8.73 -6.49
C ASN A 149 4.49 8.59 -7.18
N LEU A 150 3.51 9.42 -6.80
CA LEU A 150 2.11 9.35 -7.24
C LEU A 150 1.80 10.31 -8.40
N LYS A 151 2.63 11.35 -8.56
CA LYS A 151 2.65 12.33 -9.66
C LYS A 151 2.58 11.69 -11.06
N LYS A 1 -4.85 -37.30 -27.59
CA LYS A 1 -4.93 -36.82 -29.01
C LYS A 1 -4.66 -35.32 -29.17
N ILE A 2 -5.26 -34.46 -28.34
CA ILE A 2 -5.05 -33.00 -28.37
C ILE A 2 -3.58 -32.60 -28.09
N HIS A 3 -3.23 -31.36 -28.45
CA HIS A 3 -1.92 -30.75 -28.19
C HIS A 3 -2.06 -29.26 -27.84
N THR A 4 -0.99 -28.66 -27.34
CA THR A 4 -0.89 -27.23 -26.99
C THR A 4 0.33 -26.59 -27.65
N SER A 5 0.13 -25.39 -28.18
CA SER A 5 1.12 -24.62 -28.94
C SER A 5 0.76 -23.12 -28.96
N TYR A 6 1.72 -22.29 -29.37
CA TYR A 6 1.52 -20.85 -29.59
C TYR A 6 2.19 -20.40 -30.90
N ASP A 7 1.73 -19.28 -31.44
CA ASP A 7 2.20 -18.70 -32.70
C ASP A 7 2.26 -17.17 -32.58
N GLU A 8 3.44 -16.60 -32.86
CA GLU A 8 3.66 -15.15 -32.82
C GLU A 8 2.78 -14.40 -33.84
N GLN A 9 2.00 -13.42 -33.35
CA GLN A 9 1.16 -12.54 -34.15
C GLN A 9 0.87 -11.22 -33.40
N SER A 10 0.31 -10.24 -34.11
CA SER A 10 -0.17 -8.96 -33.56
C SER A 10 -1.42 -8.50 -34.33
N SER A 11 -2.52 -8.29 -33.61
CA SER A 11 -3.85 -8.00 -34.18
C SER A 11 -4.66 -6.99 -33.37
N GLY A 12 -4.63 -7.06 -32.03
CA GLY A 12 -5.28 -6.11 -31.13
C GLY A 12 -5.34 -6.52 -29.65
N GLU A 13 -4.36 -7.28 -29.16
CA GLU A 13 -4.35 -7.81 -27.78
C GLU A 13 -3.39 -7.03 -26.85
N SER A 14 -3.61 -7.17 -25.55
CA SER A 14 -2.75 -6.63 -24.47
C SER A 14 -1.35 -7.28 -24.44
N LYS A 15 -0.45 -6.72 -23.62
CA LYS A 15 0.93 -7.21 -23.40
C LYS A 15 1.26 -7.25 -21.90
N VAL A 16 2.20 -8.12 -21.52
CA VAL A 16 2.64 -8.39 -20.14
C VAL A 16 4.10 -7.95 -19.91
N LYS A 17 4.41 -6.76 -20.45
CA LYS A 17 5.73 -6.11 -20.42
C LYS A 17 5.65 -4.69 -19.88
N LYS A 18 6.70 -4.31 -19.14
CA LYS A 18 6.83 -3.01 -18.45
C LYS A 18 8.27 -2.79 -17.94
N ILE A 19 8.60 -1.53 -17.61
CA ILE A 19 9.92 -1.14 -17.04
C ILE A 19 9.89 -1.27 -15.51
N GLU A 20 11.06 -1.47 -14.88
CA GLU A 20 11.22 -1.44 -13.41
C GLU A 20 10.78 -0.13 -12.75
N PHE A 21 10.69 0.96 -13.52
CA PHE A 21 10.19 2.26 -13.04
C PHE A 21 8.65 2.36 -12.95
N SER A 22 7.94 1.34 -13.46
CA SER A 22 6.48 1.20 -13.35
C SER A 22 6.01 0.70 -11.98
N LYS A 23 6.94 0.37 -11.08
CA LYS A 23 6.70 0.12 -9.67
C LYS A 23 7.58 1.08 -8.84
N PHE A 24 7.13 1.37 -7.63
CA PHE A 24 7.88 2.17 -6.67
C PHE A 24 7.72 1.58 -5.27
N THR A 25 8.61 1.95 -4.34
CA THR A 25 8.59 1.39 -2.98
C THR A 25 8.72 2.51 -1.95
N VAL A 26 7.75 2.56 -1.03
CA VAL A 26 7.66 3.58 0.04
C VAL A 26 7.64 2.93 1.43
N LYS A 27 7.92 3.73 2.47
CA LYS A 27 7.87 3.31 3.87
C LYS A 27 6.45 2.85 4.26
N ILE A 28 6.34 2.04 5.31
CA ILE A 28 5.06 1.57 5.87
C ILE A 28 5.26 1.18 7.33
N LYS A 29 4.28 1.57 8.15
CA LYS A 29 4.21 1.34 9.60
C LYS A 29 2.85 0.76 9.96
N ASN A 30 2.74 0.16 11.14
CA ASN A 30 1.49 -0.35 11.72
C ASN A 30 1.29 0.18 13.15
N LYS A 31 0.06 0.16 13.65
CA LYS A 31 -0.22 0.45 15.07
C LYS A 31 0.05 -0.79 15.93
N ASP A 32 0.96 -0.66 16.89
CA ASP A 32 1.22 -1.65 17.93
C ASP A 32 -0.01 -1.90 18.84
N LYS A 33 0.09 -2.91 19.70
CA LYS A 33 -0.90 -3.28 20.74
C LYS A 33 -1.26 -2.15 21.72
N SER A 34 -0.47 -1.07 21.77
CA SER A 34 -0.67 0.10 22.64
C SER A 34 -1.04 1.37 21.87
N GLY A 35 -1.36 1.28 20.56
CA GLY A 35 -1.69 2.46 19.75
C GLY A 35 -0.49 3.31 19.35
N ASN A 36 0.71 2.74 19.38
CA ASN A 36 1.97 3.38 18.99
C ASN A 36 2.33 2.99 17.55
N TRP A 37 2.58 3.96 16.67
CA TRP A 37 3.06 3.69 15.31
C TRP A 37 4.48 3.10 15.35
N THR A 38 4.67 1.96 14.69
CA THR A 38 5.91 1.18 14.69
C THR A 38 6.18 0.62 13.29
N ASP A 39 7.45 0.63 12.87
CA ASP A 39 7.85 0.24 11.52
C ASP A 39 7.44 -1.20 11.16
N LEU A 40 7.01 -1.39 9.90
CA LEU A 40 6.60 -2.70 9.37
C LEU A 40 7.56 -3.16 8.29
N GLY A 41 7.89 -2.31 7.32
CA GLY A 41 8.84 -2.61 6.25
C GLY A 41 8.79 -1.62 5.09
N ASP A 42 8.33 -2.10 3.94
CA ASP A 42 8.28 -1.35 2.67
C ASP A 42 7.06 -1.81 1.85
N LEU A 43 6.45 -0.89 1.09
CA LEU A 43 5.28 -1.16 0.24
C LEU A 43 5.64 -0.98 -1.23
N VAL A 44 5.77 -2.09 -1.96
CA VAL A 44 5.95 -2.11 -3.43
C VAL A 44 4.61 -1.84 -4.11
N VAL A 45 4.40 -0.61 -4.58
CA VAL A 45 3.24 -0.20 -5.38
C VAL A 45 3.55 -0.39 -6.87
N ARG A 46 2.72 -1.16 -7.58
CA ARG A 46 2.84 -1.52 -9.01
C ARG A 46 1.71 -0.84 -9.79
N LYS A 47 2.08 0.12 -10.66
CA LYS A 47 1.17 0.82 -11.56
C LYS A 47 0.93 -0.01 -12.84
N GLU A 48 -0.07 -0.88 -12.79
CA GLU A 48 -0.50 -1.72 -13.91
C GLU A 48 -1.49 -0.97 -14.84
N GLU A 49 -1.90 -1.59 -15.94
CA GLU A 49 -2.97 -1.06 -16.83
C GLU A 49 -4.37 -1.24 -16.22
N ASN A 50 -4.65 -2.40 -15.63
CA ASN A 50 -5.96 -2.77 -15.06
C ASN A 50 -6.02 -2.44 -13.55
N GLY A 51 -5.65 -1.20 -13.19
CA GLY A 51 -5.67 -0.70 -11.82
C GLY A 51 -4.28 -0.58 -11.19
N ILE A 52 -4.24 -0.45 -9.86
CA ILE A 52 -3.00 -0.46 -9.07
C ILE A 52 -2.99 -1.65 -8.11
N ASP A 53 -1.82 -2.25 -7.91
CA ASP A 53 -1.60 -3.40 -7.02
C ASP A 53 -0.42 -3.10 -6.08
N THR A 54 -0.49 -3.56 -4.83
CA THR A 54 0.53 -3.23 -3.81
C THR A 54 0.94 -4.47 -3.01
N GLY A 55 2.20 -4.51 -2.55
CA GLY A 55 2.73 -5.64 -1.80
C GLY A 55 3.73 -5.24 -0.73
N LEU A 56 3.44 -5.65 0.51
CA LEU A 56 4.24 -5.42 1.70
C LEU A 56 5.48 -6.31 1.70
N ASN A 57 6.62 -5.75 2.12
CA ASN A 57 7.93 -6.40 2.16
C ASN A 57 8.66 -6.10 3.50
N ALA A 58 8.30 -6.85 4.55
CA ALA A 58 8.81 -6.72 5.90
C ALA A 58 10.08 -7.58 6.14
N GLY A 59 11.16 -7.23 5.45
CA GLY A 59 12.48 -7.87 5.59
C GLY A 59 12.56 -9.26 4.93
N GLY A 60 12.20 -10.30 5.69
CA GLY A 60 12.14 -11.70 5.25
C GLY A 60 10.71 -12.25 5.08
N HIS A 61 9.70 -11.38 5.15
CA HIS A 61 8.27 -11.73 5.13
C HIS A 61 7.50 -10.76 4.21
N SER A 62 6.88 -11.27 3.14
CA SER A 62 6.22 -10.44 2.11
C SER A 62 4.93 -11.05 1.56
N ALA A 63 3.96 -10.19 1.23
CA ALA A 63 2.65 -10.57 0.69
C ALA A 63 1.93 -9.37 0.03
N THR A 64 0.94 -9.64 -0.83
CA THR A 64 0.03 -8.63 -1.38
C THR A 64 -0.67 -7.87 -0.24
N PHE A 65 -0.62 -6.55 -0.25
CA PHE A 65 -1.22 -5.70 0.79
C PHE A 65 -2.64 -5.29 0.40
N PHE A 66 -2.83 -4.75 -0.82
CA PHE A 66 -4.14 -4.45 -1.41
C PHE A 66 -4.05 -4.13 -2.92
N SER A 67 -5.18 -4.15 -3.62
CA SER A 67 -5.30 -3.80 -5.04
C SER A 67 -6.65 -3.18 -5.39
N LEU A 68 -6.62 -2.25 -6.35
CA LEU A 68 -7.77 -1.47 -6.80
C LEU A 68 -7.95 -1.53 -8.32
N GLU A 69 -9.17 -1.25 -8.78
CA GLU A 69 -9.53 -1.36 -10.20
C GLU A 69 -9.02 -0.17 -11.04
N GLU A 70 -9.03 -0.32 -12.37
CA GLU A 70 -8.68 0.75 -13.32
C GLU A 70 -9.53 2.02 -13.11
N GLU A 71 -10.81 1.85 -12.76
CA GLU A 71 -11.73 2.95 -12.43
C GLU A 71 -11.38 3.69 -11.12
N VAL A 72 -10.43 3.17 -10.31
CA VAL A 72 -10.09 3.69 -8.99
C VAL A 72 -8.67 4.28 -8.99
N VAL A 73 -7.89 4.15 -10.07
CA VAL A 73 -6.49 4.60 -10.15
C VAL A 73 -6.34 6.05 -9.70
N ASN A 74 -6.90 7.01 -10.45
CA ASN A 74 -6.79 8.43 -10.10
C ASN A 74 -7.54 8.79 -8.81
N ASN A 75 -8.56 8.01 -8.43
CA ASN A 75 -9.29 8.11 -7.17
C ASN A 75 -8.36 7.86 -5.98
N PHE A 76 -7.63 6.73 -5.98
CA PHE A 76 -6.70 6.31 -4.94
C PHE A 76 -5.54 7.29 -4.79
N VAL A 77 -5.00 7.74 -5.93
CA VAL A 77 -3.92 8.74 -5.98
C VAL A 77 -4.35 10.03 -5.26
N LYS A 78 -5.62 10.42 -5.39
CA LYS A 78 -6.20 11.60 -4.71
C LYS A 78 -6.32 11.41 -3.19
N VAL A 79 -6.95 10.33 -2.73
CA VAL A 79 -7.17 10.12 -1.28
C VAL A 79 -5.87 9.80 -0.52
N MET A 80 -4.79 9.48 -1.22
CA MET A 80 -3.48 9.21 -0.64
C MET A 80 -2.58 10.46 -0.60
N THR A 81 -3.04 11.59 -1.16
CA THR A 81 -2.33 12.88 -1.14
C THR A 81 -3.20 14.04 -0.59
N GLU A 82 -4.51 13.81 -0.47
CA GLU A 82 -5.51 14.77 0.04
C GLU A 82 -6.54 14.17 1.02
N GLY A 83 -6.59 12.84 1.15
CA GLY A 83 -7.55 12.09 1.97
C GLY A 83 -8.93 11.90 1.33
N GLY A 84 -9.63 10.84 1.75
CA GLY A 84 -10.93 10.44 1.19
C GLY A 84 -11.24 8.95 1.37
N SER A 85 -12.28 8.49 0.68
CA SER A 85 -12.91 7.17 0.87
C SER A 85 -13.45 6.56 -0.43
N PHE A 86 -12.76 5.53 -0.94
CA PHE A 86 -13.08 4.79 -2.18
C PHE A 86 -12.93 3.28 -1.96
N LYS A 87 -13.72 2.46 -2.68
CA LYS A 87 -13.64 0.99 -2.61
C LYS A 87 -12.42 0.44 -3.36
N THR A 88 -12.06 -0.80 -3.09
CA THR A 88 -10.91 -1.50 -3.68
C THR A 88 -11.31 -2.87 -4.25
N SER A 89 -10.74 -3.26 -5.40
CA SER A 89 -10.97 -4.54 -6.08
C SER A 89 -10.75 -5.74 -5.15
N LEU A 90 -9.66 -5.68 -4.38
CA LEU A 90 -9.24 -6.71 -3.42
C LEU A 90 -8.44 -6.09 -2.26
N TYR A 91 -8.66 -6.61 -1.05
CA TYR A 91 -7.92 -6.23 0.16
C TYR A 91 -7.53 -7.47 0.98
N TYR A 92 -6.26 -7.86 0.87
CA TYR A 92 -5.68 -8.98 1.64
C TYR A 92 -5.15 -8.55 3.02
N GLY A 93 -4.35 -7.48 3.08
CA GLY A 93 -3.56 -7.09 4.26
C GLY A 93 -2.24 -7.88 4.37
N TYR A 94 -1.31 -7.41 5.21
CA TYR A 94 0.02 -8.03 5.42
C TYR A 94 -0.04 -9.50 5.89
N LYS A 95 -0.57 -9.70 7.10
CA LYS A 95 -0.62 -10.95 7.88
C LYS A 95 -1.41 -10.69 9.17
N GLU A 96 -1.62 -11.71 9.99
CA GLU A 96 -2.39 -11.65 11.27
C GLU A 96 -3.88 -11.28 11.09
N GLU A 97 -4.34 -11.17 9.84
CA GLU A 97 -5.66 -10.70 9.43
C GLU A 97 -6.67 -11.86 9.34
N GLN A 98 -7.96 -11.59 9.56
CA GLN A 98 -9.03 -12.57 9.34
C GLN A 98 -9.34 -12.82 7.84
N SER A 99 -8.84 -11.97 6.93
CA SER A 99 -9.10 -12.06 5.49
C SER A 99 -7.87 -12.20 4.58
N VAL A 100 -6.63 -12.08 5.06
CA VAL A 100 -5.40 -12.31 4.24
C VAL A 100 -5.35 -13.70 3.60
N ILE A 101 -6.06 -14.66 4.19
CA ILE A 101 -6.22 -16.05 3.73
C ILE A 101 -6.78 -16.13 2.28
N ASN A 102 -7.71 -15.23 1.90
CA ASN A 102 -8.44 -15.27 0.62
C ASN A 102 -8.63 -13.90 -0.07
N GLY A 103 -8.64 -12.81 0.71
CA GLY A 103 -8.95 -11.45 0.28
C GLY A 103 -10.42 -11.04 0.48
N ILE A 104 -10.70 -9.75 0.32
CA ILE A 104 -12.06 -9.14 0.39
C ILE A 104 -12.30 -8.35 -0.90
N GLN A 105 -13.29 -8.77 -1.70
CA GLN A 105 -13.71 -8.03 -2.88
C GLN A 105 -14.52 -6.77 -2.52
N ASN A 106 -14.38 -5.71 -3.32
CA ASN A 106 -15.09 -4.43 -3.20
C ASN A 106 -14.89 -3.72 -1.84
N LYS A 107 -13.80 -4.01 -1.11
CA LYS A 107 -13.56 -3.56 0.27
C LYS A 107 -13.44 -2.04 0.36
N GLU A 108 -14.29 -1.43 1.19
CA GLU A 108 -14.30 0.03 1.43
C GLU A 108 -13.08 0.46 2.27
N ILE A 109 -12.32 1.43 1.74
CA ILE A 109 -11.10 1.97 2.38
C ILE A 109 -11.28 3.46 2.61
N ILE A 110 -11.20 3.86 3.89
CA ILE A 110 -11.35 5.25 4.35
C ILE A 110 -10.00 5.74 4.86
N THR A 111 -9.31 6.50 4.01
CA THR A 111 -8.04 7.15 4.36
C THR A 111 -8.26 8.42 5.19
N LYS A 112 -7.22 8.85 5.90
CA LYS A 112 -7.16 10.14 6.62
C LYS A 112 -5.72 10.63 6.77
N ILE A 113 -5.51 11.93 6.63
CA ILE A 113 -4.20 12.58 6.85
C ILE A 113 -4.01 12.83 8.35
N GLU A 114 -2.81 12.55 8.87
CA GLU A 114 -2.41 12.84 10.25
C GLU A 114 -0.93 13.27 10.30
N LYS A 115 -0.65 14.42 10.92
CA LYS A 115 0.73 14.85 11.23
C LYS A 115 1.25 14.10 12.45
N ILE A 116 2.16 13.15 12.22
CA ILE A 116 2.86 12.39 13.26
C ILE A 116 4.18 13.13 13.56
N ASP A 117 4.17 13.93 14.63
CA ASP A 117 5.28 14.79 15.09
C ASP A 117 5.77 15.85 14.07
N GLY A 118 5.00 16.13 13.00
CA GLY A 118 5.31 17.15 11.99
C GLY A 118 5.31 16.61 10.55
N THR A 119 5.63 15.32 10.37
CA THR A 119 5.52 14.63 9.07
C THR A 119 4.07 14.27 8.81
N GLU A 120 3.53 14.65 7.66
CA GLU A 120 2.19 14.23 7.23
C GLU A 120 2.22 12.75 6.79
N TYR A 121 1.49 11.91 7.50
CA TYR A 121 1.21 10.52 7.15
C TYR A 121 -0.24 10.36 6.67
N ILE A 122 -0.52 9.22 6.03
CA ILE A 122 -1.86 8.74 5.68
C ILE A 122 -2.12 7.45 6.46
N THR A 123 -3.31 7.28 7.02
CA THR A 123 -3.74 6.03 7.67
C THR A 123 -5.06 5.57 7.08
N PHE A 124 -5.36 4.27 7.21
CA PHE A 124 -6.57 3.66 6.63
C PHE A 124 -7.02 2.45 7.45
N SER A 125 -8.34 2.33 7.66
CA SER A 125 -8.97 1.22 8.39
C SER A 125 -9.08 -0.03 7.50
N GLY A 126 -8.30 -1.07 7.83
CA GLY A 126 -8.34 -2.37 7.16
C GLY A 126 -9.45 -3.29 7.70
N ASP A 127 -9.32 -4.59 7.42
CA ASP A 127 -10.16 -5.64 8.05
C ASP A 127 -9.95 -5.73 9.58
N LYS A 128 -10.80 -6.51 10.26
CA LYS A 128 -10.79 -6.75 11.71
C LYS A 128 -9.96 -7.98 12.06
N ILE A 129 -8.77 -7.79 12.66
CA ILE A 129 -7.91 -8.90 13.12
C ILE A 129 -8.56 -9.72 14.25
N LYS A 130 -8.08 -10.96 14.46
CA LYS A 130 -8.48 -11.79 15.61
C LYS A 130 -7.56 -11.61 16.84
N ASN A 131 -6.27 -11.31 16.60
CA ASN A 131 -5.23 -11.28 17.65
C ASN A 131 -5.43 -10.14 18.67
N SER A 132 -5.82 -8.94 18.21
CA SER A 132 -6.10 -7.79 19.08
C SER A 132 -7.45 -7.92 19.81
N GLY A 133 -8.45 -8.52 19.14
CA GLY A 133 -9.76 -8.87 19.70
C GLY A 133 -10.89 -8.66 18.69
N ASP A 134 -11.27 -7.39 18.50
CA ASP A 134 -12.29 -6.91 17.55
C ASP A 134 -11.90 -5.54 16.94
N LYS A 135 -10.60 -5.22 16.96
CA LYS A 135 -10.06 -3.95 16.45
C LYS A 135 -9.91 -4.03 14.93
N VAL A 136 -9.35 -2.99 14.32
CA VAL A 136 -9.00 -2.98 12.89
C VAL A 136 -7.50 -2.86 12.71
N ALA A 137 -6.95 -3.52 11.68
CA ALA A 137 -5.57 -3.30 11.27
C ALA A 137 -5.45 -1.87 10.72
N GLU A 138 -4.79 -0.98 11.47
CA GLU A 138 -4.46 0.38 11.01
C GLU A 138 -2.95 0.52 10.77
N TYR A 139 -2.65 1.28 9.72
CA TYR A 139 -1.32 1.44 9.14
C TYR A 139 -1.01 2.91 8.90
N ALA A 140 0.24 3.25 8.57
CA ALA A 140 0.64 4.62 8.27
C ALA A 140 1.70 4.63 7.17
N ILE A 141 1.51 5.49 6.17
CA ILE A 141 2.49 5.72 5.09
C ILE A 141 2.80 7.23 5.03
N SER A 142 4.07 7.59 4.84
CA SER A 142 4.47 9.00 4.69
C SER A 142 3.82 9.59 3.44
N LEU A 143 2.73 10.32 3.60
CA LEU A 143 2.02 10.98 2.50
C LEU A 143 2.96 11.92 1.71
N GLU A 144 3.94 12.50 2.38
CA GLU A 144 4.93 13.36 1.71
C GLU A 144 5.87 12.57 0.77
N GLU A 145 6.17 11.30 1.09
CA GLU A 145 7.02 10.43 0.26
C GLU A 145 6.21 9.67 -0.80
N LEU A 146 4.90 9.51 -0.58
CA LEU A 146 3.96 9.02 -1.57
C LEU A 146 3.85 10.00 -2.76
N LYS A 147 3.76 11.31 -2.48
CA LYS A 147 3.65 12.36 -3.52
C LYS A 147 4.81 12.29 -4.53
N LYS A 148 6.02 12.03 -4.06
CA LYS A 148 7.24 11.82 -4.87
C LYS A 148 7.15 10.70 -5.91
N ASN A 149 6.21 9.76 -5.76
CA ASN A 149 6.05 8.58 -6.62
C ASN A 149 4.64 8.41 -7.23
N LEU A 150 3.68 9.26 -6.85
CA LEU A 150 2.28 9.22 -7.29
C LEU A 150 1.99 10.21 -8.43
N LYS A 151 2.81 11.27 -8.54
CA LYS A 151 2.74 12.32 -9.56
C LYS A 151 3.08 11.79 -10.97
N LYS A 1 42.68 -2.53 5.97
CA LYS A 1 43.17 -1.91 4.72
C LYS A 1 43.24 -0.37 4.86
N ILE A 2 44.35 0.26 4.44
CA ILE A 2 44.55 1.72 4.47
C ILE A 2 44.65 2.33 3.06
N HIS A 3 45.26 1.62 2.11
CA HIS A 3 45.46 2.04 0.72
C HIS A 3 45.00 0.97 -0.28
N THR A 4 44.93 1.32 -1.56
CA THR A 4 44.45 0.44 -2.65
C THR A 4 45.47 0.33 -3.78
N SER A 5 45.35 -0.73 -4.59
CA SER A 5 46.27 -1.07 -5.68
C SER A 5 45.51 -1.11 -7.01
N TYR A 6 46.12 -0.57 -8.07
CA TYR A 6 45.56 -0.58 -9.44
C TYR A 6 45.42 -1.99 -10.03
N ASP A 7 46.22 -2.96 -9.55
CA ASP A 7 46.13 -4.39 -9.88
C ASP A 7 44.95 -5.09 -9.16
N GLU A 8 43.74 -4.99 -9.73
CA GLU A 8 42.52 -5.66 -9.25
C GLU A 8 41.54 -5.95 -10.40
N GLN A 9 40.79 -7.05 -10.30
CA GLN A 9 39.78 -7.47 -11.29
C GLN A 9 38.47 -6.64 -11.19
N SER A 10 37.74 -6.54 -12.29
CA SER A 10 36.38 -5.94 -12.36
C SER A 10 35.32 -6.68 -11.52
N SER A 11 34.15 -6.06 -11.36
CA SER A 11 33.03 -6.56 -10.53
C SER A 11 31.67 -6.54 -11.24
N GLY A 12 31.40 -5.53 -12.08
CA GLY A 12 30.15 -5.37 -12.83
C GLY A 12 30.25 -4.31 -13.94
N GLU A 13 29.11 -4.03 -14.59
CA GLU A 13 29.00 -3.15 -15.77
C GLU A 13 27.80 -2.18 -15.66
N SER A 14 27.69 -1.24 -16.61
CA SER A 14 26.55 -0.32 -16.77
C SER A 14 25.21 -1.06 -16.93
N LYS A 15 24.10 -0.42 -16.51
CA LYS A 15 22.77 -1.02 -16.35
C LYS A 15 21.71 -0.42 -17.29
N VAL A 16 21.91 -0.66 -18.59
CA VAL A 16 21.11 -0.13 -19.72
C VAL A 16 19.78 -0.87 -19.96
N LYS A 17 19.09 -1.23 -18.86
CA LYS A 17 17.81 -1.95 -18.83
C LYS A 17 16.61 -1.00 -18.75
N LYS A 18 15.38 -1.54 -18.66
CA LYS A 18 14.13 -0.77 -18.54
C LYS A 18 14.11 0.15 -17.31
N ILE A 19 13.34 1.24 -17.38
CA ILE A 19 13.18 2.19 -16.27
C ILE A 19 12.34 1.56 -15.15
N GLU A 20 12.72 1.79 -13.89
CA GLU A 20 11.97 1.29 -12.72
C GLU A 20 10.56 1.87 -12.53
N PHE A 21 10.17 2.88 -13.31
CA PHE A 21 8.90 3.64 -13.24
C PHE A 21 7.61 2.79 -13.31
N SER A 22 7.73 1.53 -13.74
CA SER A 22 6.66 0.51 -13.67
C SER A 22 6.20 0.17 -12.25
N LYS A 23 6.98 0.57 -11.22
CA LYS A 23 6.59 0.54 -9.81
C LYS A 23 7.31 1.62 -8.99
N PHE A 24 6.96 1.71 -7.72
CA PHE A 24 7.73 2.46 -6.72
C PHE A 24 7.61 1.76 -5.36
N THR A 25 8.57 1.98 -4.48
CA THR A 25 8.52 1.44 -3.11
C THR A 25 8.61 2.58 -2.07
N VAL A 26 7.71 2.59 -1.08
CA VAL A 26 7.65 3.58 0.02
C VAL A 26 7.57 2.89 1.40
N LYS A 27 7.79 3.65 2.47
CA LYS A 27 7.69 3.17 3.87
C LYS A 27 6.26 2.74 4.23
N ILE A 28 6.13 1.92 5.27
CA ILE A 28 4.85 1.48 5.85
C ILE A 28 5.05 1.11 7.33
N LYS A 29 4.11 1.55 8.16
CA LYS A 29 4.07 1.32 9.61
C LYS A 29 2.69 0.79 10.01
N ASN A 30 2.60 0.19 11.20
CA ASN A 30 1.35 -0.31 11.78
C ASN A 30 1.19 0.16 13.23
N LYS A 31 -0.05 0.19 13.73
CA LYS A 31 -0.34 0.45 15.14
C LYS A 31 -0.04 -0.81 15.96
N ASP A 32 0.90 -0.71 16.92
CA ASP A 32 1.16 -1.75 17.92
C ASP A 32 -0.06 -2.00 18.84
N LYS A 33 0.05 -2.99 19.72
CA LYS A 33 -0.94 -3.39 20.74
C LYS A 33 -1.28 -2.28 21.75
N SER A 34 -0.50 -1.20 21.78
CA SER A 34 -0.69 -0.04 22.68
C SER A 34 -1.02 1.26 21.93
N GLY A 35 -1.38 1.17 20.64
CA GLY A 35 -1.72 2.35 19.83
C GLY A 35 -0.51 3.20 19.42
N ASN A 36 0.68 2.60 19.40
CA ASN A 36 1.93 3.26 19.01
C ASN A 36 2.29 2.88 17.57
N TRP A 37 2.48 3.86 16.69
CA TRP A 37 2.94 3.65 15.32
C TRP A 37 4.38 3.08 15.32
N THR A 38 4.57 1.93 14.68
CA THR A 38 5.83 1.17 14.65
C THR A 38 6.08 0.63 13.23
N ASP A 39 7.33 0.72 12.77
CA ASP A 39 7.71 0.31 11.41
C ASP A 39 7.38 -1.17 11.13
N LEU A 40 6.84 -1.43 9.92
CA LEU A 40 6.43 -2.77 9.49
C LEU A 40 7.36 -3.29 8.38
N GLY A 41 7.63 -2.46 7.37
CA GLY A 41 8.37 -2.89 6.18
C GLY A 41 8.44 -1.83 5.09
N ASP A 42 8.08 -2.23 3.87
CA ASP A 42 8.04 -1.41 2.67
C ASP A 42 6.82 -1.79 1.83
N LEU A 43 6.33 -0.87 0.99
CA LEU A 43 5.13 -1.01 0.17
C LEU A 43 5.50 -0.87 -1.31
N VAL A 44 5.64 -2.01 -1.99
CA VAL A 44 5.90 -2.10 -3.44
C VAL A 44 4.61 -1.82 -4.21
N VAL A 45 4.45 -0.61 -4.76
CA VAL A 45 3.30 -0.18 -5.56
C VAL A 45 3.55 -0.44 -7.04
N ARG A 46 3.10 -1.59 -7.52
CA ARG A 46 3.16 -2.02 -8.93
C ARG A 46 2.05 -1.33 -9.74
N LYS A 47 2.45 -0.67 -10.83
CA LYS A 47 1.55 0.00 -11.79
C LYS A 47 1.02 -1.05 -12.79
N GLU A 48 -0.14 -1.61 -12.49
CA GLU A 48 -0.80 -2.60 -13.35
C GLU A 48 -1.51 -1.95 -14.56
N GLU A 49 -1.88 -2.77 -15.55
CA GLU A 49 -2.58 -2.28 -16.75
C GLU A 49 -4.06 -1.96 -16.50
N ASN A 50 -4.66 -2.59 -15.47
CA ASN A 50 -6.07 -2.50 -15.09
C ASN A 50 -6.24 -2.12 -13.59
N GLY A 51 -5.51 -1.09 -13.16
CA GLY A 51 -5.53 -0.59 -11.78
C GLY A 51 -4.16 -0.37 -11.14
N ILE A 52 -4.14 -0.37 -9.80
CA ILE A 52 -2.90 -0.36 -8.99
C ILE A 52 -2.89 -1.57 -8.03
N ASP A 53 -1.72 -2.13 -7.76
CA ASP A 53 -1.54 -3.28 -6.86
C ASP A 53 -0.31 -3.07 -5.97
N THR A 54 -0.49 -3.22 -4.65
CA THR A 54 0.53 -2.92 -3.64
C THR A 54 0.94 -4.18 -2.87
N GLY A 55 2.20 -4.26 -2.45
CA GLY A 55 2.73 -5.43 -1.76
C GLY A 55 3.65 -5.06 -0.61
N LEU A 56 3.27 -5.51 0.58
CA LEU A 56 4.05 -5.39 1.82
C LEU A 56 5.29 -6.29 1.71
N ASN A 57 6.48 -5.70 1.85
CA ASN A 57 7.79 -6.33 1.73
C ASN A 57 8.63 -5.99 2.96
N ALA A 58 8.38 -6.70 4.08
CA ALA A 58 9.08 -6.45 5.34
C ALA A 58 10.46 -7.15 5.39
N GLY A 59 11.20 -6.95 6.49
CA GLY A 59 12.58 -7.42 6.69
C GLY A 59 12.72 -8.94 6.91
N GLY A 60 12.09 -9.76 6.06
CA GLY A 60 12.10 -11.22 6.11
C GLY A 60 10.98 -11.91 5.30
N HIS A 61 9.99 -11.16 4.82
CA HIS A 61 8.79 -11.66 4.14
C HIS A 61 8.19 -10.66 3.15
N SER A 62 7.44 -11.15 2.16
CA SER A 62 6.64 -10.31 1.25
C SER A 62 5.30 -10.94 0.82
N ALA A 63 4.25 -10.13 0.74
CA ALA A 63 2.93 -10.51 0.25
C ALA A 63 2.11 -9.30 -0.26
N THR A 64 1.08 -9.53 -1.08
CA THR A 64 0.11 -8.49 -1.50
C THR A 64 -0.53 -7.81 -0.27
N PHE A 65 -0.64 -6.48 -0.29
CA PHE A 65 -1.22 -5.68 0.79
C PHE A 65 -2.61 -5.17 0.40
N PHE A 66 -2.75 -4.54 -0.76
CA PHE A 66 -4.06 -4.18 -1.34
C PHE A 66 -3.97 -3.82 -2.83
N SER A 67 -5.07 -4.00 -3.56
CA SER A 67 -5.17 -3.69 -4.98
C SER A 67 -6.53 -3.11 -5.35
N LEU A 68 -6.56 -2.35 -6.44
CA LEU A 68 -7.72 -1.59 -6.90
C LEU A 68 -7.85 -1.62 -8.42
N GLU A 69 -9.05 -1.35 -8.92
CA GLU A 69 -9.38 -1.43 -10.35
C GLU A 69 -8.90 -0.19 -11.13
N GLU A 70 -8.87 -0.26 -12.46
CA GLU A 70 -8.49 0.88 -13.33
C GLU A 70 -9.34 2.14 -13.10
N GLU A 71 -10.62 1.97 -12.73
CA GLU A 71 -11.52 3.08 -12.37
C GLU A 71 -11.16 3.80 -11.06
N VAL A 72 -10.29 3.20 -10.24
CA VAL A 72 -9.92 3.70 -8.92
C VAL A 72 -8.51 4.31 -8.91
N VAL A 73 -7.72 4.19 -9.99
CA VAL A 73 -6.33 4.69 -10.09
C VAL A 73 -6.23 6.16 -9.67
N ASN A 74 -6.90 7.06 -10.38
CA ASN A 74 -6.90 8.49 -10.08
C ASN A 74 -7.66 8.84 -8.79
N ASN A 75 -8.63 8.01 -8.39
CA ASN A 75 -9.37 8.12 -7.15
C ASN A 75 -8.45 7.92 -5.93
N PHE A 76 -7.69 6.81 -5.93
CA PHE A 76 -6.73 6.44 -4.89
C PHE A 76 -5.61 7.48 -4.76
N VAL A 77 -5.10 7.95 -5.90
CA VAL A 77 -4.07 9.01 -5.98
C VAL A 77 -4.52 10.25 -5.21
N LYS A 78 -5.82 10.59 -5.31
CA LYS A 78 -6.44 11.71 -4.60
C LYS A 78 -6.52 11.48 -3.09
N VAL A 79 -7.10 10.37 -2.64
CA VAL A 79 -7.31 10.13 -1.19
C VAL A 79 -5.98 9.81 -0.46
N MET A 80 -4.96 9.39 -1.19
CA MET A 80 -3.61 9.14 -0.67
C MET A 80 -2.77 10.44 -0.61
N THR A 81 -3.29 11.57 -1.11
CA THR A 81 -2.60 12.87 -1.11
C THR A 81 -3.42 14.02 -0.52
N GLU A 82 -4.73 13.81 -0.32
CA GLU A 82 -5.68 14.77 0.28
C GLU A 82 -6.66 14.13 1.30
N GLY A 83 -6.71 12.80 1.36
CA GLY A 83 -7.66 12.01 2.16
C GLY A 83 -9.04 11.85 1.51
N GLY A 84 -9.75 10.78 1.89
CA GLY A 84 -11.03 10.38 1.31
C GLY A 84 -11.33 8.89 1.46
N SER A 85 -12.39 8.44 0.81
CA SER A 85 -13.00 7.12 1.00
C SER A 85 -13.57 6.52 -0.29
N PHE A 86 -12.85 5.54 -0.86
CA PHE A 86 -13.19 4.84 -2.11
C PHE A 86 -13.05 3.32 -1.91
N LYS A 87 -13.84 2.52 -2.64
CA LYS A 87 -13.75 1.05 -2.61
C LYS A 87 -12.56 0.54 -3.43
N THR A 88 -12.10 -0.66 -3.10
CA THR A 88 -10.97 -1.38 -3.73
C THR A 88 -11.41 -2.73 -4.27
N SER A 89 -10.69 -3.27 -5.26
CA SER A 89 -11.04 -4.56 -5.88
C SER A 89 -10.76 -5.72 -4.95
N LEU A 90 -9.66 -5.62 -4.19
CA LEU A 90 -9.14 -6.63 -3.27
C LEU A 90 -8.30 -6.00 -2.16
N TYR A 91 -8.49 -6.49 -0.94
CA TYR A 91 -7.72 -6.08 0.24
C TYR A 91 -7.29 -7.31 1.06
N TYR A 92 -6.03 -7.69 0.92
CA TYR A 92 -5.42 -8.81 1.65
C TYR A 92 -4.85 -8.41 3.03
N GLY A 93 -4.12 -7.30 3.12
CA GLY A 93 -3.34 -6.90 4.29
C GLY A 93 -2.09 -7.78 4.53
N TYR A 94 -1.35 -7.48 5.60
CA TYR A 94 -0.22 -8.28 6.11
C TYR A 94 -0.63 -9.74 6.47
N LYS A 95 0.33 -10.66 6.65
CA LYS A 95 0.05 -12.07 7.00
C LYS A 95 -0.60 -12.25 8.39
N GLU A 96 -0.37 -11.32 9.33
CA GLU A 96 -0.94 -11.31 10.68
C GLU A 96 -2.33 -10.61 10.71
N GLU A 97 -3.23 -11.03 9.83
CA GLU A 97 -4.57 -10.46 9.60
C GLU A 97 -5.65 -11.56 9.48
N GLN A 98 -6.94 -11.20 9.54
CA GLN A 98 -8.06 -12.16 9.47
C GLN A 98 -8.52 -12.50 8.05
N SER A 99 -8.12 -11.73 7.03
CA SER A 99 -8.64 -11.82 5.64
C SER A 99 -7.57 -11.98 4.56
N VAL A 100 -6.29 -12.09 4.93
CA VAL A 100 -5.14 -12.25 4.02
C VAL A 100 -5.11 -13.55 3.19
N ILE A 101 -5.81 -14.61 3.61
CA ILE A 101 -5.76 -15.91 2.91
C ILE A 101 -6.42 -15.82 1.51
N ASN A 102 -7.55 -15.10 1.41
CA ASN A 102 -8.34 -14.96 0.18
C ASN A 102 -8.54 -13.51 -0.26
N GLY A 103 -8.34 -12.54 0.64
CA GLY A 103 -8.66 -11.13 0.44
C GLY A 103 -10.14 -10.81 0.71
N ILE A 104 -10.48 -9.53 0.57
CA ILE A 104 -11.84 -8.99 0.69
C ILE A 104 -12.16 -8.25 -0.61
N GLN A 105 -13.05 -8.80 -1.42
CA GLN A 105 -13.55 -8.11 -2.60
C GLN A 105 -14.44 -6.91 -2.20
N ASN A 106 -14.37 -5.84 -3.00
CA ASN A 106 -15.14 -4.60 -2.83
C ASN A 106 -14.89 -3.87 -1.48
N LYS A 107 -13.75 -4.11 -0.80
CA LYS A 107 -13.39 -3.50 0.49
C LYS A 107 -13.40 -1.97 0.40
N GLU A 108 -14.19 -1.33 1.27
CA GLU A 108 -14.18 0.12 1.47
C GLU A 108 -12.91 0.53 2.24
N ILE A 109 -12.18 1.52 1.72
CA ILE A 109 -10.93 2.02 2.30
C ILE A 109 -11.07 3.51 2.59
N ILE A 110 -11.08 3.84 3.89
CA ILE A 110 -11.32 5.20 4.39
C ILE A 110 -10.01 5.77 4.93
N THR A 111 -9.30 6.46 4.05
CA THR A 111 -8.04 7.15 4.38
C THR A 111 -8.28 8.44 5.16
N LYS A 112 -7.26 8.87 5.93
CA LYS A 112 -7.23 10.16 6.63
C LYS A 112 -5.79 10.64 6.84
N ILE A 113 -5.56 11.95 6.70
CA ILE A 113 -4.25 12.58 6.98
C ILE A 113 -4.07 12.77 8.49
N GLU A 114 -2.92 12.37 9.02
CA GLU A 114 -2.50 12.62 10.41
C GLU A 114 -0.98 12.78 10.50
N LYS A 115 -0.50 13.74 11.30
CA LYS A 115 0.92 13.87 11.67
C LYS A 115 1.28 12.83 12.74
N ILE A 116 2.57 12.45 12.79
CA ILE A 116 3.10 11.50 13.79
C ILE A 116 4.36 12.07 14.47
N ASP A 117 5.31 12.59 13.69
CA ASP A 117 6.59 13.12 14.20
C ASP A 117 7.10 14.33 13.37
N GLY A 118 6.17 15.13 12.82
CA GLY A 118 6.48 16.31 11.99
C GLY A 118 6.33 16.07 10.48
N THR A 119 6.24 14.80 10.05
CA THR A 119 5.86 14.41 8.67
C THR A 119 4.37 14.09 8.65
N GLU A 120 3.67 14.50 7.60
CA GLU A 120 2.28 14.10 7.36
C GLU A 120 2.24 12.64 6.88
N TYR A 121 1.49 11.82 7.62
CA TYR A 121 1.18 10.43 7.28
C TYR A 121 -0.28 10.31 6.82
N ILE A 122 -0.61 9.14 6.26
CA ILE A 122 -1.96 8.72 5.90
C ILE A 122 -2.25 7.41 6.62
N THR A 123 -3.44 7.29 7.22
CA THR A 123 -3.89 6.02 7.86
C THR A 123 -5.20 5.57 7.23
N PHE A 124 -5.45 4.26 7.27
CA PHE A 124 -6.63 3.63 6.67
C PHE A 124 -7.02 2.35 7.42
N SER A 125 -8.33 2.11 7.51
CA SER A 125 -8.94 0.95 8.14
C SER A 125 -8.85 -0.31 7.25
N GLY A 126 -8.12 -1.32 7.73
CA GLY A 126 -7.99 -2.64 7.12
C GLY A 126 -9.13 -3.59 7.54
N ASP A 127 -8.91 -4.90 7.43
CA ASP A 127 -9.84 -5.90 7.98
C ASP A 127 -9.88 -5.91 9.52
N LYS A 128 -10.93 -6.54 10.07
CA LYS A 128 -11.13 -6.68 11.53
C LYS A 128 -10.30 -7.85 12.09
N ILE A 129 -9.18 -7.54 12.74
CA ILE A 129 -8.27 -8.55 13.32
C ILE A 129 -8.91 -9.30 14.50
N LYS A 130 -8.34 -10.48 14.81
CA LYS A 130 -8.71 -11.29 15.99
C LYS A 130 -7.76 -11.08 17.19
N ASN A 131 -6.50 -10.68 16.94
CA ASN A 131 -5.48 -10.45 17.98
C ASN A 131 -5.78 -9.25 18.92
N SER A 132 -6.71 -8.36 18.52
CA SER A 132 -7.11 -7.17 19.29
C SER A 132 -8.56 -7.23 19.81
N GLY A 133 -9.46 -7.93 19.12
CA GLY A 133 -10.84 -8.22 19.54
C GLY A 133 -11.86 -8.07 18.42
N ASP A 134 -12.29 -6.83 18.19
CA ASP A 134 -13.24 -6.39 17.16
C ASP A 134 -12.80 -5.03 16.56
N LYS A 135 -11.50 -4.72 16.68
CA LYS A 135 -10.91 -3.50 16.13
C LYS A 135 -10.62 -3.72 14.65
N VAL A 136 -10.17 -2.67 13.97
CA VAL A 136 -9.64 -2.77 12.61
C VAL A 136 -8.13 -2.57 12.65
N ALA A 137 -7.40 -3.35 11.86
CA ALA A 137 -5.98 -3.07 11.67
C ALA A 137 -5.85 -1.67 11.05
N GLU A 138 -4.93 -0.88 11.61
CA GLU A 138 -4.61 0.45 11.13
C GLU A 138 -3.10 0.58 10.87
N TYR A 139 -2.81 1.33 9.81
CA TYR A 139 -1.49 1.47 9.22
C TYR A 139 -1.15 2.95 9.01
N ALA A 140 0.10 3.26 8.67
CA ALA A 140 0.53 4.63 8.40
C ALA A 140 1.58 4.64 7.29
N ILE A 141 1.38 5.50 6.30
CA ILE A 141 2.30 5.68 5.16
C ILE A 141 2.66 7.17 5.06
N SER A 142 3.93 7.49 4.76
CA SER A 142 4.40 8.86 4.58
C SER A 142 3.74 9.48 3.35
N LEU A 143 2.63 10.20 3.55
CA LEU A 143 1.92 10.94 2.51
C LEU A 143 2.85 11.89 1.74
N GLU A 144 3.84 12.45 2.43
CA GLU A 144 4.83 13.31 1.81
C GLU A 144 5.75 12.58 0.82
N GLU A 145 5.96 11.27 1.00
CA GLU A 145 6.73 10.43 0.06
C GLU A 145 5.85 9.79 -1.02
N LEU A 146 4.57 9.52 -0.72
CA LEU A 146 3.59 9.09 -1.71
C LEU A 146 3.43 10.12 -2.83
N LYS A 147 3.28 11.41 -2.48
CA LYS A 147 3.20 12.53 -3.44
C LYS A 147 4.33 12.54 -4.48
N LYS A 148 5.55 12.19 -4.07
CA LYS A 148 6.75 12.14 -4.95
C LYS A 148 6.77 11.00 -5.97
N ASN A 149 5.90 10.00 -5.81
CA ASN A 149 5.83 8.80 -6.65
C ASN A 149 4.45 8.54 -7.28
N LEU A 150 3.46 9.37 -6.96
CA LEU A 150 2.05 9.23 -7.39
C LEU A 150 1.72 10.10 -8.63
N LYS A 151 2.60 11.06 -8.94
CA LYS A 151 2.52 11.99 -10.07
C LYS A 151 2.13 11.38 -11.44
N LYS A 1 13.61 31.61 -39.48
CA LYS A 1 13.02 30.32 -39.00
C LYS A 1 11.50 30.32 -39.21
N ILE A 2 11.01 29.32 -39.95
CA ILE A 2 9.58 29.11 -40.24
C ILE A 2 9.04 27.88 -39.46
N HIS A 3 7.73 27.87 -39.21
CA HIS A 3 6.99 26.76 -38.61
C HIS A 3 5.76 26.40 -39.49
N THR A 4 5.23 25.19 -39.31
CA THR A 4 4.17 24.64 -40.19
C THR A 4 2.95 24.24 -39.35
N SER A 5 1.80 24.83 -39.66
CA SER A 5 0.53 24.67 -38.90
C SER A 5 -0.09 23.26 -38.97
N TYR A 6 0.38 22.42 -39.90
CA TYR A 6 -0.06 21.03 -40.12
C TYR A 6 1.15 20.11 -40.38
N ASP A 7 0.98 18.80 -40.16
CA ASP A 7 2.02 17.78 -40.38
C ASP A 7 1.43 16.40 -40.75
N GLU A 8 2.25 15.53 -41.34
CA GLU A 8 1.86 14.23 -41.93
C GLU A 8 2.83 13.11 -41.51
N GLN A 9 3.05 12.94 -40.20
CA GLN A 9 3.78 11.80 -39.61
C GLN A 9 3.11 10.46 -39.96
N SER A 10 3.68 9.71 -40.91
CA SER A 10 3.19 8.39 -41.34
C SER A 10 3.51 7.30 -40.30
N SER A 11 4.70 7.35 -39.70
CA SER A 11 5.13 6.50 -38.57
C SER A 11 4.72 7.08 -37.21
N GLY A 12 4.92 6.33 -36.13
CA GLY A 12 4.55 6.71 -34.76
C GLY A 12 5.30 5.91 -33.70
N GLU A 13 6.41 6.45 -33.20
CA GLU A 13 7.24 5.83 -32.14
C GLU A 13 6.45 5.56 -30.86
N SER A 14 6.57 4.35 -30.30
CA SER A 14 5.87 3.89 -29.10
C SER A 14 6.65 2.78 -28.37
N LYS A 15 6.41 2.62 -27.06
CA LYS A 15 7.06 1.64 -26.17
C LYS A 15 6.16 1.32 -24.97
N VAL A 16 5.92 0.03 -24.72
CA VAL A 16 5.20 -0.48 -23.54
C VAL A 16 5.60 -1.95 -23.23
N LYS A 17 6.13 -2.18 -22.03
CA LYS A 17 6.55 -3.47 -21.45
C LYS A 17 6.46 -3.43 -19.91
N LYS A 18 6.76 -4.55 -19.24
CA LYS A 18 6.94 -4.66 -17.79
C LYS A 18 8.43 -4.42 -17.41
N ILE A 19 8.75 -3.22 -16.92
CA ILE A 19 10.09 -2.82 -16.47
C ILE A 19 10.06 -2.47 -14.98
N GLU A 20 11.20 -2.54 -14.28
CA GLU A 20 11.33 -2.09 -12.89
C GLU A 20 10.94 -0.61 -12.65
N PHE A 21 10.91 0.20 -13.71
CA PHE A 21 10.47 1.61 -13.66
C PHE A 21 8.94 1.78 -13.64
N SER A 22 8.20 0.68 -13.81
CA SER A 22 6.72 0.59 -13.77
C SER A 22 6.19 0.25 -12.36
N LYS A 23 7.06 0.31 -11.34
CA LYS A 23 6.71 0.22 -9.91
C LYS A 23 7.56 1.16 -9.06
N PHE A 24 7.16 1.36 -7.81
CA PHE A 24 7.90 2.13 -6.80
C PHE A 24 7.75 1.47 -5.41
N THR A 25 8.47 1.97 -4.41
CA THR A 25 8.37 1.49 -3.02
C THR A 25 8.42 2.65 -2.03
N VAL A 26 7.56 2.61 -1.00
CA VAL A 26 7.44 3.63 0.06
C VAL A 26 7.38 3.00 1.46
N LYS A 27 7.64 3.80 2.51
CA LYS A 27 7.58 3.37 3.92
C LYS A 27 6.17 2.93 4.31
N ILE A 28 6.07 2.07 5.33
CA ILE A 28 4.80 1.62 5.94
C ILE A 28 5.02 1.28 7.41
N LYS A 29 4.07 1.72 8.23
CA LYS A 29 3.98 1.50 9.68
C LYS A 29 2.61 0.90 10.01
N ASN A 30 2.49 0.29 11.19
CA ASN A 30 1.25 -0.24 11.75
C ASN A 30 1.03 0.22 13.18
N LYS A 31 -0.22 0.28 13.65
CA LYS A 31 -0.52 0.50 15.06
C LYS A 31 -0.35 -0.80 15.85
N ASP A 32 0.59 -0.81 16.80
CA ASP A 32 0.74 -1.90 17.77
C ASP A 32 -0.49 -2.00 18.68
N LYS A 33 -0.52 -3.05 19.50
CA LYS A 33 -1.49 -3.33 20.56
C LYS A 33 -1.58 -2.22 21.61
N SER A 34 -0.53 -1.40 21.72
CA SER A 34 -0.45 -0.21 22.58
C SER A 34 -1.06 1.06 21.95
N GLY A 35 -1.53 1.02 20.70
CA GLY A 35 -2.07 2.16 19.96
C GLY A 35 -1.03 3.22 19.57
N ASN A 36 0.19 2.78 19.25
CA ASN A 36 1.29 3.61 18.76
C ASN A 36 1.79 3.10 17.39
N TRP A 37 2.07 4.04 16.49
CA TRP A 37 2.59 3.78 15.15
C TRP A 37 4.05 3.28 15.21
N THR A 38 4.29 2.07 14.71
CA THR A 38 5.59 1.39 14.73
C THR A 38 5.89 0.80 13.34
N ASP A 39 7.15 0.86 12.92
CA ASP A 39 7.58 0.45 11.58
C ASP A 39 7.24 -1.03 11.27
N LEU A 40 6.81 -1.28 10.04
CA LEU A 40 6.41 -2.61 9.56
C LEU A 40 7.35 -3.12 8.47
N GLY A 41 7.64 -2.28 7.47
CA GLY A 41 8.51 -2.64 6.35
C GLY A 41 8.48 -1.62 5.21
N ASP A 42 8.06 -2.07 4.03
CA ASP A 42 7.99 -1.28 2.79
C ASP A 42 6.78 -1.73 1.95
N LEU A 43 6.23 -0.85 1.12
CA LEU A 43 5.08 -1.12 0.25
C LEU A 43 5.48 -0.96 -1.22
N VAL A 44 5.64 -2.08 -1.92
CA VAL A 44 5.91 -2.13 -3.36
C VAL A 44 4.61 -1.90 -4.13
N VAL A 45 4.40 -0.68 -4.63
CA VAL A 45 3.26 -0.29 -5.48
C VAL A 45 3.60 -0.50 -6.96
N ARG A 46 2.93 -1.45 -7.60
CA ARG A 46 3.02 -1.79 -9.03
C ARG A 46 1.92 -1.08 -9.83
N LYS A 47 2.31 -0.34 -10.87
CA LYS A 47 1.41 0.37 -11.80
C LYS A 47 1.07 -0.55 -12.98
N GLU A 48 0.05 -1.37 -12.80
CA GLU A 48 -0.47 -2.28 -13.84
C GLU A 48 -1.34 -1.53 -14.88
N GLU A 49 -1.69 -2.19 -15.97
CA GLU A 49 -2.59 -1.62 -17.01
C GLU A 49 -4.06 -1.54 -16.56
N ASN A 50 -4.48 -2.49 -15.71
CA ASN A 50 -5.87 -2.73 -15.31
C ASN A 50 -6.19 -2.27 -13.88
N GLY A 51 -5.42 -1.30 -13.34
CA GLY A 51 -5.51 -0.79 -11.97
C GLY A 51 -4.15 -0.63 -11.28
N ILE A 52 -4.17 -0.56 -9.95
CA ILE A 52 -2.95 -0.53 -9.11
C ILE A 52 -2.95 -1.74 -8.16
N ASP A 53 -1.78 -2.31 -7.91
CA ASP A 53 -1.60 -3.45 -7.01
C ASP A 53 -0.38 -3.23 -6.10
N THR A 54 -0.49 -3.58 -4.83
CA THR A 54 0.51 -3.23 -3.80
C THR A 54 0.90 -4.44 -2.97
N GLY A 55 2.16 -4.49 -2.51
CA GLY A 55 2.66 -5.61 -1.72
C GLY A 55 3.61 -5.18 -0.61
N LEU A 56 3.27 -5.58 0.61
CA LEU A 56 4.03 -5.37 1.83
C LEU A 56 5.30 -6.24 1.81
N ASN A 57 6.43 -5.68 2.22
CA ASN A 57 7.74 -6.31 2.29
C ASN A 57 8.40 -6.04 3.66
N ALA A 58 8.18 -6.94 4.63
CA ALA A 58 8.61 -6.82 6.02
C ALA A 58 9.74 -7.84 6.32
N GLY A 59 10.97 -7.46 5.97
CA GLY A 59 12.17 -8.29 6.17
C GLY A 59 12.16 -9.57 5.34
N GLY A 60 11.89 -10.71 5.98
CA GLY A 60 11.79 -12.03 5.36
C GLY A 60 10.36 -12.50 5.08
N HIS A 61 9.36 -11.63 5.25
CA HIS A 61 7.93 -11.92 5.04
C HIS A 61 7.32 -10.87 4.10
N SER A 62 6.78 -11.30 2.96
CA SER A 62 6.17 -10.40 1.96
C SER A 62 4.91 -11.00 1.32
N ALA A 63 3.91 -10.15 1.08
CA ALA A 63 2.59 -10.54 0.55
C ALA A 63 1.86 -9.33 -0.06
N THR A 64 0.85 -9.58 -0.89
CA THR A 64 -0.08 -8.54 -1.38
C THR A 64 -0.73 -7.82 -0.19
N PHE A 65 -0.75 -6.49 -0.21
CA PHE A 65 -1.34 -5.66 0.85
C PHE A 65 -2.74 -5.20 0.44
N PHE A 66 -2.89 -4.62 -0.75
CA PHE A 66 -4.19 -4.31 -1.37
C PHE A 66 -4.07 -4.03 -2.87
N SER A 67 -5.19 -4.12 -3.60
CA SER A 67 -5.25 -3.85 -5.03
C SER A 67 -6.60 -3.22 -5.43
N LEU A 68 -6.59 -2.42 -6.49
CA LEU A 68 -7.73 -1.64 -6.97
C LEU A 68 -7.79 -1.60 -8.50
N GLU A 69 -8.99 -1.37 -9.02
CA GLU A 69 -9.29 -1.44 -10.46
C GLU A 69 -8.78 -0.21 -11.24
N GLU A 70 -8.73 -0.32 -12.57
CA GLU A 70 -8.41 0.79 -13.48
C GLU A 70 -9.31 2.02 -13.25
N GLU A 71 -10.58 1.81 -12.87
CA GLU A 71 -11.55 2.85 -12.51
C GLU A 71 -11.18 3.62 -11.22
N VAL A 72 -10.21 3.12 -10.43
CA VAL A 72 -9.86 3.64 -9.10
C VAL A 72 -8.42 4.21 -9.08
N VAL A 73 -7.64 4.08 -10.17
CA VAL A 73 -6.24 4.55 -10.27
C VAL A 73 -6.08 6.00 -9.82
N ASN A 74 -6.73 6.96 -10.49
CA ASN A 74 -6.66 8.38 -10.12
C ASN A 74 -7.40 8.69 -8.81
N ASN A 75 -8.43 7.89 -8.48
CA ASN A 75 -9.21 8.01 -7.26
C ASN A 75 -8.34 7.76 -6.01
N PHE A 76 -7.58 6.66 -6.01
CA PHE A 76 -6.66 6.27 -4.94
C PHE A 76 -5.59 7.34 -4.72
N VAL A 77 -5.02 7.85 -5.82
CA VAL A 77 -3.98 8.88 -5.80
C VAL A 77 -4.50 10.18 -5.15
N LYS A 78 -5.79 10.49 -5.36
CA LYS A 78 -6.49 11.60 -4.70
C LYS A 78 -6.57 11.41 -3.18
N VAL A 79 -7.11 10.26 -2.72
CA VAL A 79 -7.29 9.99 -1.28
C VAL A 79 -5.97 9.68 -0.56
N MET A 80 -4.85 9.63 -1.26
CA MET A 80 -3.52 9.35 -0.72
C MET A 80 -2.56 10.56 -0.84
N THR A 81 -3.05 11.69 -1.36
CA THR A 81 -2.37 13.00 -1.33
C THR A 81 -3.25 14.09 -0.69
N GLU A 82 -4.56 13.82 -0.51
CA GLU A 82 -5.54 14.74 0.12
C GLU A 82 -6.53 14.07 1.10
N GLY A 83 -6.64 12.73 1.09
CA GLY A 83 -7.59 11.97 1.94
C GLY A 83 -8.98 11.79 1.32
N GLY A 84 -9.70 10.74 1.72
CA GLY A 84 -11.03 10.39 1.18
C GLY A 84 -11.44 8.94 1.42
N SER A 85 -12.40 8.45 0.62
CA SER A 85 -13.06 7.15 0.82
C SER A 85 -13.58 6.52 -0.48
N PHE A 86 -12.81 5.58 -1.04
CA PHE A 86 -13.11 4.84 -2.28
C PHE A 86 -12.90 3.33 -2.05
N LYS A 87 -13.71 2.48 -2.70
CA LYS A 87 -13.61 1.01 -2.59
C LYS A 87 -12.40 0.48 -3.38
N THR A 88 -11.89 -0.69 -2.99
CA THR A 88 -10.80 -1.40 -3.70
C THR A 88 -11.30 -2.73 -4.27
N SER A 89 -10.60 -3.26 -5.29
CA SER A 89 -10.98 -4.52 -5.96
C SER A 89 -10.74 -5.71 -5.03
N LEU A 90 -9.65 -5.63 -4.28
CA LEU A 90 -9.21 -6.59 -3.27
C LEU A 90 -8.46 -5.92 -2.11
N TYR A 91 -8.57 -6.53 -0.93
CA TYR A 91 -7.81 -6.14 0.26
C TYR A 91 -7.41 -7.39 1.07
N TYR A 92 -6.12 -7.72 1.05
CA TYR A 92 -5.55 -8.86 1.79
C TYR A 92 -4.91 -8.46 3.14
N GLY A 93 -4.21 -7.33 3.20
CA GLY A 93 -3.43 -6.89 4.37
C GLY A 93 -2.14 -7.69 4.65
N TYR A 94 -1.39 -7.29 5.69
CA TYR A 94 -0.26 -8.06 6.24
C TYR A 94 -0.72 -9.40 6.86
N LYS A 95 0.22 -10.28 7.23
CA LYS A 95 -0.07 -11.62 7.81
C LYS A 95 -0.90 -11.59 9.11
N GLU A 96 -0.87 -10.47 9.85
CA GLU A 96 -1.73 -10.22 11.02
C GLU A 96 -3.23 -10.05 10.68
N GLU A 97 -3.56 -9.68 9.44
CA GLU A 97 -4.93 -9.47 8.95
C GLU A 97 -5.68 -10.81 8.82
N GLN A 98 -6.93 -10.89 9.30
CA GLN A 98 -7.75 -12.13 9.22
C GLN A 98 -8.09 -12.57 7.79
N SER A 99 -8.08 -11.64 6.83
CA SER A 99 -8.45 -11.85 5.42
C SER A 99 -7.28 -12.18 4.50
N VAL A 100 -6.02 -12.11 4.96
CA VAL A 100 -4.80 -12.35 4.13
C VAL A 100 -4.79 -13.66 3.33
N ILE A 101 -5.52 -14.67 3.79
CA ILE A 101 -5.60 -16.00 3.18
C ILE A 101 -6.35 -15.98 1.82
N ASN A 102 -7.42 -15.19 1.71
CA ASN A 102 -8.36 -15.21 0.57
C ASN A 102 -8.71 -13.82 -0.01
N GLY A 103 -8.44 -12.76 0.74
CA GLY A 103 -8.78 -11.36 0.44
C GLY A 103 -10.26 -11.01 0.69
N ILE A 104 -10.59 -9.72 0.52
CA ILE A 104 -11.96 -9.15 0.59
C ILE A 104 -12.22 -8.37 -0.69
N GLN A 105 -13.14 -8.87 -1.52
CA GLN A 105 -13.60 -8.13 -2.71
C GLN A 105 -14.46 -6.92 -2.31
N ASN A 106 -14.36 -5.83 -3.08
CA ASN A 106 -15.13 -4.59 -2.93
C ASN A 106 -14.95 -3.90 -1.56
N LYS A 107 -13.84 -4.17 -0.85
CA LYS A 107 -13.53 -3.59 0.48
C LYS A 107 -13.58 -2.07 0.45
N GLU A 108 -14.34 -1.47 1.37
CA GLU A 108 -14.32 -0.03 1.61
C GLU A 108 -13.05 0.39 2.37
N ILE A 109 -12.36 1.41 1.86
CA ILE A 109 -11.12 1.95 2.44
C ILE A 109 -11.29 3.47 2.63
N ILE A 110 -11.16 3.90 3.88
CA ILE A 110 -11.36 5.29 4.33
C ILE A 110 -10.03 5.82 4.85
N THR A 111 -9.35 6.62 4.04
CA THR A 111 -8.08 7.25 4.40
C THR A 111 -8.26 8.58 5.13
N LYS A 112 -7.23 9.01 5.86
CA LYS A 112 -7.17 10.32 6.55
C LYS A 112 -5.73 10.79 6.77
N ILE A 113 -5.48 12.08 6.57
CA ILE A 113 -4.16 12.69 6.85
C ILE A 113 -4.00 12.91 8.37
N GLU A 114 -2.85 12.53 8.91
CA GLU A 114 -2.42 12.80 10.29
C GLU A 114 -0.89 12.94 10.39
N LYS A 115 -0.40 13.89 11.18
CA LYS A 115 1.04 13.98 11.56
C LYS A 115 1.34 12.96 12.66
N ILE A 116 2.61 12.52 12.73
CA ILE A 116 3.09 11.54 13.73
C ILE A 116 4.34 12.04 14.46
N ASP A 117 5.32 12.57 13.71
CA ASP A 117 6.61 13.03 14.27
C ASP A 117 7.15 14.29 13.52
N GLY A 118 6.28 15.02 12.82
CA GLY A 118 6.62 16.20 12.00
C GLY A 118 6.47 15.97 10.50
N THR A 119 6.43 14.71 10.05
CA THR A 119 6.06 14.31 8.67
C THR A 119 4.56 14.06 8.62
N GLU A 120 3.90 14.47 7.53
CA GLU A 120 2.50 14.12 7.26
C GLU A 120 2.40 12.65 6.80
N TYR A 121 1.55 11.88 7.47
CA TYR A 121 1.21 10.51 7.14
C TYR A 121 -0.25 10.40 6.68
N ILE A 122 -0.57 9.26 6.08
CA ILE A 122 -1.92 8.85 5.71
C ILE A 122 -2.24 7.54 6.42
N THR A 123 -3.40 7.43 7.05
CA THR A 123 -3.83 6.22 7.77
C THR A 123 -5.16 5.72 7.21
N PHE A 124 -5.45 4.42 7.35
CA PHE A 124 -6.67 3.81 6.84
C PHE A 124 -7.09 2.60 7.69
N SER A 125 -8.40 2.37 7.78
CA SER A 125 -9.01 1.21 8.44
C SER A 125 -8.99 -0.03 7.52
N GLY A 126 -8.43 -1.12 8.02
CA GLY A 126 -8.41 -2.43 7.36
C GLY A 126 -9.60 -3.32 7.74
N ASP A 127 -9.40 -4.63 7.69
CA ASP A 127 -10.31 -5.66 8.23
C ASP A 127 -10.13 -5.77 9.77
N LYS A 128 -11.00 -6.54 10.44
CA LYS A 128 -10.87 -6.84 11.87
C LYS A 128 -9.89 -7.98 12.11
N ILE A 129 -8.79 -7.73 12.85
CA ILE A 129 -7.85 -8.78 13.25
C ILE A 129 -8.42 -9.64 14.39
N LYS A 130 -7.85 -10.84 14.60
CA LYS A 130 -8.17 -11.72 15.74
C LYS A 130 -7.21 -11.50 16.93
N ASN A 131 -5.96 -11.15 16.66
CA ASN A 131 -4.90 -11.01 17.68
C ASN A 131 -5.22 -9.94 18.74
N SER A 132 -5.65 -8.75 18.30
CA SER A 132 -6.02 -7.63 19.19
C SER A 132 -7.43 -7.79 19.80
N GLY A 133 -8.36 -8.43 19.08
CA GLY A 133 -9.68 -8.85 19.59
C GLY A 133 -10.82 -8.63 18.59
N ASP A 134 -11.24 -7.37 18.46
CA ASP A 134 -12.30 -6.86 17.55
C ASP A 134 -11.98 -5.44 17.06
N LYS A 135 -10.70 -5.07 17.12
CA LYS A 135 -10.16 -3.84 16.56
C LYS A 135 -10.00 -4.01 15.05
N VAL A 136 -9.67 -2.93 14.36
CA VAL A 136 -9.34 -2.97 12.92
C VAL A 136 -7.84 -2.75 12.72
N ALA A 137 -7.24 -3.47 11.78
CA ALA A 137 -5.84 -3.26 11.44
C ALA A 137 -5.67 -1.85 10.86
N GLU A 138 -4.89 -1.02 11.55
CA GLU A 138 -4.64 0.36 11.15
C GLU A 138 -3.16 0.57 10.86
N TYR A 139 -2.91 1.34 9.81
CA TYR A 139 -1.60 1.53 9.19
C TYR A 139 -1.30 3.01 8.95
N ALA A 140 -0.06 3.34 8.60
CA ALA A 140 0.35 4.70 8.30
C ALA A 140 1.42 4.69 7.21
N ILE A 141 1.25 5.52 6.17
CA ILE A 141 2.20 5.66 5.05
C ILE A 141 2.63 7.13 4.97
N SER A 142 3.91 7.40 4.69
CA SER A 142 4.44 8.75 4.51
C SER A 142 3.80 9.41 3.28
N LEU A 143 2.75 10.19 3.48
CA LEU A 143 2.07 10.97 2.43
C LEU A 143 3.05 11.87 1.66
N GLU A 144 4.09 12.37 2.36
CA GLU A 144 5.11 13.18 1.71
C GLU A 144 6.00 12.39 0.73
N GLU A 145 6.22 11.09 0.97
CA GLU A 145 6.90 10.19 0.02
C GLU A 145 5.98 9.73 -1.12
N LEU A 146 4.68 9.55 -0.85
CA LEU A 146 3.68 9.21 -1.87
C LEU A 146 3.57 10.32 -2.91
N LYS A 147 3.45 11.60 -2.52
CA LYS A 147 3.39 12.73 -3.47
C LYS A 147 4.51 12.69 -4.53
N LYS A 148 5.73 12.29 -4.18
CA LYS A 148 6.89 12.15 -5.09
C LYS A 148 6.68 11.19 -6.27
N ASN A 149 5.76 10.24 -6.14
CA ASN A 149 5.42 9.19 -7.11
C ASN A 149 3.91 9.12 -7.44
N LEU A 150 3.10 10.05 -6.90
CA LEU A 150 1.66 10.19 -7.15
C LEU A 150 1.36 11.42 -8.05
N LYS A 151 2.17 12.47 -7.94
CA LYS A 151 2.18 13.64 -8.82
C LYS A 151 2.69 13.32 -10.24
N LYS A 1 16.73 -38.59 -26.75
CA LYS A 1 17.14 -39.49 -25.63
C LYS A 1 18.68 -39.63 -25.48
N ILE A 2 19.47 -38.57 -25.76
CA ILE A 2 20.95 -38.59 -25.71
C ILE A 2 21.45 -37.31 -25.05
N HIS A 3 22.01 -37.42 -23.84
CA HIS A 3 22.60 -36.30 -23.10
C HIS A 3 23.99 -35.90 -23.65
N THR A 4 24.35 -34.62 -23.52
CA THR A 4 25.68 -34.09 -23.89
C THR A 4 26.79 -34.57 -22.95
N SER A 5 27.71 -35.39 -23.46
CA SER A 5 28.88 -35.90 -22.72
C SER A 5 30.10 -34.94 -22.74
N TYR A 6 30.15 -34.01 -23.70
CA TYR A 6 31.27 -33.07 -23.88
C TYR A 6 31.29 -31.97 -22.80
N ASP A 7 32.47 -31.64 -22.29
CA ASP A 7 32.68 -30.69 -21.19
C ASP A 7 32.82 -29.23 -21.71
N GLU A 8 31.69 -28.60 -22.02
CA GLU A 8 31.61 -27.19 -22.45
C GLU A 8 30.32 -26.53 -21.93
N GLN A 9 30.43 -25.28 -21.45
CA GLN A 9 29.32 -24.48 -20.94
C GLN A 9 29.59 -22.98 -21.20
N SER A 10 28.83 -22.41 -22.13
CA SER A 10 28.92 -21.00 -22.56
C SER A 10 27.63 -20.54 -23.28
N SER A 11 27.51 -19.23 -23.54
CA SER A 11 26.37 -18.60 -24.24
C SER A 11 24.98 -18.84 -23.60
N GLY A 12 24.94 -19.19 -22.31
CA GLY A 12 23.72 -19.54 -21.56
C GLY A 12 23.38 -18.58 -20.41
N GLU A 13 24.37 -17.97 -19.75
CA GLU A 13 24.17 -16.88 -18.79
C GLU A 13 23.78 -15.57 -19.52
N SER A 14 23.02 -14.70 -18.85
CA SER A 14 22.48 -13.46 -19.41
C SER A 14 22.46 -12.31 -18.38
N LYS A 15 22.04 -11.11 -18.81
CA LYS A 15 21.77 -9.95 -17.93
C LYS A 15 20.66 -10.25 -16.90
N VAL A 16 20.82 -9.71 -15.68
CA VAL A 16 19.93 -9.93 -14.52
C VAL A 16 19.76 -8.61 -13.75
N LYS A 17 19.21 -7.60 -14.45
CA LYS A 17 18.86 -6.28 -13.91
C LYS A 17 17.35 -6.19 -13.61
N LYS A 18 17.01 -5.25 -12.72
CA LYS A 18 15.63 -4.97 -12.26
C LYS A 18 15.40 -3.46 -12.17
N ILE A 19 14.68 -2.93 -13.15
CA ILE A 19 14.39 -1.50 -13.34
C ILE A 19 13.03 -1.18 -12.70
N GLU A 20 13.04 -0.30 -11.70
CA GLU A 20 11.85 0.13 -10.93
C GLU A 20 11.27 1.45 -11.50
N PHE A 21 11.08 1.47 -12.83
CA PHE A 21 10.40 2.55 -13.56
C PHE A 21 8.87 2.42 -13.64
N SER A 22 8.35 1.21 -13.41
CA SER A 22 6.92 0.84 -13.52
C SER A 22 6.30 0.42 -12.17
N LYS A 23 7.12 0.32 -11.12
CA LYS A 23 6.73 0.15 -9.72
C LYS A 23 7.58 1.07 -8.83
N PHE A 24 7.10 1.39 -7.63
CA PHE A 24 7.82 2.19 -6.64
C PHE A 24 7.59 1.65 -5.23
N THR A 25 8.41 2.09 -4.26
CA THR A 25 8.36 1.55 -2.90
C THR A 25 8.44 2.67 -1.86
N VAL A 26 7.54 2.63 -0.85
CA VAL A 26 7.42 3.64 0.22
C VAL A 26 7.35 2.99 1.60
N LYS A 27 7.65 3.76 2.67
CA LYS A 27 7.53 3.30 4.07
C LYS A 27 6.10 2.84 4.41
N ILE A 28 5.98 1.95 5.41
CA ILE A 28 4.71 1.47 5.97
C ILE A 28 4.91 1.09 7.44
N LYS A 29 3.95 1.50 8.28
CA LYS A 29 3.89 1.26 9.73
C LYS A 29 2.50 0.75 10.11
N ASN A 30 2.36 0.14 11.28
CA ASN A 30 1.08 -0.36 11.82
C ASN A 30 0.89 0.00 13.29
N LYS A 31 -0.36 -0.02 13.78
CA LYS A 31 -0.68 0.16 15.20
C LYS A 31 -0.55 -1.18 15.96
N ASP A 32 0.41 -1.26 16.89
CA ASP A 32 0.60 -2.43 17.76
C ASP A 32 -0.49 -2.52 18.88
N LYS A 33 -0.37 -3.51 19.77
CA LYS A 33 -1.20 -3.70 21.00
C LYS A 33 -1.19 -2.47 21.91
N SER A 34 -0.12 -1.68 21.86
CA SER A 34 0.06 -0.44 22.60
C SER A 34 -0.77 0.74 22.06
N GLY A 35 -1.43 0.59 20.90
CA GLY A 35 -2.08 1.69 20.17
C GLY A 35 -1.09 2.78 19.76
N ASN A 36 0.10 2.35 19.32
CA ASN A 36 1.24 3.18 18.93
C ASN A 36 1.78 2.69 17.58
N TRP A 37 2.12 3.62 16.70
CA TRP A 37 2.68 3.31 15.38
C TRP A 37 4.09 2.70 15.50
N THR A 38 4.32 1.59 14.80
CA THR A 38 5.60 0.86 14.77
C THR A 38 5.91 0.42 13.33
N ASP A 39 7.17 0.56 12.92
CA ASP A 39 7.65 0.22 11.59
C ASP A 39 7.37 -1.24 11.21
N LEU A 40 6.70 -1.44 10.07
CA LEU A 40 6.31 -2.76 9.57
C LEU A 40 7.27 -3.24 8.47
N GLY A 41 7.60 -2.36 7.52
CA GLY A 41 8.47 -2.69 6.39
C GLY A 41 8.43 -1.63 5.27
N ASP A 42 8.04 -2.07 4.08
CA ASP A 42 7.98 -1.27 2.86
C ASP A 42 6.78 -1.72 2.00
N LEU A 43 6.25 -0.84 1.14
CA LEU A 43 5.10 -1.13 0.27
C LEU A 43 5.48 -0.94 -1.20
N VAL A 44 5.67 -2.05 -1.92
CA VAL A 44 5.92 -2.07 -3.36
C VAL A 44 4.60 -1.84 -4.12
N VAL A 45 4.35 -0.62 -4.57
CA VAL A 45 3.22 -0.21 -5.41
C VAL A 45 3.56 -0.44 -6.89
N ARG A 46 2.80 -1.31 -7.56
CA ARG A 46 2.92 -1.68 -8.98
C ARG A 46 1.81 -1.02 -9.81
N LYS A 47 2.20 -0.26 -10.83
CA LYS A 47 1.30 0.39 -11.81
C LYS A 47 0.99 -0.59 -12.95
N GLU A 48 0.07 -1.51 -12.68
CA GLU A 48 -0.48 -2.44 -13.67
C GLU A 48 -1.36 -1.70 -14.71
N GLU A 49 -1.79 -2.40 -15.77
CA GLU A 49 -2.64 -1.82 -16.84
C GLU A 49 -4.10 -1.58 -16.40
N ASN A 50 -4.66 -2.51 -15.63
CA ASN A 50 -6.09 -2.59 -15.29
C ASN A 50 -6.40 -2.22 -13.81
N GLY A 51 -5.58 -1.34 -13.26
CA GLY A 51 -5.63 -0.81 -11.89
C GLY A 51 -4.24 -0.65 -11.25
N ILE A 52 -4.22 -0.51 -9.93
CA ILE A 52 -2.98 -0.52 -9.11
C ILE A 52 -2.99 -1.71 -8.15
N ASP A 53 -1.82 -2.31 -7.91
CA ASP A 53 -1.62 -3.45 -7.01
C ASP A 53 -0.44 -3.17 -6.08
N THR A 54 -0.51 -3.55 -4.81
CA THR A 54 0.53 -3.23 -3.81
C THR A 54 0.92 -4.45 -2.97
N GLY A 55 2.20 -4.52 -2.57
CA GLY A 55 2.70 -5.64 -1.79
C GLY A 55 3.66 -5.21 -0.69
N LEU A 56 3.35 -5.64 0.53
CA LEU A 56 4.12 -5.44 1.76
C LEU A 56 5.43 -6.24 1.70
N ASN A 57 6.54 -5.64 2.13
CA ASN A 57 7.88 -6.18 2.09
C ASN A 57 8.64 -5.89 3.41
N ALA A 58 8.25 -6.61 4.47
CA ALA A 58 8.82 -6.57 5.82
C ALA A 58 10.16 -7.36 5.92
N GLY A 59 10.78 -7.32 7.11
CA GLY A 59 12.01 -8.06 7.45
C GLY A 59 11.90 -9.57 7.22
N GLY A 60 12.33 -10.04 6.04
CA GLY A 60 12.29 -11.44 5.63
C GLY A 60 10.88 -11.98 5.33
N HIS A 61 9.90 -11.12 5.03
CA HIS A 61 8.50 -11.51 4.83
C HIS A 61 7.78 -10.59 3.81
N SER A 62 7.01 -11.15 2.87
CA SER A 62 6.25 -10.36 1.89
C SER A 62 4.96 -11.02 1.41
N ALA A 63 3.96 -10.19 1.08
CA ALA A 63 2.63 -10.59 0.59
C ALA A 63 1.90 -9.41 -0.08
N THR A 64 0.87 -9.68 -0.89
CA THR A 64 -0.04 -8.64 -1.40
C THR A 64 -0.69 -7.92 -0.21
N PHE A 65 -0.78 -6.58 -0.27
CA PHE A 65 -1.34 -5.75 0.80
C PHE A 65 -2.74 -5.26 0.41
N PHE A 66 -2.89 -4.73 -0.81
CA PHE A 66 -4.19 -4.41 -1.43
C PHE A 66 -4.09 -4.22 -2.95
N SER A 67 -5.23 -4.13 -3.62
CA SER A 67 -5.34 -3.75 -5.04
C SER A 67 -6.66 -3.05 -5.34
N LEU A 68 -6.67 -2.29 -6.43
CA LEU A 68 -7.81 -1.54 -6.91
C LEU A 68 -7.92 -1.60 -8.44
N GLU A 69 -9.12 -1.34 -8.95
CA GLU A 69 -9.42 -1.47 -10.38
C GLU A 69 -8.94 -0.24 -11.18
N GLU A 70 -8.88 -0.35 -12.51
CA GLU A 70 -8.56 0.76 -13.43
C GLU A 70 -9.47 1.99 -13.21
N GLU A 71 -10.74 1.77 -12.83
CA GLU A 71 -11.72 2.80 -12.49
C GLU A 71 -11.37 3.58 -11.20
N VAL A 72 -10.36 3.14 -10.43
CA VAL A 72 -10.03 3.68 -9.10
C VAL A 72 -8.62 4.29 -9.09
N VAL A 73 -7.81 4.15 -10.15
CA VAL A 73 -6.40 4.62 -10.22
C VAL A 73 -6.26 6.08 -9.81
N ASN A 74 -6.90 7.00 -10.55
CA ASN A 74 -6.86 8.43 -10.22
C ASN A 74 -7.61 8.78 -8.92
N ASN A 75 -8.62 7.99 -8.54
CA ASN A 75 -9.37 8.11 -7.30
C ASN A 75 -8.45 7.86 -6.08
N PHE A 76 -7.73 6.74 -6.07
CA PHE A 76 -6.82 6.33 -5.01
C PHE A 76 -5.72 7.36 -4.82
N VAL A 77 -5.11 7.79 -5.92
CA VAL A 77 -4.03 8.79 -5.92
C VAL A 77 -4.49 10.10 -5.27
N LYS A 78 -5.76 10.50 -5.45
CA LYS A 78 -6.37 11.66 -4.80
C LYS A 78 -6.42 11.52 -3.28
N VAL A 79 -7.02 10.44 -2.78
CA VAL A 79 -7.15 10.20 -1.33
C VAL A 79 -5.80 9.87 -0.66
N MET A 80 -4.76 9.60 -1.45
CA MET A 80 -3.40 9.29 -1.03
C MET A 80 -2.49 10.53 -0.99
N THR A 81 -2.98 11.71 -1.43
CA THR A 81 -2.30 13.02 -1.24
C THR A 81 -3.19 14.08 -0.57
N GLU A 82 -4.51 13.86 -0.51
CA GLU A 82 -5.50 14.81 0.05
C GLU A 82 -6.48 14.18 1.06
N GLY A 83 -6.48 12.85 1.18
CA GLY A 83 -7.43 12.08 2.00
C GLY A 83 -8.82 11.93 1.39
N GLY A 84 -9.54 10.88 1.79
CA GLY A 84 -10.84 10.52 1.23
C GLY A 84 -11.18 9.03 1.36
N SER A 85 -12.26 8.63 0.69
CA SER A 85 -12.90 7.32 0.84
C SER A 85 -13.47 6.75 -0.48
N PHE A 86 -12.81 5.70 -1.00
CA PHE A 86 -13.16 4.97 -2.22
C PHE A 86 -13.01 3.46 -1.99
N LYS A 87 -13.82 2.64 -2.66
CA LYS A 87 -13.75 1.17 -2.57
C LYS A 87 -12.56 0.64 -3.39
N THR A 88 -12.08 -0.54 -3.01
CA THR A 88 -10.93 -1.24 -3.62
C THR A 88 -11.37 -2.59 -4.21
N SER A 89 -10.60 -3.13 -5.17
CA SER A 89 -10.95 -4.38 -5.85
C SER A 89 -10.72 -5.59 -4.94
N LEU A 90 -9.63 -5.55 -4.18
CA LEU A 90 -9.20 -6.56 -3.23
C LEU A 90 -8.39 -5.95 -2.07
N TYR A 91 -8.57 -6.50 -0.86
CA TYR A 91 -7.85 -6.09 0.34
C TYR A 91 -7.43 -7.30 1.19
N TYR A 92 -6.17 -7.73 1.03
CA TYR A 92 -5.57 -8.85 1.76
C TYR A 92 -4.97 -8.48 3.13
N GLY A 93 -4.31 -7.32 3.25
CA GLY A 93 -3.49 -6.94 4.41
C GLY A 93 -2.25 -7.83 4.63
N TYR A 94 -1.45 -7.49 5.66
CA TYR A 94 -0.35 -8.32 6.17
C TYR A 94 -0.84 -9.68 6.75
N LYS A 95 0.07 -10.64 7.02
CA LYS A 95 -0.31 -11.97 7.57
C LYS A 95 -1.04 -11.95 8.93
N GLU A 96 -0.92 -10.89 9.70
CA GLU A 96 -1.71 -10.68 10.92
C GLU A 96 -3.23 -10.53 10.64
N GLU A 97 -3.61 -10.09 9.43
CA GLU A 97 -4.99 -9.83 9.00
C GLU A 97 -5.82 -11.14 8.86
N GLN A 98 -7.09 -11.12 9.25
CA GLN A 98 -7.98 -12.30 9.21
C GLN A 98 -8.36 -12.72 7.77
N SER A 99 -8.48 -11.77 6.84
CA SER A 99 -8.84 -12.02 5.44
C SER A 99 -7.66 -12.23 4.49
N VAL A 100 -6.40 -12.23 4.96
CA VAL A 100 -5.20 -12.47 4.12
C VAL A 100 -5.24 -13.77 3.30
N ILE A 101 -6.02 -14.77 3.75
CA ILE A 101 -6.14 -16.09 3.11
C ILE A 101 -6.77 -16.00 1.71
N ASN A 102 -7.77 -15.12 1.51
CA ASN A 102 -8.57 -15.02 0.28
C ASN A 102 -8.78 -13.56 -0.22
N GLY A 103 -8.46 -12.57 0.60
CA GLY A 103 -8.77 -11.16 0.37
C GLY A 103 -10.26 -10.82 0.58
N ILE A 104 -10.60 -9.54 0.44
CA ILE A 104 -11.96 -8.99 0.57
C ILE A 104 -12.27 -8.19 -0.69
N GLN A 105 -13.19 -8.69 -1.52
CA GLN A 105 -13.66 -7.95 -2.69
C GLN A 105 -14.50 -6.74 -2.29
N ASN A 106 -14.39 -5.66 -3.07
CA ASN A 106 -15.12 -4.39 -2.91
C ASN A 106 -14.89 -3.68 -1.55
N LYS A 107 -13.80 -4.00 -0.84
CA LYS A 107 -13.46 -3.43 0.48
C LYS A 107 -13.44 -1.90 0.46
N GLU A 108 -14.24 -1.29 1.33
CA GLU A 108 -14.24 0.15 1.58
C GLU A 108 -12.98 0.56 2.35
N ILE A 109 -12.29 1.59 1.86
CA ILE A 109 -11.05 2.13 2.45
C ILE A 109 -11.21 3.63 2.65
N ILE A 110 -11.10 4.06 3.91
CA ILE A 110 -11.28 5.45 4.35
C ILE A 110 -9.93 5.97 4.87
N THR A 111 -9.24 6.70 4.01
CA THR A 111 -7.96 7.34 4.33
C THR A 111 -8.13 8.67 5.06
N LYS A 112 -7.12 9.07 5.84
CA LYS A 112 -7.05 10.37 6.54
C LYS A 112 -5.61 10.83 6.71
N ILE A 113 -5.33 12.12 6.53
CA ILE A 113 -4.01 12.71 6.78
C ILE A 113 -3.83 12.95 8.28
N GLU A 114 -2.67 12.54 8.82
CA GLU A 114 -2.28 12.74 10.22
C GLU A 114 -0.79 13.10 10.33
N LYS A 115 -0.49 14.26 10.94
CA LYS A 115 0.88 14.67 11.28
C LYS A 115 1.40 13.88 12.48
N ILE A 116 2.37 13.00 12.23
CA ILE A 116 3.08 12.21 13.25
C ILE A 116 4.40 12.94 13.57
N ASP A 117 4.37 13.74 14.63
CA ASP A 117 5.49 14.57 15.13
C ASP A 117 6.02 15.65 14.16
N GLY A 118 5.24 16.01 13.13
CA GLY A 118 5.60 17.03 12.13
C GLY A 118 5.69 16.48 10.69
N THR A 119 5.92 15.18 10.53
CA THR A 119 5.83 14.49 9.23
C THR A 119 4.38 14.14 8.93
N GLU A 120 3.86 14.53 7.78
CA GLU A 120 2.52 14.11 7.35
C GLU A 120 2.53 12.64 6.92
N TYR A 121 1.67 11.84 7.55
CA TYR A 121 1.36 10.46 7.15
C TYR A 121 -0.10 10.37 6.67
N ILE A 122 -0.44 9.24 6.08
CA ILE A 122 -1.81 8.85 5.74
C ILE A 122 -2.14 7.55 6.46
N THR A 123 -3.31 7.44 7.08
CA THR A 123 -3.77 6.22 7.76
C THR A 123 -5.10 5.76 7.18
N PHE A 124 -5.41 4.47 7.27
CA PHE A 124 -6.67 3.89 6.76
C PHE A 124 -7.16 2.72 7.61
N SER A 125 -8.49 2.61 7.73
CA SER A 125 -9.18 1.51 8.42
C SER A 125 -9.16 0.21 7.59
N GLY A 126 -8.38 -0.78 8.02
CA GLY A 126 -8.28 -2.08 7.36
C GLY A 126 -9.39 -3.07 7.76
N ASP A 127 -9.17 -4.36 7.50
CA ASP A 127 -10.01 -5.43 8.07
C ASP A 127 -9.77 -5.56 9.59
N LYS A 128 -10.55 -6.40 10.29
CA LYS A 128 -10.33 -6.71 11.71
C LYS A 128 -9.29 -7.83 11.89
N ILE A 129 -8.39 -7.68 12.87
CA ILE A 129 -7.49 -8.76 13.29
C ILE A 129 -8.10 -9.60 14.42
N LYS A 130 -7.57 -10.82 14.60
CA LYS A 130 -7.86 -11.69 15.76
C LYS A 130 -6.87 -11.45 16.91
N ASN A 131 -5.62 -11.12 16.58
CA ASN A 131 -4.50 -10.88 17.51
C ASN A 131 -4.72 -9.73 18.52
N SER A 132 -5.70 -8.85 18.27
CA SER A 132 -6.10 -7.74 19.15
C SER A 132 -7.59 -7.81 19.59
N GLY A 133 -8.33 -8.85 19.19
CA GLY A 133 -9.70 -9.14 19.59
C GLY A 133 -10.73 -8.89 18.48
N ASP A 134 -11.17 -7.65 18.35
CA ASP A 134 -12.17 -7.16 17.37
C ASP A 134 -11.80 -5.73 16.91
N LYS A 135 -10.50 -5.42 16.82
CA LYS A 135 -9.97 -4.12 16.41
C LYS A 135 -9.60 -4.19 14.93
N VAL A 136 -9.59 -3.05 14.26
CA VAL A 136 -9.17 -2.95 12.85
C VAL A 136 -7.66 -2.70 12.76
N ALA A 137 -7.00 -3.34 11.79
CA ALA A 137 -5.59 -3.11 11.50
C ALA A 137 -5.43 -1.74 10.81
N GLU A 138 -5.24 -0.69 11.60
CA GLU A 138 -4.84 0.62 11.09
C GLU A 138 -3.33 0.61 10.74
N TYR A 139 -2.99 1.39 9.71
CA TYR A 139 -1.66 1.52 9.14
C TYR A 139 -1.28 2.99 8.95
N ALA A 140 -0.03 3.27 8.58
CA ALA A 140 0.43 4.62 8.27
C ALA A 140 1.48 4.59 7.15
N ILE A 141 1.32 5.46 6.14
CA ILE A 141 2.27 5.59 5.02
C ILE A 141 2.74 7.05 4.93
N SER A 142 4.02 7.29 4.64
CA SER A 142 4.59 8.63 4.46
C SER A 142 3.94 9.30 3.25
N LEU A 143 2.93 10.15 3.48
CA LEU A 143 2.28 10.97 2.44
C LEU A 143 3.30 11.81 1.65
N GLU A 144 4.37 12.22 2.32
CA GLU A 144 5.45 12.98 1.68
C GLU A 144 6.22 12.15 0.63
N GLU A 145 6.29 10.81 0.76
CA GLU A 145 6.88 9.92 -0.25
C GLU A 145 5.89 9.51 -1.34
N LEU A 146 4.61 9.37 -1.00
CA LEU A 146 3.52 9.09 -1.94
C LEU A 146 3.46 10.18 -3.01
N LYS A 147 3.49 11.45 -2.61
CA LYS A 147 3.53 12.61 -3.52
C LYS A 147 4.66 12.60 -4.56
N LYS A 148 5.77 11.88 -4.32
CA LYS A 148 6.93 11.78 -5.24
C LYS A 148 6.73 10.78 -6.38
N ASN A 149 5.75 9.88 -6.28
CA ASN A 149 5.49 8.78 -7.22
C ASN A 149 4.05 8.75 -7.77
N LEU A 150 3.21 9.71 -7.36
CA LEU A 150 1.79 9.82 -7.71
C LEU A 150 1.54 10.88 -8.79
N LYS A 151 2.51 11.78 -9.02
CA LYS A 151 2.57 12.73 -10.14
C LYS A 151 2.65 12.01 -11.50
N LYS A 1 26.08 -14.96 32.08
CA LYS A 1 26.77 -14.30 30.93
C LYS A 1 25.76 -13.85 29.87
N ILE A 2 25.87 -12.59 29.43
CA ILE A 2 25.05 -12.01 28.33
C ILE A 2 25.37 -12.66 26.96
N HIS A 3 24.47 -12.49 25.99
CA HIS A 3 24.68 -12.86 24.59
C HIS A 3 24.02 -11.85 23.64
N THR A 4 24.67 -11.59 22.50
CA THR A 4 24.19 -10.73 21.40
C THR A 4 24.67 -11.29 20.05
N SER A 5 23.86 -11.17 19.00
CA SER A 5 24.23 -11.54 17.63
C SER A 5 23.52 -10.67 16.58
N TYR A 6 24.25 -10.29 15.52
CA TYR A 6 23.76 -9.54 14.37
C TYR A 6 24.70 -9.71 13.16
N ASP A 7 24.12 -9.77 11.97
CA ASP A 7 24.81 -9.85 10.67
C ASP A 7 23.94 -9.18 9.57
N GLU A 8 24.56 -8.83 8.43
CA GLU A 8 23.89 -8.21 7.28
C GLU A 8 24.04 -9.09 6.02
N GLN A 9 22.99 -9.18 5.21
CA GLN A 9 22.92 -10.07 4.03
C GLN A 9 22.00 -9.49 2.93
N SER A 10 22.30 -9.86 1.68
CA SER A 10 21.55 -9.47 0.45
C SER A 10 20.18 -10.16 0.28
N SER A 11 19.77 -11.00 1.25
CA SER A 11 18.44 -11.63 1.31
C SER A 11 17.29 -10.63 1.53
N GLY A 12 16.06 -11.12 1.70
CA GLY A 12 14.84 -10.35 1.95
C GLY A 12 14.91 -9.35 3.12
N GLU A 13 15.84 -9.53 4.07
CA GLU A 13 16.12 -8.57 5.16
C GLU A 13 16.67 -7.21 4.67
N SER A 14 17.11 -7.10 3.42
CA SER A 14 17.46 -5.81 2.78
C SER A 14 16.26 -4.87 2.62
N LYS A 15 16.49 -3.55 2.68
CA LYS A 15 15.49 -2.50 2.44
C LYS A 15 15.28 -2.27 0.94
N VAL A 16 14.15 -1.67 0.56
CA VAL A 16 13.69 -1.50 -0.83
C VAL A 16 13.04 -0.13 -0.98
N LYS A 17 13.47 0.62 -2.00
CA LYS A 17 13.15 2.04 -2.22
C LYS A 17 12.49 2.30 -3.57
N LYS A 18 12.36 3.57 -3.96
CA LYS A 18 11.76 4.02 -5.22
C LYS A 18 12.58 3.51 -6.41
N ILE A 19 11.92 2.87 -7.37
CA ILE A 19 12.55 2.20 -8.53
C ILE A 19 12.34 3.06 -9.80
N GLU A 20 13.27 2.96 -10.75
CA GLU A 20 13.19 3.66 -12.05
C GLU A 20 12.16 3.05 -13.02
N PHE A 21 11.58 1.89 -12.67
CA PHE A 21 10.57 1.15 -13.43
C PHE A 21 9.14 1.67 -13.19
N SER A 22 8.14 0.91 -13.65
CA SER A 22 6.69 1.14 -13.47
C SER A 22 6.26 1.07 -12.01
N LYS A 23 6.92 0.23 -11.20
CA LYS A 23 6.72 0.15 -9.75
C LYS A 23 7.58 1.17 -9.00
N PHE A 24 7.18 1.44 -7.77
CA PHE A 24 7.93 2.20 -6.76
C PHE A 24 7.72 1.62 -5.36
N THR A 25 8.48 2.08 -4.36
CA THR A 25 8.39 1.54 -2.99
C THR A 25 8.47 2.68 -1.98
N VAL A 26 7.58 2.66 -0.98
CA VAL A 26 7.47 3.68 0.08
C VAL A 26 7.43 3.05 1.47
N LYS A 27 7.67 3.85 2.51
CA LYS A 27 7.60 3.41 3.92
C LYS A 27 6.19 2.91 4.28
N ILE A 28 6.12 2.07 5.31
CA ILE A 28 4.87 1.61 5.92
C ILE A 28 5.11 1.29 7.40
N LYS A 29 4.18 1.75 8.23
CA LYS A 29 4.13 1.55 9.68
C LYS A 29 2.77 0.96 10.05
N ASN A 30 2.68 0.29 11.19
CA ASN A 30 1.45 -0.30 11.71
C ASN A 30 1.17 0.16 13.15
N LYS A 31 -0.09 0.14 13.58
CA LYS A 31 -0.43 0.34 14.99
C LYS A 31 -0.22 -0.97 15.76
N ASP A 32 0.68 -0.95 16.73
CA ASP A 32 0.83 -2.06 17.68
C ASP A 32 -0.38 -2.23 18.63
N LYS A 33 -0.31 -3.25 19.49
CA LYS A 33 -1.33 -3.55 20.53
C LYS A 33 -1.51 -2.42 21.54
N SER A 34 -0.54 -1.50 21.63
CA SER A 34 -0.58 -0.32 22.50
C SER A 34 -1.10 0.93 21.79
N GLY A 35 -1.48 0.85 20.50
CA GLY A 35 -1.98 2.00 19.76
C GLY A 35 -0.91 3.01 19.34
N ASN A 36 0.37 2.60 19.28
CA ASN A 36 1.48 3.40 18.77
C ASN A 36 1.87 2.97 17.35
N TRP A 37 2.12 3.96 16.49
CA TRP A 37 2.68 3.76 15.16
C TRP A 37 4.13 3.27 15.26
N THR A 38 4.43 2.12 14.65
CA THR A 38 5.74 1.46 14.68
C THR A 38 6.08 0.87 13.31
N ASP A 39 7.35 0.93 12.91
CA ASP A 39 7.80 0.50 11.58
C ASP A 39 7.47 -0.98 11.29
N LEU A 40 7.02 -1.25 10.05
CA LEU A 40 6.68 -2.59 9.57
C LEU A 40 7.63 -3.05 8.47
N GLY A 41 7.89 -2.19 7.49
CA GLY A 41 8.78 -2.49 6.36
C GLY A 41 8.67 -1.49 5.23
N ASP A 42 8.20 -1.97 4.07
CA ASP A 42 8.13 -1.22 2.81
C ASP A 42 6.90 -1.69 1.99
N LEU A 43 6.37 -0.82 1.14
CA LEU A 43 5.20 -1.10 0.30
C LEU A 43 5.56 -0.93 -1.17
N VAL A 44 5.72 -2.03 -1.90
CA VAL A 44 5.97 -2.07 -3.34
C VAL A 44 4.67 -1.78 -4.10
N VAL A 45 4.46 -0.51 -4.45
CA VAL A 45 3.36 -0.03 -5.30
C VAL A 45 3.72 -0.26 -6.77
N ARG A 46 3.19 -1.34 -7.34
CA ARG A 46 3.32 -1.68 -8.77
C ARG A 46 2.29 -0.91 -9.61
N LYS A 47 2.52 -0.81 -10.93
CA LYS A 47 1.60 -0.19 -11.90
C LYS A 47 1.11 -1.21 -12.92
N GLU A 48 0.11 -2.00 -12.53
CA GLU A 48 -0.64 -2.88 -13.45
C GLU A 48 -1.39 -2.11 -14.56
N GLU A 49 -1.94 -2.87 -15.51
CA GLU A 49 -2.75 -2.36 -16.63
C GLU A 49 -4.16 -1.94 -16.20
N ASN A 50 -4.78 -2.73 -15.31
CA ASN A 50 -6.19 -2.60 -14.92
C ASN A 50 -6.34 -2.12 -13.46
N GLY A 51 -5.53 -1.13 -13.07
CA GLY A 51 -5.54 -0.50 -11.74
C GLY A 51 -4.16 -0.31 -11.11
N ILE A 52 -4.14 -0.21 -9.78
CA ILE A 52 -2.91 -0.18 -8.96
C ILE A 52 -2.91 -1.33 -7.94
N ASP A 53 -1.76 -2.00 -7.82
CA ASP A 53 -1.50 -3.12 -6.91
C ASP A 53 -0.31 -2.84 -5.99
N THR A 54 -0.39 -3.27 -4.72
CA THR A 54 0.63 -2.98 -3.70
C THR A 54 0.96 -4.19 -2.85
N GLY A 55 2.24 -4.44 -2.57
CA GLY A 55 2.69 -5.56 -1.74
C GLY A 55 3.63 -5.13 -0.62
N LEU A 56 3.29 -5.54 0.60
CA LEU A 56 4.08 -5.35 1.81
C LEU A 56 5.36 -6.20 1.76
N ASN A 57 6.49 -5.61 2.14
CA ASN A 57 7.82 -6.20 2.04
C ASN A 57 8.66 -5.89 3.31
N ALA A 58 8.33 -6.56 4.41
CA ALA A 58 9.03 -6.48 5.70
C ALA A 58 10.36 -7.25 5.69
N GLY A 59 11.12 -7.14 6.78
CA GLY A 59 12.44 -7.79 6.92
C GLY A 59 12.44 -9.30 6.67
N GLY A 60 11.50 -10.03 7.28
CA GLY A 60 11.40 -11.50 7.19
C GLY A 60 10.13 -12.02 6.52
N HIS A 61 9.33 -11.15 5.89
CA HIS A 61 7.99 -11.50 5.39
C HIS A 61 7.54 -10.59 4.23
N SER A 62 6.79 -11.13 3.27
CA SER A 62 6.12 -10.34 2.22
C SER A 62 4.81 -10.97 1.72
N ALA A 63 3.85 -10.13 1.34
CA ALA A 63 2.53 -10.52 0.82
C ALA A 63 1.84 -9.35 0.10
N THR A 64 0.81 -9.62 -0.71
CA THR A 64 -0.09 -8.58 -1.26
C THR A 64 -0.74 -7.81 -0.11
N PHE A 65 -0.74 -6.48 -0.16
CA PHE A 65 -1.33 -5.61 0.88
C PHE A 65 -2.72 -5.14 0.44
N PHE A 66 -2.87 -4.66 -0.80
CA PHE A 66 -4.17 -4.32 -1.42
C PHE A 66 -4.04 -4.10 -2.95
N SER A 67 -5.18 -4.03 -3.63
CA SER A 67 -5.27 -3.72 -5.07
C SER A 67 -6.60 -3.09 -5.45
N LEU A 68 -6.56 -2.08 -6.31
CA LEU A 68 -7.71 -1.34 -6.83
C LEU A 68 -7.83 -1.46 -8.35
N GLU A 69 -9.02 -1.20 -8.88
CA GLU A 69 -9.32 -1.33 -10.32
C GLU A 69 -8.90 -0.08 -11.12
N GLU A 70 -8.87 -0.18 -12.45
CA GLU A 70 -8.53 0.92 -13.36
C GLU A 70 -9.44 2.14 -13.17
N GLU A 71 -10.71 1.90 -12.80
CA GLU A 71 -11.69 2.95 -12.48
C GLU A 71 -11.41 3.68 -11.16
N VAL A 72 -10.38 3.28 -10.39
CA VAL A 72 -10.06 3.83 -9.07
C VAL A 72 -8.67 4.45 -9.04
N VAL A 73 -7.88 4.40 -10.12
CA VAL A 73 -6.48 4.88 -10.18
C VAL A 73 -6.37 6.34 -9.75
N ASN A 74 -7.02 7.24 -10.49
CA ASN A 74 -7.01 8.69 -10.18
C ASN A 74 -7.77 9.02 -8.89
N ASN A 75 -8.73 8.18 -8.49
CA ASN A 75 -9.46 8.25 -7.23
C ASN A 75 -8.50 8.04 -6.04
N PHE A 76 -7.77 6.94 -6.05
CA PHE A 76 -6.82 6.53 -5.01
C PHE A 76 -5.69 7.56 -4.87
N VAL A 77 -5.15 8.02 -6.00
CA VAL A 77 -4.10 9.05 -6.07
C VAL A 77 -4.53 10.32 -5.31
N LYS A 78 -5.82 10.67 -5.37
CA LYS A 78 -6.41 11.80 -4.65
C LYS A 78 -6.51 11.56 -3.15
N VAL A 79 -7.12 10.46 -2.70
CA VAL A 79 -7.30 10.20 -1.25
C VAL A 79 -5.98 9.85 -0.54
N MET A 80 -4.96 9.41 -1.29
CA MET A 80 -3.61 9.12 -0.82
C MET A 80 -2.75 10.40 -0.73
N THR A 81 -3.26 11.56 -1.18
CA THR A 81 -2.55 12.85 -1.15
C THR A 81 -3.36 14.00 -0.53
N GLU A 82 -4.67 13.82 -0.37
CA GLU A 82 -5.62 14.80 0.21
C GLU A 82 -6.64 14.16 1.20
N GLY A 83 -6.69 12.83 1.26
CA GLY A 83 -7.65 12.06 2.07
C GLY A 83 -9.03 11.91 1.42
N GLY A 84 -9.75 10.85 1.80
CA GLY A 84 -11.04 10.47 1.22
C GLY A 84 -11.36 8.98 1.34
N SER A 85 -12.42 8.55 0.69
CA SER A 85 -13.03 7.22 0.83
C SER A 85 -13.57 6.64 -0.49
N PHE A 86 -12.92 5.61 -1.01
CA PHE A 86 -13.23 4.91 -2.27
C PHE A 86 -13.07 3.38 -2.08
N LYS A 87 -13.90 2.57 -2.76
CA LYS A 87 -13.78 1.10 -2.74
C LYS A 87 -12.61 0.60 -3.59
N THR A 88 -11.98 -0.49 -3.15
CA THR A 88 -10.91 -1.21 -3.87
C THR A 88 -11.41 -2.53 -4.48
N SER A 89 -10.60 -3.14 -5.35
CA SER A 89 -10.93 -4.42 -5.98
C SER A 89 -10.78 -5.59 -5.01
N LEU A 90 -9.73 -5.51 -4.19
CA LEU A 90 -9.27 -6.52 -3.23
C LEU A 90 -8.45 -5.86 -2.10
N TYR A 91 -8.59 -6.40 -0.89
CA TYR A 91 -7.78 -6.04 0.28
C TYR A 91 -7.40 -7.27 1.10
N TYR A 92 -6.13 -7.69 0.99
CA TYR A 92 -5.57 -8.81 1.77
C TYR A 92 -4.96 -8.37 3.12
N GLY A 93 -4.25 -7.24 3.17
CA GLY A 93 -3.42 -6.81 4.30
C GLY A 93 -2.17 -7.67 4.54
N TYR A 94 -1.38 -7.32 5.56
CA TYR A 94 -0.27 -8.14 6.07
C TYR A 94 -0.74 -9.54 6.54
N LYS A 95 0.21 -10.48 6.72
CA LYS A 95 -0.06 -11.83 7.25
C LYS A 95 -0.59 -11.81 8.70
N GLU A 96 -1.00 -12.98 9.20
CA GLU A 96 -1.57 -13.21 10.56
C GLU A 96 -2.96 -12.55 10.77
N GLU A 97 -3.62 -12.13 9.68
CA GLU A 97 -4.92 -11.44 9.64
C GLU A 97 -6.11 -12.40 9.45
N GLN A 98 -7.35 -11.91 9.65
CA GLN A 98 -8.55 -12.70 9.37
C GLN A 98 -8.91 -12.81 7.87
N SER A 99 -8.47 -11.86 7.02
CA SER A 99 -8.87 -11.78 5.60
C SER A 99 -7.73 -11.92 4.59
N VAL A 100 -6.48 -12.06 5.04
CA VAL A 100 -5.30 -12.32 4.18
C VAL A 100 -5.34 -13.67 3.43
N ILE A 101 -6.24 -14.58 3.82
CA ILE A 101 -6.40 -15.92 3.22
C ILE A 101 -6.77 -15.83 1.71
N ASN A 102 -7.74 -14.98 1.37
CA ASN A 102 -8.28 -14.81 0.01
C ASN A 102 -8.63 -13.35 -0.36
N GLY A 103 -8.53 -12.45 0.61
CA GLY A 103 -8.81 -11.02 0.47
C GLY A 103 -10.25 -10.66 0.84
N ILE A 104 -10.62 -9.42 0.51
CA ILE A 104 -11.98 -8.87 0.63
C ILE A 104 -12.28 -8.15 -0.69
N GLN A 105 -13.15 -8.71 -1.52
CA GLN A 105 -13.61 -8.04 -2.73
C GLN A 105 -14.48 -6.82 -2.40
N ASN A 106 -14.38 -5.78 -3.23
CA ASN A 106 -15.17 -4.54 -3.16
C ASN A 106 -15.02 -3.76 -1.82
N LYS A 107 -13.91 -3.94 -1.11
CA LYS A 107 -13.68 -3.41 0.25
C LYS A 107 -13.60 -1.88 0.28
N GLU A 108 -14.35 -1.25 1.18
CA GLU A 108 -14.34 0.21 1.38
C GLU A 108 -13.12 0.68 2.20
N ILE A 109 -12.28 1.51 1.59
CA ILE A 109 -11.08 2.07 2.22
C ILE A 109 -11.27 3.55 2.49
N ILE A 110 -11.22 3.92 3.78
CA ILE A 110 -11.38 5.29 4.27
C ILE A 110 -10.03 5.78 4.78
N THR A 111 -9.34 6.54 3.93
CA THR A 111 -8.07 7.21 4.28
C THR A 111 -8.29 8.50 5.07
N LYS A 112 -7.27 8.93 5.83
CA LYS A 112 -7.23 10.23 6.53
C LYS A 112 -5.79 10.71 6.75
N ILE A 113 -5.56 12.02 6.63
CA ILE A 113 -4.26 12.66 6.89
C ILE A 113 -4.09 12.85 8.41
N GLU A 114 -2.93 12.49 8.94
CA GLU A 114 -2.50 12.75 10.31
C GLU A 114 -0.97 12.89 10.38
N LYS A 115 -0.45 13.79 11.22
CA LYS A 115 0.99 13.85 11.54
C LYS A 115 1.33 12.82 12.62
N ILE A 116 2.60 12.43 12.69
CA ILE A 116 3.12 11.48 13.69
C ILE A 116 4.32 12.05 14.46
N ASP A 117 5.28 12.65 13.74
CA ASP A 117 6.50 13.23 14.33
C ASP A 117 6.99 14.50 13.60
N GLY A 118 6.14 15.13 12.76
CA GLY A 118 6.48 16.31 11.96
C GLY A 118 6.27 16.11 10.45
N THR A 119 6.32 14.86 9.98
CA THR A 119 5.94 14.48 8.61
C THR A 119 4.43 14.21 8.57
N GLU A 120 3.76 14.59 7.49
CA GLU A 120 2.37 14.20 7.22
C GLU A 120 2.31 12.73 6.78
N TYR A 121 1.51 11.94 7.47
CA TYR A 121 1.20 10.55 7.15
C TYR A 121 -0.26 10.41 6.68
N ILE A 122 -0.58 9.25 6.15
CA ILE A 122 -1.93 8.83 5.78
C ILE A 122 -2.23 7.50 6.48
N THR A 123 -3.41 7.37 7.09
CA THR A 123 -3.85 6.12 7.74
C THR A 123 -5.15 5.64 7.10
N PHE A 124 -5.44 4.35 7.21
CA PHE A 124 -6.63 3.74 6.61
C PHE A 124 -7.13 2.55 7.45
N SER A 125 -8.45 2.48 7.62
CA SER A 125 -9.15 1.42 8.36
C SER A 125 -9.20 0.12 7.54
N GLY A 126 -8.42 -0.88 7.94
CA GLY A 126 -8.34 -2.19 7.29
C GLY A 126 -9.38 -3.21 7.78
N ASP A 127 -9.14 -4.48 7.47
CA ASP A 127 -9.91 -5.62 8.01
C ASP A 127 -9.73 -5.74 9.54
N LYS A 128 -10.63 -6.45 10.23
CA LYS A 128 -10.44 -6.75 11.65
C LYS A 128 -9.43 -7.88 11.82
N ILE A 129 -8.46 -7.70 12.72
CA ILE A 129 -7.48 -8.72 13.12
C ILE A 129 -8.02 -9.58 14.26
N LYS A 130 -7.45 -10.78 14.42
CA LYS A 130 -7.72 -11.68 15.55
C LYS A 130 -6.74 -11.48 16.72
N ASN A 131 -5.51 -11.04 16.43
CA ASN A 131 -4.44 -10.82 17.41
C ASN A 131 -4.70 -9.67 18.41
N SER A 132 -5.79 -8.89 18.23
CA SER A 132 -6.16 -7.75 19.09
C SER A 132 -7.61 -7.78 19.62
N GLY A 133 -8.49 -8.62 19.06
CA GLY A 133 -9.86 -8.88 19.55
C GLY A 133 -10.94 -8.54 18.52
N ASP A 134 -11.33 -7.26 18.47
CA ASP A 134 -12.36 -6.70 17.58
C ASP A 134 -11.91 -5.35 17.00
N LYS A 135 -10.59 -5.12 16.93
CA LYS A 135 -9.99 -3.89 16.42
C LYS A 135 -9.75 -4.01 14.91
N VAL A 136 -9.48 -2.90 14.26
CA VAL A 136 -9.15 -2.86 12.82
C VAL A 136 -7.64 -2.71 12.60
N ALA A 137 -7.13 -3.38 11.57
CA ALA A 137 -5.74 -3.28 11.13
C ALA A 137 -5.47 -1.87 10.58
N GLU A 138 -4.97 -0.97 11.42
CA GLU A 138 -4.62 0.39 11.01
C GLU A 138 -3.10 0.54 10.79
N TYR A 139 -2.77 1.37 9.79
CA TYR A 139 -1.42 1.56 9.25
C TYR A 139 -1.14 3.05 9.00
N ALA A 140 0.09 3.38 8.62
CA ALA A 140 0.49 4.74 8.31
C ALA A 140 1.55 4.72 7.19
N ILE A 141 1.36 5.59 6.18
CA ILE A 141 2.32 5.75 5.06
C ILE A 141 2.71 7.24 4.97
N SER A 142 3.98 7.55 4.69
CA SER A 142 4.47 8.91 4.52
C SER A 142 3.82 9.55 3.29
N LEU A 143 2.73 10.29 3.48
CA LEU A 143 2.01 11.00 2.43
C LEU A 143 2.93 11.94 1.64
N GLU A 144 3.95 12.50 2.30
CA GLU A 144 4.92 13.36 1.61
C GLU A 144 5.84 12.58 0.65
N GLU A 145 6.09 11.28 0.89
CA GLU A 145 6.86 10.41 -0.01
C GLU A 145 5.98 9.74 -1.08
N LEU A 146 4.69 9.53 -0.78
CA LEU A 146 3.68 9.11 -1.76
C LEU A 146 3.54 10.15 -2.89
N LYS A 147 3.39 11.44 -2.53
CA LYS A 147 3.23 12.55 -3.49
C LYS A 147 4.30 12.59 -4.58
N LYS A 148 5.56 12.26 -4.24
CA LYS A 148 6.71 12.28 -5.16
C LYS A 148 6.73 11.14 -6.19
N ASN A 149 5.87 10.13 -6.02
CA ASN A 149 5.82 8.92 -6.87
C ASN A 149 4.41 8.62 -7.44
N LEU A 150 3.40 9.40 -7.08
CA LEU A 150 2.01 9.25 -7.51
C LEU A 150 1.68 10.08 -8.77
N LYS A 151 2.48 11.13 -9.02
CA LYS A 151 2.43 12.00 -10.20
C LYS A 151 2.64 11.22 -11.53
N LYS A 1 -4.10 -7.13 -53.66
CA LYS A 1 -3.08 -8.20 -53.95
C LYS A 1 -3.67 -9.59 -53.69
N ILE A 2 -3.64 -10.49 -54.67
CA ILE A 2 -4.18 -11.88 -54.57
C ILE A 2 -3.16 -12.99 -54.85
N HIS A 3 -1.96 -12.64 -55.34
CA HIS A 3 -0.89 -13.57 -55.72
C HIS A 3 0.42 -13.18 -55.01
N THR A 4 0.37 -13.13 -53.67
CA THR A 4 1.56 -12.94 -52.83
C THR A 4 2.63 -14.00 -53.10
N SER A 5 3.90 -13.62 -52.98
CA SER A 5 5.08 -14.48 -53.12
C SER A 5 5.90 -14.59 -51.83
N TYR A 6 5.81 -13.58 -50.95
CA TYR A 6 6.33 -13.61 -49.59
C TYR A 6 5.38 -14.35 -48.63
N ASP A 7 5.94 -14.97 -47.59
CA ASP A 7 5.21 -15.68 -46.54
C ASP A 7 6.01 -15.65 -45.21
N GLU A 8 5.36 -15.23 -44.12
CA GLU A 8 5.98 -15.01 -42.80
C GLU A 8 7.29 -14.18 -42.85
N GLN A 9 7.33 -13.19 -43.75
CA GLN A 9 8.49 -12.32 -44.02
C GLN A 9 8.07 -10.86 -43.80
N SER A 10 8.69 -10.22 -42.81
CA SER A 10 8.43 -8.83 -42.41
C SER A 10 9.75 -8.07 -42.20
N SER A 11 9.75 -6.77 -42.47
CA SER A 11 10.94 -5.91 -42.48
C SER A 11 10.74 -4.67 -41.61
N GLY A 12 11.37 -4.69 -40.43
CA GLY A 12 11.40 -3.62 -39.45
C GLY A 12 12.25 -3.98 -38.23
N GLU A 13 12.59 -2.97 -37.43
CA GLU A 13 13.37 -3.11 -36.20
C GLU A 13 12.61 -2.51 -35.00
N SER A 14 12.99 -2.92 -33.79
CA SER A 14 12.38 -2.50 -32.53
C SER A 14 13.46 -2.30 -31.44
N LYS A 15 13.07 -1.61 -30.36
CA LYS A 15 13.91 -1.33 -29.18
C LYS A 15 13.44 -2.13 -27.97
N VAL A 16 14.40 -2.54 -27.14
CA VAL A 16 14.18 -3.43 -25.97
C VAL A 16 14.96 -2.87 -24.78
N LYS A 17 14.23 -2.56 -23.71
CA LYS A 17 14.75 -2.03 -22.46
C LYS A 17 13.89 -2.47 -21.26
N LYS A 18 14.44 -2.30 -20.05
CA LYS A 18 13.77 -2.56 -18.76
C LYS A 18 14.10 -1.44 -17.77
N ILE A 19 13.08 -0.68 -17.38
CA ILE A 19 13.15 0.42 -16.41
C ILE A 19 12.26 0.06 -15.20
N GLU A 20 12.78 0.22 -13.99
CA GLU A 20 12.02 -0.07 -12.76
C GLU A 20 10.96 0.99 -12.40
N PHE A 21 10.90 2.13 -13.09
CA PHE A 21 9.96 3.24 -12.83
C PHE A 21 8.45 2.89 -12.92
N SER A 22 8.12 1.74 -13.53
CA SER A 22 6.77 1.17 -13.55
C SER A 22 6.28 0.68 -12.17
N LYS A 23 7.18 0.64 -11.18
CA LYS A 23 6.88 0.43 -9.76
C LYS A 23 7.66 1.44 -8.91
N PHE A 24 7.28 1.54 -7.63
CA PHE A 24 8.02 2.29 -6.62
C PHE A 24 7.83 1.65 -5.25
N THR A 25 8.68 2.01 -4.28
CA THR A 25 8.63 1.44 -2.93
C THR A 25 8.72 2.54 -1.88
N VAL A 26 7.72 2.59 -0.99
CA VAL A 26 7.62 3.57 0.12
C VAL A 26 7.56 2.87 1.47
N LYS A 27 7.85 3.63 2.54
CA LYS A 27 7.79 3.17 3.94
C LYS A 27 6.37 2.74 4.33
N ILE A 28 6.23 1.96 5.39
CA ILE A 28 4.95 1.51 5.95
C ILE A 28 5.14 1.15 7.42
N LYS A 29 4.17 1.56 8.25
CA LYS A 29 4.12 1.35 9.70
C LYS A 29 2.74 0.79 10.09
N ASN A 30 2.65 0.21 11.28
CA ASN A 30 1.41 -0.34 11.84
C ASN A 30 1.21 0.06 13.31
N LYS A 31 -0.02 0.00 13.81
CA LYS A 31 -0.34 0.25 15.22
C LYS A 31 -0.14 -1.02 16.05
N ASP A 32 0.75 -0.97 17.04
CA ASP A 32 0.96 -2.08 17.99
C ASP A 32 -0.18 -2.20 19.03
N LYS A 33 -0.08 -3.18 19.94
CA LYS A 33 -1.00 -3.39 21.08
C LYS A 33 -1.08 -2.18 22.02
N SER A 34 -0.04 -1.34 22.04
CA SER A 34 0.02 -0.08 22.81
C SER A 34 -0.74 1.08 22.15
N GLY A 35 -1.26 0.90 20.92
CA GLY A 35 -1.85 1.97 20.10
C GLY A 35 -0.84 3.03 19.65
N ASN A 36 0.41 2.61 19.43
CA ASN A 36 1.52 3.42 18.96
C ASN A 36 1.99 2.93 17.58
N TRP A 37 2.36 3.87 16.69
CA TRP A 37 2.92 3.56 15.38
C TRP A 37 4.33 2.97 15.48
N THR A 38 4.58 1.88 14.76
CA THR A 38 5.86 1.16 14.74
C THR A 38 6.13 0.59 13.34
N ASP A 39 7.39 0.61 12.91
CA ASP A 39 7.81 0.22 11.56
C ASP A 39 7.39 -1.21 11.20
N LEU A 40 6.87 -1.40 9.97
CA LEU A 40 6.41 -2.69 9.47
C LEU A 40 7.36 -3.24 8.38
N GLY A 41 7.71 -2.41 7.40
CA GLY A 41 8.52 -2.82 6.25
C GLY A 41 8.58 -1.77 5.15
N ASP A 42 8.31 -2.23 3.92
CA ASP A 42 8.25 -1.45 2.68
C ASP A 42 7.04 -1.88 1.83
N LEU A 43 6.49 -0.98 1.00
CA LEU A 43 5.32 -1.21 0.14
C LEU A 43 5.68 -1.02 -1.34
N VAL A 44 5.83 -2.11 -2.09
CA VAL A 44 6.07 -2.10 -3.54
C VAL A 44 4.75 -1.83 -4.28
N VAL A 45 4.52 -0.59 -4.70
CA VAL A 45 3.39 -0.18 -5.55
C VAL A 45 3.73 -0.42 -7.02
N ARG A 46 2.86 -1.11 -7.75
CA ARG A 46 3.02 -1.54 -9.15
C ARG A 46 1.90 -0.94 -10.01
N LYS A 47 2.29 -0.13 -11.00
CA LYS A 47 1.40 0.51 -11.97
C LYS A 47 1.14 -0.44 -13.15
N GLU A 48 -0.04 -1.06 -13.17
CA GLU A 48 -0.48 -1.99 -14.22
C GLU A 48 -1.53 -1.33 -15.16
N GLU A 49 -1.88 -2.01 -16.25
CA GLU A 49 -2.93 -1.56 -17.21
C GLU A 49 -4.37 -1.76 -16.70
N ASN A 50 -4.52 -2.59 -15.66
CA ASN A 50 -5.79 -3.01 -15.05
C ASN A 50 -5.89 -2.59 -13.56
N GLY A 51 -5.54 -1.33 -13.28
CA GLY A 51 -5.53 -0.73 -11.94
C GLY A 51 -4.15 -0.69 -11.28
N ILE A 52 -4.13 -0.45 -9.97
CA ILE A 52 -2.89 -0.41 -9.17
C ILE A 52 -2.87 -1.59 -8.20
N ASP A 53 -1.70 -2.21 -8.04
CA ASP A 53 -1.48 -3.32 -7.10
C ASP A 53 -0.30 -3.01 -6.18
N THR A 54 -0.40 -3.35 -4.90
CA THR A 54 0.60 -3.00 -3.88
C THR A 54 0.96 -4.21 -3.03
N GLY A 55 2.26 -4.36 -2.75
CA GLY A 55 2.81 -5.57 -2.12
C GLY A 55 3.78 -5.19 -1.02
N LEU A 56 3.37 -5.46 0.20
CA LEU A 56 4.16 -5.29 1.41
C LEU A 56 5.37 -6.24 1.40
N ASN A 57 6.47 -5.79 2.00
CA ASN A 57 7.72 -6.53 2.16
C ASN A 57 8.27 -6.30 3.59
N ALA A 58 7.67 -6.97 4.58
CA ALA A 58 8.01 -6.84 5.99
C ALA A 58 9.21 -7.71 6.39
N GLY A 59 10.42 -7.25 6.05
CA GLY A 59 11.70 -7.85 6.41
C GLY A 59 12.08 -9.07 5.56
N GLY A 60 11.40 -10.19 5.82
CA GLY A 60 11.54 -11.47 5.12
C GLY A 60 10.19 -12.16 4.84
N HIS A 61 9.09 -11.40 4.90
CA HIS A 61 7.72 -11.90 4.82
C HIS A 61 6.85 -10.97 3.95
N SER A 62 7.07 -11.00 2.64
CA SER A 62 6.27 -10.24 1.66
C SER A 62 4.89 -10.86 1.39
N ALA A 63 3.92 -10.00 1.05
CA ALA A 63 2.54 -10.37 0.68
C ALA A 63 1.84 -9.21 -0.06
N THR A 64 0.80 -9.52 -0.85
CA THR A 64 -0.09 -8.51 -1.44
C THR A 64 -0.75 -7.71 -0.30
N PHE A 65 -0.49 -6.40 -0.20
CA PHE A 65 -1.05 -5.57 0.86
C PHE A 65 -2.48 -5.14 0.50
N PHE A 66 -2.66 -4.57 -0.71
CA PHE A 66 -3.98 -4.30 -1.31
C PHE A 66 -3.86 -3.95 -2.82
N SER A 67 -4.98 -4.04 -3.53
CA SER A 67 -5.09 -3.71 -4.97
C SER A 67 -6.43 -3.06 -5.29
N LEU A 68 -6.47 -2.31 -6.38
CA LEU A 68 -7.64 -1.54 -6.84
C LEU A 68 -7.80 -1.59 -8.36
N GLU A 69 -9.03 -1.34 -8.82
CA GLU A 69 -9.41 -1.47 -10.23
C GLU A 69 -8.90 -0.29 -11.08
N GLU A 70 -8.92 -0.43 -12.41
CA GLU A 70 -8.62 0.67 -13.34
C GLU A 70 -9.55 1.88 -13.14
N GLU A 71 -10.78 1.63 -12.69
CA GLU A 71 -11.79 2.65 -12.34
C GLU A 71 -11.45 3.44 -11.06
N VAL A 72 -10.41 3.06 -10.30
CA VAL A 72 -10.05 3.63 -9.00
C VAL A 72 -8.65 4.25 -9.02
N VAL A 73 -7.90 4.14 -10.13
CA VAL A 73 -6.52 4.67 -10.28
C VAL A 73 -6.43 6.13 -9.85
N ASN A 74 -7.07 7.04 -10.60
CA ASN A 74 -7.02 8.49 -10.30
C ASN A 74 -7.73 8.85 -8.98
N ASN A 75 -8.69 8.01 -8.55
CA ASN A 75 -9.37 8.11 -7.27
C ASN A 75 -8.37 7.91 -6.11
N PHE A 76 -7.59 6.83 -6.16
CA PHE A 76 -6.58 6.48 -5.16
C PHE A 76 -5.49 7.56 -5.06
N VAL A 77 -5.03 8.06 -6.20
CA VAL A 77 -4.01 9.13 -6.25
C VAL A 77 -4.48 10.36 -5.47
N LYS A 78 -5.80 10.66 -5.50
CA LYS A 78 -6.42 11.75 -4.75
C LYS A 78 -6.42 11.51 -3.24
N VAL A 79 -6.97 10.38 -2.78
CA VAL A 79 -7.13 10.11 -1.33
C VAL A 79 -5.79 9.78 -0.65
N MET A 80 -4.74 9.51 -1.42
CA MET A 80 -3.39 9.24 -0.95
C MET A 80 -2.56 10.54 -0.82
N THR A 81 -3.09 11.69 -1.25
CA THR A 81 -2.42 13.02 -1.13
C THR A 81 -3.32 14.12 -0.54
N GLU A 82 -4.63 13.88 -0.48
CA GLU A 82 -5.64 14.81 0.08
C GLU A 82 -6.63 14.13 1.05
N GLY A 83 -6.60 12.80 1.14
CA GLY A 83 -7.52 11.98 1.95
C GLY A 83 -8.90 11.80 1.32
N GLY A 84 -9.59 10.73 1.71
CA GLY A 84 -10.89 10.34 1.15
C GLY A 84 -11.23 8.86 1.34
N SER A 85 -12.28 8.43 0.65
CA SER A 85 -12.94 7.13 0.87
C SER A 85 -13.50 6.51 -0.41
N PHE A 86 -12.70 5.64 -1.03
CA PHE A 86 -13.01 4.92 -2.28
C PHE A 86 -12.79 3.40 -2.09
N LYS A 87 -13.69 2.58 -2.66
CA LYS A 87 -13.60 1.12 -2.58
C LYS A 87 -12.41 0.58 -3.39
N THR A 88 -11.91 -0.58 -2.98
CA THR A 88 -10.75 -1.28 -3.59
C THR A 88 -11.18 -2.61 -4.19
N SER A 89 -10.38 -3.18 -5.11
CA SER A 89 -10.73 -4.44 -5.80
C SER A 89 -10.51 -5.63 -4.87
N LEU A 90 -9.43 -5.58 -4.10
CA LEU A 90 -8.99 -6.61 -3.16
C LEU A 90 -8.16 -6.01 -2.01
N TYR A 91 -8.42 -6.51 -0.79
CA TYR A 91 -7.68 -6.11 0.42
C TYR A 91 -7.36 -7.34 1.28
N TYR A 92 -6.11 -7.82 1.22
CA TYR A 92 -5.61 -8.92 2.06
C TYR A 92 -4.94 -8.44 3.36
N GLY A 93 -4.22 -7.31 3.35
CA GLY A 93 -3.37 -6.86 4.47
C GLY A 93 -2.06 -7.67 4.61
N TYR A 94 -1.26 -7.38 5.66
CA TYR A 94 0.03 -8.03 5.92
C TYR A 94 -0.05 -9.56 6.08
N LYS A 95 -0.53 -10.01 7.24
CA LYS A 95 -0.57 -11.40 7.76
C LYS A 95 -1.23 -11.40 9.14
N GLU A 96 -1.50 -12.60 9.68
CA GLU A 96 -2.13 -12.78 11.00
C GLU A 96 -3.49 -12.03 11.11
N GLU A 97 -4.25 -12.05 10.01
CA GLU A 97 -5.45 -11.24 9.78
C GLU A 97 -6.60 -12.12 9.28
N GLN A 98 -7.85 -11.78 9.61
CA GLN A 98 -9.03 -12.63 9.35
C GLN A 98 -9.37 -12.80 7.86
N SER A 99 -8.75 -12.02 6.95
CA SER A 99 -9.00 -12.04 5.50
C SER A 99 -7.74 -12.09 4.63
N VAL A 100 -6.54 -12.27 5.18
CA VAL A 100 -5.29 -12.35 4.37
C VAL A 100 -5.17 -13.63 3.51
N ILE A 101 -6.01 -14.63 3.78
CA ILE A 101 -5.99 -15.94 3.10
C ILE A 101 -6.80 -15.90 1.78
N ASN A 102 -7.93 -15.19 1.77
CA ASN A 102 -8.90 -15.17 0.64
C ASN A 102 -9.19 -13.75 0.11
N GLY A 103 -8.73 -12.71 0.82
CA GLY A 103 -8.98 -11.31 0.51
C GLY A 103 -10.40 -10.85 0.81
N ILE A 104 -10.66 -9.57 0.52
CA ILE A 104 -11.98 -8.92 0.65
C ILE A 104 -12.24 -8.15 -0.64
N GLN A 105 -13.09 -8.70 -1.51
CA GLN A 105 -13.53 -7.98 -2.71
C GLN A 105 -14.40 -6.78 -2.35
N ASN A 106 -14.24 -5.69 -3.12
CA ASN A 106 -14.99 -4.44 -2.98
C ASN A 106 -14.79 -3.72 -1.63
N LYS A 107 -13.71 -4.02 -0.88
CA LYS A 107 -13.41 -3.45 0.45
C LYS A 107 -13.42 -1.92 0.42
N GLU A 108 -14.24 -1.32 1.27
CA GLU A 108 -14.24 0.12 1.54
C GLU A 108 -12.99 0.52 2.33
N ILE A 109 -12.25 1.51 1.83
CA ILE A 109 -11.01 2.01 2.43
C ILE A 109 -11.16 3.51 2.67
N ILE A 110 -11.11 3.92 3.94
CA ILE A 110 -11.31 5.29 4.39
C ILE A 110 -9.98 5.83 4.90
N THR A 111 -9.25 6.47 4.00
CA THR A 111 -7.98 7.14 4.32
C THR A 111 -8.19 8.46 5.07
N LYS A 112 -7.19 8.89 5.84
CA LYS A 112 -7.15 10.17 6.56
C LYS A 112 -5.72 10.67 6.72
N ILE A 113 -5.50 11.97 6.54
CA ILE A 113 -4.19 12.61 6.76
C ILE A 113 -4.02 12.89 8.26
N GLU A 114 -2.86 12.53 8.80
CA GLU A 114 -2.44 12.82 10.19
C GLU A 114 -0.96 13.20 10.22
N LYS A 115 -0.65 14.39 10.75
CA LYS A 115 0.74 14.78 11.05
C LYS A 115 1.23 14.00 12.28
N ILE A 116 2.27 13.20 12.11
CA ILE A 116 2.94 12.45 13.18
C ILE A 116 4.26 13.17 13.48
N ASP A 117 4.24 14.02 14.51
CA ASP A 117 5.34 14.87 14.97
C ASP A 117 5.84 15.93 13.95
N GLY A 118 5.12 16.14 12.84
CA GLY A 118 5.44 17.16 11.82
C GLY A 118 5.38 16.62 10.39
N THR A 119 5.79 15.36 10.19
CA THR A 119 5.66 14.64 8.92
C THR A 119 4.20 14.28 8.69
N GLU A 120 3.64 14.64 7.53
CA GLU A 120 2.30 14.24 7.12
C GLU A 120 2.29 12.74 6.73
N TYR A 121 1.53 11.94 7.48
CA TYR A 121 1.24 10.54 7.15
C TYR A 121 -0.21 10.39 6.68
N ILE A 122 -0.52 9.24 6.09
CA ILE A 122 -1.87 8.78 5.77
C ILE A 122 -2.14 7.49 6.53
N THR A 123 -3.34 7.33 7.09
CA THR A 123 -3.76 6.08 7.77
C THR A 123 -5.10 5.60 7.19
N PHE A 124 -5.39 4.31 7.31
CA PHE A 124 -6.62 3.70 6.79
C PHE A 124 -7.04 2.49 7.63
N SER A 125 -8.35 2.28 7.77
CA SER A 125 -8.95 1.14 8.47
C SER A 125 -8.92 -0.13 7.62
N GLY A 126 -8.08 -1.10 8.01
CA GLY A 126 -8.00 -2.42 7.39
C GLY A 126 -9.10 -3.38 7.86
N ASP A 127 -8.92 -4.67 7.58
CA ASP A 127 -9.78 -5.72 8.14
C ASP A 127 -9.64 -5.84 9.69
N LYS A 128 -10.59 -6.53 10.31
CA LYS A 128 -10.67 -6.74 11.76
C LYS A 128 -9.82 -7.94 12.18
N ILE A 129 -8.67 -7.70 12.82
CA ILE A 129 -7.76 -8.77 13.26
C ILE A 129 -8.37 -9.63 14.39
N LYS A 130 -7.88 -10.85 14.54
CA LYS A 130 -8.26 -11.78 15.62
C LYS A 130 -7.39 -11.60 16.88
N ASN A 131 -6.12 -11.23 16.71
CA ASN A 131 -5.15 -11.12 17.82
C ASN A 131 -5.48 -10.03 18.84
N SER A 132 -5.92 -8.85 18.38
CA SER A 132 -6.27 -7.71 19.27
C SER A 132 -7.69 -7.80 19.85
N GLY A 133 -8.59 -8.56 19.21
CA GLY A 133 -9.93 -8.89 19.69
C GLY A 133 -11.02 -8.66 18.64
N ASP A 134 -11.43 -7.40 18.49
CA ASP A 134 -12.43 -6.92 17.52
C ASP A 134 -12.02 -5.57 16.90
N LYS A 135 -10.74 -5.22 17.00
CA LYS A 135 -10.18 -3.96 16.50
C LYS A 135 -9.95 -4.07 14.99
N VAL A 136 -9.36 -3.02 14.39
CA VAL A 136 -8.99 -3.01 12.97
C VAL A 136 -7.47 -2.86 12.81
N ALA A 137 -6.91 -3.54 11.81
CA ALA A 137 -5.51 -3.37 11.42
C ALA A 137 -5.30 -1.97 10.80
N GLU A 138 -4.87 -1.01 11.63
CA GLU A 138 -4.51 0.34 11.20
C GLU A 138 -3.02 0.45 10.89
N TYR A 139 -2.72 1.27 9.88
CA TYR A 139 -1.40 1.44 9.27
C TYR A 139 -1.09 2.93 9.05
N ALA A 140 0.15 3.26 8.68
CA ALA A 140 0.54 4.62 8.36
C ALA A 140 1.60 4.62 7.25
N ILE A 141 1.43 5.49 6.25
CA ILE A 141 2.39 5.68 5.15
C ILE A 141 2.76 7.16 5.04
N SER A 142 4.02 7.49 4.81
CA SER A 142 4.50 8.86 4.60
C SER A 142 3.86 9.44 3.33
N LEU A 143 2.78 10.20 3.48
CA LEU A 143 2.08 10.88 2.39
C LEU A 143 3.03 11.79 1.59
N GLU A 144 4.04 12.35 2.24
CA GLU A 144 5.05 13.17 1.56
C GLU A 144 5.94 12.36 0.60
N GLU A 145 6.15 11.06 0.90
CA GLU A 145 6.89 10.13 0.02
C GLU A 145 5.97 9.44 -1.00
N LEU A 146 4.67 9.42 -0.76
CA LEU A 146 3.67 9.00 -1.76
C LEU A 146 3.57 10.06 -2.86
N LYS A 147 3.47 11.35 -2.51
CA LYS A 147 3.35 12.48 -3.46
C LYS A 147 4.38 12.45 -4.60
N LYS A 148 5.67 12.25 -4.28
CA LYS A 148 6.77 12.25 -5.25
C LYS A 148 6.70 11.15 -6.32
N ASN A 149 6.09 10.01 -5.98
CA ASN A 149 5.90 8.86 -6.85
C ASN A 149 4.54 8.88 -7.57
N LEU A 150 3.60 9.67 -7.05
CA LEU A 150 2.23 9.79 -7.55
C LEU A 150 2.07 10.88 -8.63
N LYS A 151 2.90 11.92 -8.54
CA LYS A 151 3.10 12.98 -9.54
C LYS A 151 3.34 12.43 -10.95
N LYS A 1 4.91 32.88 2.97
CA LYS A 1 5.44 33.47 1.70
C LYS A 1 4.45 33.24 0.55
N ILE A 2 4.56 34.02 -0.54
CA ILE A 2 3.75 33.87 -1.77
C ILE A 2 4.56 33.09 -2.82
N HIS A 3 3.98 32.00 -3.35
CA HIS A 3 4.53 31.20 -4.46
C HIS A 3 3.41 30.46 -5.21
N THR A 4 3.64 30.14 -6.49
CA THR A 4 2.66 29.46 -7.38
C THR A 4 3.36 28.49 -8.33
N SER A 5 2.79 27.28 -8.50
CA SER A 5 3.22 26.30 -9.50
C SER A 5 3.00 26.77 -10.94
N TYR A 6 3.70 26.14 -11.89
CA TYR A 6 3.66 26.44 -13.33
C TYR A 6 3.91 25.17 -14.17
N ASP A 7 3.91 25.30 -15.50
CA ASP A 7 4.19 24.22 -16.46
C ASP A 7 5.27 24.62 -17.47
N GLU A 8 6.07 23.64 -17.90
CA GLU A 8 7.23 23.83 -18.79
C GLU A 8 7.50 22.55 -19.60
N GLN A 9 7.79 22.70 -20.90
CA GLN A 9 8.13 21.57 -21.79
C GLN A 9 9.51 20.98 -21.46
N SER A 10 9.64 19.65 -21.54
CA SER A 10 10.86 18.91 -21.22
C SER A 10 10.96 17.62 -22.05
N SER A 11 11.60 17.72 -23.22
CA SER A 11 11.90 16.59 -24.13
C SER A 11 13.22 15.89 -23.78
N GLY A 12 13.54 14.80 -24.49
CA GLY A 12 14.77 14.01 -24.28
C GLY A 12 15.22 13.29 -25.56
N GLU A 13 16.33 13.72 -26.14
CA GLU A 13 16.94 13.11 -27.33
C GLU A 13 17.52 11.72 -27.02
N SER A 14 17.32 10.75 -27.93
CA SER A 14 17.77 9.35 -27.80
C SER A 14 17.36 8.65 -26.48
N LYS A 15 16.25 9.07 -25.86
CA LYS A 15 15.77 8.60 -24.53
C LYS A 15 14.75 7.44 -24.63
N VAL A 16 14.81 6.66 -25.71
CA VAL A 16 13.89 5.54 -26.00
C VAL A 16 14.38 4.27 -25.30
N LYS A 17 14.04 4.15 -24.01
CA LYS A 17 14.29 2.97 -23.16
C LYS A 17 13.11 2.70 -22.22
N LYS A 18 13.04 1.50 -21.64
CA LYS A 18 12.12 1.18 -20.54
C LYS A 18 12.55 1.92 -19.27
N ILE A 19 11.62 2.61 -18.62
CA ILE A 19 11.82 3.34 -17.36
C ILE A 19 11.09 2.61 -16.23
N GLU A 20 11.68 2.60 -15.04
CA GLU A 20 11.14 1.91 -13.85
C GLU A 20 9.87 2.57 -13.27
N PHE A 21 9.48 3.75 -13.75
CA PHE A 21 8.34 4.57 -13.28
C PHE A 21 6.98 3.85 -13.21
N SER A 22 6.85 2.70 -13.88
CA SER A 22 5.71 1.77 -13.79
C SER A 22 5.50 1.18 -12.38
N LYS A 23 6.54 1.15 -11.52
CA LYS A 23 6.44 0.73 -10.11
C LYS A 23 7.39 1.52 -9.19
N PHE A 24 7.13 1.48 -7.89
CA PHE A 24 7.93 2.17 -6.87
C PHE A 24 7.81 1.49 -5.50
N THR A 25 8.64 1.91 -4.53
CA THR A 25 8.57 1.43 -3.15
C THR A 25 8.64 2.60 -2.16
N VAL A 26 7.75 2.61 -1.15
CA VAL A 26 7.69 3.60 -0.06
C VAL A 26 7.60 2.94 1.31
N LYS A 27 7.86 3.68 2.39
CA LYS A 27 7.76 3.21 3.79
C LYS A 27 6.32 2.77 4.16
N ILE A 28 6.19 1.96 5.21
CA ILE A 28 4.91 1.53 5.81
C ILE A 28 5.11 1.16 7.28
N LYS A 29 4.16 1.60 8.11
CA LYS A 29 4.09 1.36 9.56
C LYS A 29 2.71 0.80 9.92
N ASN A 30 2.60 0.14 11.06
CA ASN A 30 1.35 -0.40 11.60
C ASN A 30 1.12 0.04 13.05
N LYS A 31 -0.13 -0.01 13.52
CA LYS A 31 -0.45 0.25 14.93
C LYS A 31 -0.33 -1.02 15.76
N ASP A 32 0.57 -1.01 16.75
CA ASP A 32 0.74 -2.11 17.71
C ASP A 32 -0.45 -2.23 18.68
N LYS A 33 -0.39 -3.22 19.56
CA LYS A 33 -1.37 -3.50 20.64
C LYS A 33 -1.54 -2.38 21.67
N SER A 34 -0.54 -1.50 21.80
CA SER A 34 -0.60 -0.30 22.65
C SER A 34 -1.23 0.91 21.92
N GLY A 35 -1.55 0.77 20.63
CA GLY A 35 -2.03 1.86 19.78
C GLY A 35 -0.93 2.86 19.38
N ASN A 36 0.31 2.37 19.22
CA ASN A 36 1.47 3.16 18.81
C ASN A 36 1.91 2.78 17.39
N TRP A 37 2.33 3.78 16.59
CA TRP A 37 2.84 3.57 15.24
C TRP A 37 4.26 3.01 15.27
N THR A 38 4.45 1.84 14.64
CA THR A 38 5.72 1.09 14.63
C THR A 38 6.00 0.54 13.23
N ASP A 39 7.26 0.59 12.80
CA ASP A 39 7.67 0.19 11.45
C ASP A 39 7.29 -1.28 11.13
N LEU A 40 6.86 -1.50 9.89
CA LEU A 40 6.48 -2.83 9.39
C LEU A 40 7.43 -3.30 8.29
N GLY A 41 7.72 -2.44 7.31
CA GLY A 41 8.62 -2.74 6.21
C GLY A 41 8.59 -1.69 5.09
N ASP A 42 8.15 -2.12 3.91
CA ASP A 42 8.10 -1.32 2.68
C ASP A 42 6.88 -1.73 1.83
N LEU A 43 6.38 -0.86 0.97
CA LEU A 43 5.22 -1.10 0.11
C LEU A 43 5.61 -0.95 -1.37
N VAL A 44 5.80 -2.07 -2.07
CA VAL A 44 5.99 -2.10 -3.52
C VAL A 44 4.66 -1.85 -4.23
N VAL A 45 4.45 -0.62 -4.71
CA VAL A 45 3.30 -0.22 -5.54
C VAL A 45 3.62 -0.47 -7.01
N ARG A 46 2.74 -1.19 -7.71
CA ARG A 46 2.86 -1.64 -9.12
C ARG A 46 1.63 -1.23 -9.93
N LYS A 47 1.85 -0.68 -11.12
CA LYS A 47 0.81 -0.29 -12.09
C LYS A 47 0.51 -1.45 -13.04
N GLU A 48 -0.46 -2.29 -12.68
CA GLU A 48 -0.96 -3.40 -13.50
C GLU A 48 -1.82 -2.91 -14.69
N GLU A 49 -2.25 -3.81 -15.58
CA GLU A 49 -3.01 -3.44 -16.80
C GLU A 49 -4.40 -2.83 -16.50
N ASN A 50 -5.05 -3.25 -15.41
CA ASN A 50 -6.42 -2.89 -15.04
C ASN A 50 -6.54 -2.39 -13.59
N GLY A 51 -5.64 -1.46 -13.23
CA GLY A 51 -5.57 -0.80 -11.91
C GLY A 51 -4.17 -0.74 -11.30
N ILE A 52 -4.11 -0.45 -10.00
CA ILE A 52 -2.87 -0.45 -9.19
C ILE A 52 -2.92 -1.59 -8.17
N ASP A 53 -1.78 -2.23 -7.92
CA ASP A 53 -1.60 -3.37 -7.01
C ASP A 53 -0.38 -3.12 -6.11
N THR A 54 -0.48 -3.47 -4.82
CA THR A 54 0.53 -3.12 -3.82
C THR A 54 0.93 -4.33 -2.99
N GLY A 55 2.19 -4.39 -2.57
CA GLY A 55 2.72 -5.53 -1.81
C GLY A 55 3.69 -5.12 -0.71
N LEU A 56 3.36 -5.53 0.51
CA LEU A 56 4.14 -5.36 1.73
C LEU A 56 5.42 -6.22 1.66
N ASN A 57 6.55 -5.65 2.07
CA ASN A 57 7.89 -6.23 2.00
C ASN A 57 8.64 -6.01 3.33
N ALA A 58 8.28 -6.78 4.36
CA ALA A 58 8.87 -6.74 5.70
C ALA A 58 10.08 -7.68 5.82
N GLY A 59 10.79 -7.62 6.96
CA GLY A 59 11.95 -8.46 7.30
C GLY A 59 11.65 -9.95 7.27
N GLY A 60 11.93 -10.61 6.13
CA GLY A 60 11.68 -12.04 5.89
C GLY A 60 10.20 -12.41 5.69
N HIS A 61 9.32 -11.45 5.39
CA HIS A 61 7.87 -11.68 5.25
C HIS A 61 7.24 -10.71 4.23
N SER A 62 6.74 -11.22 3.09
CA SER A 62 6.25 -10.40 1.98
C SER A 62 5.01 -10.99 1.31
N ALA A 63 4.00 -10.14 1.02
CA ALA A 63 2.73 -10.52 0.39
C ALA A 63 1.98 -9.30 -0.18
N THR A 64 0.96 -9.52 -1.03
CA THR A 64 0.02 -8.48 -1.49
C THR A 64 -0.62 -7.77 -0.28
N PHE A 65 -0.69 -6.44 -0.32
CA PHE A 65 -1.27 -5.61 0.74
C PHE A 65 -2.67 -5.13 0.34
N PHE A 66 -2.82 -4.53 -0.85
CA PHE A 66 -4.13 -4.20 -1.45
C PHE A 66 -4.03 -3.91 -2.95
N SER A 67 -5.16 -3.95 -3.66
CA SER A 67 -5.24 -3.65 -5.09
C SER A 67 -6.56 -2.98 -5.46
N LEU A 68 -6.51 -2.01 -6.37
CA LEU A 68 -7.64 -1.18 -6.82
C LEU A 68 -7.86 -1.31 -8.33
N GLU A 69 -9.08 -1.01 -8.78
CA GLU A 69 -9.47 -1.17 -10.20
C GLU A 69 -8.91 -0.05 -11.09
N GLU A 70 -8.92 -0.26 -12.41
CA GLU A 70 -8.58 0.75 -13.43
C GLU A 70 -9.44 2.03 -13.32
N GLU A 71 -10.67 1.93 -12.80
CA GLU A 71 -11.53 3.09 -12.51
C GLU A 71 -11.06 3.93 -11.30
N VAL A 72 -10.16 3.39 -10.47
CA VAL A 72 -9.75 3.97 -9.18
C VAL A 72 -8.33 4.57 -9.29
N VAL A 73 -7.62 4.39 -10.42
CA VAL A 73 -6.23 4.85 -10.63
C VAL A 73 -5.97 6.33 -10.34
N ASN A 74 -6.92 7.22 -10.63
CA ASN A 74 -6.82 8.65 -10.30
C ASN A 74 -7.55 8.99 -8.99
N ASN A 75 -8.52 8.17 -8.59
CA ASN A 75 -9.28 8.29 -7.35
C ASN A 75 -8.39 8.01 -6.11
N PHE A 76 -7.65 6.90 -6.14
CA PHE A 76 -6.71 6.49 -5.09
C PHE A 76 -5.62 7.53 -4.88
N VAL A 77 -5.08 8.04 -5.98
CA VAL A 77 -4.05 9.09 -5.98
C VAL A 77 -4.52 10.29 -5.14
N LYS A 78 -5.79 10.68 -5.30
CA LYS A 78 -6.43 11.73 -4.52
C LYS A 78 -6.46 11.43 -3.02
N VAL A 79 -7.02 10.28 -2.62
CA VAL A 79 -7.14 9.94 -1.18
C VAL A 79 -5.80 9.53 -0.53
N MET A 80 -4.73 9.47 -1.30
CA MET A 80 -3.36 9.12 -0.88
C MET A 80 -2.43 10.35 -0.85
N THR A 81 -2.92 11.53 -1.28
CA THR A 81 -2.22 12.83 -1.17
C THR A 81 -3.08 13.94 -0.54
N GLU A 82 -4.40 13.72 -0.42
CA GLU A 82 -5.38 14.64 0.17
C GLU A 82 -6.37 13.97 1.17
N GLY A 83 -6.45 12.64 1.19
CA GLY A 83 -7.39 11.87 2.02
C GLY A 83 -8.81 11.77 1.45
N GLY A 84 -9.55 10.72 1.83
CA GLY A 84 -10.90 10.45 1.31
C GLY A 84 -11.38 9.01 1.55
N SER A 85 -12.34 8.56 0.75
CA SER A 85 -12.99 7.24 0.92
C SER A 85 -13.53 6.64 -0.40
N PHE A 86 -12.81 5.64 -0.93
CA PHE A 86 -13.10 4.92 -2.19
C PHE A 86 -12.92 3.41 -2.01
N LYS A 87 -13.54 2.59 -2.86
CA LYS A 87 -13.40 1.13 -2.84
C LYS A 87 -12.15 0.66 -3.61
N THR A 88 -11.71 -0.57 -3.34
CA THR A 88 -10.61 -1.27 -4.02
C THR A 88 -11.10 -2.60 -4.62
N SER A 89 -10.40 -3.16 -5.62
CA SER A 89 -10.78 -4.43 -6.28
C SER A 89 -10.60 -5.61 -5.33
N LEU A 90 -9.55 -5.54 -4.50
CA LEU A 90 -9.19 -6.50 -3.45
C LEU A 90 -8.50 -5.81 -2.27
N TYR A 91 -8.51 -6.50 -1.13
CA TYR A 91 -7.74 -6.13 0.06
C TYR A 91 -7.37 -7.38 0.86
N TYR A 92 -6.08 -7.71 0.92
CA TYR A 92 -5.54 -8.81 1.75
C TYR A 92 -5.00 -8.32 3.10
N GLY A 93 -4.20 -7.26 3.09
CA GLY A 93 -3.42 -6.77 4.23
C GLY A 93 -2.23 -7.68 4.61
N TYR A 94 -1.45 -7.27 5.62
CA TYR A 94 -0.33 -8.07 6.17
C TYR A 94 -0.79 -9.42 6.79
N LYS A 95 0.16 -10.35 6.97
CA LYS A 95 -0.05 -11.71 7.53
C LYS A 95 -0.26 -11.71 9.06
N GLU A 96 -1.20 -10.91 9.53
CA GLU A 96 -1.60 -10.78 10.95
C GLU A 96 -3.12 -10.53 11.12
N GLU A 97 -3.91 -10.64 10.05
CA GLU A 97 -5.36 -10.33 10.05
C GLU A 97 -6.22 -11.45 9.43
N GLN A 98 -7.55 -11.31 9.46
CA GLN A 98 -8.47 -12.35 8.97
C GLN A 98 -8.72 -12.29 7.45
N SER A 99 -8.50 -11.14 6.79
CA SER A 99 -8.67 -10.99 5.32
C SER A 99 -7.54 -11.60 4.49
N VAL A 100 -6.32 -11.73 5.02
CA VAL A 100 -5.11 -12.12 4.26
C VAL A 100 -5.21 -13.53 3.62
N ILE A 101 -6.11 -14.38 4.13
CA ILE A 101 -6.30 -15.77 3.67
C ILE A 101 -6.70 -15.84 2.19
N ASN A 102 -7.66 -15.00 1.76
CA ASN A 102 -8.22 -14.98 0.40
C ASN A 102 -8.43 -13.56 -0.18
N GLY A 103 -8.32 -12.53 0.66
CA GLY A 103 -8.68 -11.14 0.35
C GLY A 103 -10.18 -10.83 0.41
N ILE A 104 -10.52 -9.54 0.46
CA ILE A 104 -11.90 -9.03 0.43
C ILE A 104 -12.12 -8.27 -0.88
N GLN A 105 -13.00 -8.77 -1.75
CA GLN A 105 -13.38 -8.07 -2.98
C GLN A 105 -14.23 -6.83 -2.67
N ASN A 106 -14.11 -5.78 -3.50
CA ASN A 106 -14.88 -4.53 -3.44
C ASN A 106 -14.77 -3.75 -2.10
N LYS A 107 -13.70 -3.98 -1.34
CA LYS A 107 -13.50 -3.47 0.04
C LYS A 107 -13.39 -1.94 0.07
N GLU A 108 -14.15 -1.29 0.96
CA GLU A 108 -14.14 0.16 1.17
C GLU A 108 -12.96 0.62 2.05
N ILE A 109 -12.13 1.53 1.52
CA ILE A 109 -10.95 2.07 2.21
C ILE A 109 -11.14 3.56 2.48
N ILE A 110 -11.15 3.91 3.78
CA ILE A 110 -11.33 5.28 4.28
C ILE A 110 -9.98 5.75 4.81
N THR A 111 -9.28 6.56 4.02
CA THR A 111 -8.00 7.16 4.41
C THR A 111 -8.22 8.48 5.17
N LYS A 112 -7.19 8.92 5.92
CA LYS A 112 -7.15 10.21 6.62
C LYS A 112 -5.71 10.70 6.80
N ILE A 113 -5.48 12.00 6.62
CA ILE A 113 -4.17 12.62 6.91
C ILE A 113 -4.03 12.83 8.42
N GLU A 114 -2.89 12.43 8.97
CA GLU A 114 -2.50 12.64 10.37
C GLU A 114 -1.02 13.01 10.44
N LYS A 115 -0.70 14.15 11.07
CA LYS A 115 0.69 14.50 11.41
C LYS A 115 1.16 13.65 12.59
N ILE A 116 2.27 12.94 12.40
CA ILE A 116 2.93 12.13 13.43
C ILE A 116 4.24 12.83 13.78
N ASP A 117 4.20 13.62 14.86
CA ASP A 117 5.28 14.49 15.37
C ASP A 117 5.79 15.59 14.41
N GLY A 118 5.08 15.85 13.30
CA GLY A 118 5.39 16.91 12.33
C GLY A 118 5.36 16.44 10.86
N THR A 119 5.78 15.20 10.62
CA THR A 119 5.68 14.52 9.32
C THR A 119 4.21 14.19 9.03
N GLU A 120 3.69 14.58 7.87
CA GLU A 120 2.33 14.21 7.45
C GLU A 120 2.33 12.75 6.97
N TYR A 121 1.57 11.91 7.67
CA TYR A 121 1.27 10.53 7.27
C TYR A 121 -0.18 10.43 6.80
N ILE A 122 -0.50 9.29 6.17
CA ILE A 122 -1.84 8.87 5.82
C ILE A 122 -2.13 7.55 6.54
N THR A 123 -3.32 7.38 7.12
CA THR A 123 -3.75 6.14 7.77
C THR A 123 -5.08 5.66 7.18
N PHE A 124 -5.41 4.38 7.33
CA PHE A 124 -6.64 3.78 6.82
C PHE A 124 -7.12 2.62 7.70
N SER A 125 -8.45 2.49 7.82
CA SER A 125 -9.12 1.40 8.56
C SER A 125 -9.22 0.13 7.70
N GLY A 126 -8.50 -0.92 8.09
CA GLY A 126 -8.53 -2.23 7.42
C GLY A 126 -9.57 -3.19 8.00
N ASP A 127 -9.44 -4.47 7.69
CA ASP A 127 -10.29 -5.52 8.28
C ASP A 127 -9.94 -5.77 9.76
N LYS A 128 -10.80 -6.52 10.47
CA LYS A 128 -10.56 -6.91 11.86
C LYS A 128 -9.45 -7.94 11.97
N ILE A 129 -8.48 -7.72 12.87
CA ILE A 129 -7.45 -8.72 13.20
C ILE A 129 -7.95 -9.79 14.17
N LYS A 130 -7.18 -10.89 14.28
CA LYS A 130 -7.40 -11.99 15.25
C LYS A 130 -6.44 -11.95 16.45
N ASN A 131 -5.38 -11.13 16.38
CA ASN A 131 -4.36 -10.94 17.42
C ASN A 131 -4.72 -9.84 18.44
N SER A 132 -5.97 -9.35 18.44
CA SER A 132 -6.47 -8.25 19.29
C SER A 132 -7.95 -8.42 19.67
N GLY A 133 -8.43 -7.58 20.59
CA GLY A 133 -9.80 -7.54 21.09
C GLY A 133 -10.82 -6.90 20.13
N ASP A 134 -11.07 -7.56 18.99
CA ASP A 134 -12.01 -7.12 17.94
C ASP A 134 -11.69 -5.73 17.35
N LYS A 135 -10.38 -5.40 17.26
CA LYS A 135 -9.88 -4.14 16.69
C LYS A 135 -9.65 -4.31 15.19
N VAL A 136 -9.42 -3.19 14.50
CA VAL A 136 -9.14 -3.15 13.05
C VAL A 136 -7.65 -2.95 12.77
N ALA A 137 -7.15 -3.56 11.70
CA ALA A 137 -5.77 -3.41 11.24
C ALA A 137 -5.58 -1.97 10.70
N GLU A 138 -4.88 -1.12 11.46
CA GLU A 138 -4.57 0.26 11.06
C GLU A 138 -3.08 0.41 10.76
N TYR A 139 -2.81 1.27 9.76
CA TYR A 139 -1.51 1.46 9.14
C TYR A 139 -1.19 2.94 8.95
N ALA A 140 0.07 3.27 8.62
CA ALA A 140 0.48 4.63 8.34
C ALA A 140 1.54 4.64 7.23
N ILE A 141 1.37 5.51 6.23
CA ILE A 141 2.33 5.70 5.14
C ILE A 141 2.75 7.18 5.09
N SER A 142 4.02 7.47 4.84
CA SER A 142 4.53 8.83 4.71
C SER A 142 3.92 9.47 3.45
N LEU A 143 2.84 10.22 3.63
CA LEU A 143 2.16 10.97 2.56
C LEU A 143 3.13 11.90 1.81
N GLU A 144 4.13 12.41 2.52
CA GLU A 144 5.15 13.28 1.91
C GLU A 144 6.06 12.52 0.92
N GLU A 145 6.23 11.20 1.08
CA GLU A 145 6.91 10.32 0.11
C GLU A 145 5.95 9.81 -0.98
N LEU A 146 4.69 9.56 -0.66
CA LEU A 146 3.66 9.14 -1.64
C LEU A 146 3.51 10.18 -2.76
N LYS A 147 3.48 11.47 -2.42
CA LYS A 147 3.45 12.59 -3.39
C LYS A 147 4.58 12.55 -4.43
N LYS A 148 5.76 12.05 -4.04
CA LYS A 148 6.96 11.91 -4.90
C LYS A 148 6.89 10.74 -5.91
N ASN A 149 5.87 9.89 -5.79
CA ASN A 149 5.69 8.66 -6.58
C ASN A 149 4.30 8.53 -7.25
N LEU A 150 3.39 9.48 -7.00
CA LEU A 150 2.00 9.50 -7.51
C LEU A 150 1.77 10.60 -8.57
N LYS A 151 2.85 11.34 -8.89
CA LYS A 151 2.97 12.38 -9.93
C LYS A 151 2.47 11.97 -11.33
N LYS A 1 1.93 -6.81 -47.34
CA LYS A 1 2.47 -8.07 -46.73
C LYS A 1 3.97 -7.94 -46.50
N ILE A 2 4.44 -8.13 -45.25
CA ILE A 2 5.86 -8.11 -44.87
C ILE A 2 6.12 -9.07 -43.70
N HIS A 3 7.33 -9.67 -43.66
CA HIS A 3 7.77 -10.58 -42.60
C HIS A 3 8.73 -9.86 -41.65
N THR A 4 8.23 -9.49 -40.47
CA THR A 4 9.03 -8.93 -39.37
C THR A 4 9.98 -9.97 -38.75
N SER A 5 10.98 -9.50 -37.99
CA SER A 5 11.98 -10.36 -37.31
C SER A 5 12.25 -9.88 -35.88
N TYR A 6 12.55 -8.58 -35.71
CA TYR A 6 12.84 -7.93 -34.41
C TYR A 6 13.83 -8.72 -33.52
N ASP A 7 14.84 -9.34 -34.16
CA ASP A 7 15.82 -10.22 -33.51
C ASP A 7 16.59 -9.54 -32.37
N GLU A 8 16.74 -10.24 -31.25
CA GLU A 8 17.49 -9.78 -30.08
C GLU A 8 18.99 -10.10 -30.16
N GLN A 9 19.77 -9.47 -29.29
CA GLN A 9 21.23 -9.62 -29.18
C GLN A 9 21.71 -9.56 -27.72
N SER A 10 22.96 -9.99 -27.49
CA SER A 10 23.64 -9.99 -26.18
C SER A 10 24.85 -9.05 -26.18
N SER A 11 25.38 -8.73 -24.99
CA SER A 11 26.41 -7.70 -24.79
C SER A 11 27.63 -8.19 -24.01
N GLY A 12 27.44 -8.76 -22.81
CA GLY A 12 28.51 -9.29 -21.96
C GLY A 12 28.23 -9.16 -20.46
N GLU A 13 29.28 -9.38 -19.66
CA GLU A 13 29.25 -9.30 -18.19
C GLU A 13 29.54 -7.86 -17.71
N SER A 14 28.50 -7.02 -17.69
CA SER A 14 28.54 -5.60 -17.30
C SER A 14 27.27 -5.20 -16.54
N LYS A 15 27.09 -3.91 -16.21
CA LYS A 15 25.85 -3.39 -15.62
C LYS A 15 24.67 -3.61 -16.58
N VAL A 16 23.68 -4.40 -16.14
CA VAL A 16 22.49 -4.84 -16.89
C VAL A 16 21.21 -4.34 -16.23
N LYS A 17 21.23 -3.05 -15.86
CA LYS A 17 20.07 -2.33 -15.31
C LYS A 17 18.84 -2.41 -16.25
N LYS A 18 17.66 -2.23 -15.67
CA LYS A 18 16.36 -2.22 -16.37
C LYS A 18 15.45 -1.11 -15.82
N ILE A 19 14.42 -0.79 -16.60
CA ILE A 19 13.37 0.17 -16.23
C ILE A 19 12.68 -0.28 -14.93
N GLU A 20 12.49 0.67 -14.01
CA GLU A 20 11.79 0.46 -12.74
C GLU A 20 10.70 1.50 -12.43
N PHE A 21 10.54 2.52 -13.28
CA PHE A 21 9.54 3.60 -13.12
C PHE A 21 8.07 3.14 -13.15
N SER A 22 7.84 1.90 -13.60
CA SER A 22 6.55 1.19 -13.56
C SER A 22 6.04 0.87 -12.14
N LYS A 23 6.90 1.03 -11.13
CA LYS A 23 6.59 0.86 -9.71
C LYS A 23 7.47 1.78 -8.85
N PHE A 24 7.21 1.81 -7.55
CA PHE A 24 8.08 2.47 -6.56
C PHE A 24 7.87 1.86 -5.18
N THR A 25 8.77 2.14 -4.23
CA THR A 25 8.69 1.58 -2.87
C THR A 25 8.80 2.67 -1.79
N VAL A 26 7.92 2.60 -0.79
CA VAL A 26 7.83 3.57 0.33
C VAL A 26 7.75 2.87 1.68
N LYS A 27 8.05 3.63 2.74
CA LYS A 27 7.99 3.17 4.13
C LYS A 27 6.54 2.91 4.53
N ILE A 28 6.33 1.86 5.32
CA ILE A 28 5.03 1.42 5.83
C ILE A 28 5.19 1.00 7.29
N LYS A 29 4.24 1.44 8.11
CA LYS A 29 4.17 1.21 9.55
C LYS A 29 2.78 0.67 9.91
N ASN A 30 2.67 0.06 11.09
CA ASN A 30 1.43 -0.50 11.63
C ASN A 30 1.18 -0.02 13.05
N LYS A 31 -0.09 0.00 13.49
CA LYS A 31 -0.43 0.22 14.90
C LYS A 31 -0.26 -1.09 15.67
N ASP A 32 0.65 -1.10 16.65
CA ASP A 32 0.79 -2.21 17.59
C ASP A 32 -0.40 -2.38 18.54
N LYS A 33 -0.33 -3.41 19.40
CA LYS A 33 -1.27 -3.71 20.49
C LYS A 33 -1.45 -2.60 21.53
N SER A 34 -0.59 -1.58 21.50
CA SER A 34 -0.63 -0.42 22.39
C SER A 34 -1.09 0.87 21.67
N GLY A 35 -1.48 0.79 20.38
CA GLY A 35 -1.94 1.96 19.63
C GLY A 35 -0.81 2.92 19.22
N ASN A 36 0.44 2.46 19.15
CA ASN A 36 1.59 3.22 18.66
C ASN A 36 2.00 2.75 17.26
N TRP A 37 2.33 3.72 16.39
CA TRP A 37 2.87 3.48 15.06
C TRP A 37 4.30 2.92 15.15
N THR A 38 4.55 1.79 14.51
CA THR A 38 5.84 1.08 14.52
C THR A 38 6.14 0.48 13.14
N ASP A 39 7.41 0.48 12.73
CA ASP A 39 7.84 0.02 11.41
C ASP A 39 7.38 -1.42 11.10
N LEU A 40 6.88 -1.62 9.88
CA LEU A 40 6.40 -2.91 9.39
C LEU A 40 7.32 -3.46 8.30
N GLY A 41 7.63 -2.64 7.28
CA GLY A 41 8.38 -3.08 6.10
C GLY A 41 8.49 -2.03 5.01
N ASP A 42 8.18 -2.44 3.78
CA ASP A 42 8.24 -1.62 2.56
C ASP A 42 7.06 -1.96 1.64
N LEU A 43 6.42 -0.93 1.11
CA LEU A 43 5.23 -1.02 0.26
C LEU A 43 5.62 -0.73 -1.19
N VAL A 44 5.62 -1.76 -2.04
CA VAL A 44 5.87 -1.66 -3.49
C VAL A 44 4.54 -1.35 -4.20
N VAL A 45 4.28 -0.07 -4.49
CA VAL A 45 3.18 0.37 -5.37
C VAL A 45 3.52 0.01 -6.82
N ARG A 46 2.80 -0.95 -7.40
CA ARG A 46 2.96 -1.49 -8.77
C ARG A 46 1.82 -1.00 -9.66
N LYS A 47 2.17 -0.34 -10.78
CA LYS A 47 1.20 0.13 -11.78
C LYS A 47 0.90 -0.97 -12.81
N GLU A 48 -0.08 -1.82 -12.49
CA GLU A 48 -0.65 -2.81 -13.43
C GLU A 48 -1.38 -2.16 -14.62
N GLU A 49 -1.72 -2.98 -15.62
CA GLU A 49 -2.47 -2.58 -16.81
C GLU A 49 -3.87 -2.02 -16.51
N ASN A 50 -4.56 -2.57 -15.50
CA ASN A 50 -5.95 -2.26 -15.16
C ASN A 50 -6.14 -2.00 -13.65
N GLY A 51 -5.47 -0.95 -13.15
CA GLY A 51 -5.57 -0.50 -11.76
C GLY A 51 -4.23 -0.21 -11.10
N ILE A 52 -4.23 -0.29 -9.76
CA ILE A 52 -3.00 -0.23 -8.93
C ILE A 52 -2.99 -1.44 -7.99
N ASP A 53 -1.81 -2.05 -7.85
CA ASP A 53 -1.55 -3.16 -6.94
C ASP A 53 -0.43 -2.75 -5.96
N THR A 54 -0.50 -3.22 -4.72
CA THR A 54 0.48 -2.91 -3.67
C THR A 54 0.92 -4.19 -2.97
N GLY A 55 2.19 -4.26 -2.59
CA GLY A 55 2.74 -5.42 -1.89
C GLY A 55 3.64 -5.00 -0.74
N LEU A 56 3.47 -5.67 0.39
CA LEU A 56 4.20 -5.48 1.63
C LEU A 56 5.40 -6.43 1.68
N ASN A 57 6.58 -5.89 2.00
CA ASN A 57 7.87 -6.59 1.99
C ASN A 57 8.67 -6.27 3.27
N ALA A 58 8.26 -6.87 4.39
CA ALA A 58 8.89 -6.75 5.69
C ALA A 58 10.25 -7.47 5.79
N GLY A 59 10.98 -7.23 6.88
CA GLY A 59 12.30 -7.80 7.18
C GLY A 59 12.25 -9.27 7.64
N GLY A 60 11.55 -10.12 6.89
CA GLY A 60 11.33 -11.54 7.18
C GLY A 60 10.04 -12.15 6.60
N HIS A 61 9.15 -11.33 6.01
CA HIS A 61 7.85 -11.76 5.46
C HIS A 61 7.37 -10.85 4.32
N SER A 62 6.55 -11.37 3.40
CA SER A 62 5.95 -10.56 2.32
C SER A 62 4.62 -11.11 1.78
N ALA A 63 3.78 -10.21 1.26
CA ALA A 63 2.46 -10.53 0.69
C ALA A 63 1.83 -9.34 -0.06
N THR A 64 0.85 -9.59 -0.94
CA THR A 64 -0.01 -8.56 -1.55
C THR A 64 -0.76 -7.82 -0.44
N PHE A 65 -0.61 -6.49 -0.38
CA PHE A 65 -1.21 -5.67 0.67
C PHE A 65 -2.63 -5.27 0.27
N PHE A 66 -2.81 -4.73 -0.93
CA PHE A 66 -4.14 -4.43 -1.52
C PHE A 66 -4.07 -4.12 -3.02
N SER A 67 -5.22 -4.16 -3.70
CA SER A 67 -5.34 -3.84 -5.12
C SER A 67 -6.70 -3.26 -5.51
N LEU A 68 -6.69 -2.38 -6.49
CA LEU A 68 -7.85 -1.65 -6.99
C LEU A 68 -7.92 -1.68 -8.52
N GLU A 69 -9.10 -1.36 -9.06
CA GLU A 69 -9.36 -1.42 -10.51
C GLU A 69 -8.87 -0.17 -11.25
N GLU A 70 -8.81 -0.21 -12.59
CA GLU A 70 -8.45 0.96 -13.43
C GLU A 70 -9.34 2.18 -13.16
N GLU A 71 -10.63 1.92 -12.86
CA GLU A 71 -11.64 2.92 -12.50
C GLU A 71 -11.38 3.59 -11.13
N VAL A 72 -10.35 3.18 -10.37
CA VAL A 72 -10.03 3.70 -9.03
C VAL A 72 -8.62 4.30 -8.98
N VAL A 73 -7.82 4.23 -10.05
CA VAL A 73 -6.43 4.74 -10.11
C VAL A 73 -6.36 6.20 -9.66
N ASN A 74 -6.97 7.11 -10.43
CA ASN A 74 -6.95 8.54 -10.13
C ASN A 74 -7.67 8.88 -8.80
N ASN A 75 -8.64 8.05 -8.42
CA ASN A 75 -9.37 8.13 -7.16
C ASN A 75 -8.41 7.91 -5.98
N PHE A 76 -7.65 6.81 -6.00
CA PHE A 76 -6.70 6.43 -4.96
C PHE A 76 -5.57 7.45 -4.83
N VAL A 77 -5.05 7.93 -5.95
CA VAL A 77 -4.02 8.96 -5.99
C VAL A 77 -4.50 10.24 -5.29
N LYS A 78 -5.79 10.60 -5.43
CA LYS A 78 -6.42 11.74 -4.77
C LYS A 78 -6.46 11.59 -3.25
N VAL A 79 -7.03 10.49 -2.75
CA VAL A 79 -7.23 10.26 -1.31
C VAL A 79 -5.90 9.99 -0.57
N MET A 80 -4.80 9.79 -1.30
CA MET A 80 -3.47 9.58 -0.76
C MET A 80 -2.63 10.87 -0.70
N THR A 81 -3.16 11.99 -1.21
CA THR A 81 -2.51 13.32 -1.11
C THR A 81 -3.44 14.40 -0.55
N GLU A 82 -4.75 14.11 -0.46
CA GLU A 82 -5.79 14.99 0.10
C GLU A 82 -6.74 14.30 1.10
N GLY A 83 -6.70 12.96 1.18
CA GLY A 83 -7.61 12.14 2.00
C GLY A 83 -9.00 11.93 1.38
N GLY A 84 -9.68 10.85 1.77
CA GLY A 84 -10.96 10.44 1.22
C GLY A 84 -11.25 8.95 1.38
N SER A 85 -12.29 8.47 0.70
CA SER A 85 -12.87 7.14 0.89
C SER A 85 -13.42 6.51 -0.40
N PHE A 86 -12.70 5.52 -0.94
CA PHE A 86 -13.00 4.81 -2.19
C PHE A 86 -12.78 3.30 -2.01
N LYS A 87 -13.61 2.47 -2.64
CA LYS A 87 -13.54 1.00 -2.55
C LYS A 87 -12.37 0.45 -3.37
N THR A 88 -11.84 -0.70 -2.96
CA THR A 88 -10.74 -1.43 -3.64
C THR A 88 -11.21 -2.81 -4.10
N SER A 89 -10.85 -3.20 -5.33
CA SER A 89 -11.18 -4.50 -5.94
C SER A 89 -10.88 -5.69 -5.02
N LEU A 90 -9.74 -5.64 -4.35
CA LEU A 90 -9.27 -6.64 -3.38
C LEU A 90 -8.43 -6.03 -2.24
N TYR A 91 -8.55 -6.60 -1.04
CA TYR A 91 -7.79 -6.19 0.14
C TYR A 91 -7.44 -7.41 1.01
N TYR A 92 -6.20 -7.91 0.91
CA TYR A 92 -5.68 -9.03 1.72
C TYR A 92 -4.98 -8.57 3.01
N GLY A 93 -4.25 -7.45 2.96
CA GLY A 93 -3.40 -6.94 4.05
C GLY A 93 -2.21 -7.87 4.41
N TYR A 94 -1.46 -7.47 5.45
CA TYR A 94 -0.36 -8.27 6.01
C TYR A 94 -0.83 -9.62 6.61
N LYS A 95 0.11 -10.57 6.78
CA LYS A 95 -0.12 -11.92 7.32
C LYS A 95 -0.24 -11.93 8.86
N GLU A 96 -1.14 -11.09 9.38
CA GLU A 96 -1.47 -10.93 10.80
C GLU A 96 -2.97 -10.62 11.01
N GLU A 97 -3.82 -10.93 10.02
CA GLU A 97 -5.24 -10.58 10.00
C GLU A 97 -6.17 -11.71 9.51
N GLN A 98 -7.49 -11.52 9.63
CA GLN A 98 -8.50 -12.53 9.30
C GLN A 98 -8.82 -12.59 7.80
N SER A 99 -8.59 -11.50 7.07
CA SER A 99 -8.94 -11.38 5.64
C SER A 99 -7.83 -11.77 4.68
N VAL A 100 -6.59 -11.91 5.15
CA VAL A 100 -5.44 -12.40 4.35
C VAL A 100 -5.64 -13.82 3.78
N ILE A 101 -6.63 -14.58 4.29
CA ILE A 101 -7.00 -15.93 3.83
C ILE A 101 -7.30 -15.96 2.32
N ASN A 102 -8.21 -15.08 1.85
CA ASN A 102 -8.65 -14.99 0.44
C ASN A 102 -8.84 -13.53 -0.06
N GLY A 103 -8.63 -12.54 0.81
CA GLY A 103 -8.93 -11.12 0.54
C GLY A 103 -10.41 -10.76 0.75
N ILE A 104 -10.72 -9.48 0.59
CA ILE A 104 -12.08 -8.91 0.61
C ILE A 104 -12.33 -8.22 -0.73
N GLN A 105 -13.28 -8.71 -1.51
CA GLN A 105 -13.75 -8.03 -2.71
C GLN A 105 -14.52 -6.75 -2.37
N ASN A 106 -14.30 -5.70 -3.17
CA ASN A 106 -14.95 -4.38 -3.08
C ASN A 106 -14.81 -3.69 -1.69
N LYS A 107 -13.72 -3.97 -0.96
CA LYS A 107 -13.48 -3.48 0.40
C LYS A 107 -13.46 -1.95 0.46
N GLU A 108 -14.25 -1.37 1.36
CA GLU A 108 -14.27 0.09 1.58
C GLU A 108 -13.04 0.55 2.36
N ILE A 109 -12.23 1.43 1.75
CA ILE A 109 -11.01 1.99 2.33
C ILE A 109 -11.22 3.47 2.59
N ILE A 110 -11.16 3.85 3.87
CA ILE A 110 -11.31 5.23 4.34
C ILE A 110 -9.95 5.73 4.82
N THR A 111 -9.27 6.46 3.95
CA THR A 111 -7.99 7.11 4.27
C THR A 111 -8.21 8.38 5.11
N LYS A 112 -7.16 8.82 5.81
CA LYS A 112 -7.09 10.11 6.50
C LYS A 112 -5.65 10.60 6.64
N ILE A 113 -5.43 11.91 6.50
CA ILE A 113 -4.12 12.54 6.72
C ILE A 113 -3.94 12.81 8.22
N GLU A 114 -2.75 12.49 8.74
CA GLU A 114 -2.34 12.77 10.13
C GLU A 114 -0.87 13.19 10.19
N LYS A 115 -0.58 14.35 10.78
CA LYS A 115 0.79 14.79 11.11
C LYS A 115 1.31 14.02 12.33
N ILE A 116 2.19 13.05 12.09
CA ILE A 116 2.93 12.31 13.12
C ILE A 116 4.25 13.06 13.36
N ASP A 117 4.27 13.87 14.44
CA ASP A 117 5.42 14.68 14.88
C ASP A 117 5.96 15.70 13.84
N GLY A 118 5.12 16.12 12.89
CA GLY A 118 5.45 17.09 11.83
C GLY A 118 5.48 16.49 10.42
N THR A 119 5.72 15.18 10.31
CA THR A 119 5.61 14.46 9.02
C THR A 119 4.15 14.10 8.77
N GLU A 120 3.59 14.53 7.63
CA GLU A 120 2.27 14.08 7.20
C GLU A 120 2.31 12.62 6.74
N TYR A 121 1.53 11.77 7.41
CA TYR A 121 1.26 10.39 7.04
C TYR A 121 -0.19 10.24 6.55
N ILE A 122 -0.47 9.09 5.92
CA ILE A 122 -1.82 8.64 5.55
C ILE A 122 -2.10 7.35 6.33
N THR A 123 -3.29 7.20 6.91
CA THR A 123 -3.73 5.95 7.57
C THR A 123 -5.06 5.50 6.98
N PHE A 124 -5.36 4.20 7.08
CA PHE A 124 -6.59 3.62 6.54
C PHE A 124 -7.08 2.45 7.41
N SER A 125 -8.39 2.39 7.62
CA SER A 125 -9.06 1.32 8.37
C SER A 125 -9.17 0.04 7.53
N GLY A 126 -8.46 -1.01 7.95
CA GLY A 126 -8.48 -2.34 7.32
C GLY A 126 -9.63 -3.21 7.81
N ASP A 127 -9.46 -4.54 7.67
CA ASP A 127 -10.33 -5.55 8.30
C ASP A 127 -10.23 -5.57 9.85
N LYS A 128 -10.91 -6.54 10.49
CA LYS A 128 -10.74 -6.84 11.92
C LYS A 128 -9.82 -8.05 12.16
N ILE A 129 -8.65 -7.82 12.77
CA ILE A 129 -7.70 -8.88 13.12
C ILE A 129 -8.21 -9.78 14.27
N LYS A 130 -7.63 -10.98 14.40
CA LYS A 130 -7.89 -11.88 15.55
C LYS A 130 -6.92 -11.65 16.72
N ASN A 131 -5.65 -11.30 16.41
CA ASN A 131 -4.57 -11.14 17.39
C ASN A 131 -4.86 -10.06 18.46
N SER A 132 -5.50 -8.95 18.07
CA SER A 132 -5.83 -7.84 18.98
C SER A 132 -7.18 -8.00 19.68
N GLY A 133 -8.16 -8.64 19.03
CA GLY A 133 -9.47 -9.02 19.60
C GLY A 133 -10.64 -8.67 18.68
N ASP A 134 -11.01 -7.39 18.68
CA ASP A 134 -12.10 -6.77 17.88
C ASP A 134 -11.68 -5.41 17.33
N LYS A 135 -10.36 -5.18 17.24
CA LYS A 135 -9.77 -3.94 16.69
C LYS A 135 -9.64 -4.07 15.17
N VAL A 136 -9.13 -3.04 14.52
CA VAL A 136 -8.90 -3.03 13.06
C VAL A 136 -7.42 -2.92 12.72
N ALA A 137 -7.01 -3.51 11.59
CA ALA A 137 -5.65 -3.40 11.09
C ALA A 137 -5.39 -1.99 10.52
N GLU A 138 -4.98 -1.04 11.37
CA GLU A 138 -4.55 0.29 10.95
C GLU A 138 -3.04 0.35 10.66
N TYR A 139 -2.70 1.16 9.67
CA TYR A 139 -1.37 1.31 9.08
C TYR A 139 -1.06 2.79 8.79
N ALA A 140 0.19 3.12 8.48
CA ALA A 140 0.59 4.48 8.18
C ALA A 140 1.66 4.50 7.08
N ILE A 141 1.48 5.35 6.07
CA ILE A 141 2.45 5.55 4.97
C ILE A 141 2.81 7.03 4.89
N SER A 142 4.08 7.37 4.64
CA SER A 142 4.54 8.77 4.53
C SER A 142 3.94 9.41 3.29
N LEU A 143 2.82 10.13 3.45
CA LEU A 143 2.16 10.89 2.38
C LEU A 143 3.12 11.84 1.67
N GLU A 144 4.10 12.37 2.40
CA GLU A 144 5.11 13.26 1.84
C GLU A 144 6.07 12.55 0.86
N GLU A 145 6.32 11.25 1.04
CA GLU A 145 7.08 10.41 0.10
C GLU A 145 6.20 9.86 -1.03
N LEU A 146 4.90 9.68 -0.77
CA LEU A 146 3.92 9.26 -1.78
C LEU A 146 3.73 10.36 -2.83
N LYS A 147 3.62 11.62 -2.41
CA LYS A 147 3.48 12.79 -3.30
C LYS A 147 4.58 12.96 -4.35
N LYS A 148 5.77 12.36 -4.14
CA LYS A 148 6.91 12.41 -5.09
C LYS A 148 6.87 11.32 -6.17
N ASN A 149 6.04 10.30 -5.98
CA ASN A 149 5.95 9.10 -6.84
C ASN A 149 4.53 8.86 -7.40
N LEU A 150 3.55 9.69 -7.00
CA LEU A 150 2.15 9.57 -7.39
C LEU A 150 1.80 10.41 -8.64
N LYS A 151 2.67 11.38 -8.98
CA LYS A 151 2.66 12.18 -10.22
C LYS A 151 2.57 11.33 -11.49
N LYS A 1 -15.11 31.08 -25.75
CA LYS A 1 -14.75 29.63 -25.81
C LYS A 1 -15.03 28.89 -24.48
N ILE A 2 -16.28 28.92 -23.98
CA ILE A 2 -16.66 28.23 -22.73
C ILE A 2 -16.58 26.70 -22.84
N HIS A 3 -16.95 26.14 -23.99
CA HIS A 3 -16.83 24.72 -24.31
C HIS A 3 -15.40 24.36 -24.76
N THR A 4 -14.84 23.29 -24.23
CA THR A 4 -13.52 22.73 -24.59
C THR A 4 -13.67 21.39 -25.31
N SER A 5 -12.56 20.84 -25.83
CA SER A 5 -12.55 19.55 -26.56
C SER A 5 -11.44 18.62 -26.09
N TYR A 6 -11.59 17.33 -26.39
CA TYR A 6 -10.71 16.25 -25.94
C TYR A 6 -10.51 15.20 -27.05
N ASP A 7 -9.45 14.40 -26.92
CA ASP A 7 -9.06 13.34 -27.85
C ASP A 7 -8.34 12.18 -27.12
N GLU A 8 -8.22 11.03 -27.79
CA GLU A 8 -7.60 9.81 -27.28
C GLU A 8 -6.74 9.15 -28.36
N GLN A 9 -5.66 8.46 -27.94
CA GLN A 9 -4.68 7.81 -28.82
C GLN A 9 -4.29 6.44 -28.25
N SER A 10 -4.88 5.37 -28.80
CA SER A 10 -4.54 3.97 -28.49
C SER A 10 -3.18 3.56 -29.10
N SER A 11 -2.66 2.40 -28.70
CA SER A 11 -1.43 1.79 -29.24
C SER A 11 -1.64 0.36 -29.73
N GLY A 12 -2.38 -0.48 -29.00
CA GLY A 12 -2.65 -1.87 -29.36
C GLY A 12 -1.38 -2.74 -29.40
N GLU A 13 -1.37 -3.75 -30.28
CA GLU A 13 -0.22 -4.63 -30.51
C GLU A 13 0.96 -3.90 -31.19
N SER A 14 1.90 -3.39 -30.39
CA SER A 14 3.10 -2.63 -30.80
C SER A 14 4.29 -2.89 -29.86
N LYS A 15 5.49 -2.44 -30.25
CA LYS A 15 6.69 -2.43 -29.40
C LYS A 15 6.57 -1.36 -28.30
N VAL A 16 6.74 -1.80 -27.05
CA VAL A 16 6.72 -1.00 -25.83
C VAL A 16 7.26 -1.85 -24.66
N LYS A 17 7.92 -1.21 -23.70
CA LYS A 17 8.46 -1.83 -22.47
C LYS A 17 8.05 -1.09 -21.20
N LYS A 18 8.37 -1.69 -20.05
CA LYS A 18 8.20 -1.12 -18.70
C LYS A 18 9.45 -0.32 -18.31
N ILE A 19 9.25 0.93 -17.87
CA ILE A 19 10.32 1.80 -17.35
C ILE A 19 10.66 1.40 -15.90
N GLU A 20 11.83 1.77 -15.39
CA GLU A 20 12.20 1.58 -13.98
C GLU A 20 11.26 2.32 -12.99
N PHE A 21 10.43 3.26 -13.48
CA PHE A 21 9.41 3.99 -12.71
C PHE A 21 8.01 3.35 -12.78
N SER A 22 7.85 2.22 -13.49
CA SER A 22 6.61 1.43 -13.59
C SER A 22 6.11 0.90 -12.24
N LYS A 23 7.01 0.78 -11.26
CA LYS A 23 6.70 0.52 -9.85
C LYS A 23 7.59 1.35 -8.95
N PHE A 24 7.18 1.51 -7.70
CA PHE A 24 7.93 2.24 -6.67
C PHE A 24 7.76 1.57 -5.31
N THR A 25 8.53 2.01 -4.31
CA THR A 25 8.51 1.43 -2.97
C THR A 25 8.67 2.52 -1.90
N VAL A 26 7.69 2.62 -0.99
CA VAL A 26 7.58 3.63 0.08
C VAL A 26 7.49 2.98 1.46
N LYS A 27 7.77 3.73 2.54
CA LYS A 27 7.64 3.24 3.93
C LYS A 27 6.20 2.86 4.30
N ILE A 28 6.04 2.05 5.34
CA ILE A 28 4.76 1.65 5.93
C ILE A 28 4.96 1.32 7.41
N LYS A 29 4.01 1.76 8.23
CA LYS A 29 3.96 1.56 9.69
C LYS A 29 2.57 1.02 10.07
N ASN A 30 2.46 0.39 11.24
CA ASN A 30 1.22 -0.19 11.76
C ASN A 30 1.02 0.15 13.24
N LYS A 31 -0.23 0.04 13.73
CA LYS A 31 -0.53 0.18 15.16
C LYS A 31 -0.28 -1.14 15.90
N ASP A 32 0.63 -1.12 16.88
CA ASP A 32 0.86 -2.24 17.81
C ASP A 32 -0.31 -2.47 18.78
N LYS A 33 -0.17 -3.51 19.60
CA LYS A 33 -1.08 -3.90 20.70
C LYS A 33 -1.26 -2.80 21.76
N SER A 34 -0.30 -1.88 21.85
CA SER A 34 -0.31 -0.72 22.76
C SER A 34 -1.08 0.48 22.19
N GLY A 35 -1.43 0.46 20.90
CA GLY A 35 -2.08 1.55 20.17
C GLY A 35 -1.14 2.69 19.77
N ASN A 36 0.12 2.37 19.46
CA ASN A 36 1.13 3.30 18.95
C ASN A 36 1.65 2.86 17.57
N TRP A 37 1.97 3.84 16.72
CA TRP A 37 2.56 3.62 15.40
C TRP A 37 3.99 3.06 15.53
N THR A 38 4.28 1.99 14.80
CA THR A 38 5.57 1.31 14.77
C THR A 38 5.90 0.80 13.36
N ASP A 39 7.17 0.89 12.98
CA ASP A 39 7.67 0.50 11.66
C ASP A 39 7.31 -0.96 11.31
N LEU A 40 6.79 -1.16 10.10
CA LEU A 40 6.41 -2.48 9.60
C LEU A 40 7.38 -2.96 8.51
N GLY A 41 7.65 -2.11 7.51
CA GLY A 41 8.53 -2.41 6.39
C GLY A 41 8.43 -1.41 5.24
N ASP A 42 8.04 -1.90 4.07
CA ASP A 42 7.93 -1.14 2.82
C ASP A 42 6.72 -1.61 2.00
N LEU A 43 6.21 -0.77 1.10
CA LEU A 43 5.06 -1.02 0.22
C LEU A 43 5.48 -0.87 -1.24
N VAL A 44 5.66 -2.00 -1.93
CA VAL A 44 5.89 -2.05 -3.38
C VAL A 44 4.59 -1.77 -4.13
N VAL A 45 4.39 -0.54 -4.59
CA VAL A 45 3.25 -0.13 -5.44
C VAL A 45 3.59 -0.37 -6.93
N ARG A 46 2.86 -1.29 -7.58
CA ARG A 46 2.97 -1.66 -9.00
C ARG A 46 1.82 -1.04 -9.80
N LYS A 47 2.15 -0.16 -10.74
CA LYS A 47 1.20 0.45 -11.69
C LYS A 47 0.90 -0.51 -12.86
N GLU A 48 -0.07 -1.38 -12.67
CA GLU A 48 -0.61 -2.26 -13.71
C GLU A 48 -1.56 -1.50 -14.68
N GLU A 49 -2.00 -2.17 -15.76
CA GLU A 49 -2.99 -1.65 -16.72
C GLU A 49 -4.43 -1.64 -16.17
N ASN A 50 -4.76 -2.63 -15.33
CA ASN A 50 -6.12 -2.92 -14.86
C ASN A 50 -6.29 -2.55 -13.36
N GLY A 51 -5.79 -1.37 -13.01
CA GLY A 51 -5.76 -0.84 -11.65
C GLY A 51 -4.36 -0.69 -11.07
N ILE A 52 -4.29 -0.53 -9.76
CA ILE A 52 -3.02 -0.51 -9.00
C ILE A 52 -3.00 -1.68 -8.00
N ASP A 53 -1.84 -2.29 -7.83
CA ASP A 53 -1.62 -3.44 -6.95
C ASP A 53 -0.39 -3.18 -6.06
N THR A 54 -0.49 -3.48 -4.77
CA THR A 54 0.53 -3.13 -3.77
C THR A 54 0.95 -4.33 -2.93
N GLY A 55 2.19 -4.36 -2.46
CA GLY A 55 2.70 -5.50 -1.71
C GLY A 55 3.65 -5.07 -0.59
N LEU A 56 3.30 -5.48 0.63
CA LEU A 56 4.09 -5.30 1.83
C LEU A 56 5.38 -6.12 1.73
N ASN A 57 6.50 -5.52 2.12
CA ASN A 57 7.84 -6.09 2.16
C ASN A 57 8.49 -5.75 3.52
N ALA A 58 8.47 -6.70 4.46
CA ALA A 58 8.95 -6.55 5.82
C ALA A 58 10.11 -7.52 6.12
N GLY A 59 11.35 -7.01 6.07
CA GLY A 59 12.57 -7.79 6.27
C GLY A 59 12.74 -8.90 5.21
N GLY A 60 12.66 -10.16 5.64
CA GLY A 60 12.78 -11.35 4.79
C GLY A 60 11.44 -11.94 4.33
N HIS A 61 10.32 -11.21 4.46
CA HIS A 61 8.97 -11.70 4.16
C HIS A 61 8.08 -10.66 3.46
N SER A 62 7.23 -11.10 2.53
CA SER A 62 6.39 -10.23 1.70
C SER A 62 5.03 -10.87 1.35
N ALA A 63 4.00 -10.03 1.13
CA ALA A 63 2.66 -10.43 0.70
C ALA A 63 1.89 -9.25 0.06
N THR A 64 0.89 -9.52 -0.77
CA THR A 64 -0.06 -8.50 -1.28
C THR A 64 -0.70 -7.74 -0.12
N PHE A 65 -0.66 -6.41 -0.15
CA PHE A 65 -1.24 -5.56 0.89
C PHE A 65 -2.66 -5.12 0.50
N PHE A 66 -2.82 -4.56 -0.70
CA PHE A 66 -4.14 -4.27 -1.30
C PHE A 66 -4.05 -3.98 -2.81
N SER A 67 -5.18 -4.04 -3.49
CA SER A 67 -5.33 -3.75 -4.92
C SER A 67 -6.68 -3.12 -5.25
N LEU A 68 -6.68 -2.24 -6.24
CA LEU A 68 -7.82 -1.45 -6.68
C LEU A 68 -8.05 -1.57 -8.19
N GLU A 69 -9.26 -1.25 -8.65
CA GLU A 69 -9.65 -1.38 -10.07
C GLU A 69 -9.10 -0.23 -10.93
N GLU A 70 -9.12 -0.40 -12.26
CA GLU A 70 -8.75 0.63 -13.24
C GLU A 70 -9.54 1.94 -13.12
N GLU A 71 -10.82 1.85 -12.74
CA GLU A 71 -11.69 2.99 -12.44
C GLU A 71 -11.28 3.73 -11.15
N VAL A 72 -10.36 3.18 -10.34
CA VAL A 72 -9.99 3.70 -9.01
C VAL A 72 -8.55 4.24 -9.01
N VAL A 73 -7.77 4.04 -10.08
CA VAL A 73 -6.37 4.51 -10.23
C VAL A 73 -6.21 5.97 -9.81
N ASN A 74 -6.80 6.92 -10.55
CA ASN A 74 -6.70 8.35 -10.24
C ASN A 74 -7.43 8.72 -8.93
N ASN A 75 -8.45 7.96 -8.56
CA ASN A 75 -9.22 8.11 -7.32
C ASN A 75 -8.32 7.87 -6.10
N PHE A 76 -7.61 6.73 -6.07
CA PHE A 76 -6.68 6.35 -5.02
C PHE A 76 -5.56 7.37 -4.88
N VAL A 77 -4.98 7.79 -6.00
CA VAL A 77 -3.89 8.78 -6.04
C VAL A 77 -4.32 10.09 -5.36
N LYS A 78 -5.60 10.47 -5.50
CA LYS A 78 -6.21 11.61 -4.82
C LYS A 78 -6.29 11.42 -3.30
N VAL A 79 -6.90 10.33 -2.82
CA VAL A 79 -7.10 10.10 -1.36
C VAL A 79 -5.77 9.76 -0.64
N MET A 80 -4.73 9.39 -1.39
CA MET A 80 -3.39 9.08 -0.91
C MET A 80 -2.51 10.35 -0.83
N THR A 81 -3.01 11.52 -1.30
CA THR A 81 -2.31 12.82 -1.21
C THR A 81 -3.15 13.94 -0.61
N GLU A 82 -4.47 13.74 -0.50
CA GLU A 82 -5.45 14.72 0.04
C GLU A 82 -6.47 14.10 1.03
N GLY A 83 -6.51 12.76 1.12
CA GLY A 83 -7.47 11.99 1.93
C GLY A 83 -8.86 11.84 1.28
N GLY A 84 -9.59 10.80 1.67
CA GLY A 84 -10.89 10.44 1.10
C GLY A 84 -11.27 8.98 1.30
N SER A 85 -12.29 8.53 0.56
CA SER A 85 -12.93 7.22 0.76
C SER A 85 -13.47 6.59 -0.53
N PHE A 86 -12.75 5.59 -1.07
CA PHE A 86 -13.05 4.87 -2.31
C PHE A 86 -12.87 3.35 -2.11
N LYS A 87 -13.73 2.53 -2.74
CA LYS A 87 -13.65 1.06 -2.65
C LYS A 87 -12.44 0.50 -3.41
N THR A 88 -12.08 -0.74 -3.12
CA THR A 88 -10.93 -1.47 -3.70
C THR A 88 -11.37 -2.83 -4.26
N SER A 89 -10.63 -3.36 -5.25
CA SER A 89 -10.98 -4.63 -5.91
C SER A 89 -10.76 -5.82 -4.98
N LEU A 90 -9.68 -5.75 -4.21
CA LEU A 90 -9.23 -6.74 -3.24
C LEU A 90 -8.41 -6.11 -2.11
N TYR A 91 -8.63 -6.58 -0.89
CA TYR A 91 -7.89 -6.16 0.30
C TYR A 91 -7.48 -7.39 1.13
N TYR A 92 -6.21 -7.78 1.01
CA TYR A 92 -5.60 -8.87 1.78
C TYR A 92 -5.04 -8.41 3.13
N GLY A 93 -4.30 -7.31 3.16
CA GLY A 93 -3.49 -6.86 4.30
C GLY A 93 -2.20 -7.67 4.51
N TYR A 94 -1.36 -7.23 5.46
CA TYR A 94 -0.19 -7.99 5.94
C TYR A 94 -0.60 -9.38 6.48
N LYS A 95 0.37 -10.29 6.62
CA LYS A 95 0.18 -11.57 7.31
C LYS A 95 -0.24 -11.37 8.78
N GLU A 96 -0.82 -12.40 9.40
CA GLU A 96 -1.44 -12.31 10.74
C GLU A 96 -2.68 -11.39 10.77
N GLU A 97 -3.49 -11.40 9.70
CA GLU A 97 -4.81 -10.75 9.61
C GLU A 97 -5.92 -11.77 9.31
N GLN A 98 -7.20 -11.36 9.39
CA GLN A 98 -8.37 -12.20 9.09
C GLN A 98 -8.76 -12.23 7.60
N SER A 99 -8.20 -11.34 6.77
CA SER A 99 -8.44 -11.26 5.32
C SER A 99 -7.32 -11.84 4.46
N VAL A 100 -6.07 -11.84 4.93
CA VAL A 100 -4.88 -12.27 4.16
C VAL A 100 -4.96 -13.74 3.68
N ILE A 101 -5.77 -14.56 4.35
CA ILE A 101 -6.06 -15.96 3.99
C ILE A 101 -6.68 -16.10 2.59
N ASN A 102 -7.55 -15.15 2.20
CA ASN A 102 -8.39 -15.26 1.00
C ASN A 102 -8.67 -13.94 0.25
N GLY A 103 -8.87 -12.84 0.98
CA GLY A 103 -9.11 -11.48 0.47
C GLY A 103 -10.58 -11.04 0.59
N ILE A 104 -10.80 -9.72 0.63
CA ILE A 104 -12.13 -9.08 0.66
C ILE A 104 -12.34 -8.32 -0.64
N GLN A 105 -13.29 -8.79 -1.46
CA GLN A 105 -13.69 -8.06 -2.66
C GLN A 105 -14.54 -6.83 -2.32
N ASN A 106 -14.41 -5.78 -3.14
CA ASN A 106 -15.17 -4.50 -3.03
C ASN A 106 -14.95 -3.77 -1.67
N LYS A 107 -13.84 -4.05 -0.97
CA LYS A 107 -13.56 -3.56 0.40
C LYS A 107 -13.44 -2.03 0.43
N GLU A 108 -14.23 -1.40 1.31
CA GLU A 108 -14.27 0.05 1.53
C GLU A 108 -13.04 0.55 2.32
N ILE A 109 -12.28 1.49 1.73
CA ILE A 109 -11.06 2.06 2.32
C ILE A 109 -11.24 3.56 2.55
N ILE A 110 -11.17 3.98 3.81
CA ILE A 110 -11.36 5.36 4.27
C ILE A 110 -10.03 5.90 4.80
N THR A 111 -9.28 6.55 3.92
CA THR A 111 -8.03 7.23 4.26
C THR A 111 -8.27 8.55 5.01
N LYS A 112 -7.28 9.01 5.78
CA LYS A 112 -7.25 10.32 6.45
C LYS A 112 -5.82 10.81 6.68
N ILE A 113 -5.59 12.12 6.54
CA ILE A 113 -4.28 12.74 6.82
C ILE A 113 -4.13 12.99 8.33
N GLU A 114 -2.99 12.59 8.89
CA GLU A 114 -2.59 12.84 10.28
C GLU A 114 -1.06 12.96 10.38
N LYS A 115 -0.55 13.87 11.22
CA LYS A 115 0.88 13.92 11.56
C LYS A 115 1.21 12.92 12.67
N ILE A 116 2.49 12.54 12.76
CA ILE A 116 2.99 11.60 13.78
C ILE A 116 4.21 12.20 14.51
N ASP A 117 5.16 12.77 13.77
CA ASP A 117 6.41 13.33 14.31
C ASP A 117 6.89 14.61 13.60
N GLY A 118 6.06 15.23 12.75
CA GLY A 118 6.42 16.39 11.92
C GLY A 118 6.23 16.14 10.43
N THR A 119 6.26 14.88 10.00
CA THR A 119 5.88 14.45 8.64
C THR A 119 4.37 14.20 8.61
N GLU A 120 3.72 14.58 7.52
CA GLU A 120 2.32 14.23 7.25
C GLU A 120 2.24 12.76 6.81
N TYR A 121 1.43 11.96 7.51
CA TYR A 121 1.12 10.58 7.19
C TYR A 121 -0.33 10.46 6.71
N ILE A 122 -0.64 9.29 6.15
CA ILE A 122 -2.00 8.87 5.78
C ILE A 122 -2.31 7.56 6.49
N THR A 123 -3.47 7.45 7.13
CA THR A 123 -3.92 6.22 7.81
C THR A 123 -5.22 5.73 7.19
N PHE A 124 -5.49 4.43 7.25
CA PHE A 124 -6.74 3.84 6.73
C PHE A 124 -7.20 2.65 7.57
N SER A 125 -8.52 2.48 7.66
CA SER A 125 -9.16 1.33 8.31
C SER A 125 -9.01 0.05 7.46
N GLY A 126 -8.18 -0.88 7.95
CA GLY A 126 -8.04 -2.22 7.38
C GLY A 126 -9.18 -3.18 7.77
N ASP A 127 -8.98 -4.47 7.53
CA ASP A 127 -9.85 -5.55 8.01
C ASP A 127 -9.84 -5.69 9.55
N LYS A 128 -10.83 -6.37 10.12
CA LYS A 128 -10.95 -6.64 11.56
C LYS A 128 -10.17 -7.89 11.97
N ILE A 129 -8.98 -7.69 12.56
CA ILE A 129 -8.12 -8.79 13.03
C ILE A 129 -8.74 -9.56 14.21
N LYS A 130 -8.24 -10.78 14.45
CA LYS A 130 -8.65 -11.64 15.58
C LYS A 130 -7.57 -11.77 16.68
N ASN A 131 -6.50 -11.00 16.57
CA ASN A 131 -5.33 -10.97 17.47
C ASN A 131 -5.17 -9.60 18.18
N SER A 132 -6.27 -8.83 18.27
CA SER A 132 -6.34 -7.56 19.02
C SER A 132 -7.64 -7.40 19.82
N GLY A 133 -8.80 -7.76 19.24
CA GLY A 133 -10.09 -7.81 19.96
C GLY A 133 -11.20 -6.98 19.29
N ASP A 134 -11.69 -7.41 18.12
CA ASP A 134 -12.66 -6.68 17.27
C ASP A 134 -12.18 -5.27 16.85
N LYS A 135 -10.86 -5.07 16.82
CA LYS A 135 -10.21 -3.84 16.34
C LYS A 135 -10.01 -3.96 14.82
N VAL A 136 -9.53 -2.88 14.19
CA VAL A 136 -9.19 -2.86 12.76
C VAL A 136 -7.67 -2.73 12.57
N ALA A 137 -7.15 -3.35 11.50
CA ALA A 137 -5.73 -3.25 11.12
C ALA A 137 -5.40 -1.84 10.62
N GLU A 138 -5.12 -0.92 11.54
CA GLU A 138 -4.73 0.46 11.20
C GLU A 138 -3.25 0.56 10.85
N TYR A 139 -2.98 1.40 9.85
CA TYR A 139 -1.68 1.59 9.22
C TYR A 139 -1.34 3.07 9.03
N ALA A 140 -0.11 3.39 8.66
CA ALA A 140 0.32 4.76 8.36
C ALA A 140 1.40 4.74 7.27
N ILE A 141 1.24 5.60 6.25
CA ILE A 141 2.21 5.77 5.15
C ILE A 141 2.62 7.24 5.06
N SER A 142 3.89 7.53 4.79
CA SER A 142 4.42 8.89 4.60
C SER A 142 3.83 9.52 3.35
N LEU A 143 2.73 10.26 3.51
CA LEU A 143 2.02 10.98 2.45
C LEU A 143 2.94 11.92 1.68
N GLU A 144 3.96 12.47 2.34
CA GLU A 144 4.94 13.34 1.68
C GLU A 144 5.89 12.58 0.73
N GLU A 145 6.20 11.31 1.01
CA GLU A 145 6.99 10.44 0.13
C GLU A 145 6.13 9.80 -0.97
N LEU A 146 4.84 9.54 -0.68
CA LEU A 146 3.87 9.07 -1.66
C LEU A 146 3.76 10.04 -2.84
N LYS A 147 3.61 11.35 -2.58
CA LYS A 147 3.54 12.40 -3.61
C LYS A 147 4.70 12.33 -4.62
N LYS A 148 5.92 12.01 -4.16
CA LYS A 148 7.13 11.93 -5.00
C LYS A 148 7.08 10.83 -6.07
N ASN A 149 6.22 9.83 -5.88
CA ASN A 149 6.10 8.63 -6.71
C ASN A 149 4.69 8.46 -7.33
N LEU A 150 3.74 9.34 -6.98
CA LEU A 150 2.32 9.27 -7.38
C LEU A 150 2.00 10.19 -8.57
N LYS A 151 2.84 11.21 -8.79
CA LYS A 151 2.78 12.15 -9.93
C LYS A 151 2.74 11.44 -11.30
N LYS A 1 30.25 3.89 10.00
CA LYS A 1 30.88 3.20 8.84
C LYS A 1 31.64 1.92 9.27
N ILE A 2 32.03 1.10 8.29
CA ILE A 2 32.88 -0.10 8.43
C ILE A 2 33.94 -0.15 7.30
N HIS A 3 34.88 -1.11 7.38
CA HIS A 3 35.83 -1.39 6.30
C HIS A 3 35.14 -1.78 4.97
N THR A 4 35.89 -1.70 3.87
CA THR A 4 35.42 -2.05 2.52
C THR A 4 36.41 -2.97 1.80
N SER A 5 35.91 -3.69 0.78
CA SER A 5 36.65 -4.68 -0.02
C SER A 5 36.29 -4.57 -1.50
N TYR A 6 37.12 -5.15 -2.36
CA TYR A 6 36.97 -5.15 -3.81
C TYR A 6 37.37 -6.50 -4.42
N ASP A 7 36.74 -6.87 -5.54
CA ASP A 7 37.02 -8.10 -6.27
C ASP A 7 38.11 -7.87 -7.33
N GLU A 8 39.17 -8.68 -7.33
CA GLU A 8 40.15 -8.69 -8.41
C GLU A 8 39.53 -9.20 -9.74
N GLN A 9 40.05 -8.70 -10.87
CA GLN A 9 39.63 -9.07 -12.24
C GLN A 9 38.11 -8.91 -12.51
N SER A 10 37.44 -8.04 -11.75
CA SER A 10 36.00 -7.75 -11.86
C SER A 10 35.62 -7.11 -13.21
N SER A 11 34.32 -7.14 -13.55
CA SER A 11 33.76 -6.64 -14.82
C SER A 11 32.83 -5.43 -14.61
N GLY A 12 32.55 -4.70 -15.70
CA GLY A 12 31.63 -3.57 -15.75
C GLY A 12 30.18 -3.98 -16.05
N GLU A 13 29.43 -3.11 -16.72
CA GLU A 13 28.04 -3.34 -17.13
C GLU A 13 27.75 -2.71 -18.51
N SER A 14 26.85 -3.33 -19.28
CA SER A 14 26.41 -2.85 -20.60
C SER A 14 25.69 -1.49 -20.54
N LYS A 15 25.74 -0.73 -21.65
CA LYS A 15 25.10 0.59 -21.77
C LYS A 15 23.69 0.45 -22.36
N VAL A 16 22.68 0.50 -21.47
CA VAL A 16 21.25 0.49 -21.79
C VAL A 16 20.47 1.16 -20.66
N LYS A 17 19.40 1.86 -21.01
CA LYS A 17 18.41 2.46 -20.09
C LYS A 17 16.99 2.37 -20.65
N LYS A 18 16.00 2.40 -19.75
CA LYS A 18 14.55 2.43 -20.02
C LYS A 18 13.82 3.16 -18.88
N ILE A 19 12.55 3.51 -19.12
CA ILE A 19 11.65 4.03 -18.08
C ILE A 19 11.34 2.94 -17.03
N GLU A 20 11.37 3.31 -15.75
CA GLU A 20 11.10 2.40 -14.61
C GLU A 20 10.05 2.97 -13.63
N PHE A 21 9.37 4.08 -13.97
CA PHE A 21 8.32 4.72 -13.17
C PHE A 21 7.01 3.91 -13.05
N SER A 22 6.93 2.77 -13.75
CA SER A 22 5.81 1.81 -13.76
C SER A 22 5.49 1.21 -12.37
N LYS A 23 6.46 1.18 -11.45
CA LYS A 23 6.24 0.90 -10.03
C LYS A 23 7.13 1.81 -9.18
N PHE A 24 6.85 1.88 -7.89
CA PHE A 24 7.66 2.57 -6.89
C PHE A 24 7.56 1.89 -5.52
N THR A 25 8.45 2.26 -4.59
CA THR A 25 8.45 1.70 -3.22
C THR A 25 8.53 2.81 -2.19
N VAL A 26 7.65 2.77 -1.19
CA VAL A 26 7.51 3.74 -0.10
C VAL A 26 7.49 3.05 1.27
N LYS A 27 7.62 3.83 2.35
CA LYS A 27 7.58 3.34 3.74
C LYS A 27 6.21 2.78 4.12
N ILE A 28 6.13 2.07 5.24
CA ILE A 28 4.87 1.58 5.86
C ILE A 28 5.13 1.22 7.33
N LYS A 29 4.19 1.64 8.18
CA LYS A 29 4.15 1.40 9.63
C LYS A 29 2.78 0.84 10.02
N ASN A 30 2.69 0.20 11.16
CA ASN A 30 1.45 -0.33 11.76
C ASN A 30 1.27 0.17 13.20
N LYS A 31 0.04 0.13 13.73
CA LYS A 31 -0.22 0.40 15.15
C LYS A 31 0.07 -0.84 16.00
N ASP A 32 0.99 -0.70 16.97
CA ASP A 32 1.27 -1.71 18.00
C ASP A 32 0.05 -1.96 18.91
N LYS A 33 0.18 -2.93 19.82
CA LYS A 33 -0.81 -3.32 20.84
C LYS A 33 -1.20 -2.20 21.83
N SER A 34 -0.43 -1.12 21.86
CA SER A 34 -0.64 0.05 22.74
C SER A 34 -0.93 1.34 21.96
N GLY A 35 -1.27 1.24 20.67
CA GLY A 35 -1.60 2.41 19.85
C GLY A 35 -0.39 3.24 19.41
N ASN A 36 0.81 2.65 19.41
CA ASN A 36 2.06 3.30 19.01
C ASN A 36 2.37 2.95 17.56
N TRP A 37 2.63 3.94 16.70
CA TRP A 37 3.06 3.71 15.33
C TRP A 37 4.48 3.12 15.29
N THR A 38 4.65 1.99 14.62
CA THR A 38 5.89 1.20 14.59
C THR A 38 6.14 0.62 13.20
N ASP A 39 7.40 0.65 12.74
CA ASP A 39 7.79 0.24 11.39
C ASP A 39 7.42 -1.22 11.08
N LEU A 40 6.90 -1.44 9.86
CA LEU A 40 6.50 -2.77 9.38
C LEU A 40 7.42 -3.27 8.26
N GLY A 41 7.72 -2.41 7.28
CA GLY A 41 8.57 -2.76 6.13
C GLY A 41 8.57 -1.68 5.04
N ASP A 42 8.17 -2.08 3.83
CA ASP A 42 8.10 -1.22 2.64
C ASP A 42 6.95 -1.66 1.73
N LEU A 43 6.38 -0.76 0.93
CA LEU A 43 5.22 -1.01 0.06
C LEU A 43 5.59 -0.77 -1.42
N VAL A 44 5.71 -1.86 -2.20
CA VAL A 44 5.92 -1.82 -3.66
C VAL A 44 4.57 -1.61 -4.34
N VAL A 45 4.29 -0.39 -4.77
CA VAL A 45 3.09 0.00 -5.52
C VAL A 45 3.30 -0.25 -7.02
N ARG A 46 2.71 -1.33 -7.55
CA ARG A 46 2.82 -1.78 -8.95
C ARG A 46 1.60 -1.32 -9.77
N LYS A 47 1.84 -0.90 -11.02
CA LYS A 47 0.80 -0.43 -11.96
C LYS A 47 0.45 -1.56 -12.94
N GLU A 48 -0.55 -2.37 -12.58
CA GLU A 48 -1.10 -3.44 -13.43
C GLU A 48 -1.86 -2.90 -14.66
N GLU A 49 -2.23 -3.80 -15.57
CA GLU A 49 -2.97 -3.48 -16.81
C GLU A 49 -4.36 -2.87 -16.55
N ASN A 50 -4.97 -3.23 -15.41
CA ASN A 50 -6.35 -2.92 -15.04
C ASN A 50 -6.48 -2.46 -13.57
N GLY A 51 -5.53 -1.65 -13.09
CA GLY A 51 -5.54 -1.04 -11.75
C GLY A 51 -4.17 -0.81 -11.10
N ILE A 52 -4.17 -0.70 -9.76
CA ILE A 52 -2.94 -0.63 -8.94
C ILE A 52 -2.94 -1.77 -7.94
N ASP A 53 -1.78 -2.42 -7.78
CA ASP A 53 -1.54 -3.60 -6.94
C ASP A 53 -0.32 -3.36 -6.06
N THR A 54 -0.52 -3.34 -4.74
CA THR A 54 0.52 -3.02 -3.76
C THR A 54 1.00 -4.27 -3.04
N GLY A 55 2.27 -4.30 -2.61
CA GLY A 55 2.83 -5.44 -1.89
C GLY A 55 3.74 -5.00 -0.77
N LEU A 56 3.49 -5.52 0.43
CA LEU A 56 4.21 -5.27 1.68
C LEU A 56 5.41 -6.19 1.80
N ASN A 57 6.59 -5.60 2.04
CA ASN A 57 7.89 -6.27 2.08
C ASN A 57 8.56 -6.05 3.45
N ALA A 58 8.25 -6.92 4.41
CA ALA A 58 8.73 -6.85 5.78
C ALA A 58 9.94 -7.78 5.96
N GLY A 59 11.09 -7.23 6.39
CA GLY A 59 12.36 -7.95 6.55
C GLY A 59 12.80 -8.77 5.32
N GLY A 60 12.46 -10.06 5.30
CA GLY A 60 12.75 -11.01 4.22
C GLY A 60 11.52 -11.75 3.68
N HIS A 61 10.30 -11.27 3.96
CA HIS A 61 9.03 -11.75 3.38
C HIS A 61 8.40 -10.66 2.50
N SER A 62 7.53 -11.08 1.57
CA SER A 62 6.69 -10.17 0.78
C SER A 62 5.31 -10.77 0.46
N ALA A 63 4.25 -9.97 0.60
CA ALA A 63 2.87 -10.38 0.29
C ALA A 63 2.01 -9.20 -0.21
N THR A 64 0.99 -9.48 -1.03
CA THR A 64 0.02 -8.47 -1.50
C THR A 64 -0.62 -7.74 -0.32
N PHE A 65 -0.51 -6.41 -0.26
CA PHE A 65 -1.08 -5.60 0.82
C PHE A 65 -2.50 -5.16 0.44
N PHE A 66 -2.69 -4.60 -0.76
CA PHE A 66 -4.01 -4.28 -1.31
C PHE A 66 -4.00 -4.09 -2.84
N SER A 67 -5.18 -3.99 -3.45
CA SER A 67 -5.33 -3.85 -4.90
C SER A 67 -6.66 -3.21 -5.28
N LEU A 68 -6.59 -2.28 -6.24
CA LEU A 68 -7.70 -1.45 -6.72
C LEU A 68 -7.77 -1.44 -8.24
N GLU A 69 -8.96 -1.18 -8.78
CA GLU A 69 -9.25 -1.29 -10.21
C GLU A 69 -8.73 -0.10 -11.02
N GLU A 70 -8.71 -0.21 -12.36
CA GLU A 70 -8.31 0.87 -13.28
C GLU A 70 -9.17 2.14 -13.11
N GLU A 71 -10.45 1.95 -12.77
CA GLU A 71 -11.39 3.01 -12.37
C GLU A 71 -11.01 3.74 -11.07
N VAL A 72 -10.09 3.16 -10.26
CA VAL A 72 -9.73 3.67 -8.94
C VAL A 72 -8.29 4.21 -8.92
N VAL A 73 -7.51 4.04 -10.00
CA VAL A 73 -6.11 4.51 -10.13
C VAL A 73 -5.96 5.98 -9.70
N ASN A 74 -6.60 6.90 -10.43
CA ASN A 74 -6.52 8.34 -10.13
C ASN A 74 -7.24 8.72 -8.81
N ASN A 75 -8.26 7.94 -8.44
CA ASN A 75 -9.02 8.08 -7.21
C ASN A 75 -8.10 7.88 -5.98
N PHE A 76 -7.33 6.80 -5.98
CA PHE A 76 -6.37 6.44 -4.93
C PHE A 76 -5.28 7.49 -4.78
N VAL A 77 -4.75 7.99 -5.91
CA VAL A 77 -3.73 9.06 -5.93
C VAL A 77 -4.24 10.31 -5.20
N LYS A 78 -5.54 10.62 -5.33
CA LYS A 78 -6.21 11.72 -4.63
C LYS A 78 -6.31 11.47 -3.14
N VAL A 79 -6.87 10.35 -2.69
CA VAL A 79 -7.09 10.09 -1.25
C VAL A 79 -5.80 9.77 -0.49
N MET A 80 -4.69 9.59 -1.19
CA MET A 80 -3.37 9.34 -0.61
C MET A 80 -2.51 10.63 -0.57
N THR A 81 -3.02 11.75 -1.09
CA THR A 81 -2.35 13.06 -1.09
C THR A 81 -3.24 14.19 -0.57
N GLU A 82 -4.55 13.95 -0.46
CA GLU A 82 -5.58 14.87 0.07
C GLU A 82 -6.59 14.21 1.04
N GLY A 83 -6.60 12.87 1.13
CA GLY A 83 -7.53 12.08 1.96
C GLY A 83 -8.91 11.88 1.32
N GLY A 84 -9.61 10.80 1.71
CA GLY A 84 -10.92 10.43 1.16
C GLY A 84 -11.32 8.97 1.41
N SER A 85 -12.25 8.47 0.61
CA SER A 85 -12.90 7.17 0.82
C SER A 85 -13.41 6.53 -0.48
N PHE A 86 -12.66 5.57 -1.03
CA PHE A 86 -12.94 4.86 -2.29
C PHE A 86 -12.78 3.34 -2.08
N LYS A 87 -13.64 2.53 -2.72
CA LYS A 87 -13.56 1.06 -2.63
C LYS A 87 -12.38 0.52 -3.45
N THR A 88 -11.89 -0.66 -3.06
CA THR A 88 -10.81 -1.39 -3.73
C THR A 88 -11.30 -2.76 -4.24
N SER A 89 -10.61 -3.31 -5.24
CA SER A 89 -10.97 -4.58 -5.89
C SER A 89 -10.77 -5.75 -4.94
N LEU A 90 -9.66 -5.72 -4.19
CA LEU A 90 -9.22 -6.74 -3.25
C LEU A 90 -8.32 -6.15 -2.17
N TYR A 91 -8.52 -6.57 -0.92
CA TYR A 91 -7.72 -6.17 0.24
C TYR A 91 -7.36 -7.39 1.09
N TYR A 92 -6.10 -7.84 0.99
CA TYR A 92 -5.57 -8.95 1.80
C TYR A 92 -4.93 -8.50 3.11
N GLY A 93 -4.18 -7.38 3.13
CA GLY A 93 -3.34 -6.95 4.26
C GLY A 93 -2.14 -7.87 4.54
N TYR A 94 -1.28 -7.47 5.49
CA TYR A 94 -0.21 -8.32 6.04
C TYR A 94 -0.78 -9.59 6.74
N LYS A 95 0.06 -10.62 6.89
CA LYS A 95 -0.21 -11.88 7.62
C LYS A 95 -0.71 -11.65 9.07
N GLU A 96 -1.23 -12.71 9.69
CA GLU A 96 -1.85 -12.70 11.04
C GLU A 96 -3.21 -11.94 11.05
N GLU A 97 -4.00 -12.08 9.97
CA GLU A 97 -5.20 -11.29 9.70
C GLU A 97 -6.28 -12.10 8.96
N GLN A 98 -7.56 -11.86 9.27
CA GLN A 98 -8.68 -12.67 8.73
C GLN A 98 -8.91 -12.50 7.21
N SER A 99 -8.34 -11.46 6.59
CA SER A 99 -8.43 -11.18 5.15
C SER A 99 -7.36 -11.86 4.29
N VAL A 100 -6.23 -12.33 4.84
CA VAL A 100 -5.17 -12.99 4.03
C VAL A 100 -5.65 -14.34 3.46
N ILE A 101 -6.63 -14.97 4.11
CA ILE A 101 -7.18 -16.30 3.77
C ILE A 101 -7.64 -16.38 2.30
N ASN A 102 -8.40 -15.37 1.84
CA ASN A 102 -8.93 -15.31 0.46
C ASN A 102 -9.06 -13.89 -0.13
N GLY A 103 -8.83 -12.86 0.67
CA GLY A 103 -9.05 -11.44 0.37
C GLY A 103 -10.44 -10.94 0.80
N ILE A 104 -10.67 -9.65 0.60
CA ILE A 104 -11.99 -9.00 0.74
C ILE A 104 -12.27 -8.24 -0.56
N GLN A 105 -13.15 -8.77 -1.40
CA GLN A 105 -13.61 -8.06 -2.60
C GLN A 105 -14.45 -6.84 -2.21
N ASN A 106 -14.35 -5.78 -3.03
CA ASN A 106 -15.09 -4.51 -2.88
C ASN A 106 -14.87 -3.81 -1.51
N LYS A 107 -13.74 -4.07 -0.84
CA LYS A 107 -13.38 -3.49 0.48
C LYS A 107 -13.45 -1.96 0.44
N GLU A 108 -14.18 -1.36 1.38
CA GLU A 108 -14.17 0.09 1.59
C GLU A 108 -12.89 0.50 2.33
N ILE A 109 -12.16 1.48 1.78
CA ILE A 109 -10.91 2.01 2.34
C ILE A 109 -11.07 3.51 2.54
N ILE A 110 -11.02 3.92 3.81
CA ILE A 110 -11.23 5.31 4.27
C ILE A 110 -9.90 5.83 4.79
N THR A 111 -9.21 6.62 3.97
CA THR A 111 -7.95 7.25 4.36
C THR A 111 -8.19 8.55 5.15
N LYS A 112 -7.17 8.97 5.91
CA LYS A 112 -7.15 10.27 6.63
C LYS A 112 -5.72 10.76 6.80
N ILE A 113 -5.49 12.06 6.61
CA ILE A 113 -4.19 12.70 6.87
C ILE A 113 -4.05 12.95 8.38
N GLU A 114 -2.90 12.58 8.94
CA GLU A 114 -2.53 12.83 10.34
C GLU A 114 -1.04 13.22 10.42
N LYS A 115 -0.76 14.39 10.99
CA LYS A 115 0.61 14.79 11.34
C LYS A 115 1.08 14.02 12.58
N ILE A 116 2.10 13.18 12.39
CA ILE A 116 2.77 12.41 13.46
C ILE A 116 4.08 13.14 13.77
N ASP A 117 4.06 13.96 14.83
CA ASP A 117 5.15 14.82 15.32
C ASP A 117 5.68 15.87 14.30
N GLY A 118 4.93 16.14 13.21
CA GLY A 118 5.27 17.15 12.19
C GLY A 118 5.34 16.59 10.76
N THR A 119 5.65 15.30 10.62
CA THR A 119 5.60 14.56 9.34
C THR A 119 4.14 14.22 9.03
N GLU A 120 3.66 14.53 7.83
CA GLU A 120 2.31 14.20 7.39
C GLU A 120 2.27 12.72 6.98
N TYR A 121 1.49 11.91 7.70
CA TYR A 121 1.19 10.53 7.36
C TYR A 121 -0.25 10.41 6.86
N ILE A 122 -0.54 9.29 6.22
CA ILE A 122 -1.88 8.84 5.83
C ILE A 122 -2.15 7.53 6.56
N THR A 123 -3.35 7.38 7.15
CA THR A 123 -3.77 6.13 7.80
C THR A 123 -5.08 5.64 7.20
N PHE A 124 -5.36 4.35 7.29
CA PHE A 124 -6.57 3.73 6.73
C PHE A 124 -7.02 2.49 7.52
N SER A 125 -8.33 2.28 7.56
CA SER A 125 -8.99 1.14 8.23
C SER A 125 -8.87 -0.14 7.39
N GLY A 126 -8.04 -1.08 7.84
CA GLY A 126 -7.91 -2.43 7.25
C GLY A 126 -9.04 -3.38 7.66
N ASP A 127 -8.79 -4.69 7.50
CA ASP A 127 -9.66 -5.74 8.02
C ASP A 127 -9.68 -5.81 9.56
N LYS A 128 -10.74 -6.43 10.12
CA LYS A 128 -10.86 -6.74 11.55
C LYS A 128 -10.02 -7.97 11.91
N ILE A 129 -8.89 -7.77 12.60
CA ILE A 129 -8.05 -8.87 13.10
C ILE A 129 -8.80 -9.76 14.11
N LYS A 130 -8.27 -10.98 14.32
CA LYS A 130 -8.82 -11.94 15.30
C LYS A 130 -8.17 -11.83 16.70
N ASN A 131 -6.88 -11.46 16.76
CA ASN A 131 -6.12 -11.38 18.02
C ASN A 131 -6.53 -10.20 18.92
N SER A 132 -6.84 -9.04 18.33
CA SER A 132 -7.32 -7.86 19.06
C SER A 132 -8.82 -7.95 19.38
N GLY A 133 -9.32 -7.04 20.23
CA GLY A 133 -10.70 -6.98 20.71
C GLY A 133 -11.70 -6.41 19.70
N ASP A 134 -11.92 -7.12 18.58
CA ASP A 134 -12.74 -6.70 17.43
C ASP A 134 -12.30 -5.34 16.83
N LYS A 135 -10.99 -5.09 16.81
CA LYS A 135 -10.38 -3.87 16.26
C LYS A 135 -10.02 -4.10 14.80
N VAL A 136 -9.65 -3.04 14.09
CA VAL A 136 -9.14 -3.09 12.72
C VAL A 136 -7.63 -2.89 12.67
N ALA A 137 -6.97 -3.53 11.71
CA ALA A 137 -5.56 -3.29 11.40
C ALA A 137 -5.36 -1.88 10.82
N GLU A 138 -4.95 -0.92 11.66
CA GLU A 138 -4.59 0.42 11.20
C GLU A 138 -3.08 0.52 10.91
N TYR A 139 -2.78 1.32 9.89
CA TYR A 139 -1.46 1.49 9.30
C TYR A 139 -1.15 2.98 9.06
N ALA A 140 0.09 3.31 8.73
CA ALA A 140 0.50 4.68 8.44
C ALA A 140 1.56 4.69 7.33
N ILE A 141 1.40 5.56 6.34
CA ILE A 141 2.38 5.77 5.26
C ILE A 141 2.74 7.25 5.18
N SER A 142 4.02 7.58 4.98
CA SER A 142 4.48 8.97 4.83
C SER A 142 3.87 9.57 3.56
N LEU A 143 2.79 10.34 3.71
CA LEU A 143 2.10 11.04 2.62
C LEU A 143 3.06 11.92 1.82
N GLU A 144 4.08 12.48 2.49
CA GLU A 144 5.09 13.30 1.84
C GLU A 144 6.00 12.50 0.90
N GLU A 145 6.27 11.22 1.19
CA GLU A 145 7.01 10.32 0.30
C GLU A 145 6.12 9.69 -0.79
N LEU A 146 4.82 9.52 -0.52
CA LEU A 146 3.83 9.09 -1.52
C LEU A 146 3.72 10.12 -2.65
N LYS A 147 3.54 11.41 -2.33
CA LYS A 147 3.47 12.51 -3.30
C LYS A 147 4.63 12.50 -4.31
N LYS A 148 5.86 12.25 -3.84
CA LYS A 148 7.10 12.21 -4.64
C LYS A 148 7.14 11.11 -5.71
N ASN A 149 6.33 10.06 -5.54
CA ASN A 149 6.30 8.88 -6.41
C ASN A 149 4.93 8.63 -7.09
N LEU A 150 3.89 9.38 -6.70
CA LEU A 150 2.52 9.26 -7.21
C LEU A 150 2.29 10.10 -8.47
N LYS A 151 3.04 11.21 -8.60
CA LYS A 151 3.06 12.13 -9.73
C LYS A 151 3.46 11.45 -11.06
N LYS A 1 31.92 -3.61 -12.93
CA LYS A 1 30.47 -3.74 -12.65
C LYS A 1 29.96 -2.70 -11.63
N ILE A 2 30.42 -1.44 -11.69
CA ILE A 2 29.93 -0.36 -10.81
C ILE A 2 28.54 0.08 -11.29
N HIS A 3 27.57 0.04 -10.38
CA HIS A 3 26.19 0.52 -10.58
C HIS A 3 25.83 1.51 -9.47
N THR A 4 25.21 2.63 -9.87
CA THR A 4 24.83 3.75 -8.99
C THR A 4 23.41 4.23 -9.31
N SER A 5 22.82 5.01 -8.41
CA SER A 5 21.47 5.57 -8.55
C SER A 5 21.35 6.93 -7.85
N TYR A 6 20.43 7.77 -8.31
CA TYR A 6 20.16 9.10 -7.77
C TYR A 6 18.69 9.50 -7.95
N ASP A 7 18.25 10.56 -7.26
CA ASP A 7 16.86 11.02 -7.20
C ASP A 7 16.74 12.51 -7.56
N GLU A 8 15.66 12.86 -8.25
CA GLU A 8 15.43 14.21 -8.81
C GLU A 8 13.92 14.53 -8.89
N GLN A 9 13.56 15.79 -9.15
CA GLN A 9 12.18 16.24 -9.32
C GLN A 9 11.43 15.53 -10.47
N SER A 10 10.11 15.39 -10.32
CA SER A 10 9.19 14.84 -11.32
C SER A 10 8.70 15.93 -12.30
N SER A 11 8.37 15.53 -13.53
CA SER A 11 7.92 16.39 -14.64
C SER A 11 6.78 15.75 -15.44
N GLY A 12 6.21 16.50 -16.39
CA GLY A 12 5.22 16.02 -17.37
C GLY A 12 5.79 15.04 -18.42
N GLU A 13 5.05 14.86 -19.52
CA GLU A 13 5.36 13.92 -20.61
C GLU A 13 5.45 12.44 -20.16
N SER A 14 4.66 12.08 -19.14
CA SER A 14 4.51 10.70 -18.63
C SER A 14 3.91 9.72 -19.67
N LYS A 15 4.07 8.41 -19.40
CA LYS A 15 3.76 7.30 -20.32
C LYS A 15 3.00 6.18 -19.57
N VAL A 16 2.36 5.28 -20.32
CA VAL A 16 1.47 4.22 -19.80
C VAL A 16 2.00 2.84 -20.23
N LYS A 17 3.24 2.57 -19.82
CA LYS A 17 4.01 1.33 -20.11
C LYS A 17 4.76 0.85 -18.84
N LYS A 18 5.36 -0.35 -18.93
CA LYS A 18 6.16 -1.01 -17.89
C LYS A 18 7.60 -0.44 -17.77
N ILE A 19 7.69 0.89 -17.59
CA ILE A 19 8.96 1.62 -17.39
C ILE A 19 9.57 1.29 -16.02
N GLU A 20 10.87 1.54 -15.84
CA GLU A 20 11.60 1.41 -14.56
C GLU A 20 11.02 2.24 -13.40
N PHE A 21 10.14 3.22 -13.69
CA PHE A 21 9.44 4.04 -12.69
C PHE A 21 7.94 3.71 -12.54
N SER A 22 7.42 2.80 -13.36
CA SER A 22 6.03 2.32 -13.34
C SER A 22 5.63 1.76 -11.97
N LYS A 23 6.59 1.13 -11.28
CA LYS A 23 6.48 0.75 -9.87
C LYS A 23 7.43 1.59 -9.00
N PHE A 24 7.07 1.73 -7.73
CA PHE A 24 7.84 2.44 -6.71
C PHE A 24 7.64 1.79 -5.35
N THR A 25 8.48 2.13 -4.37
CA THR A 25 8.40 1.57 -3.02
C THR A 25 8.44 2.67 -1.96
N VAL A 26 7.54 2.60 -0.99
CA VAL A 26 7.41 3.52 0.15
C VAL A 26 7.39 2.73 1.47
N LYS A 27 7.58 3.40 2.61
CA LYS A 27 7.54 2.79 3.94
C LYS A 27 6.11 2.34 4.29
N ILE A 28 5.98 1.48 5.29
CA ILE A 28 4.70 1.10 5.91
C ILE A 28 4.91 0.82 7.39
N LYS A 29 3.99 1.33 8.20
CA LYS A 29 3.95 1.20 9.66
C LYS A 29 2.57 0.67 10.07
N ASN A 30 2.47 0.11 11.27
CA ASN A 30 1.20 -0.38 11.84
C ASN A 30 1.04 0.01 13.31
N LYS A 31 -0.20 -0.02 13.83
CA LYS A 31 -0.47 0.19 15.26
C LYS A 31 -0.27 -1.11 16.05
N ASP A 32 0.68 -1.10 16.98
CA ASP A 32 0.92 -2.25 17.88
C ASP A 32 -0.20 -2.42 18.94
N LYS A 33 -0.08 -3.45 19.78
CA LYS A 33 -0.96 -3.71 20.95
C LYS A 33 -1.00 -2.56 21.95
N SER A 34 0.07 -1.75 21.99
CA SER A 34 0.19 -0.50 22.77
C SER A 34 -0.68 0.65 22.23
N GLY A 35 -1.14 0.58 20.98
CA GLY A 35 -1.82 1.68 20.28
C GLY A 35 -0.87 2.82 19.90
N ASN A 36 0.36 2.47 19.52
CA ASN A 36 1.40 3.36 19.01
C ASN A 36 1.90 2.87 17.65
N TRP A 37 2.21 3.80 16.74
CA TRP A 37 2.75 3.51 15.42
C TRP A 37 4.16 2.92 15.50
N THR A 38 4.40 1.82 14.78
CA THR A 38 5.68 1.11 14.73
C THR A 38 5.96 0.61 13.30
N ASP A 39 7.20 0.78 12.84
CA ASP A 39 7.64 0.36 11.50
C ASP A 39 7.40 -1.14 11.25
N LEU A 40 6.84 -1.45 10.09
CA LEU A 40 6.47 -2.81 9.69
C LEU A 40 7.36 -3.32 8.54
N GLY A 41 7.57 -2.49 7.52
CA GLY A 41 8.33 -2.86 6.34
C GLY A 41 8.36 -1.78 5.25
N ASP A 42 8.20 -2.25 4.01
CA ASP A 42 8.04 -1.44 2.80
C ASP A 42 6.81 -1.93 1.99
N LEU A 43 6.34 -1.10 1.06
CA LEU A 43 5.18 -1.32 0.18
C LEU A 43 5.56 -1.05 -1.28
N VAL A 44 5.71 -2.10 -2.09
CA VAL A 44 5.96 -2.02 -3.54
C VAL A 44 4.63 -1.75 -4.27
N VAL A 45 4.38 -0.50 -4.63
CA VAL A 45 3.24 -0.06 -5.46
C VAL A 45 3.57 -0.28 -6.95
N ARG A 46 2.79 -1.15 -7.62
CA ARG A 46 2.91 -1.49 -9.05
C ARG A 46 1.68 -0.98 -9.83
N LYS A 47 1.93 -0.09 -10.80
CA LYS A 47 0.93 0.36 -11.79
C LYS A 47 0.71 -0.77 -12.83
N GLU A 48 -0.32 -1.58 -12.62
CA GLU A 48 -0.76 -2.57 -13.61
C GLU A 48 -1.46 -1.91 -14.82
N GLU A 49 -1.77 -2.70 -15.86
CA GLU A 49 -2.55 -2.26 -17.03
C GLU A 49 -3.97 -1.80 -16.67
N ASN A 50 -4.59 -2.46 -15.68
CA ASN A 50 -6.01 -2.33 -15.34
C ASN A 50 -6.20 -2.17 -13.82
N GLY A 51 -5.56 -1.13 -13.26
CA GLY A 51 -5.61 -0.77 -11.84
C GLY A 51 -4.22 -0.58 -11.22
N ILE A 52 -4.19 -0.58 -9.89
CA ILE A 52 -2.95 -0.52 -9.09
C ILE A 52 -2.92 -1.69 -8.09
N ASP A 53 -1.75 -2.30 -7.93
CA ASP A 53 -1.52 -3.45 -7.05
C ASP A 53 -0.33 -3.13 -6.13
N THR A 54 -0.49 -3.33 -4.82
CA THR A 54 0.53 -2.99 -3.83
C THR A 54 0.94 -4.23 -3.04
N GLY A 55 2.24 -4.38 -2.80
CA GLY A 55 2.80 -5.60 -2.25
C GLY A 55 3.80 -5.28 -1.16
N LEU A 56 3.41 -5.57 0.07
CA LEU A 56 4.24 -5.38 1.25
C LEU A 56 5.47 -6.29 1.20
N ASN A 57 6.59 -5.76 1.66
CA ASN A 57 7.89 -6.42 1.73
C ASN A 57 8.56 -6.07 3.08
N ALA A 58 8.09 -6.70 4.16
CA ALA A 58 8.69 -6.60 5.50
C ALA A 58 10.10 -7.22 5.55
N GLY A 59 10.82 -7.02 6.67
CA GLY A 59 12.22 -7.45 6.86
C GLY A 59 12.51 -8.95 6.63
N GLY A 60 11.50 -9.81 6.73
CA GLY A 60 11.58 -11.24 6.43
C GLY A 60 10.26 -11.90 6.00
N HIS A 61 9.31 -11.11 5.48
CA HIS A 61 7.97 -11.58 5.06
C HIS A 61 7.39 -10.67 3.97
N SER A 62 6.80 -11.24 2.91
CA SER A 62 6.31 -10.45 1.74
C SER A 62 5.00 -11.02 1.20
N ALA A 63 4.03 -10.14 0.92
CA ALA A 63 2.67 -10.51 0.47
C ALA A 63 1.95 -9.34 -0.22
N THR A 64 0.91 -9.61 -1.00
CA THR A 64 0.01 -8.56 -1.54
C THR A 64 -0.64 -7.80 -0.37
N PHE A 65 -0.47 -6.48 -0.30
CA PHE A 65 -1.06 -5.64 0.76
C PHE A 65 -2.49 -5.24 0.37
N PHE A 66 -2.71 -4.69 -0.83
CA PHE A 66 -4.04 -4.45 -1.42
C PHE A 66 -3.99 -4.22 -2.94
N SER A 67 -5.15 -4.20 -3.61
CA SER A 67 -5.25 -3.89 -5.05
C SER A 67 -6.59 -3.30 -5.43
N LEU A 68 -6.56 -2.37 -6.39
CA LEU A 68 -7.69 -1.58 -6.87
C LEU A 68 -7.80 -1.63 -8.40
N GLU A 69 -9.02 -1.41 -8.90
CA GLU A 69 -9.34 -1.54 -10.33
C GLU A 69 -8.87 -0.31 -11.14
N GLU A 70 -8.87 -0.43 -12.47
CA GLU A 70 -8.59 0.68 -13.39
C GLU A 70 -9.49 1.91 -13.13
N GLU A 71 -10.75 1.68 -12.74
CA GLU A 71 -11.72 2.71 -12.38
C GLU A 71 -11.34 3.49 -11.09
N VAL A 72 -10.30 3.05 -10.36
CA VAL A 72 -9.91 3.59 -9.05
C VAL A 72 -8.50 4.19 -9.10
N VAL A 73 -7.76 4.09 -10.21
CA VAL A 73 -6.38 4.60 -10.38
C VAL A 73 -6.28 6.07 -9.95
N ASN A 74 -6.95 6.98 -10.65
CA ASN A 74 -6.90 8.43 -10.35
C ASN A 74 -7.60 8.77 -9.02
N ASN A 75 -8.56 7.95 -8.60
CA ASN A 75 -9.25 8.03 -7.32
C ASN A 75 -8.25 7.84 -6.15
N PHE A 76 -7.46 6.76 -6.21
CA PHE A 76 -6.43 6.42 -5.23
C PHE A 76 -5.39 7.53 -5.11
N VAL A 77 -4.95 8.09 -6.25
CA VAL A 77 -3.96 9.19 -6.28
C VAL A 77 -4.47 10.38 -5.46
N LYS A 78 -5.77 10.66 -5.51
CA LYS A 78 -6.42 11.73 -4.73
C LYS A 78 -6.39 11.44 -3.23
N VAL A 79 -6.89 10.28 -2.79
CA VAL A 79 -7.00 9.94 -1.35
C VAL A 79 -5.65 9.59 -0.70
N MET A 80 -4.57 9.55 -1.48
CA MET A 80 -3.21 9.26 -1.05
C MET A 80 -2.34 10.53 -0.97
N THR A 81 -2.88 11.70 -1.36
CA THR A 81 -2.23 13.02 -1.24
C THR A 81 -3.13 14.10 -0.63
N GLU A 82 -4.45 13.86 -0.57
CA GLU A 82 -5.46 14.75 0.02
C GLU A 82 -6.43 14.04 0.99
N GLY A 83 -6.44 12.71 1.01
CA GLY A 83 -7.35 11.88 1.83
C GLY A 83 -8.75 11.73 1.24
N GLY A 84 -9.46 10.66 1.62
CA GLY A 84 -10.78 10.33 1.08
C GLY A 84 -11.19 8.87 1.35
N SER A 85 -12.14 8.37 0.57
CA SER A 85 -12.81 7.08 0.82
C SER A 85 -13.36 6.42 -0.45
N PHE A 86 -12.59 5.48 -1.01
CA PHE A 86 -12.88 4.75 -2.26
C PHE A 86 -12.67 3.23 -2.07
N LYS A 87 -13.51 2.42 -2.70
CA LYS A 87 -13.46 0.95 -2.61
C LYS A 87 -12.28 0.37 -3.41
N THR A 88 -11.93 -0.88 -3.11
CA THR A 88 -10.78 -1.60 -3.70
C THR A 88 -11.20 -2.99 -4.21
N SER A 89 -10.61 -3.41 -5.33
CA SER A 89 -10.89 -4.69 -6.02
C SER A 89 -10.68 -5.91 -5.11
N LEU A 90 -9.64 -5.81 -4.28
CA LEU A 90 -9.20 -6.81 -3.32
C LEU A 90 -8.41 -6.15 -2.18
N TYR A 91 -8.54 -6.70 -0.98
CA TYR A 91 -7.82 -6.26 0.21
C TYR A 91 -7.43 -7.47 1.06
N TYR A 92 -6.13 -7.77 1.10
CA TYR A 92 -5.55 -8.84 1.93
C TYR A 92 -4.99 -8.29 3.26
N GLY A 93 -4.07 -7.34 3.24
CA GLY A 93 -3.33 -6.83 4.40
C GLY A 93 -1.97 -7.52 4.62
N TYR A 94 -1.32 -7.29 5.77
CA TYR A 94 -0.01 -7.87 6.11
C TYR A 94 -0.06 -9.40 6.31
N LYS A 95 -0.61 -9.84 7.45
CA LYS A 95 -0.64 -11.21 8.00
C LYS A 95 -1.41 -11.20 9.33
N GLU A 96 -1.68 -12.37 9.91
CA GLU A 96 -2.35 -12.55 11.22
C GLU A 96 -3.72 -11.81 11.32
N GLU A 97 -4.46 -11.75 10.20
CA GLU A 97 -5.65 -10.93 9.99
C GLU A 97 -6.80 -11.77 9.39
N GLN A 98 -8.06 -11.36 9.55
CA GLN A 98 -9.19 -12.14 9.05
C GLN A 98 -9.44 -11.93 7.53
N SER A 99 -8.95 -10.84 6.93
CA SER A 99 -8.97 -10.59 5.48
C SER A 99 -7.88 -11.34 4.71
N VAL A 100 -6.66 -11.44 5.26
CA VAL A 100 -5.47 -11.95 4.54
C VAL A 100 -5.56 -13.46 4.18
N ILE A 101 -6.51 -14.18 4.79
CA ILE A 101 -6.79 -15.61 4.55
C ILE A 101 -7.19 -15.88 3.09
N ASN A 102 -8.12 -15.09 2.55
CA ASN A 102 -8.70 -15.26 1.20
C ASN A 102 -8.85 -13.94 0.39
N GLY A 103 -8.67 -12.79 1.04
CA GLY A 103 -8.95 -11.46 0.49
C GLY A 103 -10.42 -11.04 0.64
N ILE A 104 -10.68 -9.72 0.59
CA ILE A 104 -12.03 -9.12 0.60
C ILE A 104 -12.21 -8.32 -0.69
N GLN A 105 -13.13 -8.78 -1.56
CA GLN A 105 -13.53 -8.02 -2.74
C GLN A 105 -14.40 -6.81 -2.36
N ASN A 106 -14.27 -5.74 -3.15
CA ASN A 106 -15.00 -4.46 -3.00
C ASN A 106 -14.82 -3.79 -1.61
N LYS A 107 -13.72 -4.11 -0.89
CA LYS A 107 -13.41 -3.55 0.45
C LYS A 107 -13.37 -2.02 0.39
N GLU A 108 -14.18 -1.38 1.22
CA GLU A 108 -14.15 0.06 1.45
C GLU A 108 -12.89 0.45 2.23
N ILE A 109 -12.14 1.42 1.71
CA ILE A 109 -10.91 1.93 2.32
C ILE A 109 -11.05 3.45 2.51
N ILE A 110 -11.00 3.87 3.78
CA ILE A 110 -11.18 5.26 4.20
C ILE A 110 -9.84 5.77 4.73
N THR A 111 -9.12 6.51 3.88
CA THR A 111 -7.85 7.14 4.27
C THR A 111 -8.07 8.46 5.01
N LYS A 112 -7.06 8.91 5.77
CA LYS A 112 -7.05 10.20 6.46
C LYS A 112 -5.62 10.71 6.66
N ILE A 113 -5.39 12.00 6.46
CA ILE A 113 -4.08 12.64 6.72
C ILE A 113 -3.93 12.88 8.22
N GLU A 114 -2.76 12.53 8.77
CA GLU A 114 -2.35 12.81 10.16
C GLU A 114 -0.87 13.21 10.22
N LYS A 115 -0.58 14.38 10.79
CA LYS A 115 0.80 14.79 11.12
C LYS A 115 1.30 14.01 12.34
N ILE A 116 2.31 13.18 12.14
CA ILE A 116 3.00 12.42 13.19
C ILE A 116 4.32 13.13 13.49
N ASP A 117 4.31 13.95 14.55
CA ASP A 117 5.42 14.80 15.02
C ASP A 117 5.92 15.87 14.02
N GLY A 118 5.17 16.13 12.93
CA GLY A 118 5.49 17.16 11.92
C GLY A 118 5.46 16.62 10.49
N THR A 119 5.86 15.36 10.29
CA THR A 119 5.75 14.64 9.02
C THR A 119 4.28 14.30 8.76
N GLU A 120 3.76 14.64 7.59
CA GLU A 120 2.41 14.25 7.18
C GLU A 120 2.40 12.77 6.76
N TYR A 121 1.66 11.93 7.49
CA TYR A 121 1.35 10.55 7.15
C TYR A 121 -0.09 10.43 6.66
N ILE A 122 -0.41 9.26 6.10
CA ILE A 122 -1.75 8.82 5.76
C ILE A 122 -2.04 7.55 6.55
N THR A 123 -3.21 7.42 7.16
CA THR A 123 -3.66 6.17 7.78
C THR A 123 -4.96 5.71 7.11
N PHE A 124 -5.29 4.43 7.26
CA PHE A 124 -6.54 3.85 6.73
C PHE A 124 -7.02 2.71 7.62
N SER A 125 -8.34 2.61 7.78
CA SER A 125 -8.99 1.51 8.50
C SER A 125 -8.96 0.23 7.64
N GLY A 126 -8.26 -0.80 8.12
CA GLY A 126 -8.23 -2.12 7.50
C GLY A 126 -9.41 -3.00 7.95
N ASP A 127 -9.32 -4.29 7.67
CA ASP A 127 -10.24 -5.27 8.26
C ASP A 127 -9.90 -5.55 9.75
N LYS A 128 -10.77 -6.30 10.43
CA LYS A 128 -10.59 -6.70 11.84
C LYS A 128 -9.56 -7.84 11.95
N ILE A 129 -8.58 -7.73 12.86
CA ILE A 129 -7.65 -8.85 13.14
C ILE A 129 -8.23 -9.79 14.21
N LYS A 130 -7.68 -11.02 14.28
CA LYS A 130 -7.98 -12.00 15.35
C LYS A 130 -6.96 -12.00 16.50
N ASN A 131 -5.72 -11.57 16.22
CA ASN A 131 -4.63 -11.41 17.20
C ASN A 131 -4.86 -10.26 18.21
N SER A 132 -5.76 -9.32 17.87
CA SER A 132 -6.18 -8.18 18.70
C SER A 132 -7.72 -8.11 18.76
N GLY A 133 -8.33 -9.18 19.30
CA GLY A 133 -9.75 -9.29 19.62
C GLY A 133 -10.72 -9.09 18.45
N ASP A 134 -11.15 -7.84 18.26
CA ASP A 134 -12.08 -7.37 17.23
C ASP A 134 -11.77 -5.94 16.75
N LYS A 135 -10.50 -5.54 16.90
CA LYS A 135 -9.99 -4.22 16.50
C LYS A 135 -9.61 -4.25 15.03
N VAL A 136 -9.61 -3.10 14.38
CA VAL A 136 -9.18 -2.97 12.98
C VAL A 136 -7.68 -2.70 12.90
N ALA A 137 -7.02 -3.32 11.92
CA ALA A 137 -5.61 -3.10 11.64
C ALA A 137 -5.41 -1.74 10.93
N GLU A 138 -5.18 -0.68 11.71
CA GLU A 138 -4.73 0.60 11.15
C GLU A 138 -3.23 0.55 10.81
N TYR A 139 -2.86 1.36 9.81
CA TYR A 139 -1.53 1.47 9.25
C TYR A 139 -1.13 2.94 9.05
N ALA A 140 0.12 3.22 8.67
CA ALA A 140 0.54 4.57 8.31
C ALA A 140 1.59 4.54 7.20
N ILE A 141 1.47 5.45 6.23
CA ILE A 141 2.47 5.64 5.15
C ILE A 141 2.85 7.12 5.07
N SER A 142 4.12 7.43 4.82
CA SER A 142 4.61 8.80 4.62
C SER A 142 3.98 9.39 3.35
N LEU A 143 2.90 10.17 3.51
CA LEU A 143 2.23 10.88 2.40
C LEU A 143 3.19 11.77 1.62
N GLU A 144 4.22 12.30 2.29
CA GLU A 144 5.25 13.11 1.65
C GLU A 144 6.13 12.29 0.68
N GLU A 145 6.25 10.97 0.90
CA GLU A 145 6.96 10.04 0.01
C GLU A 145 6.03 9.36 -1.02
N LEU A 146 4.71 9.42 -0.80
CA LEU A 146 3.72 9.03 -1.82
C LEU A 146 3.64 10.08 -2.93
N LYS A 147 3.57 11.37 -2.57
CA LYS A 147 3.47 12.51 -3.53
C LYS A 147 4.52 12.48 -4.64
N LYS A 148 5.79 12.20 -4.31
CA LYS A 148 6.91 12.22 -5.27
C LYS A 148 6.79 11.22 -6.44
N ASN A 149 6.11 10.11 -6.19
CA ASN A 149 5.86 9.04 -7.18
C ASN A 149 4.47 9.13 -7.83
N LEU A 150 3.60 9.99 -7.29
CA LEU A 150 2.19 10.14 -7.69
C LEU A 150 1.97 11.32 -8.66
N LYS A 151 2.87 12.32 -8.61
CA LYS A 151 2.97 13.42 -9.57
C LYS A 151 3.02 12.95 -11.04
N LYS A 1 8.32 -29.12 -2.74
CA LYS A 1 6.92 -29.12 -3.23
C LYS A 1 6.69 -30.32 -4.16
N ILE A 2 5.67 -31.15 -3.89
CA ILE A 2 5.21 -32.22 -4.80
C ILE A 2 4.72 -31.65 -6.14
N HIS A 3 4.86 -32.43 -7.22
CA HIS A 3 4.42 -32.09 -8.58
C HIS A 3 3.93 -33.34 -9.33
N THR A 4 2.99 -33.14 -10.26
CA THR A 4 2.30 -34.21 -11.02
C THR A 4 2.62 -34.10 -12.51
N SER A 5 3.85 -34.49 -12.85
CA SER A 5 4.43 -34.40 -14.22
C SER A 5 4.42 -32.98 -14.79
N TYR A 6 4.79 -31.99 -13.95
CA TYR A 6 4.81 -30.56 -14.28
C TYR A 6 6.18 -29.94 -13.96
N ASP A 7 6.73 -29.18 -14.91
CA ASP A 7 8.00 -28.46 -14.77
C ASP A 7 7.79 -27.12 -14.03
N GLU A 8 8.34 -27.01 -12.81
CA GLU A 8 8.41 -25.73 -12.07
C GLU A 8 9.25 -24.66 -12.78
N GLN A 9 9.13 -23.40 -12.33
CA GLN A 9 9.94 -22.28 -12.84
C GLN A 9 11.44 -22.52 -12.63
N SER A 10 12.26 -22.17 -13.64
CA SER A 10 13.73 -22.38 -13.67
C SER A 10 14.47 -21.06 -13.95
N SER A 11 15.82 -21.10 -13.96
CA SER A 11 16.67 -19.91 -14.13
C SER A 11 16.31 -19.09 -15.38
N GLY A 12 16.19 -19.73 -16.55
CA GLY A 12 15.76 -19.12 -17.82
C GLY A 12 16.49 -17.80 -18.16
N GLU A 13 15.74 -16.80 -18.61
CA GLU A 13 16.22 -15.42 -18.80
C GLU A 13 16.65 -14.74 -17.48
N SER A 14 17.44 -13.67 -17.57
CA SER A 14 17.79 -12.81 -16.42
C SER A 14 16.55 -12.18 -15.74
N LYS A 15 16.74 -11.58 -14.56
CA LYS A 15 15.74 -10.74 -13.88
C LYS A 15 15.17 -9.64 -14.81
N VAL A 16 13.85 -9.62 -14.96
CA VAL A 16 13.07 -8.74 -15.88
C VAL A 16 11.98 -7.98 -15.14
N LYS A 17 12.37 -7.45 -13.97
CA LYS A 17 11.54 -6.57 -13.12
C LYS A 17 11.03 -5.32 -13.85
N LYS A 18 9.98 -4.70 -13.30
CA LYS A 18 9.40 -3.43 -13.79
C LYS A 18 10.35 -2.26 -13.52
N ILE A 19 10.24 -1.20 -14.34
CA ILE A 19 11.07 0.02 -14.26
C ILE A 19 10.68 0.87 -13.04
N GLU A 20 11.60 1.71 -12.56
CA GLU A 20 11.35 2.73 -11.51
C GLU A 20 10.27 3.77 -11.87
N PHE A 21 9.86 3.83 -13.14
CA PHE A 21 8.75 4.65 -13.65
C PHE A 21 7.41 3.89 -13.74
N SER A 22 7.43 2.58 -13.45
CA SER A 22 6.29 1.65 -13.53
C SER A 22 5.89 1.10 -12.15
N LYS A 23 6.85 1.01 -11.21
CA LYS A 23 6.60 0.74 -9.79
C LYS A 23 7.49 1.62 -8.91
N PHE A 24 7.08 1.81 -7.66
CA PHE A 24 7.84 2.50 -6.63
C PHE A 24 7.67 1.79 -5.27
N THR A 25 8.49 2.16 -4.29
CA THR A 25 8.44 1.58 -2.94
C THR A 25 8.51 2.69 -1.88
N VAL A 26 7.56 2.69 -0.95
CA VAL A 26 7.46 3.68 0.16
C VAL A 26 7.39 2.99 1.52
N LYS A 27 7.74 3.71 2.58
CA LYS A 27 7.68 3.20 3.97
C LYS A 27 6.26 2.81 4.36
N ILE A 28 6.13 1.87 5.30
CA ILE A 28 4.85 1.42 5.87
C ILE A 28 5.06 1.01 7.32
N LYS A 29 4.12 1.47 8.15
CA LYS A 29 4.05 1.23 9.60
C LYS A 29 2.66 0.69 9.93
N ASN A 30 2.53 0.01 11.07
CA ASN A 30 1.25 -0.49 11.60
C ASN A 30 1.03 -0.05 13.05
N LYS A 31 -0.22 0.01 13.49
CA LYS A 31 -0.54 0.21 14.91
C LYS A 31 -0.38 -1.10 15.69
N ASP A 32 0.51 -1.11 16.67
CA ASP A 32 0.68 -2.24 17.58
C ASP A 32 -0.55 -2.43 18.50
N LYS A 33 -0.52 -3.48 19.31
CA LYS A 33 -1.53 -3.84 20.34
C LYS A 33 -1.80 -2.76 21.39
N SER A 34 -0.93 -1.75 21.50
CA SER A 34 -1.07 -0.62 22.44
C SER A 34 -1.37 0.72 21.73
N GLY A 35 -1.71 0.72 20.44
CA GLY A 35 -2.08 1.94 19.72
C GLY A 35 -0.90 2.87 19.37
N ASN A 36 0.32 2.33 19.34
CA ASN A 36 1.53 3.03 18.91
C ASN A 36 1.92 2.62 17.49
N TRP A 37 2.43 3.57 16.70
CA TRP A 37 2.95 3.29 15.37
C TRP A 37 4.32 2.59 15.46
N THR A 38 4.45 1.45 14.79
CA THR A 38 5.66 0.63 14.72
C THR A 38 5.95 0.27 13.27
N ASP A 39 7.21 0.39 12.85
CA ASP A 39 7.64 0.04 11.50
C ASP A 39 7.28 -1.41 11.13
N LEU A 40 6.78 -1.60 9.91
CA LEU A 40 6.40 -2.91 9.38
C LEU A 40 7.36 -3.34 8.27
N GLY A 41 7.65 -2.44 7.32
CA GLY A 41 8.62 -2.70 6.25
C GLY A 41 8.57 -1.66 5.14
N ASP A 42 8.12 -2.10 3.96
CA ASP A 42 8.02 -1.29 2.73
C ASP A 42 6.80 -1.73 1.91
N LEU A 43 6.26 -0.83 1.09
CA LEU A 43 5.11 -1.05 0.23
C LEU A 43 5.50 -0.86 -1.24
N VAL A 44 5.68 -1.97 -1.96
CA VAL A 44 5.92 -2.01 -3.40
C VAL A 44 4.61 -1.73 -4.15
N VAL A 45 4.40 -0.50 -4.58
CA VAL A 45 3.25 -0.06 -5.39
C VAL A 45 3.50 -0.35 -6.87
N ARG A 46 3.15 -1.57 -7.32
CA ARG A 46 3.16 -1.98 -8.75
C ARG A 46 1.89 -1.53 -9.47
N LYS A 47 2.03 -0.80 -10.58
CA LYS A 47 0.94 -0.52 -11.51
C LYS A 47 0.68 -1.75 -12.41
N GLU A 48 -0.59 -2.05 -12.63
CA GLU A 48 -1.07 -3.11 -13.53
C GLU A 48 -2.25 -2.60 -14.39
N GLU A 49 -2.68 -3.40 -15.39
CA GLU A 49 -3.83 -3.08 -16.25
C GLU A 49 -5.17 -3.11 -15.50
N ASN A 50 -5.29 -4.00 -14.52
CA ASN A 50 -6.52 -4.23 -13.73
C ASN A 50 -6.58 -3.34 -12.45
N GLY A 51 -5.85 -2.21 -12.44
CA GLY A 51 -5.71 -1.31 -11.30
C GLY A 51 -4.32 -1.34 -10.66
N ILE A 52 -4.16 -0.73 -9.49
CA ILE A 52 -2.88 -0.76 -8.76
C ILE A 52 -2.85 -1.99 -7.84
N ASP A 53 -1.69 -2.64 -7.73
CA ASP A 53 -1.51 -3.90 -7.00
C ASP A 53 -0.30 -3.83 -6.04
N THR A 54 -0.55 -3.40 -4.81
CA THR A 54 0.49 -3.12 -3.83
C THR A 54 0.96 -4.38 -3.08
N GLY A 55 2.20 -4.40 -2.60
CA GLY A 55 2.73 -5.54 -1.84
C GLY A 55 3.67 -5.11 -0.70
N LEU A 56 3.38 -5.62 0.49
CA LEU A 56 4.15 -5.43 1.72
C LEU A 56 5.45 -6.23 1.65
N ASN A 57 6.56 -5.65 2.11
CA ASN A 57 7.89 -6.24 2.14
C ASN A 57 8.59 -5.96 3.48
N ALA A 58 8.37 -6.83 4.47
CA ALA A 58 8.89 -6.70 5.83
C ALA A 58 10.29 -7.34 6.06
N GLY A 59 10.93 -7.85 5.01
CA GLY A 59 12.30 -8.38 5.07
C GLY A 59 12.37 -9.85 5.45
N GLY A 60 11.79 -10.72 4.61
CA GLY A 60 11.64 -12.17 4.83
C GLY A 60 10.18 -12.62 4.97
N HIS A 61 9.23 -11.67 4.98
CA HIS A 61 7.79 -11.91 5.13
C HIS A 61 6.99 -10.96 4.22
N SER A 62 7.15 -11.09 2.90
CA SER A 62 6.47 -10.28 1.90
C SER A 62 5.17 -10.93 1.36
N ALA A 63 4.16 -10.12 1.08
CA ALA A 63 2.84 -10.54 0.55
C ALA A 63 2.05 -9.36 -0.06
N THR A 64 1.05 -9.65 -0.89
CA THR A 64 0.09 -8.66 -1.42
C THR A 64 -0.59 -7.91 -0.27
N PHE A 65 -0.60 -6.57 -0.30
CA PHE A 65 -1.20 -5.74 0.76
C PHE A 65 -2.61 -5.31 0.37
N PHE A 66 -2.80 -4.73 -0.81
CA PHE A 66 -4.13 -4.43 -1.38
C PHE A 66 -4.08 -4.12 -2.89
N SER A 67 -5.20 -4.34 -3.58
CA SER A 67 -5.33 -4.09 -5.03
C SER A 67 -6.68 -3.49 -5.41
N LEU A 68 -6.62 -2.26 -5.93
CA LEU A 68 -7.78 -1.49 -6.37
C LEU A 68 -8.11 -1.74 -7.86
N GLU A 69 -9.24 -1.21 -8.33
CA GLU A 69 -9.68 -1.28 -9.73
C GLU A 69 -9.00 -0.21 -10.60
N GLU A 70 -9.00 -0.40 -11.94
CA GLU A 70 -8.53 0.59 -12.92
C GLU A 70 -9.23 1.96 -12.78
N GLU A 71 -10.52 1.98 -12.42
CA GLU A 71 -11.27 3.22 -12.16
C GLU A 71 -10.83 3.99 -10.90
N VAL A 72 -10.10 3.34 -9.98
CA VAL A 72 -9.69 3.93 -8.70
C VAL A 72 -8.22 4.39 -8.74
N VAL A 73 -7.46 4.04 -9.78
CA VAL A 73 -6.06 4.48 -9.97
C VAL A 73 -5.91 5.99 -9.76
N ASN A 74 -6.74 6.80 -10.42
CA ASN A 74 -6.76 8.26 -10.28
C ASN A 74 -7.35 8.76 -8.95
N ASN A 75 -8.29 8.02 -8.35
CA ASN A 75 -8.93 8.38 -7.09
C ASN A 75 -8.02 8.13 -5.87
N PHE A 76 -7.26 7.02 -5.89
CA PHE A 76 -6.25 6.69 -4.90
C PHE A 76 -5.21 7.80 -4.80
N VAL A 77 -4.73 8.26 -5.96
CA VAL A 77 -3.78 9.38 -6.09
C VAL A 77 -4.30 10.61 -5.34
N LYS A 78 -5.60 10.91 -5.48
CA LYS A 78 -6.30 12.02 -4.82
C LYS A 78 -6.38 11.85 -3.30
N VAL A 79 -6.92 10.73 -2.81
CA VAL A 79 -7.13 10.49 -1.37
C VAL A 79 -5.80 10.21 -0.61
N MET A 80 -4.69 10.09 -1.32
CA MET A 80 -3.35 9.86 -0.77
C MET A 80 -2.54 11.16 -0.66
N THR A 81 -3.07 12.29 -1.16
CA THR A 81 -2.43 13.62 -1.06
C THR A 81 -3.38 14.67 -0.47
N GLU A 82 -4.67 14.38 -0.39
CA GLU A 82 -5.72 15.24 0.19
C GLU A 82 -6.68 14.52 1.17
N GLY A 83 -6.64 13.19 1.23
CA GLY A 83 -7.55 12.34 2.01
C GLY A 83 -8.93 12.14 1.35
N GLY A 84 -9.62 11.05 1.71
CA GLY A 84 -10.91 10.66 1.12
C GLY A 84 -11.24 9.18 1.33
N SER A 85 -12.05 8.62 0.43
CA SER A 85 -12.40 7.19 0.43
C SER A 85 -12.58 6.62 -1.00
N PHE A 86 -12.35 5.32 -1.11
CA PHE A 86 -12.57 4.51 -2.33
C PHE A 86 -12.94 3.05 -1.97
N LYS A 87 -13.18 2.22 -3.00
CA LYS A 87 -13.31 0.75 -2.86
C LYS A 87 -12.17 0.06 -3.61
N THR A 88 -11.78 -1.14 -3.16
CA THR A 88 -10.71 -1.93 -3.79
C THR A 88 -11.24 -3.26 -4.32
N SER A 89 -10.87 -3.63 -5.56
CA SER A 89 -11.22 -4.94 -6.18
C SER A 89 -10.88 -6.13 -5.28
N LEU A 90 -9.75 -6.03 -4.57
CA LEU A 90 -9.30 -6.96 -3.56
C LEU A 90 -8.53 -6.25 -2.44
N TYR A 91 -8.66 -6.78 -1.22
CA TYR A 91 -7.87 -6.40 -0.06
C TYR A 91 -7.48 -7.68 0.67
N TYR A 92 -6.18 -7.98 0.72
CA TYR A 92 -5.63 -9.12 1.48
C TYR A 92 -5.12 -8.71 2.87
N GLY A 93 -4.31 -7.65 2.95
CA GLY A 93 -3.54 -7.24 4.14
C GLY A 93 -2.30 -8.11 4.38
N TYR A 94 -1.45 -7.70 5.35
CA TYR A 94 -0.34 -8.50 5.87
C TYR A 94 -0.80 -9.87 6.45
N LYS A 95 0.12 -10.81 6.68
CA LYS A 95 -0.20 -12.16 7.24
C LYS A 95 -0.95 -12.13 8.58
N GLU A 96 -0.72 -11.09 9.40
CA GLU A 96 -1.46 -10.84 10.65
C GLU A 96 -2.87 -10.27 10.38
N GLU A 97 -3.71 -10.99 9.63
CA GLU A 97 -5.04 -10.54 9.20
C GLU A 97 -6.02 -11.74 9.06
N GLN A 98 -7.32 -11.52 9.30
CA GLN A 98 -8.36 -12.52 9.06
C GLN A 98 -8.70 -12.69 7.56
N SER A 99 -8.39 -11.69 6.74
CA SER A 99 -8.69 -11.63 5.30
C SER A 99 -7.64 -12.34 4.43
N VAL A 100 -6.34 -12.20 4.71
CA VAL A 100 -5.20 -12.62 3.86
C VAL A 100 -5.26 -14.07 3.34
N ILE A 101 -5.96 -14.95 4.06
CA ILE A 101 -6.22 -16.36 3.70
C ILE A 101 -6.97 -16.49 2.35
N ASN A 102 -7.89 -15.56 2.05
CA ASN A 102 -8.78 -15.59 0.87
C ASN A 102 -8.91 -14.23 0.13
N GLY A 103 -8.95 -13.13 0.88
CA GLY A 103 -9.16 -11.75 0.41
C GLY A 103 -10.61 -11.27 0.60
N ILE A 104 -10.81 -9.95 0.45
CA ILE A 104 -12.12 -9.27 0.51
C ILE A 104 -12.34 -8.50 -0.79
N GLN A 105 -13.38 -8.85 -1.55
CA GLN A 105 -13.77 -8.10 -2.75
C GLN A 105 -14.57 -6.84 -2.42
N ASN A 106 -14.41 -5.82 -3.28
CA ASN A 106 -15.08 -4.50 -3.21
C ASN A 106 -14.90 -3.78 -1.85
N LYS A 107 -13.80 -4.08 -1.12
CA LYS A 107 -13.53 -3.62 0.25
C LYS A 107 -13.41 -2.10 0.32
N GLU A 108 -14.18 -1.45 1.19
CA GLU A 108 -14.15 0.01 1.35
C GLU A 108 -12.95 0.46 2.19
N ILE A 109 -12.21 1.45 1.68
CA ILE A 109 -11.00 2.01 2.27
C ILE A 109 -11.14 3.53 2.39
N ILE A 110 -11.04 4.01 3.63
CA ILE A 110 -11.19 5.43 3.99
C ILE A 110 -9.85 5.93 4.56
N THR A 111 -9.13 6.70 3.75
CA THR A 111 -7.88 7.35 4.18
C THR A 111 -8.15 8.61 5.03
N LYS A 112 -7.13 9.02 5.80
CA LYS A 112 -7.11 10.28 6.56
C LYS A 112 -5.68 10.79 6.71
N ILE A 113 -5.48 12.10 6.61
CA ILE A 113 -4.17 12.74 6.87
C ILE A 113 -4.01 12.93 8.38
N GLU A 114 -2.85 12.55 8.92
CA GLU A 114 -2.46 12.78 10.31
C GLU A 114 -0.97 13.16 10.40
N LYS A 115 -0.67 14.34 10.97
CA LYS A 115 0.70 14.73 11.32
C LYS A 115 1.17 13.91 12.52
N ILE A 116 2.25 13.16 12.34
CA ILE A 116 2.92 12.38 13.38
C ILE A 116 4.24 13.09 13.71
N ASP A 117 4.20 13.90 14.78
CA ASP A 117 5.30 14.75 15.28
C ASP A 117 5.82 15.84 14.29
N GLY A 118 5.10 16.10 13.19
CA GLY A 118 5.44 17.13 12.20
C GLY A 118 5.40 16.61 10.75
N THR A 119 5.81 15.36 10.55
CA THR A 119 5.68 14.64 9.27
C THR A 119 4.22 14.31 9.02
N GLU A 120 3.67 14.71 7.87
CA GLU A 120 2.33 14.32 7.46
C GLU A 120 2.34 12.85 6.98
N TYR A 121 1.57 12.00 7.65
CA TYR A 121 1.30 10.62 7.25
C TYR A 121 -0.15 10.49 6.76
N ILE A 122 -0.45 9.34 6.16
CA ILE A 122 -1.79 8.91 5.79
C ILE A 122 -2.08 7.59 6.51
N THR A 123 -3.28 7.43 7.09
CA THR A 123 -3.74 6.16 7.66
C THR A 123 -5.04 5.72 7.02
N PHE A 124 -5.32 4.42 7.05
CA PHE A 124 -6.52 3.82 6.44
C PHE A 124 -6.98 2.59 7.23
N SER A 125 -8.30 2.48 7.44
CA SER A 125 -8.93 1.34 8.12
C SER A 125 -8.88 0.07 7.24
N GLY A 126 -8.15 -0.95 7.72
CA GLY A 126 -8.09 -2.29 7.10
C GLY A 126 -9.20 -3.22 7.58
N ASP A 127 -9.03 -4.52 7.35
CA ASP A 127 -9.89 -5.56 7.95
C ASP A 127 -9.68 -5.68 9.49
N LYS A 128 -10.55 -6.43 10.16
CA LYS A 128 -10.49 -6.72 11.60
C LYS A 128 -9.60 -7.93 11.88
N ILE A 129 -8.47 -7.71 12.57
CA ILE A 129 -7.56 -8.78 13.03
C ILE A 129 -8.23 -9.65 14.10
N LYS A 130 -7.67 -10.86 14.33
CA LYS A 130 -8.07 -11.73 15.46
C LYS A 130 -7.10 -11.70 16.64
N ASN A 131 -5.90 -11.14 16.45
CA ASN A 131 -4.86 -10.94 17.46
C ASN A 131 -5.13 -9.73 18.40
N SER A 132 -6.29 -9.08 18.30
CA SER A 132 -6.68 -7.92 19.11
C SER A 132 -8.17 -7.94 19.47
N GLY A 133 -8.59 -7.03 20.35
CA GLY A 133 -9.96 -6.93 20.90
C GLY A 133 -10.94 -6.23 19.95
N ASP A 134 -11.37 -6.91 18.88
CA ASP A 134 -12.24 -6.40 17.80
C ASP A 134 -11.82 -5.04 17.21
N LYS A 135 -10.51 -4.88 17.02
CA LYS A 135 -9.91 -3.70 16.40
C LYS A 135 -9.75 -3.90 14.90
N VAL A 136 -9.30 -2.88 14.21
CA VAL A 136 -8.95 -2.92 12.78
C VAL A 136 -7.43 -2.77 12.61
N ALA A 137 -6.87 -3.42 11.60
CA ALA A 137 -5.49 -3.20 11.21
C ALA A 137 -5.35 -1.79 10.58
N GLU A 138 -4.99 -0.80 11.39
CA GLU A 138 -4.60 0.52 10.89
C GLU A 138 -3.09 0.59 10.63
N TYR A 139 -2.75 1.40 9.62
CA TYR A 139 -1.41 1.53 9.04
C TYR A 139 -1.05 3.01 8.85
N ALA A 140 0.20 3.32 8.51
CA ALA A 140 0.63 4.68 8.23
C ALA A 140 1.68 4.70 7.11
N ILE A 141 1.52 5.61 6.15
CA ILE A 141 2.48 5.83 5.05
C ILE A 141 2.84 7.32 5.01
N SER A 142 4.11 7.66 4.75
CA SER A 142 4.57 9.04 4.63
C SER A 142 3.94 9.71 3.42
N LEU A 143 2.84 10.45 3.62
CA LEU A 143 2.16 11.22 2.58
C LEU A 143 3.13 12.17 1.86
N GLU A 144 4.12 12.68 2.57
CA GLU A 144 5.13 13.57 1.99
C GLU A 144 6.07 12.85 0.99
N GLU A 145 6.31 11.54 1.15
CA GLU A 145 7.00 10.73 0.14
C GLU A 145 6.06 10.32 -1.00
N LEU A 146 4.78 10.04 -0.71
CA LEU A 146 3.77 9.72 -1.72
C LEU A 146 3.60 10.85 -2.74
N LYS A 147 3.65 12.12 -2.31
CA LYS A 147 3.66 13.29 -3.22
C LYS A 147 4.86 13.36 -4.19
N LYS A 148 5.87 12.49 -4.08
CA LYS A 148 7.05 12.44 -4.97
C LYS A 148 6.96 11.37 -6.07
N ASN A 149 6.04 10.43 -5.95
CA ASN A 149 5.81 9.31 -6.88
C ASN A 149 4.38 9.27 -7.45
N LEU A 150 3.54 10.24 -7.07
CA LEU A 150 2.16 10.37 -7.57
C LEU A 150 2.00 11.50 -8.62
N LYS A 151 2.97 12.42 -8.68
CA LYS A 151 3.12 13.43 -9.73
C LYS A 151 3.33 12.82 -11.13
N LYS A 1 -25.43 10.38 -30.09
CA LYS A 1 -26.47 10.15 -29.03
C LYS A 1 -25.85 9.37 -27.86
N ILE A 2 -26.04 9.85 -26.62
CA ILE A 2 -25.52 9.29 -25.36
C ILE A 2 -24.01 8.95 -25.45
N HIS A 3 -23.17 9.99 -25.45
CA HIS A 3 -21.72 9.90 -25.65
C HIS A 3 -20.94 10.59 -24.50
N THR A 4 -21.20 10.12 -23.28
CA THR A 4 -20.60 10.59 -22.01
C THR A 4 -20.13 9.38 -21.20
N SER A 5 -19.00 9.52 -20.50
CA SER A 5 -18.32 8.43 -19.76
C SER A 5 -18.01 7.18 -20.62
N TYR A 6 -17.71 7.39 -21.91
CA TYR A 6 -17.28 6.34 -22.85
C TYR A 6 -15.92 5.71 -22.45
N ASP A 7 -15.59 4.58 -23.08
CA ASP A 7 -14.34 3.82 -22.83
C ASP A 7 -13.83 3.14 -24.13
N GLU A 8 -12.52 2.96 -24.24
CA GLU A 8 -11.88 2.34 -25.42
C GLU A 8 -12.25 0.84 -25.56
N GLN A 9 -12.40 0.38 -26.82
CA GLN A 9 -12.57 -1.04 -27.15
C GLN A 9 -11.30 -1.86 -26.81
N SER A 10 -11.49 -3.13 -26.43
CA SER A 10 -10.41 -4.08 -26.14
C SER A 10 -9.56 -4.38 -27.38
N SER A 11 -8.23 -4.34 -27.23
CA SER A 11 -7.26 -4.78 -28.26
C SER A 11 -7.34 -6.31 -28.51
N GLY A 12 -6.80 -6.78 -29.64
CA GLY A 12 -6.79 -8.21 -29.99
C GLY A 12 -5.77 -9.01 -29.17
N GLU A 13 -4.48 -8.87 -29.50
CA GLU A 13 -3.34 -9.45 -28.77
C GLU A 13 -2.02 -8.74 -29.12
N SER A 14 -1.15 -8.56 -28.14
CA SER A 14 0.20 -7.96 -28.28
C SER A 14 1.09 -8.26 -27.06
N LYS A 15 2.39 -7.95 -27.15
CA LYS A 15 3.38 -8.01 -26.06
C LYS A 15 3.11 -6.93 -25.01
N VAL A 16 2.40 -7.29 -23.93
CA VAL A 16 2.05 -6.43 -22.78
C VAL A 16 2.98 -6.63 -21.58
N LYS A 17 4.29 -6.74 -21.89
CA LYS A 17 5.39 -6.85 -20.91
C LYS A 17 5.50 -5.62 -20.01
N LYS A 18 6.33 -5.72 -18.97
CA LYS A 18 6.51 -4.73 -17.89
C LYS A 18 7.98 -4.59 -17.51
N ILE A 19 8.34 -3.43 -16.96
CA ILE A 19 9.70 -3.04 -16.58
C ILE A 19 9.72 -2.68 -15.09
N GLU A 20 10.90 -2.76 -14.45
CA GLU A 20 11.08 -2.32 -13.05
C GLU A 20 10.79 -0.82 -12.81
N PHE A 21 10.68 -0.02 -13.88
CA PHE A 21 10.26 1.39 -13.83
C PHE A 21 8.73 1.57 -13.73
N SER A 22 7.96 0.48 -13.89
CA SER A 22 6.50 0.42 -13.76
C SER A 22 6.02 0.13 -12.33
N LYS A 23 6.93 0.21 -11.35
CA LYS A 23 6.66 0.09 -9.90
C LYS A 23 7.55 1.03 -9.08
N PHE A 24 7.19 1.22 -7.81
CA PHE A 24 7.96 1.96 -6.81
C PHE A 24 7.75 1.37 -5.41
N THR A 25 8.57 1.78 -4.43
CA THR A 25 8.48 1.28 -3.05
C THR A 25 8.59 2.43 -2.03
N VAL A 26 7.73 2.42 -1.01
CA VAL A 26 7.67 3.45 0.06
C VAL A 26 7.62 2.81 1.46
N LYS A 27 7.93 3.61 2.50
CA LYS A 27 7.83 3.21 3.92
C LYS A 27 6.38 2.86 4.31
N ILE A 28 6.23 2.01 5.32
CA ILE A 28 4.94 1.58 5.90
C ILE A 28 5.15 1.18 7.36
N LYS A 29 4.22 1.62 8.21
CA LYS A 29 4.18 1.40 9.65
C LYS A 29 2.80 0.89 10.07
N ASN A 30 2.71 0.26 11.23
CA ASN A 30 1.48 -0.33 11.78
C ASN A 30 1.26 0.05 13.25
N LYS A 31 0.01 -0.04 13.72
CA LYS A 31 -0.33 0.17 15.13
C LYS A 31 -0.10 -1.13 15.93
N ASP A 32 0.77 -1.08 16.95
CA ASP A 32 1.05 -2.22 17.84
C ASP A 32 -0.12 -2.50 18.82
N LYS A 33 0.03 -3.52 19.68
CA LYS A 33 -0.90 -3.87 20.78
C LYS A 33 -1.12 -2.70 21.76
N SER A 34 -0.12 -1.82 21.90
CA SER A 34 -0.16 -0.63 22.76
C SER A 34 -0.85 0.58 22.09
N GLY A 35 -1.21 0.49 20.80
CA GLY A 35 -1.83 1.58 20.04
C GLY A 35 -0.86 2.69 19.63
N ASN A 36 0.39 2.33 19.34
CA ASN A 36 1.44 3.24 18.86
C ASN A 36 1.93 2.83 17.46
N TRP A 37 2.29 3.80 16.64
CA TRP A 37 2.84 3.59 15.29
C TRP A 37 4.28 3.06 15.36
N THR A 38 4.53 1.90 14.76
CA THR A 38 5.84 1.22 14.74
C THR A 38 6.12 0.63 13.35
N ASP A 39 7.37 0.69 12.90
CA ASP A 39 7.79 0.27 11.56
C ASP A 39 7.42 -1.19 11.26
N LEU A 40 7.00 -1.44 10.00
CA LEU A 40 6.58 -2.77 9.53
C LEU A 40 7.48 -3.28 8.41
N GLY A 41 7.75 -2.45 7.40
CA GLY A 41 8.60 -2.82 6.26
C GLY A 41 8.59 -1.80 5.13
N ASP A 42 8.11 -2.23 3.96
CA ASP A 42 8.06 -1.46 2.72
C ASP A 42 6.79 -1.83 1.93
N LEU A 43 6.30 -0.94 1.06
CA LEU A 43 5.12 -1.15 0.21
C LEU A 43 5.50 -1.02 -1.26
N VAL A 44 5.68 -2.15 -1.93
CA VAL A 44 5.95 -2.25 -3.38
C VAL A 44 4.64 -1.99 -4.14
N VAL A 45 4.42 -0.77 -4.60
CA VAL A 45 3.31 -0.36 -5.46
C VAL A 45 3.65 -0.61 -6.93
N ARG A 46 3.06 -1.65 -7.52
CA ARG A 46 3.12 -2.00 -8.94
C ARG A 46 1.95 -1.35 -9.69
N LYS A 47 2.26 -0.51 -10.70
CA LYS A 47 1.27 0.03 -11.64
C LYS A 47 1.02 -0.99 -12.76
N GLU A 48 0.02 -1.85 -12.54
CA GLU A 48 -0.42 -2.87 -13.51
C GLU A 48 -1.16 -2.24 -14.72
N GLU A 49 -1.47 -3.07 -15.74
CA GLU A 49 -2.25 -2.68 -16.93
C GLU A 49 -3.69 -2.27 -16.62
N ASN A 50 -4.27 -2.90 -15.60
CA ASN A 50 -5.65 -2.67 -15.14
C ASN A 50 -5.64 -2.34 -13.64
N GLY A 51 -5.46 -1.06 -13.31
CA GLY A 51 -5.47 -0.56 -11.94
C GLY A 51 -4.09 -0.48 -11.29
N ILE A 52 -4.08 -0.49 -9.95
CA ILE A 52 -2.85 -0.51 -9.13
C ILE A 52 -2.87 -1.72 -8.18
N ASP A 53 -1.70 -2.32 -7.90
CA ASP A 53 -1.53 -3.49 -7.03
C ASP A 53 -0.32 -3.25 -6.09
N THR A 54 -0.48 -3.52 -4.79
CA THR A 54 0.51 -3.17 -3.77
C THR A 54 0.91 -4.39 -2.93
N GLY A 55 2.16 -4.45 -2.47
CA GLY A 55 2.69 -5.58 -1.71
C GLY A 55 3.61 -5.15 -0.57
N LEU A 56 3.23 -5.52 0.65
CA LEU A 56 4.00 -5.34 1.89
C LEU A 56 5.25 -6.23 1.86
N ASN A 57 6.38 -5.70 2.37
CA ASN A 57 7.72 -6.28 2.26
C ASN A 57 8.46 -6.23 3.63
N ALA A 58 7.90 -6.91 4.64
CA ALA A 58 8.38 -6.90 6.03
C ALA A 58 9.61 -7.79 6.27
N GLY A 59 10.74 -7.43 5.67
CA GLY A 59 12.06 -8.03 5.89
C GLY A 59 12.28 -9.35 5.14
N GLY A 60 11.42 -10.33 5.41
CA GLY A 60 11.39 -11.66 4.79
C GLY A 60 10.00 -12.33 4.84
N HIS A 61 8.94 -11.53 4.94
CA HIS A 61 7.54 -11.97 5.13
C HIS A 61 6.59 -11.17 4.21
N SER A 62 7.00 -11.01 2.95
CA SER A 62 6.26 -10.24 1.94
C SER A 62 4.91 -10.86 1.54
N ALA A 63 3.90 -10.01 1.32
CA ALA A 63 2.55 -10.38 0.87
C ALA A 63 1.80 -9.22 0.18
N THR A 64 0.87 -9.51 -0.73
CA THR A 64 -0.04 -8.50 -1.33
C THR A 64 -0.79 -7.74 -0.24
N PHE A 65 -0.69 -6.41 -0.21
CA PHE A 65 -1.31 -5.57 0.82
C PHE A 65 -2.72 -5.14 0.37
N PHE A 66 -2.84 -4.58 -0.83
CA PHE A 66 -4.15 -4.25 -1.45
C PHE A 66 -4.04 -3.99 -2.96
N SER A 67 -5.15 -4.06 -3.68
CA SER A 67 -5.25 -3.76 -5.11
C SER A 67 -6.58 -3.08 -5.46
N LEU A 68 -6.57 -2.30 -6.53
CA LEU A 68 -7.69 -1.49 -7.00
C LEU A 68 -7.80 -1.51 -8.52
N GLU A 69 -9.00 -1.27 -9.02
CA GLU A 69 -9.33 -1.40 -10.45
C GLU A 69 -8.82 -0.21 -11.28
N GLU A 70 -8.82 -0.35 -12.61
CA GLU A 70 -8.50 0.75 -13.54
C GLU A 70 -9.46 1.94 -13.38
N GLU A 71 -10.66 1.74 -12.84
CA GLU A 71 -11.61 2.81 -12.50
C GLU A 71 -11.19 3.65 -11.26
N VAL A 72 -10.21 3.21 -10.47
CA VAL A 72 -9.84 3.83 -9.18
C VAL A 72 -8.46 4.49 -9.26
N VAL A 73 -7.76 4.41 -10.39
CA VAL A 73 -6.38 4.91 -10.58
C VAL A 73 -6.18 6.40 -10.40
N ASN A 74 -7.21 7.22 -10.59
CA ASN A 74 -7.17 8.65 -10.24
C ASN A 74 -7.84 8.93 -8.88
N ASN A 75 -8.77 8.05 -8.47
CA ASN A 75 -9.53 8.15 -7.23
C ASN A 75 -8.64 7.89 -6.00
N PHE A 76 -7.94 6.76 -6.00
CA PHE A 76 -6.98 6.37 -4.94
C PHE A 76 -5.89 7.42 -4.79
N VAL A 77 -5.34 7.89 -5.92
CA VAL A 77 -4.28 8.90 -5.97
C VAL A 77 -4.71 10.18 -5.24
N LYS A 78 -5.98 10.55 -5.36
CA LYS A 78 -6.60 11.68 -4.62
C LYS A 78 -6.58 11.44 -3.11
N VAL A 79 -7.17 10.34 -2.63
CA VAL A 79 -7.29 10.09 -1.18
C VAL A 79 -5.93 9.76 -0.52
N MET A 80 -4.92 9.41 -1.32
CA MET A 80 -3.56 9.10 -0.89
C MET A 80 -2.68 10.37 -0.84
N THR A 81 -3.18 11.53 -1.29
CA THR A 81 -2.49 12.84 -1.15
C THR A 81 -3.36 13.94 -0.52
N GLU A 82 -4.66 13.71 -0.36
CA GLU A 82 -5.64 14.67 0.20
C GLU A 82 -6.60 14.05 1.23
N GLY A 83 -6.60 12.72 1.37
CA GLY A 83 -7.51 11.94 2.20
C GLY A 83 -8.92 11.78 1.60
N GLY A 84 -9.62 10.72 2.00
CA GLY A 84 -10.94 10.35 1.47
C GLY A 84 -11.27 8.86 1.61
N SER A 85 -12.36 8.46 0.97
CA SER A 85 -13.01 7.15 1.15
C SER A 85 -13.59 6.58 -0.15
N PHE A 86 -12.88 5.60 -0.72
CA PHE A 86 -13.23 4.89 -1.97
C PHE A 86 -13.08 3.37 -1.78
N LYS A 87 -13.69 2.58 -2.67
CA LYS A 87 -13.58 1.12 -2.65
C LYS A 87 -12.38 0.63 -3.46
N THR A 88 -11.95 -0.59 -3.18
CA THR A 88 -10.81 -1.29 -3.79
C THR A 88 -11.24 -2.65 -4.34
N SER A 89 -10.55 -3.18 -5.36
CA SER A 89 -10.93 -4.42 -6.03
C SER A 89 -10.75 -5.64 -5.12
N LEU A 90 -9.65 -5.60 -4.35
CA LEU A 90 -9.25 -6.61 -3.37
C LEU A 90 -8.41 -5.98 -2.25
N TYR A 91 -8.62 -6.47 -1.03
CA TYR A 91 -7.83 -6.09 0.15
C TYR A 91 -7.51 -7.35 0.96
N TYR A 92 -6.26 -7.83 0.81
CA TYR A 92 -5.73 -8.95 1.59
C TYR A 92 -5.12 -8.48 2.92
N GLY A 93 -4.22 -7.50 2.88
CA GLY A 93 -3.44 -7.04 4.04
C GLY A 93 -2.15 -7.83 4.30
N TYR A 94 -1.39 -7.44 5.32
CA TYR A 94 -0.24 -8.18 5.84
C TYR A 94 -0.67 -9.56 6.40
N LYS A 95 0.26 -10.53 6.42
CA LYS A 95 0.01 -11.92 6.86
C LYS A 95 -0.54 -12.05 8.29
N GLU A 96 -0.24 -11.08 9.17
CA GLU A 96 -0.79 -11.03 10.54
C GLU A 96 -2.24 -10.49 10.62
N GLU A 97 -2.78 -9.90 9.53
CA GLU A 97 -4.21 -9.53 9.42
C GLU A 97 -5.12 -10.77 9.25
N GLN A 98 -6.45 -10.58 9.24
CA GLN A 98 -7.44 -11.66 9.35
C GLN A 98 -8.05 -12.14 8.01
N SER A 99 -8.09 -11.27 7.00
CA SER A 99 -8.70 -11.56 5.68
C SER A 99 -7.66 -11.86 4.60
N VAL A 100 -6.36 -11.79 4.92
CA VAL A 100 -5.21 -12.08 4.02
C VAL A 100 -5.24 -13.45 3.31
N ILE A 101 -5.93 -14.44 3.90
CA ILE A 101 -6.02 -15.80 3.37
C ILE A 101 -6.83 -15.87 2.06
N ASN A 102 -7.94 -15.11 1.98
CA ASN A 102 -8.90 -15.15 0.87
C ASN A 102 -9.12 -13.78 0.19
N GLY A 103 -8.76 -12.69 0.87
CA GLY A 103 -9.04 -11.31 0.48
C GLY A 103 -10.49 -10.88 0.74
N ILE A 104 -10.75 -9.59 0.52
CA ILE A 104 -12.07 -8.95 0.61
C ILE A 104 -12.31 -8.19 -0.69
N GLN A 105 -13.21 -8.68 -1.55
CA GLN A 105 -13.61 -7.97 -2.76
C GLN A 105 -14.44 -6.72 -2.40
N ASN A 106 -14.31 -5.67 -3.23
CA ASN A 106 -15.02 -4.39 -3.10
C ASN A 106 -14.80 -3.67 -1.75
N LYS A 107 -13.69 -3.97 -1.03
CA LYS A 107 -13.37 -3.42 0.30
C LYS A 107 -13.32 -1.88 0.27
N GLU A 108 -14.12 -1.26 1.13
CA GLU A 108 -14.08 0.17 1.41
C GLU A 108 -12.83 0.53 2.23
N ILE A 109 -12.08 1.54 1.76
CA ILE A 109 -10.85 2.04 2.39
C ILE A 109 -11.01 3.52 2.68
N ILE A 110 -10.98 3.86 3.98
CA ILE A 110 -11.23 5.22 4.51
C ILE A 110 -9.91 5.78 5.03
N THR A 111 -9.19 6.46 4.14
CA THR A 111 -7.95 7.15 4.45
C THR A 111 -8.17 8.47 5.20
N LYS A 112 -7.19 8.90 5.98
CA LYS A 112 -7.17 10.19 6.70
C LYS A 112 -5.73 10.69 6.90
N ILE A 113 -5.51 12.00 6.76
CA ILE A 113 -4.20 12.63 6.99
C ILE A 113 -3.99 12.83 8.49
N GLU A 114 -2.79 12.47 8.98
CA GLU A 114 -2.35 12.66 10.37
C GLU A 114 -0.88 13.10 10.41
N LYS A 115 -0.62 14.27 11.02
CA LYS A 115 0.71 14.77 11.35
C LYS A 115 1.31 13.97 12.52
N ILE A 116 2.26 13.09 12.21
CA ILE A 116 3.03 12.32 13.19
C ILE A 116 4.34 13.08 13.46
N ASP A 117 4.36 13.83 14.56
CA ASP A 117 5.47 14.69 15.02
C ASP A 117 5.94 15.77 14.01
N GLY A 118 5.11 16.14 13.03
CA GLY A 118 5.41 17.18 12.03
C GLY A 118 5.46 16.68 10.57
N THR A 119 5.71 15.38 10.37
CA THR A 119 5.58 14.72 9.06
C THR A 119 4.12 14.35 8.82
N GLU A 120 3.56 14.74 7.68
CA GLU A 120 2.22 14.30 7.29
C GLU A 120 2.26 12.84 6.83
N TYR A 121 1.54 11.97 7.54
CA TYR A 121 1.27 10.59 7.17
C TYR A 121 -0.19 10.43 6.73
N ILE A 122 -0.51 9.29 6.13
CA ILE A 122 -1.86 8.85 5.80
C ILE A 122 -2.13 7.54 6.55
N THR A 123 -3.31 7.40 7.18
CA THR A 123 -3.73 6.18 7.88
C THR A 123 -5.06 5.68 7.33
N PHE A 124 -5.32 4.38 7.42
CA PHE A 124 -6.53 3.74 6.89
C PHE A 124 -6.94 2.50 7.69
N SER A 125 -8.25 2.28 7.80
CA SER A 125 -8.84 1.11 8.48
C SER A 125 -8.87 -0.12 7.54
N GLY A 126 -8.17 -1.17 7.93
CA GLY A 126 -8.09 -2.47 7.22
C GLY A 126 -9.19 -3.45 7.65
N ASP A 127 -8.91 -4.76 7.55
CA ASP A 127 -9.80 -5.79 8.10
C ASP A 127 -9.75 -5.87 9.65
N LYS A 128 -10.63 -6.70 10.25
CA LYS A 128 -10.74 -6.86 11.70
C LYS A 128 -9.87 -8.00 12.22
N ILE A 129 -8.72 -7.69 12.82
CA ILE A 129 -7.75 -8.68 13.33
C ILE A 129 -8.33 -9.57 14.44
N LYS A 130 -7.73 -10.75 14.61
CA LYS A 130 -8.12 -11.72 15.66
C LYS A 130 -7.31 -11.53 16.96
N ASN A 131 -6.08 -10.99 16.84
CA ASN A 131 -5.17 -10.77 17.98
C ASN A 131 -5.70 -9.73 18.99
N SER A 132 -6.18 -8.58 18.50
CA SER A 132 -6.65 -7.48 19.35
C SER A 132 -8.08 -7.70 19.89
N GLY A 133 -8.96 -8.31 19.08
CA GLY A 133 -10.30 -8.77 19.48
C GLY A 133 -11.36 -8.56 18.39
N ASP A 134 -11.76 -7.30 18.22
CA ASP A 134 -12.73 -6.82 17.21
C ASP A 134 -12.39 -5.41 16.70
N LYS A 135 -11.13 -5.02 16.87
CA LYS A 135 -10.58 -3.76 16.36
C LYS A 135 -10.29 -3.93 14.87
N VAL A 136 -9.83 -2.87 14.23
CA VAL A 136 -9.38 -2.89 12.83
C VAL A 136 -7.86 -2.73 12.74
N ALA A 137 -7.23 -3.44 11.80
CA ALA A 137 -5.84 -3.24 11.47
C ALA A 137 -5.65 -1.80 10.95
N GLU A 138 -4.74 -1.05 11.57
CA GLU A 138 -4.45 0.33 11.18
C GLU A 138 -2.96 0.53 10.93
N TYR A 139 -2.68 1.39 9.94
CA TYR A 139 -1.37 1.57 9.33
C TYR A 139 -1.06 3.05 9.08
N ALA A 140 0.17 3.36 8.67
CA ALA A 140 0.59 4.72 8.36
C ALA A 140 1.63 4.71 7.22
N ILE A 141 1.42 5.56 6.21
CA ILE A 141 2.36 5.74 5.10
C ILE A 141 2.75 7.22 5.01
N SER A 142 4.02 7.54 4.74
CA SER A 142 4.50 8.91 4.57
C SER A 142 3.83 9.54 3.35
N LEU A 143 2.75 10.31 3.54
CA LEU A 143 2.05 11.03 2.48
C LEU A 143 3.00 11.97 1.71
N GLU A 144 3.99 12.51 2.40
CA GLU A 144 5.01 13.36 1.76
C GLU A 144 5.91 12.59 0.78
N GLU A 145 6.11 11.28 1.00
CA GLU A 145 6.85 10.41 0.09
C GLU A 145 5.95 9.83 -1.02
N LEU A 146 4.66 9.59 -0.74
CA LEU A 146 3.67 9.19 -1.76
C LEU A 146 3.53 10.27 -2.85
N LYS A 147 3.46 11.56 -2.49
CA LYS A 147 3.43 12.66 -3.48
C LYS A 147 4.57 12.59 -4.52
N LYS A 148 5.76 12.09 -4.15
CA LYS A 148 6.94 11.96 -5.03
C LYS A 148 6.79 10.94 -6.16
N ASN A 149 5.84 10.00 -6.04
CA ASN A 149 5.60 8.90 -6.99
C ASN A 149 4.13 8.81 -7.51
N LEU A 150 3.26 9.73 -7.06
CA LEU A 150 1.87 9.85 -7.50
C LEU A 150 1.67 11.02 -8.48
N LYS A 151 2.59 11.98 -8.48
CA LYS A 151 2.70 13.12 -9.42
C LYS A 151 3.41 12.72 -10.72
N LYS A 1 -34.98 -29.23 -0.57
CA LYS A 1 -34.82 -28.47 -1.85
C LYS A 1 -34.56 -26.95 -1.70
N ILE A 2 -34.23 -26.40 -0.50
CA ILE A 2 -34.12 -24.94 -0.25
C ILE A 2 -32.73 -24.50 0.30
N HIS A 3 -31.74 -25.40 0.32
CA HIS A 3 -30.36 -25.09 0.70
C HIS A 3 -29.68 -24.12 -0.31
N THR A 4 -28.63 -23.44 0.15
CA THR A 4 -27.82 -22.51 -0.66
C THR A 4 -26.37 -22.46 -0.15
N SER A 5 -25.40 -22.34 -1.06
CA SER A 5 -23.96 -22.32 -0.77
C SER A 5 -23.24 -21.43 -1.79
N TYR A 6 -22.72 -20.28 -1.35
CA TYR A 6 -21.89 -19.40 -2.19
C TYR A 6 -20.58 -20.08 -2.60
N ASP A 7 -20.19 -19.91 -3.87
CA ASP A 7 -18.88 -20.31 -4.40
C ASP A 7 -17.72 -19.46 -3.84
N GLU A 8 -16.49 -19.89 -4.10
CA GLU A 8 -15.26 -19.21 -3.69
C GLU A 8 -14.30 -19.06 -4.89
N GLN A 9 -13.54 -17.95 -4.91
CA GLN A 9 -12.57 -17.61 -5.95
C GLN A 9 -11.15 -17.52 -5.37
N SER A 10 -10.15 -17.78 -6.22
CA SER A 10 -8.72 -17.72 -5.88
C SER A 10 -7.89 -17.32 -7.10
N SER A 11 -6.97 -16.37 -6.90
CA SER A 11 -5.96 -15.97 -7.89
C SER A 11 -4.77 -16.95 -7.93
N GLY A 12 -3.93 -16.85 -8.97
CA GLY A 12 -2.69 -17.62 -9.14
C GLY A 12 -1.45 -16.73 -9.24
N GLU A 13 -0.27 -17.31 -9.03
CA GLU A 13 1.02 -16.62 -9.14
C GLU A 13 1.49 -16.45 -10.60
N SER A 14 2.27 -15.40 -10.85
CA SER A 14 2.93 -15.14 -12.15
C SER A 14 4.10 -14.17 -11.99
N LYS A 15 5.13 -14.32 -12.84
CA LYS A 15 6.30 -13.42 -12.93
C LYS A 15 5.92 -12.16 -13.73
N VAL A 16 5.64 -11.06 -13.01
CA VAL A 16 5.19 -9.77 -13.56
C VAL A 16 6.10 -8.64 -13.05
N LYS A 17 7.35 -8.65 -13.52
CA LYS A 17 8.33 -7.57 -13.28
C LYS A 17 7.95 -6.28 -14.03
N LYS A 18 8.46 -5.15 -13.54
CA LYS A 18 8.34 -3.80 -14.14
C LYS A 18 9.56 -2.94 -13.81
N ILE A 19 9.79 -1.92 -14.63
CA ILE A 19 10.88 -0.93 -14.49
C ILE A 19 10.64 -0.04 -13.26
N GLU A 20 11.70 0.54 -12.70
CA GLU A 20 11.64 1.54 -11.61
C GLU A 20 10.89 2.85 -11.99
N PHE A 21 10.50 3.02 -13.26
CA PHE A 21 9.63 4.09 -13.75
C PHE A 21 8.14 3.71 -13.87
N SER A 22 7.81 2.46 -13.52
CA SER A 22 6.45 1.86 -13.55
C SER A 22 6.09 1.13 -12.24
N LYS A 23 7.00 1.10 -11.25
CA LYS A 23 6.77 0.66 -9.87
C LYS A 23 7.70 1.44 -8.93
N PHE A 24 7.30 1.59 -7.68
CA PHE A 24 8.09 2.26 -6.64
C PHE A 24 7.86 1.60 -5.26
N THR A 25 8.72 1.92 -4.29
CA THR A 25 8.63 1.36 -2.94
C THR A 25 8.74 2.46 -1.88
N VAL A 26 7.76 2.51 -0.97
CA VAL A 26 7.67 3.48 0.15
C VAL A 26 7.61 2.76 1.49
N LYS A 27 7.75 3.50 2.59
CA LYS A 27 7.67 2.95 3.97
C LYS A 27 6.26 2.46 4.30
N ILE A 28 6.10 1.75 5.41
CA ILE A 28 4.81 1.35 6.00
C ILE A 28 5.00 1.02 7.49
N LYS A 29 4.04 1.50 8.29
CA LYS A 29 3.96 1.36 9.76
C LYS A 29 2.58 0.83 10.14
N ASN A 30 2.45 0.24 11.33
CA ASN A 30 1.17 -0.25 11.87
C ASN A 30 0.95 0.23 13.32
N LYS A 31 -0.30 0.23 13.79
CA LYS A 31 -0.63 0.50 15.19
C LYS A 31 -0.58 -0.79 16.02
N ASP A 32 0.29 -0.84 17.03
CA ASP A 32 0.34 -1.96 17.99
C ASP A 32 -0.85 -1.96 18.97
N LYS A 33 -0.89 -2.94 19.88
CA LYS A 33 -1.89 -3.08 20.96
C LYS A 33 -1.97 -1.87 21.91
N SER A 34 -0.92 -1.06 21.98
CA SER A 34 -0.87 0.16 22.81
C SER A 34 -1.32 1.43 22.07
N GLY A 35 -1.75 1.31 20.80
CA GLY A 35 -2.19 2.42 19.95
C GLY A 35 -1.05 3.36 19.53
N ASN A 36 0.17 2.82 19.38
CA ASN A 36 1.36 3.55 18.94
C ASN A 36 1.77 3.12 17.52
N TRP A 37 2.19 4.08 16.70
CA TRP A 37 2.71 3.83 15.36
C TRP A 37 4.13 3.24 15.42
N THR A 38 4.31 2.05 14.85
CA THR A 38 5.56 1.29 14.87
C THR A 38 5.83 0.68 13.49
N ASP A 39 7.09 0.71 13.04
CA ASP A 39 7.48 0.28 11.70
C ASP A 39 7.12 -1.19 11.41
N LEU A 40 6.73 -1.46 10.16
CA LEU A 40 6.31 -2.78 9.70
C LEU A 40 7.22 -3.31 8.59
N GLY A 41 7.51 -2.47 7.59
CA GLY A 41 8.29 -2.88 6.43
C GLY A 41 8.35 -1.82 5.32
N ASP A 42 8.04 -2.25 4.10
CA ASP A 42 8.03 -1.44 2.88
C ASP A 42 6.83 -1.86 2.00
N LEU A 43 6.40 -0.99 1.09
CA LEU A 43 5.23 -1.20 0.23
C LEU A 43 5.62 -1.02 -1.24
N VAL A 44 5.77 -2.13 -1.96
CA VAL A 44 6.04 -2.15 -3.40
C VAL A 44 4.74 -1.85 -4.16
N VAL A 45 4.53 -0.59 -4.54
CA VAL A 45 3.42 -0.12 -5.39
C VAL A 45 3.76 -0.33 -6.86
N ARG A 46 3.03 -1.23 -7.53
CA ARG A 46 3.14 -1.55 -8.96
C ARG A 46 1.97 -0.90 -9.73
N LYS A 47 2.29 -0.08 -10.73
CA LYS A 47 1.33 0.51 -11.68
C LYS A 47 1.02 -0.51 -12.79
N GLU A 48 0.08 -1.40 -12.51
CA GLU A 48 -0.44 -2.36 -13.50
C GLU A 48 -1.22 -1.64 -14.64
N GLU A 49 -1.51 -2.38 -15.71
CA GLU A 49 -2.22 -1.85 -16.89
C GLU A 49 -3.72 -1.61 -16.63
N ASN A 50 -4.29 -2.31 -15.65
CA ASN A 50 -5.74 -2.32 -15.33
C ASN A 50 -6.03 -2.11 -13.83
N GLY A 51 -5.29 -1.15 -13.23
CA GLY A 51 -5.42 -0.72 -11.82
C GLY A 51 -4.09 -0.44 -11.12
N ILE A 52 -4.11 -0.51 -9.79
CA ILE A 52 -2.90 -0.44 -8.93
C ILE A 52 -2.86 -1.67 -8.02
N ASP A 53 -1.66 -2.21 -7.79
CA ASP A 53 -1.42 -3.39 -6.95
C ASP A 53 -0.23 -3.10 -6.03
N THR A 54 -0.35 -3.45 -4.75
CA THR A 54 0.66 -3.10 -3.72
C THR A 54 1.00 -4.32 -2.87
N GLY A 55 2.26 -4.44 -2.47
CA GLY A 55 2.72 -5.58 -1.69
C GLY A 55 3.63 -5.18 -0.54
N LEU A 56 3.23 -5.56 0.66
CA LEU A 56 3.98 -5.42 1.91
C LEU A 56 5.22 -6.32 1.86
N ASN A 57 6.39 -5.75 2.09
CA ASN A 57 7.69 -6.42 2.07
C ASN A 57 8.45 -6.06 3.36
N ALA A 58 8.29 -6.87 4.42
CA ALA A 58 8.95 -6.63 5.70
C ALA A 58 10.39 -7.19 5.79
N GLY A 59 10.89 -7.80 4.70
CA GLY A 59 12.29 -8.25 4.54
C GLY A 59 12.45 -9.77 4.68
N GLY A 60 11.87 -10.35 5.74
CA GLY A 60 11.76 -11.80 5.93
C GLY A 60 10.52 -12.43 5.28
N HIS A 61 9.56 -11.59 4.87
CA HIS A 61 8.32 -11.94 4.18
C HIS A 61 7.89 -10.85 3.18
N SER A 62 7.15 -11.26 2.15
CA SER A 62 6.54 -10.37 1.17
C SER A 62 5.20 -10.92 0.65
N ALA A 63 4.11 -10.14 0.75
CA ALA A 63 2.76 -10.55 0.31
C ALA A 63 1.91 -9.35 -0.13
N THR A 64 0.84 -9.59 -0.90
CA THR A 64 -0.10 -8.54 -1.34
C THR A 64 -0.74 -7.83 -0.15
N PHE A 65 -0.73 -6.49 -0.15
CA PHE A 65 -1.28 -5.66 0.92
C PHE A 65 -2.68 -5.18 0.52
N PHE A 66 -2.81 -4.55 -0.66
CA PHE A 66 -4.09 -4.22 -1.28
C PHE A 66 -3.97 -3.94 -2.79
N SER A 67 -5.09 -4.06 -3.50
CA SER A 67 -5.19 -3.80 -4.94
C SER A 67 -6.55 -3.23 -5.34
N LEU A 68 -6.54 -2.43 -6.40
CA LEU A 68 -7.67 -1.64 -6.88
C LEU A 68 -7.69 -1.59 -8.40
N GLU A 69 -8.88 -1.43 -8.96
CA GLU A 69 -9.13 -1.56 -10.41
C GLU A 69 -8.71 -0.31 -11.19
N GLU A 70 -8.64 -0.41 -12.52
CA GLU A 70 -8.38 0.73 -13.41
C GLU A 70 -9.33 1.93 -13.14
N GLU A 71 -10.58 1.64 -12.80
CA GLU A 71 -11.60 2.63 -12.41
C GLU A 71 -11.30 3.36 -11.08
N VAL A 72 -10.27 2.93 -10.32
CA VAL A 72 -9.94 3.49 -9.01
C VAL A 72 -8.54 4.15 -9.02
N VAL A 73 -7.77 4.08 -10.11
CA VAL A 73 -6.39 4.65 -10.20
C VAL A 73 -6.37 6.14 -9.83
N ASN A 74 -7.09 6.99 -10.57
CA ASN A 74 -7.14 8.43 -10.30
C ASN A 74 -7.91 8.78 -9.02
N ASN A 75 -8.83 7.91 -8.59
CA ASN A 75 -9.55 7.97 -7.32
C ASN A 75 -8.58 7.82 -6.13
N PHE A 76 -7.77 6.76 -6.14
CA PHE A 76 -6.79 6.44 -5.11
C PHE A 76 -5.76 7.57 -4.98
N VAL A 77 -5.28 8.07 -6.11
CA VAL A 77 -4.29 9.17 -6.17
C VAL A 77 -4.82 10.42 -5.48
N LYS A 78 -6.14 10.70 -5.60
CA LYS A 78 -6.82 11.78 -4.87
C LYS A 78 -6.77 11.56 -3.36
N VAL A 79 -7.25 10.40 -2.89
CA VAL A 79 -7.34 10.09 -1.44
C VAL A 79 -5.99 9.74 -0.81
N MET A 80 -4.91 9.70 -1.59
CA MET A 80 -3.55 9.37 -1.15
C MET A 80 -2.61 10.60 -1.14
N THR A 81 -3.11 11.76 -1.61
CA THR A 81 -2.42 13.05 -1.52
C THR A 81 -3.27 14.13 -0.83
N GLU A 82 -4.58 13.88 -0.64
CA GLU A 82 -5.53 14.77 0.03
C GLU A 82 -6.48 14.08 1.05
N GLY A 83 -6.55 12.74 1.06
CA GLY A 83 -7.46 11.94 1.89
C GLY A 83 -8.89 11.82 1.31
N GLY A 84 -9.62 10.77 1.71
CA GLY A 84 -10.96 10.46 1.19
C GLY A 84 -11.40 9.01 1.41
N SER A 85 -12.38 8.54 0.64
CA SER A 85 -13.03 7.24 0.84
C SER A 85 -13.57 6.60 -0.45
N PHE A 86 -12.85 5.59 -0.96
CA PHE A 86 -13.19 4.83 -2.18
C PHE A 86 -13.01 3.32 -1.94
N LYS A 87 -13.75 2.49 -2.68
CA LYS A 87 -13.65 1.02 -2.56
C LYS A 87 -12.45 0.49 -3.35
N THR A 88 -12.01 -0.71 -3.01
CA THR A 88 -10.87 -1.42 -3.61
C THR A 88 -11.30 -2.81 -4.10
N SER A 89 -10.65 -3.29 -5.16
CA SER A 89 -10.95 -4.59 -5.79
C SER A 89 -10.73 -5.75 -4.83
N LEU A 90 -9.59 -5.69 -4.13
CA LEU A 90 -9.14 -6.69 -3.16
C LEU A 90 -8.31 -6.06 -2.03
N TYR A 91 -8.47 -6.58 -0.82
CA TYR A 91 -7.71 -6.17 0.35
C TYR A 91 -7.38 -7.38 1.23
N TYR A 92 -6.11 -7.83 1.21
CA TYR A 92 -5.60 -8.90 2.10
C TYR A 92 -5.02 -8.35 3.42
N GLY A 93 -4.30 -7.23 3.38
CA GLY A 93 -3.52 -6.70 4.51
C GLY A 93 -2.24 -7.50 4.82
N TYR A 94 -1.51 -7.09 5.87
CA TYR A 94 -0.36 -7.83 6.39
C TYR A 94 -0.73 -9.26 6.81
N LYS A 95 0.24 -10.19 6.67
CA LYS A 95 0.14 -11.62 7.06
C LYS A 95 -0.27 -11.80 8.54
N GLU A 96 -0.80 -12.98 8.88
CA GLU A 96 -1.35 -13.31 10.21
C GLU A 96 -2.61 -12.48 10.57
N GLU A 97 -3.61 -12.49 9.67
CA GLU A 97 -4.80 -11.63 9.74
C GLU A 97 -6.05 -12.31 9.12
N GLN A 98 -7.26 -11.91 9.50
CA GLN A 98 -8.49 -12.64 9.10
C GLN A 98 -8.79 -12.60 7.60
N SER A 99 -8.39 -11.54 6.88
CA SER A 99 -8.56 -11.44 5.42
C SER A 99 -7.57 -12.32 4.64
N VAL A 100 -6.30 -12.39 5.06
CA VAL A 100 -5.17 -13.04 4.32
C VAL A 100 -5.50 -14.47 3.83
N ILE A 101 -6.37 -15.18 4.56
CA ILE A 101 -6.98 -16.46 4.20
C ILE A 101 -7.46 -16.52 2.72
N ASN A 102 -8.16 -15.49 2.24
CA ASN A 102 -8.74 -15.44 0.89
C ASN A 102 -8.80 -14.03 0.23
N GLY A 103 -8.65 -12.96 1.00
CA GLY A 103 -8.86 -11.56 0.58
C GLY A 103 -10.31 -11.07 0.77
N ILE A 104 -10.51 -9.75 0.76
CA ILE A 104 -11.81 -9.08 0.86
C ILE A 104 -12.10 -8.31 -0.43
N GLN A 105 -13.06 -8.80 -1.22
CA GLN A 105 -13.58 -8.12 -2.41
C GLN A 105 -14.40 -6.87 -2.04
N ASN A 106 -14.33 -5.85 -2.91
CA ASN A 106 -15.05 -4.57 -2.80
C ASN A 106 -14.83 -3.81 -1.47
N LYS A 107 -13.70 -4.05 -0.79
CA LYS A 107 -13.34 -3.46 0.52
C LYS A 107 -13.36 -1.93 0.45
N GLU A 108 -14.15 -1.32 1.32
CA GLU A 108 -14.15 0.13 1.55
C GLU A 108 -12.89 0.55 2.32
N ILE A 109 -12.18 1.55 1.79
CA ILE A 109 -10.95 2.10 2.37
C ILE A 109 -11.12 3.61 2.57
N ILE A 110 -11.09 4.02 3.84
CA ILE A 110 -11.28 5.41 4.28
C ILE A 110 -9.94 5.95 4.76
N THR A 111 -9.22 6.63 3.86
CA THR A 111 -7.94 7.26 4.18
C THR A 111 -8.14 8.62 4.87
N LYS A 112 -7.12 9.07 5.61
CA LYS A 112 -7.08 10.39 6.27
C LYS A 112 -5.63 10.86 6.47
N ILE A 113 -5.42 12.17 6.39
CA ILE A 113 -4.12 12.79 6.69
C ILE A 113 -3.99 13.04 8.20
N GLU A 114 -2.86 12.63 8.78
CA GLU A 114 -2.49 12.83 10.19
C GLU A 114 -0.97 12.99 10.31
N LYS A 115 -0.50 13.89 11.18
CA LYS A 115 0.92 14.00 11.53
C LYS A 115 1.26 12.99 12.65
N ILE A 116 2.53 12.60 12.71
CA ILE A 116 3.06 11.63 13.70
C ILE A 116 4.29 12.19 14.42
N ASP A 117 5.22 12.79 13.66
CA ASP A 117 6.48 13.34 14.20
C ASP A 117 6.95 14.61 13.46
N GLY A 118 6.03 15.29 12.74
CA GLY A 118 6.34 16.49 11.94
C GLY A 118 6.17 16.28 10.43
N THR A 119 6.23 15.03 9.97
CA THR A 119 5.88 14.64 8.59
C THR A 119 4.38 14.32 8.53
N GLU A 120 3.72 14.66 7.43
CA GLU A 120 2.34 14.26 7.14
C GLU A 120 2.29 12.79 6.69
N TYR A 121 1.51 11.98 7.39
CA TYR A 121 1.22 10.59 7.06
C TYR A 121 -0.22 10.43 6.57
N ILE A 122 -0.45 9.35 5.84
CA ILE A 122 -1.78 8.86 5.52
C ILE A 122 -2.06 7.70 6.47
N THR A 123 -3.29 7.53 6.93
CA THR A 123 -3.73 6.33 7.66
C THR A 123 -5.04 5.83 7.08
N PHE A 124 -5.35 4.54 7.26
CA PHE A 124 -6.56 3.92 6.74
C PHE A 124 -7.01 2.74 7.62
N SER A 125 -8.32 2.55 7.73
CA SER A 125 -8.94 1.42 8.42
C SER A 125 -8.87 0.14 7.57
N GLY A 126 -8.13 -0.85 8.09
CA GLY A 126 -8.01 -2.18 7.48
C GLY A 126 -9.07 -3.17 8.01
N ASP A 127 -8.81 -4.46 7.80
CA ASP A 127 -9.67 -5.55 8.29
C ASP A 127 -9.66 -5.67 9.82
N LYS A 128 -10.67 -6.35 10.39
CA LYS A 128 -10.72 -6.68 11.82
C LYS A 128 -9.81 -7.87 12.12
N ILE A 129 -8.64 -7.62 12.72
CA ILE A 129 -7.65 -8.62 13.11
C ILE A 129 -8.16 -9.55 14.22
N LYS A 130 -7.56 -10.75 14.33
CA LYS A 130 -7.85 -11.72 15.42
C LYS A 130 -6.93 -11.58 16.64
N ASN A 131 -5.74 -10.99 16.45
CA ASN A 131 -4.70 -10.81 17.48
C ASN A 131 -4.97 -9.64 18.47
N SER A 132 -6.12 -8.96 18.35
CA SER A 132 -6.49 -7.81 19.20
C SER A 132 -7.94 -7.85 19.72
N GLY A 133 -8.89 -8.42 18.96
CA GLY A 133 -10.26 -8.72 19.41
C GLY A 133 -11.31 -8.42 18.35
N ASP A 134 -11.66 -7.14 18.25
CA ASP A 134 -12.66 -6.56 17.32
C ASP A 134 -12.20 -5.17 16.82
N LYS A 135 -10.88 -4.89 16.94
CA LYS A 135 -10.25 -3.66 16.45
C LYS A 135 -9.99 -3.81 14.96
N VAL A 136 -9.69 -2.71 14.29
CA VAL A 136 -9.24 -2.74 12.87
C VAL A 136 -7.73 -2.54 12.79
N ALA A 137 -7.10 -3.27 11.87
CA ALA A 137 -5.69 -3.07 11.53
C ALA A 137 -5.50 -1.67 10.93
N GLU A 138 -5.01 -0.72 11.72
CA GLU A 138 -4.65 0.61 11.26
C GLU A 138 -3.15 0.68 10.91
N TYR A 139 -2.87 1.49 9.89
CA TYR A 139 -1.56 1.61 9.25
C TYR A 139 -1.19 3.08 9.01
N ALA A 140 0.07 3.36 8.68
CA ALA A 140 0.52 4.71 8.35
C ALA A 140 1.61 4.67 7.28
N ILE A 141 1.51 5.54 6.28
CA ILE A 141 2.51 5.70 5.19
C ILE A 141 2.86 7.19 5.05
N SER A 142 4.12 7.52 4.79
CA SER A 142 4.59 8.89 4.56
C SER A 142 3.93 9.46 3.30
N LEU A 143 2.84 10.22 3.45
CA LEU A 143 2.17 10.89 2.34
C LEU A 143 3.13 11.82 1.57
N GLU A 144 4.12 12.39 2.25
CA GLU A 144 5.14 13.21 1.61
C GLU A 144 6.07 12.42 0.67
N GLU A 145 6.28 11.12 0.92
CA GLU A 145 7.09 10.24 0.05
C GLU A 145 6.23 9.56 -1.04
N LEU A 146 4.93 9.38 -0.79
CA LEU A 146 3.95 8.93 -1.78
C LEU A 146 3.76 9.96 -2.89
N LYS A 147 3.58 11.25 -2.54
CA LYS A 147 3.44 12.36 -3.50
C LYS A 147 4.55 12.36 -4.57
N LYS A 148 5.80 12.06 -4.18
CA LYS A 148 6.97 11.98 -5.09
C LYS A 148 6.78 11.07 -6.30
N ASN A 149 5.86 10.09 -6.22
CA ASN A 149 5.57 9.10 -7.25
C ASN A 149 4.09 9.10 -7.72
N LEU A 150 3.23 9.95 -7.13
CA LEU A 150 1.79 10.02 -7.39
C LEU A 150 1.33 11.39 -7.96
N LYS A 151 2.18 12.43 -7.89
CA LYS A 151 2.01 13.73 -8.59
C LYS A 151 1.56 13.57 -10.06
#